data_5OVQ
#
_entry.id   5OVQ
#
_cell.length_a   51.100
_cell.length_b   141.500
_cell.length_c   143.000
_cell.angle_alpha   61.00
_cell.angle_beta   79.40
_cell.angle_gamma   80.90
#
_symmetry.space_group_name_H-M   'P 1'
#
loop_
_entity.id
_entity.type
_entity.pdbx_description
1 polymer Peroxiredoxin
2 polymer Peroxiredoxin
3 non-polymer 'UNKNOWN LIGAND'
4 water water
#
loop_
_entity_poly.entity_id
_entity_poly.type
_entity_poly.pdbx_seq_one_letter_code
_entity_poly.pdbx_strand_id
1 'polypeptide(L)'
;MEVVSLPRLGEPAPAFEAQTTFGPVKFPDDFKGQWVVLFSHPADFTPV(OCS)TTEFVAFAKNYEEFKKRNVQLIGLSVD
SNFSHIAWVMNIKEKFGIEIPFPIIADHNMEVAKKYGMIHPAQSTTFTVRALFVIDDKGILRAMIYYPLTTGRNIREVIR
LVDALQTADREGVATPADWVPEPQTWEFTEENTKVIVPPPTTYEDAVKRLQEGYECADWYICKKKVA
;
A,B,C,E,K
2 'polypeptide(L)'
;MEVVSLPRLGEPAPAFEAQTTFGPVKFPDDFKGQWVVLFSHPADFTPV(OCS)TTEFVAFAKNYEEFKKRNVQLIGLSVD
SNFSHIAWVMNIKEKFGIEIPFPIIADHNMEVAKKYGMIHPAQSTTFTVRALFVIDDKGILRAMIYYPLTTGRNIREVIR
LVDALQTADREGVATPADWVPEPQTWEFTEENTKVIVPPPTTYEDAVKRLQEGYECADWYICKKKV
;
D,F,G,H,I,J,L
#
# COMPACT_ATOMS: atom_id res chain seq x y z
N SER A 5 -25.96 -6.72 -22.25
CA SER A 5 -26.49 -5.39 -22.17
C SER A 5 -27.61 -5.25 -23.18
N LEU A 6 -28.26 -4.10 -23.20
CA LEU A 6 -29.31 -3.85 -24.18
C LEU A 6 -28.71 -3.07 -25.33
N PRO A 7 -28.80 -3.54 -26.57
CA PRO A 7 -28.38 -2.69 -27.70
C PRO A 7 -29.12 -1.37 -27.64
N ARG A 8 -28.46 -0.33 -28.11
CA ARG A 8 -28.93 1.04 -27.90
C ARG A 8 -29.65 1.50 -29.17
N LEU A 9 -30.92 1.86 -29.05
CA LEU A 9 -31.64 2.39 -30.20
C LEU A 9 -31.04 3.72 -30.61
N GLY A 10 -30.90 3.92 -31.91
CA GLY A 10 -30.37 5.17 -32.44
C GLY A 10 -28.87 5.23 -32.50
N GLU A 11 -28.18 4.18 -32.08
CA GLU A 11 -26.73 4.09 -32.15
C GLU A 11 -26.32 3.04 -33.18
N PRO A 12 -25.07 3.04 -33.63
CA PRO A 12 -24.64 2.04 -34.62
C PRO A 12 -24.87 0.62 -34.10
N ALA A 13 -25.37 -0.25 -34.98
CA ALA A 13 -25.59 -1.61 -34.55
C ALA A 13 -24.23 -2.24 -34.18
N PRO A 14 -24.17 -3.02 -33.11
CA PRO A 14 -22.90 -3.63 -32.69
C PRO A 14 -22.21 -4.36 -33.84
N ALA A 15 -20.93 -4.06 -34.05
CA ALA A 15 -20.19 -4.63 -35.18
C ALA A 15 -19.63 -6.01 -34.86
N PHE A 16 -19.53 -6.84 -35.89
CA PHE A 16 -18.95 -8.16 -35.74
C PHE A 16 -18.57 -8.71 -37.11
N GLU A 17 -17.73 -9.73 -37.10
CA GLU A 17 -17.42 -10.52 -38.28
C GLU A 17 -17.75 -11.98 -38.00
N ALA A 18 -18.36 -12.66 -38.98
CA ALA A 18 -18.82 -14.02 -38.75
C ALA A 18 -18.92 -14.76 -40.07
N GLN A 19 -18.97 -16.08 -39.96
CA GLN A 19 -19.31 -16.93 -41.09
C GLN A 19 -20.83 -17.01 -41.23
N THR A 20 -21.30 -17.10 -42.48
CA THR A 20 -22.71 -17.28 -42.78
C THR A 20 -22.84 -18.31 -43.90
N THR A 21 -24.08 -18.71 -44.14
CA THR A 21 -24.38 -19.62 -45.24
C THR A 21 -24.11 -19.01 -46.60
N PHE A 22 -23.85 -17.70 -46.67
CA PHE A 22 -23.50 -17.04 -47.91
C PHE A 22 -22.03 -16.64 -47.99
N GLY A 23 -21.23 -17.03 -46.99
CA GLY A 23 -19.85 -16.64 -46.92
C GLY A 23 -19.62 -15.68 -45.77
N PRO A 24 -18.39 -15.22 -45.58
CA PRO A 24 -18.10 -14.36 -44.43
C PRO A 24 -18.76 -12.99 -44.59
N VAL A 25 -19.17 -12.41 -43.46
CA VAL A 25 -19.80 -11.10 -43.48
C VAL A 25 -19.07 -10.21 -42.47
N LYS A 26 -18.98 -8.93 -42.80
CA LYS A 26 -18.57 -7.90 -41.85
C LYS A 26 -19.80 -7.05 -41.59
N PHE A 27 -20.35 -7.16 -40.39
CA PHE A 27 -21.64 -6.61 -40.01
C PHE A 27 -21.48 -5.42 -39.07
N PRO A 28 -22.24 -4.32 -39.29
CA PRO A 28 -23.22 -4.14 -40.37
C PRO A 28 -22.65 -3.51 -41.63
N ASP A 29 -21.32 -3.38 -41.65
CA ASP A 29 -20.63 -2.68 -42.73
C ASP A 29 -20.98 -3.22 -44.12
N ASP A 30 -21.08 -4.54 -44.26
CA ASP A 30 -21.34 -5.10 -45.60
C ASP A 30 -22.72 -4.75 -46.13
N PHE A 31 -23.66 -4.33 -45.27
CA PHE A 31 -25.01 -4.05 -45.73
C PHE A 31 -25.34 -2.57 -45.69
N LYS A 32 -24.35 -1.70 -45.53
CA LYS A 32 -24.58 -0.26 -45.58
C LYS A 32 -25.20 0.12 -46.92
N GLY A 33 -26.18 1.01 -46.88
CA GLY A 33 -26.97 1.33 -48.05
C GLY A 33 -28.20 0.47 -48.21
N GLN A 34 -28.33 -0.56 -47.37
CA GLN A 34 -29.52 -1.39 -47.28
C GLN A 34 -30.05 -1.33 -45.86
N TRP A 35 -31.37 -1.41 -45.72
CA TRP A 35 -31.93 -1.73 -44.42
C TRP A 35 -31.67 -3.21 -44.14
N VAL A 36 -31.59 -3.55 -42.87
CA VAL A 36 -31.25 -4.90 -42.45
C VAL A 36 -32.25 -5.35 -41.40
N VAL A 37 -32.79 -6.55 -41.57
CA VAL A 37 -33.50 -7.20 -40.48
C VAL A 37 -32.61 -8.33 -40.01
N LEU A 38 -31.95 -8.13 -38.87
CA LEU A 38 -31.12 -9.17 -38.26
C LEU A 38 -31.98 -9.90 -37.24
N PHE A 39 -32.07 -11.22 -37.36
CA PHE A 39 -32.87 -11.93 -36.37
C PHE A 39 -32.11 -13.18 -35.95
N SER A 40 -32.47 -13.70 -34.79
CA SER A 40 -31.82 -14.88 -34.25
C SER A 40 -32.87 -15.96 -34.05
N HIS A 41 -32.40 -17.20 -34.02
CA HIS A 41 -33.26 -18.34 -33.73
C HIS A 41 -32.47 -19.28 -32.84
N PRO A 42 -33.12 -19.95 -31.88
CA PRO A 42 -32.34 -20.75 -30.93
C PRO A 42 -31.54 -21.87 -31.56
N ALA A 43 -32.13 -22.66 -32.46
CA ALA A 43 -31.42 -23.85 -32.90
C ALA A 43 -31.91 -24.35 -34.25
N ASP A 44 -30.96 -24.65 -35.15
CA ASP A 44 -31.28 -25.40 -36.36
C ASP A 44 -32.02 -26.70 -36.00
N PHE A 45 -32.88 -27.15 -36.91
CA PHE A 45 -33.64 -28.39 -36.74
C PHE A 45 -34.57 -28.29 -35.53
N THR A 46 -35.16 -27.12 -35.33
CA THR A 46 -36.22 -27.03 -34.34
C THR A 46 -37.42 -26.33 -35.00
N PRO A 47 -38.61 -26.60 -34.52
CA PRO A 47 -39.81 -26.39 -35.36
C PRO A 47 -40.32 -24.96 -35.51
N VAL A 48 -40.45 -24.16 -34.45
CA VAL A 48 -40.94 -22.77 -34.62
C VAL A 48 -40.02 -22.07 -35.59
N THR A 50 -38.21 -23.27 -38.05
CA THR A 50 -38.48 -23.66 -39.41
C THR A 50 -39.65 -22.86 -39.98
N THR A 51 -40.74 -22.75 -39.21
CA THR A 51 -41.90 -22.01 -39.71
C THR A 51 -41.56 -20.53 -39.92
N GLU A 52 -40.70 -19.96 -39.08
CA GLU A 52 -40.31 -18.57 -39.30
C GLU A 52 -39.43 -18.43 -40.52
N PHE A 53 -38.46 -19.35 -40.72
CA PHE A 53 -37.62 -19.24 -41.91
C PHE A 53 -38.43 -19.40 -43.20
N VAL A 54 -39.40 -20.31 -43.20
CA VAL A 54 -40.25 -20.48 -44.38
C VAL A 54 -41.06 -19.20 -44.62
N ALA A 55 -41.57 -18.59 -43.54
CA ALA A 55 -42.38 -17.39 -43.68
C ALA A 55 -41.55 -16.23 -44.21
N PHE A 56 -40.33 -16.05 -43.68
CA PHE A 56 -39.44 -15.03 -44.20
C PHE A 56 -39.09 -15.32 -45.65
N ALA A 57 -38.81 -16.59 -45.97
CA ALA A 57 -38.47 -16.93 -47.35
C ALA A 57 -39.63 -16.61 -48.28
N LYS A 58 -40.85 -16.93 -47.87
CA LYS A 58 -42.01 -16.63 -48.72
C LYS A 58 -42.18 -15.13 -48.92
N ASN A 59 -41.74 -14.33 -47.95
CA ASN A 59 -41.87 -12.88 -48.03
C ASN A 59 -40.59 -12.21 -48.51
N TYR A 60 -39.67 -12.99 -49.07
CA TYR A 60 -38.36 -12.45 -49.44
C TYR A 60 -38.51 -11.28 -50.42
N GLU A 61 -39.41 -11.41 -51.41
CA GLU A 61 -39.61 -10.32 -52.36
C GLU A 61 -40.22 -9.08 -51.69
N GLU A 62 -41.06 -9.27 -50.67
CA GLU A 62 -41.57 -8.12 -49.94
C GLU A 62 -40.43 -7.34 -49.28
N PHE A 63 -39.44 -8.06 -48.74
CA PHE A 63 -38.30 -7.38 -48.12
C PHE A 63 -37.38 -6.80 -49.17
N LYS A 64 -37.14 -7.55 -50.25
CA LYS A 64 -36.24 -7.11 -51.31
C LYS A 64 -36.72 -5.80 -51.95
N LYS A 65 -38.03 -5.67 -52.20
CA LYS A 65 -38.51 -4.45 -52.82
C LYS A 65 -38.42 -3.25 -51.89
N ARG A 66 -38.26 -3.49 -50.59
CA ARG A 66 -38.04 -2.41 -49.63
C ARG A 66 -36.57 -2.18 -49.32
N ASN A 67 -35.66 -2.74 -50.13
CA ASN A 67 -34.22 -2.56 -49.92
C ASN A 67 -33.79 -3.10 -48.56
N VAL A 68 -34.37 -4.24 -48.16
CA VAL A 68 -34.10 -4.85 -46.87
C VAL A 68 -33.34 -6.15 -47.08
N GLN A 69 -32.19 -6.27 -46.41
CA GLN A 69 -31.45 -7.52 -46.34
C GLN A 69 -31.85 -8.27 -45.08
N LEU A 70 -32.42 -9.45 -45.26
CA LEU A 70 -32.71 -10.35 -44.16
C LEU A 70 -31.45 -11.13 -43.83
N ILE A 71 -31.18 -11.32 -42.54
CA ILE A 71 -30.07 -12.17 -42.14
C ILE A 71 -30.38 -12.82 -40.79
N GLY A 72 -30.33 -14.14 -40.75
CA GLY A 72 -30.57 -14.88 -39.53
C GLY A 72 -29.28 -15.18 -38.78
N LEU A 73 -29.43 -15.80 -37.63
CA LEU A 73 -28.28 -16.09 -36.76
C LEU A 73 -28.68 -17.15 -35.74
N SER A 74 -27.81 -18.15 -35.53
CA SER A 74 -27.95 -18.98 -34.34
C SER A 74 -26.55 -19.41 -33.89
N VAL A 75 -26.50 -20.12 -32.77
CA VAL A 75 -25.20 -20.60 -32.28
C VAL A 75 -24.76 -21.91 -32.94
N ASP A 76 -25.52 -22.40 -33.92
CA ASP A 76 -25.14 -23.60 -34.63
C ASP A 76 -24.01 -23.32 -35.61
N SER A 77 -23.32 -24.39 -36.01
CA SER A 77 -22.27 -24.24 -37.02
C SER A 77 -22.86 -23.96 -38.38
N ASN A 78 -22.01 -23.43 -39.28
CA ASN A 78 -22.43 -23.21 -40.65
C ASN A 78 -22.76 -24.49 -41.38
N PHE A 79 -22.12 -25.60 -41.03
CA PHE A 79 -22.45 -26.87 -41.67
C PHE A 79 -23.83 -27.34 -41.23
N SER A 80 -24.15 -27.16 -39.95
CA SER A 80 -25.51 -27.43 -39.50
CA SER A 80 -25.50 -27.41 -39.48
C SER A 80 -26.50 -26.50 -40.20
N HIS A 81 -26.11 -25.23 -40.44
CA HIS A 81 -26.99 -24.31 -41.16
C HIS A 81 -27.29 -24.81 -42.57
N ILE A 82 -26.24 -25.17 -43.31
CA ILE A 82 -26.43 -25.65 -44.68
C ILE A 82 -27.28 -26.92 -44.67
N ALA A 83 -26.98 -27.84 -43.73
CA ALA A 83 -27.78 -29.06 -43.62
C ALA A 83 -29.25 -28.75 -43.36
N TRP A 84 -29.52 -27.76 -42.50
CA TRP A 84 -30.91 -27.40 -42.18
C TRP A 84 -31.62 -26.77 -43.37
N VAL A 85 -30.91 -25.91 -44.12
CA VAL A 85 -31.53 -25.31 -45.31
C VAL A 85 -31.83 -26.38 -46.34
N MET A 86 -30.90 -27.32 -46.51
CA MET A 86 -31.15 -28.47 -47.37
C MET A 86 -32.37 -29.25 -46.92
N ASN A 87 -32.50 -29.46 -45.62
CA ASN A 87 -33.65 -30.17 -45.07
C ASN A 87 -34.94 -29.42 -45.36
N ILE A 88 -34.93 -28.10 -45.16
CA ILE A 88 -36.13 -27.31 -45.42
C ILE A 88 -36.51 -27.41 -46.90
N LYS A 89 -35.52 -27.33 -47.79
CA LYS A 89 -35.82 -27.48 -49.21
C LYS A 89 -36.39 -28.86 -49.52
N GLU A 90 -35.83 -29.91 -48.89
CA GLU A 90 -36.29 -31.27 -49.14
C GLU A 90 -37.69 -31.49 -48.60
N LYS A 91 -37.98 -30.98 -47.40
CA LYS A 91 -39.26 -31.28 -46.75
C LYS A 91 -40.37 -30.32 -47.13
N PHE A 92 -40.04 -29.09 -47.54
CA PHE A 92 -41.06 -28.08 -47.81
C PHE A 92 -41.01 -27.49 -49.20
N GLY A 93 -39.99 -27.80 -49.98
CA GLY A 93 -39.89 -27.26 -51.33
C GLY A 93 -39.55 -25.80 -51.37
N ILE A 94 -39.03 -25.25 -50.26
CA ILE A 94 -38.70 -23.84 -50.15
C ILE A 94 -37.20 -23.71 -49.96
N GLU A 95 -36.57 -22.87 -50.76
CA GLU A 95 -35.14 -22.60 -50.66
C GLU A 95 -34.92 -21.30 -49.88
N ILE A 96 -34.22 -21.38 -48.75
CA ILE A 96 -33.96 -20.17 -47.96
C ILE A 96 -33.12 -19.21 -48.78
N PRO A 97 -33.59 -17.99 -49.06
CA PRO A 97 -32.85 -17.10 -49.97
C PRO A 97 -32.00 -16.04 -49.26
N PHE A 98 -31.79 -16.15 -47.97
CA PHE A 98 -31.02 -15.14 -47.25
C PHE A 98 -30.01 -15.83 -46.35
N PRO A 99 -28.95 -15.14 -45.95
CA PRO A 99 -27.88 -15.78 -45.15
C PRO A 99 -28.28 -16.06 -43.70
N ILE A 100 -27.63 -17.08 -43.13
CA ILE A 100 -27.74 -17.39 -41.70
C ILE A 100 -26.34 -17.30 -41.10
N ILE A 101 -26.19 -16.48 -40.06
CA ILE A 101 -24.91 -16.34 -39.39
C ILE A 101 -24.66 -17.54 -38.51
N ALA A 102 -23.42 -18.03 -38.51
CA ALA A 102 -22.96 -19.06 -37.58
C ALA A 102 -22.25 -18.35 -36.42
N ASP A 103 -22.93 -18.23 -35.29
CA ASP A 103 -22.36 -17.55 -34.12
C ASP A 103 -21.93 -18.60 -33.09
N HIS A 104 -20.91 -19.37 -33.48
CA HIS A 104 -20.56 -20.59 -32.74
C HIS A 104 -20.35 -20.33 -31.25
N ASN A 105 -19.57 -19.29 -30.93
CA ASN A 105 -19.14 -19.03 -29.56
C ASN A 105 -19.98 -17.98 -28.83
N MET A 106 -21.20 -17.70 -29.31
CA MET A 106 -22.13 -16.75 -28.68
C MET A 106 -21.59 -15.34 -28.60
N GLU A 107 -20.55 -14.99 -29.36
CA GLU A 107 -19.98 -13.66 -29.24
C GLU A 107 -20.93 -12.59 -29.78
N VAL A 108 -21.54 -12.84 -30.93
CA VAL A 108 -22.51 -11.89 -31.48
C VAL A 108 -23.75 -11.87 -30.61
N ALA A 109 -24.20 -13.06 -30.18
CA ALA A 109 -25.39 -13.14 -29.35
C ALA A 109 -25.26 -12.26 -28.12
N LYS A 110 -24.10 -12.27 -27.48
CA LYS A 110 -23.92 -11.47 -26.29
C LYS A 110 -23.94 -9.99 -26.60
N LYS A 111 -23.37 -9.60 -27.74
CA LYS A 111 -23.37 -8.19 -28.13
C LYS A 111 -24.78 -7.65 -28.31
N TYR A 112 -25.74 -8.53 -28.65
CA TYR A 112 -27.10 -8.13 -28.96
C TYR A 112 -28.08 -8.50 -27.86
N GLY A 113 -27.58 -8.94 -26.71
CA GLY A 113 -28.46 -9.31 -25.61
C GLY A 113 -29.36 -10.49 -25.92
N MET A 114 -28.89 -11.41 -26.75
CA MET A 114 -29.73 -12.48 -27.21
C MET A 114 -29.75 -13.68 -26.29
N ILE A 115 -28.84 -13.75 -25.32
CA ILE A 115 -28.78 -14.88 -24.39
C ILE A 115 -29.47 -14.47 -23.10
N HIS A 116 -30.55 -15.17 -22.79
CA HIS A 116 -31.32 -14.97 -21.56
C HIS A 116 -31.29 -16.28 -20.80
N PRO A 117 -30.44 -16.40 -19.77
CA PRO A 117 -30.12 -17.72 -19.20
C PRO A 117 -31.33 -18.46 -18.66
N ALA A 118 -32.34 -17.75 -18.16
CA ALA A 118 -33.54 -18.46 -17.72
C ALA A 118 -34.29 -19.07 -18.89
N GLN A 119 -34.07 -18.56 -20.10
CA GLN A 119 -34.59 -19.19 -21.31
C GLN A 119 -33.67 -20.32 -21.74
N SER A 120 -32.40 -20.01 -21.92
CA SER A 120 -31.38 -21.00 -22.29
C SER A 120 -30.00 -20.39 -22.06
N THR A 121 -29.09 -21.19 -21.50
CA THR A 121 -27.70 -20.76 -21.42
C THR A 121 -26.91 -21.10 -22.67
N THR A 122 -27.52 -21.76 -23.64
CA THR A 122 -26.81 -22.16 -24.84
C THR A 122 -27.39 -21.59 -26.13
N PHE A 123 -28.69 -21.32 -26.19
CA PHE A 123 -29.34 -20.85 -27.41
C PHE A 123 -29.78 -19.40 -27.28
N THR A 124 -29.77 -18.67 -28.40
CA THR A 124 -30.38 -17.34 -28.41
C THR A 124 -31.89 -17.43 -28.28
N VAL A 125 -32.49 -16.36 -27.79
CA VAL A 125 -33.95 -16.21 -27.84
C VAL A 125 -34.31 -15.79 -29.26
N ARG A 126 -35.58 -15.44 -29.46
CA ARG A 126 -36.06 -14.98 -30.77
C ARG A 126 -35.96 -13.46 -30.84
N ALA A 127 -34.74 -12.99 -30.99
CA ALA A 127 -34.48 -11.56 -31.08
C ALA A 127 -34.56 -11.10 -32.54
N LEU A 128 -34.99 -9.86 -32.73
CA LEU A 128 -35.02 -9.30 -34.07
C LEU A 128 -34.70 -7.82 -33.99
N PHE A 129 -33.92 -7.33 -34.96
CA PHE A 129 -33.38 -5.98 -34.93
C PHE A 129 -33.58 -5.39 -36.31
N VAL A 130 -34.20 -4.21 -36.38
CA VAL A 130 -34.29 -3.48 -37.62
C VAL A 130 -33.21 -2.42 -37.63
N ILE A 131 -32.41 -2.42 -38.69
CA ILE A 131 -31.23 -1.58 -38.81
C ILE A 131 -31.36 -0.85 -40.13
N ASP A 132 -31.11 0.47 -40.12
CA ASP A 132 -31.37 1.24 -41.31
C ASP A 132 -30.16 1.21 -42.24
N ASP A 133 -30.26 1.92 -43.35
CA ASP A 133 -29.24 1.93 -44.39
C ASP A 133 -27.97 2.66 -43.97
N LYS A 134 -27.98 3.32 -42.81
CA LYS A 134 -26.79 3.94 -42.25
C LYS A 134 -26.18 3.07 -41.16
N GLY A 135 -26.71 1.86 -40.96
CA GLY A 135 -26.22 0.98 -39.92
C GLY A 135 -26.71 1.30 -38.52
N ILE A 136 -27.73 2.15 -38.38
CA ILE A 136 -28.22 2.54 -37.06
C ILE A 136 -29.30 1.56 -36.61
N LEU A 137 -29.23 1.12 -35.36
CA LEU A 137 -30.29 0.29 -34.79
C LEU A 137 -31.57 1.12 -34.55
N ARG A 138 -32.69 0.67 -35.11
CA ARG A 138 -33.92 1.46 -35.11
C ARG A 138 -35.02 0.89 -34.22
N ALA A 139 -35.09 -0.42 -34.06
CA ALA A 139 -36.16 -1.04 -33.30
C ALA A 139 -35.73 -2.47 -33.02
N MET A 140 -36.31 -3.07 -31.99
CA MET A 140 -35.93 -4.44 -31.70
C MET A 140 -37.05 -5.11 -30.91
N ILE A 141 -37.11 -6.43 -31.01
CA ILE A 141 -38.07 -7.24 -30.28
C ILE A 141 -37.35 -8.48 -29.76
N TYR A 142 -37.82 -8.96 -28.61
CA TYR A 142 -37.26 -10.18 -28.01
C TYR A 142 -38.43 -11.08 -27.67
N TYR A 143 -38.66 -12.12 -28.53
CA TYR A 143 -39.66 -13.11 -28.21
C TYR A 143 -39.00 -14.35 -27.60
N PRO A 144 -39.72 -15.09 -26.77
CA PRO A 144 -39.15 -16.25 -26.09
C PRO A 144 -39.13 -17.49 -26.97
N LEU A 145 -38.51 -18.57 -26.45
CA LEU A 145 -38.34 -19.78 -27.25
C LEU A 145 -39.67 -20.36 -27.72
N THR A 146 -40.73 -20.21 -26.93
CA THR A 146 -42.03 -20.80 -27.27
C THR A 146 -42.72 -20.18 -28.48
N THR A 147 -42.40 -18.95 -28.85
CA THR A 147 -43.37 -18.07 -29.51
C THR A 147 -42.85 -17.50 -30.82
N GLY A 148 -43.34 -18.03 -31.94
CA GLY A 148 -42.92 -17.52 -33.23
C GLY A 148 -43.35 -16.07 -33.45
N ARG A 149 -42.59 -15.40 -34.31
CA ARG A 149 -42.78 -13.98 -34.58
C ARG A 149 -43.86 -13.76 -35.65
N ASN A 150 -44.20 -12.50 -35.83
CA ASN A 150 -45.23 -12.06 -36.78
C ASN A 150 -44.50 -11.40 -37.93
N ILE A 151 -44.39 -12.09 -39.07
CA ILE A 151 -43.55 -11.57 -40.15
C ILE A 151 -44.16 -10.30 -40.75
N ARG A 152 -45.48 -10.23 -40.85
CA ARG A 152 -46.06 -9.03 -41.43
C ARG A 152 -45.85 -7.80 -40.56
N GLU A 153 -45.77 -7.97 -39.24
CA GLU A 153 -45.45 -6.84 -38.38
C GLU A 153 -44.01 -6.37 -38.58
N VAL A 154 -43.09 -7.29 -38.91
CA VAL A 154 -41.75 -6.87 -39.29
C VAL A 154 -41.79 -6.00 -40.55
N ILE A 155 -42.57 -6.40 -41.54
CA ILE A 155 -42.67 -5.62 -42.77
C ILE A 155 -43.30 -4.26 -42.48
N ARG A 156 -44.35 -4.24 -41.65
CA ARG A 156 -45.02 -2.98 -41.32
C ARG A 156 -44.07 -2.04 -40.60
N LEU A 157 -43.28 -2.59 -39.68
CA LEU A 157 -42.28 -1.82 -38.94
C LEU A 157 -41.29 -1.18 -39.89
N VAL A 158 -40.80 -1.94 -40.88
CA VAL A 158 -39.90 -1.39 -41.89
C VAL A 158 -40.56 -0.26 -42.67
N ASP A 159 -41.79 -0.50 -43.14
CA ASP A 159 -42.51 0.55 -43.87
C ASP A 159 -42.65 1.80 -43.02
N ALA A 160 -43.02 1.63 -41.75
CA ALA A 160 -43.23 2.78 -40.87
C ALA A 160 -41.93 3.55 -40.68
N LEU A 161 -40.81 2.83 -40.48
CA LEU A 161 -39.54 3.50 -40.27
C LEU A 161 -39.08 4.18 -41.55
N GLN A 162 -39.25 3.52 -42.69
CA GLN A 162 -38.83 4.16 -43.94
C GLN A 162 -39.69 5.37 -44.26
N THR A 163 -40.99 5.29 -43.98
CA THR A 163 -41.88 6.43 -44.21
C THR A 163 -41.52 7.60 -43.30
N ALA A 164 -41.26 7.31 -42.02
CA ALA A 164 -40.84 8.34 -41.09
C ALA A 164 -39.59 9.06 -41.60
N ASP A 165 -38.59 8.29 -42.05
CA ASP A 165 -37.37 8.89 -42.60
C ASP A 165 -37.66 9.66 -43.88
N ARG A 166 -38.43 9.05 -44.79
CA ARG A 166 -38.64 9.69 -46.09
C ARG A 166 -39.47 10.96 -45.97
N GLU A 167 -40.50 10.94 -45.15
CA GLU A 167 -41.47 12.02 -45.12
C GLU A 167 -41.30 12.99 -43.95
N GLY A 168 -40.43 12.67 -43.00
CA GLY A 168 -40.28 13.50 -41.81
C GLY A 168 -41.52 13.48 -40.94
N VAL A 169 -42.10 12.31 -40.72
CA VAL A 169 -43.36 12.18 -40.01
C VAL A 169 -43.18 11.10 -38.96
N ALA A 170 -44.19 10.99 -38.10
CA ALA A 170 -44.31 9.86 -37.21
C ALA A 170 -45.48 9.00 -37.69
N THR A 171 -45.52 7.74 -37.23
CA THR A 171 -46.64 6.93 -37.64
C THR A 171 -47.44 6.52 -36.41
N PRO A 172 -48.76 6.60 -36.49
CA PRO A 172 -49.60 6.27 -35.34
C PRO A 172 -49.63 4.78 -35.07
N ALA A 173 -50.30 4.46 -33.97
CA ALA A 173 -50.63 3.08 -33.68
C ALA A 173 -51.28 2.44 -34.90
N ASP A 174 -50.87 1.22 -35.21
CA ASP A 174 -51.53 0.42 -36.25
C ASP A 174 -51.42 1.04 -37.65
N TRP A 175 -50.40 1.86 -37.91
CA TRP A 175 -50.26 2.50 -39.20
C TRP A 175 -49.88 1.51 -40.29
N VAL A 176 -50.45 1.70 -41.49
CA VAL A 176 -50.02 1.01 -42.70
C VAL A 176 -49.91 2.02 -43.83
N PRO A 177 -49.07 1.74 -44.84
CA PRO A 177 -48.93 2.70 -45.94
C PRO A 177 -50.15 2.78 -46.84
N GLU A 178 -50.92 1.70 -46.94
CA GLU A 178 -52.15 1.68 -47.72
C GLU A 178 -53.11 0.72 -47.05
N PRO A 179 -54.43 0.88 -47.28
CA PRO A 179 -55.39 -0.04 -46.67
C PRO A 179 -55.05 -1.46 -47.08
N GLN A 180 -55.28 -2.39 -46.16
CA GLN A 180 -54.87 -3.78 -46.39
C GLN A 180 -55.52 -4.64 -45.33
N THR A 181 -55.45 -5.94 -45.58
CA THR A 181 -56.07 -6.96 -44.76
C THR A 181 -55.02 -8.04 -44.52
N TRP A 182 -54.76 -8.37 -43.25
CA TRP A 182 -53.88 -9.49 -42.90
C TRP A 182 -54.74 -10.69 -42.55
N GLU A 183 -54.79 -11.69 -43.43
CA GLU A 183 -55.61 -12.86 -43.18
C GLU A 183 -54.78 -13.90 -42.45
N PHE A 184 -55.35 -14.46 -41.39
CA PHE A 184 -54.79 -15.62 -40.70
C PHE A 184 -55.78 -16.75 -40.84
N THR A 185 -55.32 -17.88 -41.37
CA THR A 185 -56.20 -18.96 -41.79
C THR A 185 -56.23 -20.08 -40.75
N GLU A 186 -57.03 -21.12 -41.04
CA GLU A 186 -57.04 -22.31 -40.19
C GLU A 186 -55.63 -22.89 -40.05
N GLU A 187 -54.83 -22.82 -41.11
CA GLU A 187 -53.46 -23.31 -41.07
C GLU A 187 -52.64 -22.58 -40.01
N ASN A 188 -52.93 -21.31 -39.78
CA ASN A 188 -52.21 -20.52 -38.80
C ASN A 188 -52.60 -20.84 -37.35
N THR A 189 -53.57 -21.73 -37.13
CA THR A 189 -53.95 -22.11 -35.77
C THR A 189 -53.21 -23.35 -35.29
N LYS A 190 -52.48 -24.03 -36.16
CA LYS A 190 -51.78 -25.23 -35.73
C LYS A 190 -50.65 -24.85 -34.78
N VAL A 191 -50.55 -25.58 -33.68
CA VAL A 191 -49.48 -25.38 -32.73
C VAL A 191 -48.39 -26.42 -32.96
N ILE A 192 -47.26 -26.23 -32.30
CA ILE A 192 -46.06 -27.02 -32.51
C ILE A 192 -45.77 -27.84 -31.25
N VAL A 193 -45.50 -29.13 -31.44
CA VAL A 193 -45.06 -29.99 -30.33
C VAL A 193 -43.59 -29.70 -30.06
N PRO A 194 -43.20 -29.45 -28.81
CA PRO A 194 -41.78 -29.20 -28.50
C PRO A 194 -40.95 -30.37 -29.01
N PRO A 195 -39.82 -30.09 -29.66
CA PRO A 195 -39.13 -31.13 -30.40
C PRO A 195 -38.49 -32.15 -29.46
N PRO A 196 -38.31 -33.38 -29.93
CA PRO A 196 -37.62 -34.39 -29.12
C PRO A 196 -36.17 -34.00 -28.89
N THR A 197 -35.62 -34.47 -27.77
CA THR A 197 -34.24 -34.17 -27.42
C THR A 197 -33.36 -35.42 -27.32
N THR A 198 -33.89 -36.60 -27.61
CA THR A 198 -33.08 -37.80 -27.74
C THR A 198 -33.42 -38.49 -29.06
N TYR A 199 -32.47 -39.27 -29.56
CA TYR A 199 -32.70 -39.98 -30.81
C TYR A 199 -33.85 -40.96 -30.69
N GLU A 200 -33.93 -41.69 -29.57
CA GLU A 200 -35.04 -42.62 -29.39
C GLU A 200 -36.37 -41.89 -29.38
N ASP A 201 -36.45 -40.75 -28.69
CA ASP A 201 -37.67 -39.96 -28.69
C ASP A 201 -38.00 -39.42 -30.08
N ALA A 202 -36.98 -39.10 -30.88
CA ALA A 202 -37.24 -38.60 -32.21
C ALA A 202 -37.86 -39.67 -33.09
N VAL A 203 -37.41 -40.92 -32.94
CA VAL A 203 -38.03 -42.00 -33.70
C VAL A 203 -39.47 -42.21 -33.24
N LYS A 204 -39.69 -42.23 -31.93
CA LYS A 204 -41.04 -42.43 -31.41
C LYS A 204 -41.96 -41.28 -31.80
N ARG A 205 -41.41 -40.07 -31.89
CA ARG A 205 -42.23 -38.89 -32.18
C ARG A 205 -43.01 -39.04 -33.48
N LEU A 206 -42.43 -39.70 -34.47
CA LEU A 206 -43.07 -39.87 -35.77
C LEU A 206 -44.26 -40.81 -35.74
N GLN A 207 -44.50 -41.48 -34.61
CA GLN A 207 -45.62 -42.42 -34.46
C GLN A 207 -46.68 -41.92 -33.50
N GLU A 208 -46.64 -40.67 -33.09
CA GLU A 208 -47.52 -40.17 -32.04
C GLU A 208 -48.79 -39.51 -32.56
N GLY A 209 -49.02 -39.50 -33.88
CA GLY A 209 -50.25 -38.99 -34.44
C GLY A 209 -50.27 -37.52 -34.79
N TYR A 210 -49.13 -36.85 -34.74
CA TYR A 210 -49.04 -35.46 -35.17
C TYR A 210 -48.88 -35.37 -36.69
N GLU A 211 -48.92 -34.14 -37.19
CA GLU A 211 -48.61 -33.85 -38.59
C GLU A 211 -47.13 -33.46 -38.65
N CYS A 212 -46.27 -34.41 -39.05
CA CYS A 212 -44.82 -34.18 -38.96
C CYS A 212 -44.22 -34.16 -40.36
N ALA A 213 -43.63 -33.02 -40.72
CA ALA A 213 -42.83 -32.96 -41.95
C ALA A 213 -41.49 -33.62 -41.76
N ASP A 214 -41.01 -33.67 -40.51
CA ASP A 214 -39.78 -34.36 -40.14
C ASP A 214 -39.86 -34.57 -38.64
N TRP A 215 -38.88 -35.32 -38.09
CA TRP A 215 -38.94 -35.73 -36.68
C TRP A 215 -39.03 -34.51 -35.76
N TYR A 216 -38.46 -33.41 -36.18
CA TYR A 216 -38.35 -32.27 -35.27
C TYR A 216 -39.48 -31.25 -35.43
N ILE A 217 -40.34 -31.39 -36.43
CA ILE A 217 -41.37 -30.38 -36.71
C ILE A 217 -42.69 -31.13 -36.86
N CYS A 218 -43.42 -31.23 -35.76
CA CYS A 218 -44.72 -31.88 -35.69
C CYS A 218 -45.75 -30.85 -35.24
N LYS A 219 -46.90 -30.86 -35.89
CA LYS A 219 -47.96 -29.92 -35.58
C LYS A 219 -49.21 -30.65 -35.09
N LYS A 220 -50.03 -29.92 -34.34
CA LYS A 220 -51.33 -30.38 -33.91
C LYS A 220 -52.22 -29.15 -33.74
N LYS A 221 -53.47 -29.38 -33.41
CA LYS A 221 -54.37 -28.31 -33.05
C LYS A 221 -54.83 -28.51 -31.62
N VAL A 222 -55.18 -27.42 -30.95
CA VAL A 222 -55.75 -27.52 -29.61
C VAL A 222 -57.17 -26.94 -29.53
N ALA A 223 -57.89 -27.28 -28.46
CA ALA A 223 -59.16 -26.64 -28.19
C ALA A 223 -58.90 -25.34 -27.42
N VAL B 3 -27.40 -0.43 -16.67
CA VAL B 3 -27.83 0.53 -17.68
C VAL B 3 -26.83 0.57 -18.84
N VAL B 4 -27.32 0.51 -20.08
CA VAL B 4 -28.72 0.20 -20.36
C VAL B 4 -28.84 -1.32 -20.32
N SER B 5 -29.32 -1.83 -19.19
CA SER B 5 -29.35 -3.27 -19.04
C SER B 5 -30.59 -3.83 -19.70
N LEU B 6 -30.48 -5.03 -20.20
CA LEU B 6 -31.59 -5.70 -20.81
C LEU B 6 -32.33 -6.49 -19.74
N PRO B 7 -33.62 -6.30 -19.60
CA PRO B 7 -34.38 -7.11 -18.64
C PRO B 7 -34.30 -8.55 -19.13
N ARG B 8 -34.30 -9.48 -18.21
CA ARG B 8 -34.11 -10.86 -18.54
C ARG B 8 -35.36 -11.68 -18.69
N LEU B 9 -35.53 -12.27 -19.86
CA LEU B 9 -36.65 -13.10 -20.12
C LEU B 9 -36.62 -14.33 -19.24
N GLY B 10 -37.77 -14.71 -18.73
CA GLY B 10 -37.82 -15.90 -17.88
C GLY B 10 -37.48 -15.65 -16.42
N GLU B 11 -37.14 -14.43 -16.07
CA GLU B 11 -36.89 -14.06 -14.68
C GLU B 11 -37.94 -13.09 -14.18
N PRO B 12 -38.08 -12.93 -12.86
CA PRO B 12 -39.07 -12.00 -12.33
C PRO B 12 -38.93 -10.61 -12.94
N ALA B 13 -40.06 -9.99 -13.26
CA ALA B 13 -40.01 -8.64 -13.79
C ALA B 13 -39.43 -7.72 -12.71
N PRO B 14 -38.53 -6.82 -13.06
CA PRO B 14 -37.94 -5.92 -12.05
C PRO B 14 -39.00 -5.23 -11.21
N ALA B 15 -38.85 -5.34 -9.89
CA ALA B 15 -39.84 -4.84 -8.96
C ALA B 15 -39.66 -3.35 -8.70
N PHE B 16 -40.76 -2.67 -8.41
CA PHE B 16 -40.72 -1.25 -8.09
C PHE B 16 -42.03 -0.85 -7.43
N GLU B 17 -42.00 0.31 -6.78
CA GLU B 17 -43.19 0.94 -6.26
C GLU B 17 -43.29 2.33 -6.90
N ALA B 18 -44.49 2.72 -7.28
CA ALA B 18 -44.66 3.97 -8.01
C ALA B 18 -46.08 4.47 -7.83
N GLN B 19 -46.26 5.76 -8.11
CA GLN B 19 -47.59 6.34 -8.20
C GLN B 19 -48.15 6.17 -9.61
N THR B 20 -49.46 5.98 -9.69
CA THR B 20 -50.15 5.85 -10.97
C THR B 20 -51.43 6.67 -10.93
N THR B 21 -52.07 6.77 -12.11
CA THR B 21 -53.37 7.45 -12.19
C THR B 21 -54.46 6.71 -11.44
N PHE B 22 -54.20 5.47 -11.01
CA PHE B 22 -55.16 4.72 -10.21
C PHE B 22 -54.76 4.61 -8.74
N GLY B 23 -53.69 5.28 -8.33
CA GLY B 23 -53.19 5.15 -6.98
C GLY B 23 -51.84 4.44 -6.99
N PRO B 24 -51.28 4.23 -5.80
CA PRO B 24 -49.95 3.62 -5.72
C PRO B 24 -50.00 2.17 -6.15
N VAL B 25 -48.90 1.71 -6.76
CA VAL B 25 -48.78 0.31 -7.18
C VAL B 25 -47.49 -0.24 -6.59
N LYS B 26 -47.52 -1.52 -6.21
CA LYS B 26 -46.34 -2.30 -5.90
C LYS B 26 -46.26 -3.34 -7.01
N PHE B 27 -45.28 -3.18 -7.90
CA PHE B 27 -45.16 -3.92 -9.16
C PHE B 27 -44.02 -4.94 -9.11
N PRO B 28 -44.23 -6.17 -9.62
CA PRO B 28 -45.49 -6.66 -10.20
C PRO B 28 -46.40 -7.37 -9.20
N ASP B 29 -46.04 -7.32 -7.91
CA ASP B 29 -46.77 -8.05 -6.87
C ASP B 29 -48.27 -7.75 -6.88
N ASP B 30 -48.66 -6.50 -7.13
CA ASP B 30 -50.09 -6.18 -7.09
C ASP B 30 -50.87 -6.86 -8.20
N PHE B 31 -50.21 -7.32 -9.25
CA PHE B 31 -50.91 -7.93 -10.38
C PHE B 31 -50.63 -9.43 -10.47
N LYS B 32 -50.10 -10.02 -9.39
CA LYS B 32 -49.90 -11.46 -9.36
C LYS B 32 -51.23 -12.18 -9.59
N GLY B 33 -51.20 -13.22 -10.42
CA GLY B 33 -52.39 -13.89 -10.84
C GLY B 33 -53.02 -13.30 -12.08
N GLN B 34 -52.49 -12.19 -12.56
CA GLN B 34 -52.91 -11.57 -13.82
C GLN B 34 -51.70 -11.50 -14.75
N TRP B 35 -51.96 -11.65 -16.04
CA TRP B 35 -50.96 -11.25 -17.01
C TRP B 35 -50.90 -9.74 -17.05
N VAL B 36 -49.74 -9.21 -17.40
CA VAL B 36 -49.52 -7.77 -17.39
C VAL B 36 -48.88 -7.37 -18.70
N VAL B 37 -49.41 -6.33 -19.32
CA VAL B 37 -48.71 -5.66 -20.41
C VAL B 37 -48.28 -4.31 -19.86
N LEU B 38 -47.00 -4.19 -19.53
CA LEU B 38 -46.42 -2.93 -19.07
C LEU B 38 -45.81 -2.27 -20.30
N PHE B 39 -46.19 -1.04 -20.57
CA PHE B 39 -45.59 -0.37 -21.72
C PHE B 39 -45.27 1.07 -21.35
N SER B 40 -44.36 1.66 -22.11
CA SER B 40 -43.95 3.03 -21.82
C SER B 40 -44.23 3.93 -23.01
N HIS B 41 -44.34 5.22 -22.74
CA HIS B 41 -44.49 6.17 -23.82
C HIS B 41 -43.65 7.40 -23.48
N PRO B 42 -43.03 8.04 -24.47
CA PRO B 42 -42.10 9.13 -24.15
C PRO B 42 -42.74 10.28 -23.37
N ALA B 43 -43.91 10.76 -23.79
CA ALA B 43 -44.40 11.98 -23.14
C ALA B 43 -45.92 12.10 -23.29
N ASP B 44 -46.58 12.44 -22.19
CA ASP B 44 -47.96 12.94 -22.29
C ASP B 44 -48.04 14.08 -23.28
N PHE B 45 -49.22 14.21 -23.93
CA PHE B 45 -49.48 15.30 -24.88
C PHE B 45 -48.56 15.22 -26.09
N THR B 46 -48.27 14.00 -26.54
CA THR B 46 -47.60 13.81 -27.81
C THR B 46 -48.40 12.82 -28.65
N PRO B 47 -48.31 12.93 -29.96
CA PRO B 47 -49.39 12.38 -30.81
C PRO B 47 -49.39 10.87 -31.04
N VAL B 48 -48.26 10.24 -31.33
CA VAL B 48 -48.28 8.79 -31.54
C VAL B 48 -48.81 8.15 -30.28
N THR B 50 -50.89 9.26 -27.99
CA THR B 50 -52.32 9.38 -27.90
C THR B 50 -52.99 8.33 -28.76
N THR B 51 -52.53 8.16 -30.00
CA THR B 51 -53.17 7.14 -30.85
C THR B 51 -52.99 5.74 -30.24
N GLU B 52 -51.85 5.49 -29.56
CA GLU B 52 -51.66 4.20 -28.93
C GLU B 52 -52.56 4.03 -27.71
N PHE B 53 -52.67 5.06 -26.86
CA PHE B 53 -53.55 4.96 -25.70
C PHE B 53 -55.01 4.78 -26.14
N VAL B 54 -55.41 5.47 -27.21
CA VAL B 54 -56.77 5.28 -27.73
C VAL B 54 -56.94 3.84 -28.22
N ALA B 55 -55.93 3.30 -28.90
CA ALA B 55 -56.04 1.95 -29.45
C ALA B 55 -56.09 0.90 -28.33
N PHE B 56 -55.25 1.06 -27.31
CA PHE B 56 -55.30 0.17 -26.15
C PHE B 56 -56.64 0.31 -25.44
N ALA B 57 -57.11 1.54 -25.24
CA ALA B 57 -58.39 1.74 -24.59
C ALA B 57 -59.52 1.09 -25.37
N LYS B 58 -59.50 1.24 -26.70
CA LYS B 58 -60.55 0.62 -27.51
C LYS B 58 -60.50 -0.90 -27.40
N ASN B 59 -59.32 -1.46 -27.16
CA ASN B 59 -59.13 -2.90 -27.04
C ASN B 59 -59.10 -3.36 -25.58
N TYR B 60 -59.57 -2.52 -24.66
CA TYR B 60 -59.48 -2.86 -23.25
C TYR B 60 -60.22 -4.16 -22.92
N GLU B 61 -61.40 -4.37 -23.50
CA GLU B 61 -62.11 -5.61 -23.22
C GLU B 61 -61.40 -6.83 -23.81
N GLU B 62 -60.69 -6.67 -24.93
CA GLU B 62 -59.90 -7.79 -25.44
C GLU B 62 -58.83 -8.20 -24.43
N PHE B 63 -58.20 -7.22 -23.78
CA PHE B 63 -57.18 -7.60 -22.79
C PHE B 63 -57.83 -8.16 -21.53
N LYS B 64 -58.93 -7.54 -21.09
CA LYS B 64 -59.60 -7.98 -19.87
C LYS B 64 -60.08 -9.42 -19.96
N LYS B 65 -60.60 -9.82 -21.12
CA LYS B 65 -61.10 -11.19 -21.27
C LYS B 65 -59.95 -12.20 -21.27
N ARG B 66 -58.73 -11.74 -21.51
CA ARG B 66 -57.55 -12.59 -21.44
C ARG B 66 -56.82 -12.48 -20.10
N ASN B 67 -57.47 -11.90 -19.09
CA ASN B 67 -56.86 -11.74 -17.76
C ASN B 67 -55.58 -10.92 -17.85
N VAL B 68 -55.59 -9.86 -18.66
CA VAL B 68 -54.41 -9.02 -18.87
C VAL B 68 -54.68 -7.65 -18.26
N GLN B 69 -53.81 -7.21 -17.35
CA GLN B 69 -53.83 -5.84 -16.83
C GLN B 69 -52.89 -4.99 -17.67
N LEU B 70 -53.44 -3.98 -18.34
CA LEU B 70 -52.61 -3.01 -19.04
C LEU B 70 -52.14 -1.97 -18.04
N ILE B 71 -50.88 -1.55 -18.17
CA ILE B 71 -50.39 -0.43 -17.35
C ILE B 71 -49.34 0.32 -18.15
N GLY B 72 -49.56 1.61 -18.35
CA GLY B 72 -48.63 2.44 -19.09
C GLY B 72 -47.65 3.12 -18.14
N LEU B 73 -46.70 3.84 -18.72
CA LEU B 73 -45.65 4.47 -17.93
C LEU B 73 -45.01 5.58 -18.73
N SER B 74 -44.82 6.74 -18.10
CA SER B 74 -43.90 7.71 -18.68
C SER B 74 -43.24 8.44 -17.53
N VAL B 75 -42.27 9.30 -17.88
CA VAL B 75 -41.56 10.09 -16.87
C VAL B 75 -42.33 11.32 -16.46
N ASP B 76 -43.54 11.52 -16.98
CA ASP B 76 -44.36 12.65 -16.62
C ASP B 76 -44.99 12.45 -15.25
N SER B 77 -45.38 13.56 -14.62
CA SER B 77 -46.03 13.47 -13.33
C SER B 77 -47.44 12.92 -13.45
N ASN B 78 -47.96 12.44 -12.33
CA ASN B 78 -49.33 11.96 -12.29
C ASN B 78 -50.34 13.08 -12.62
N PHE B 79 -50.00 14.33 -12.31
CA PHE B 79 -50.92 15.43 -12.64
C PHE B 79 -50.96 15.67 -14.15
N SER B 80 -49.81 15.57 -14.82
CA SER B 80 -49.83 15.60 -16.28
C SER B 80 -50.63 14.42 -16.82
N HIS B 81 -50.43 13.23 -16.25
CA HIS B 81 -51.18 12.04 -16.67
C HIS B 81 -52.68 12.28 -16.63
N ILE B 82 -53.18 12.77 -15.48
CA ILE B 82 -54.61 13.01 -15.34
C ILE B 82 -55.09 14.07 -16.31
N ALA B 83 -54.32 15.15 -16.47
CA ALA B 83 -54.68 16.17 -17.46
C ALA B 83 -54.75 15.59 -18.86
N TRP B 84 -53.79 14.71 -19.22
CA TRP B 84 -53.77 14.13 -20.56
C TRP B 84 -54.94 13.18 -20.77
N VAL B 85 -55.28 12.39 -19.74
CA VAL B 85 -56.45 11.52 -19.84
C VAL B 85 -57.71 12.37 -20.01
N MET B 86 -57.81 13.46 -19.26
CA MET B 86 -58.92 14.40 -19.45
C MET B 86 -58.95 14.93 -20.87
N ASN B 87 -57.78 15.28 -21.41
CA ASN B 87 -57.68 15.80 -22.77
C ASN B 87 -58.13 14.77 -23.81
N ILE B 88 -57.69 13.52 -23.65
CA ILE B 88 -58.09 12.49 -24.60
C ILE B 88 -59.60 12.30 -24.57
N LYS B 89 -60.18 12.30 -23.36
CA LYS B 89 -61.63 12.14 -23.24
C LYS B 89 -62.36 13.24 -23.98
N GLU B 90 -61.89 14.48 -23.83
CA GLU B 90 -62.58 15.62 -24.45
C GLU B 90 -62.41 15.62 -25.96
N LYS B 91 -61.20 15.32 -26.46
CA LYS B 91 -60.91 15.44 -27.88
C LYS B 91 -61.26 14.20 -28.68
N PHE B 92 -61.30 13.03 -28.04
CA PHE B 92 -61.53 11.78 -28.74
C PHE B 92 -62.72 11.00 -28.21
N GLY B 93 -63.32 11.43 -27.11
CA GLY B 93 -64.47 10.74 -26.58
C GLY B 93 -64.17 9.40 -25.97
N ILE B 94 -62.91 9.13 -25.63
CA ILE B 94 -62.50 7.84 -25.09
C ILE B 94 -61.88 8.11 -23.72
N GLU B 95 -62.30 7.33 -22.73
CA GLU B 95 -61.77 7.43 -21.37
C GLU B 95 -60.75 6.30 -21.17
N ILE B 96 -59.50 6.65 -20.88
CA ILE B 96 -58.45 5.65 -20.66
C ILE B 96 -58.82 4.78 -19.46
N PRO B 97 -58.97 3.47 -19.64
CA PRO B 97 -59.46 2.61 -18.54
C PRO B 97 -58.39 1.85 -17.77
N PHE B 98 -57.12 2.18 -17.94
CA PHE B 98 -56.05 1.47 -17.27
C PHE B 98 -55.09 2.48 -16.65
N PRO B 99 -54.31 2.07 -15.65
CA PRO B 99 -53.42 3.02 -14.96
C PRO B 99 -52.20 3.41 -15.78
N ILE B 100 -51.70 4.62 -15.51
CA ILE B 100 -50.44 5.09 -16.07
C ILE B 100 -49.49 5.39 -14.92
N ILE B 101 -48.32 4.77 -14.96
CA ILE B 101 -47.31 5.00 -13.92
C ILE B 101 -46.65 6.34 -14.15
N ALA B 102 -46.42 7.09 -13.05
CA ALA B 102 -45.63 8.32 -13.07
C ALA B 102 -44.21 7.97 -12.61
N ASP B 103 -43.29 7.87 -13.57
CA ASP B 103 -41.91 7.49 -13.27
C ASP B 103 -41.02 8.73 -13.29
N HIS B 104 -41.30 9.62 -12.31
CA HIS B 104 -40.77 10.98 -12.37
C HIS B 104 -39.26 11.00 -12.56
N ASN B 105 -38.54 10.20 -11.77
CA ASN B 105 -37.09 10.21 -11.73
C ASN B 105 -36.45 9.12 -12.58
N MET B 106 -37.19 8.55 -13.53
CA MET B 106 -36.69 7.53 -14.48
C MET B 106 -36.16 6.27 -13.79
N GLU B 107 -36.51 6.03 -12.53
CA GLU B 107 -35.97 4.86 -11.84
C GLU B 107 -36.50 3.56 -12.43
N VAL B 108 -37.81 3.51 -12.70
CA VAL B 108 -38.38 2.32 -13.32
C VAL B 108 -37.88 2.17 -14.74
N ALA B 109 -37.86 3.28 -15.48
CA ALA B 109 -37.41 3.26 -16.87
C ALA B 109 -36.02 2.65 -16.99
N LYS B 110 -35.12 3.00 -16.08
CA LYS B 110 -33.77 2.46 -16.15
C LYS B 110 -33.75 0.96 -15.82
N LYS B 111 -34.60 0.51 -14.89
CA LYS B 111 -34.69 -0.91 -14.57
C LYS B 111 -35.13 -1.74 -15.77
N TYR B 112 -35.86 -1.13 -16.70
CA TYR B 112 -36.44 -1.83 -17.83
C TYR B 112 -35.74 -1.49 -19.14
N GLY B 113 -34.61 -0.80 -19.07
CA GLY B 113 -33.87 -0.43 -20.26
C GLY B 113 -34.66 0.46 -21.20
N MET B 114 -35.53 1.31 -20.65
CA MET B 114 -36.41 2.10 -21.49
C MET B 114 -35.76 3.40 -21.93
N ILE B 115 -34.63 3.80 -21.35
CA ILE B 115 -33.97 5.05 -21.71
C ILE B 115 -32.85 4.72 -22.69
N HIS B 116 -32.99 5.22 -23.91
CA HIS B 116 -31.98 5.06 -24.97
C HIS B 116 -31.49 6.45 -25.36
N PRO B 117 -30.30 6.83 -24.90
CA PRO B 117 -29.90 8.24 -24.96
C PRO B 117 -29.87 8.84 -26.35
N ALA B 118 -29.52 8.05 -27.38
CA ALA B 118 -29.56 8.60 -28.74
C ALA B 118 -30.99 8.86 -29.19
N GLN B 119 -31.98 8.20 -28.58
CA GLN B 119 -33.38 8.55 -28.81
C GLN B 119 -33.78 9.76 -27.98
N SER B 120 -33.58 9.69 -26.67
CA SER B 120 -33.86 10.79 -25.76
C SER B 120 -33.15 10.49 -24.46
N THR B 121 -32.54 11.54 -23.86
CA THR B 121 -32.02 11.38 -22.52
C THR B 121 -33.05 11.67 -21.44
N THR B 122 -34.25 12.10 -21.83
CA THR B 122 -35.27 12.44 -20.85
C THR B 122 -36.52 11.58 -20.93
N PHE B 123 -36.86 11.05 -22.11
CA PHE B 123 -38.09 10.30 -22.29
C PHE B 123 -37.77 8.82 -22.52
N THR B 124 -38.68 7.95 -22.08
CA THR B 124 -38.60 6.55 -22.47
C THR B 124 -38.88 6.40 -23.95
N VAL B 125 -38.38 5.30 -24.53
CA VAL B 125 -38.81 4.89 -25.86
C VAL B 125 -40.15 4.19 -25.74
N ARG B 126 -40.60 3.57 -26.83
CA ARG B 126 -41.86 2.84 -26.84
C ARG B 126 -41.59 1.37 -26.50
N ALA B 127 -41.32 1.13 -25.23
CA ALA B 127 -41.03 -0.21 -24.76
C ALA B 127 -42.31 -0.90 -24.31
N LEU B 128 -42.35 -2.22 -24.49
CA LEU B 128 -43.51 -2.97 -24.04
C LEU B 128 -43.05 -4.33 -23.55
N PHE B 129 -43.66 -4.78 -22.45
CA PHE B 129 -43.23 -5.97 -21.75
C PHE B 129 -44.44 -6.81 -21.44
N VAL B 130 -44.42 -8.09 -21.82
CA VAL B 130 -45.46 -9.01 -21.42
C VAL B 130 -44.97 -9.82 -20.23
N ILE B 131 -45.77 -9.82 -19.17
CA ILE B 131 -45.41 -10.45 -17.91
C ILE B 131 -46.53 -11.39 -17.54
N ASP B 132 -46.18 -12.58 -17.09
CA ASP B 132 -47.23 -13.56 -16.89
C ASP B 132 -47.80 -13.44 -15.49
N ASP B 133 -48.72 -14.35 -15.16
CA ASP B 133 -49.45 -14.36 -13.89
C ASP B 133 -48.58 -14.73 -12.70
N LYS B 134 -47.36 -15.18 -12.93
CA LYS B 134 -46.40 -15.44 -11.87
C LYS B 134 -45.39 -14.31 -11.73
N GLY B 135 -45.59 -13.21 -12.45
CA GLY B 135 -44.66 -12.10 -12.44
C GLY B 135 -43.42 -12.28 -13.28
N ILE B 136 -43.38 -13.27 -14.15
CA ILE B 136 -42.19 -13.54 -14.96
C ILE B 136 -42.27 -12.73 -16.26
N LEU B 137 -41.15 -12.10 -16.62
CA LEU B 137 -41.06 -11.42 -17.91
C LEU B 137 -41.01 -12.45 -19.03
N ARG B 138 -41.93 -12.33 -19.99
CA ARG B 138 -42.06 -13.33 -21.05
C ARG B 138 -41.62 -12.84 -22.41
N ALA B 139 -41.76 -11.55 -22.70
CA ALA B 139 -41.44 -11.08 -24.04
C ALA B 139 -41.33 -9.57 -23.96
N MET B 140 -40.60 -8.98 -24.90
CA MET B 140 -40.51 -7.54 -24.81
C MET B 140 -40.22 -6.98 -26.19
N ILE B 141 -40.62 -5.73 -26.38
CA ILE B 141 -40.44 -5.02 -27.63
C ILE B 141 -39.94 -3.62 -27.32
N TYR B 142 -39.10 -3.08 -28.19
CA TYR B 142 -38.62 -1.71 -28.06
C TYR B 142 -38.76 -1.02 -29.40
N TYR B 143 -39.85 -0.16 -29.53
CA TYR B 143 -39.98 0.64 -30.75
C TYR B 143 -39.48 2.06 -30.49
N PRO B 144 -39.03 2.76 -31.53
CA PRO B 144 -38.48 4.10 -31.37
C PRO B 144 -39.57 5.16 -31.28
N LEU B 145 -39.15 6.40 -31.03
CA LEU B 145 -40.08 7.52 -30.82
C LEU B 145 -40.99 7.76 -32.01
N THR B 146 -40.51 7.50 -33.23
CA THR B 146 -41.27 7.77 -34.44
C THR B 146 -42.46 6.84 -34.64
N THR B 147 -42.46 5.64 -34.04
CA THR B 147 -43.18 4.52 -34.65
C THR B 147 -44.17 3.89 -33.69
N GLY B 148 -45.46 4.16 -33.89
CA GLY B 148 -46.46 3.54 -33.04
C GLY B 148 -46.47 2.03 -33.16
N ARG B 149 -46.95 1.38 -32.10
CA ARG B 149 -46.95 -0.06 -31.98
C ARG B 149 -48.20 -0.67 -32.64
N ASN B 150 -48.22 -1.99 -32.70
CA ASN B 150 -49.30 -2.78 -33.31
C ASN B 150 -50.06 -3.45 -32.17
N ILE B 151 -51.25 -2.94 -31.86
CA ILE B 151 -51.93 -3.41 -30.65
C ILE B 151 -52.40 -4.85 -30.84
N ARG B 152 -52.83 -5.22 -32.06
CA ARG B 152 -53.28 -6.59 -32.27
C ARG B 152 -52.13 -7.60 -32.14
N GLU B 153 -50.91 -7.20 -32.50
CA GLU B 153 -49.78 -8.11 -32.30
C GLU B 153 -49.49 -8.30 -30.81
N VAL B 154 -49.76 -7.29 -30.00
CA VAL B 154 -49.65 -7.48 -28.55
C VAL B 154 -50.66 -8.50 -28.08
N ILE B 155 -51.89 -8.40 -28.58
CA ILE B 155 -52.92 -9.37 -28.21
C ILE B 155 -52.53 -10.76 -28.68
N ARG B 156 -52.03 -10.85 -29.91
CA ARG B 156 -51.62 -12.15 -30.46
C ARG B 156 -50.49 -12.73 -29.63
N LEU B 157 -49.55 -11.89 -29.21
CA LEU B 157 -48.44 -12.36 -28.39
C LEU B 157 -48.94 -12.95 -27.07
N VAL B 158 -49.87 -12.26 -26.42
CA VAL B 158 -50.48 -12.76 -25.19
C VAL B 158 -51.17 -14.10 -25.43
N ASP B 159 -51.98 -14.18 -26.49
CA ASP B 159 -52.65 -15.44 -26.80
C ASP B 159 -51.64 -16.57 -26.97
N ALA B 160 -50.56 -16.28 -27.70
CA ALA B 160 -49.55 -17.30 -27.96
C ALA B 160 -48.86 -17.77 -26.68
N LEU B 161 -48.54 -16.83 -25.78
CA LEU B 161 -47.89 -17.21 -24.54
C LEU B 161 -48.85 -17.98 -23.63
N GLN B 162 -50.12 -17.54 -23.56
CA GLN B 162 -51.07 -18.26 -22.72
C GLN B 162 -51.34 -19.65 -23.27
N THR B 163 -51.42 -19.79 -24.60
CA THR B 163 -51.60 -21.11 -25.18
C THR B 163 -50.40 -22.00 -24.92
N ALA B 164 -49.19 -21.46 -25.08
CA ALA B 164 -47.99 -22.24 -24.78
C ALA B 164 -48.02 -22.78 -23.35
N ASP B 165 -48.36 -21.93 -22.38
CA ASP B 165 -48.42 -22.36 -20.98
C ASP B 165 -49.52 -23.38 -20.76
N ARG B 166 -50.71 -23.12 -21.31
CA ARG B 166 -51.85 -23.98 -21.01
C ARG B 166 -51.67 -25.36 -21.64
N GLU B 167 -51.15 -25.41 -22.87
CA GLU B 167 -51.10 -26.66 -23.63
C GLU B 167 -49.73 -27.31 -23.66
N GLY B 168 -48.69 -26.63 -23.18
CA GLY B 168 -47.35 -27.21 -23.29
C GLY B 168 -46.90 -27.35 -24.73
N VAL B 169 -47.13 -26.32 -25.54
CA VAL B 169 -46.81 -26.32 -26.95
C VAL B 169 -46.02 -25.06 -27.24
N ALA B 170 -45.48 -25.00 -28.46
CA ALA B 170 -44.91 -23.78 -29.00
C ALA B 170 -45.83 -23.27 -30.10
N THR B 171 -45.67 -21.99 -30.46
CA THR B 171 -46.53 -21.51 -31.52
C THR B 171 -45.70 -21.08 -32.72
N PRO B 172 -46.13 -21.43 -33.93
CA PRO B 172 -45.34 -21.11 -35.12
C PRO B 172 -45.39 -19.64 -35.47
N ALA B 173 -44.60 -19.29 -36.47
CA ALA B 173 -44.71 -18.00 -37.11
C ALA B 173 -46.15 -17.70 -37.48
N ASP B 174 -46.58 -16.48 -37.20
CA ASP B 174 -47.88 -15.97 -37.64
C ASP B 174 -49.05 -16.74 -37.03
N TRP B 175 -48.84 -17.38 -35.89
CA TRP B 175 -49.88 -18.17 -35.27
C TRP B 175 -51.00 -17.30 -34.71
N VAL B 176 -52.24 -17.78 -34.84
CA VAL B 176 -53.38 -17.21 -34.16
C VAL B 176 -54.21 -18.35 -33.56
N PRO B 177 -54.99 -18.07 -32.51
CA PRO B 177 -55.78 -19.15 -31.90
C PRO B 177 -56.97 -19.60 -32.77
N GLU B 178 -57.49 -18.72 -33.60
CA GLU B 178 -58.58 -19.02 -34.51
C GLU B 178 -58.40 -18.16 -35.75
N PRO B 179 -58.96 -18.59 -36.89
CA PRO B 179 -58.84 -17.77 -38.10
C PRO B 179 -59.41 -16.38 -37.85
N GLN B 180 -58.79 -15.39 -38.47
CA GLN B 180 -59.17 -14.02 -38.22
C GLN B 180 -58.52 -13.14 -39.28
N THR B 181 -59.01 -11.92 -39.38
CA THR B 181 -58.56 -10.97 -40.37
C THR B 181 -58.32 -9.65 -39.64
N TRP B 182 -57.12 -9.10 -39.80
CA TRP B 182 -56.79 -7.79 -39.24
C TRP B 182 -56.93 -6.76 -40.34
N GLU B 183 -57.98 -5.94 -40.27
CA GLU B 183 -58.22 -4.94 -41.29
C GLU B 183 -57.52 -3.65 -40.91
N PHE B 184 -56.83 -3.05 -41.88
CA PHE B 184 -56.27 -1.72 -41.72
C PHE B 184 -56.94 -0.83 -42.76
N THR B 185 -57.52 0.25 -42.30
CA THR B 185 -58.37 1.07 -43.14
C THR B 185 -57.60 2.30 -43.64
N GLU B 186 -58.28 3.10 -44.45
CA GLU B 186 -57.72 4.37 -44.90
C GLU B 186 -57.30 5.23 -43.72
N GLU B 187 -58.08 5.19 -42.63
CA GLU B 187 -57.73 5.99 -41.46
C GLU B 187 -56.38 5.56 -40.90
N ASN B 188 -56.05 4.27 -41.02
CA ASN B 188 -54.79 3.78 -40.51
C ASN B 188 -53.61 4.20 -41.38
N THR B 189 -53.84 4.87 -42.51
CA THR B 189 -52.75 5.31 -43.37
C THR B 189 -52.32 6.74 -43.08
N LYS B 190 -53.07 7.48 -42.28
CA LYS B 190 -52.69 8.85 -41.98
C LYS B 190 -51.44 8.88 -41.12
N VAL B 191 -50.50 9.75 -41.47
CA VAL B 191 -49.28 9.91 -40.70
C VAL B 191 -49.44 11.10 -39.76
N ILE B 192 -48.48 11.25 -38.86
CA ILE B 192 -48.54 12.23 -37.79
C ILE B 192 -47.47 13.28 -38.02
N VAL B 193 -47.85 14.54 -37.92
CA VAL B 193 -46.89 15.64 -37.98
C VAL B 193 -46.16 15.70 -36.63
N PRO B 194 -44.83 15.72 -36.63
CA PRO B 194 -44.10 15.78 -35.35
C PRO B 194 -44.58 16.96 -34.54
N PRO B 195 -44.81 16.78 -33.24
CA PRO B 195 -45.52 17.79 -32.47
C PRO B 195 -44.67 19.06 -32.29
N PRO B 196 -45.32 20.21 -32.13
CA PRO B 196 -44.57 21.44 -31.86
C PRO B 196 -43.88 21.38 -30.51
N THR B 197 -42.74 22.06 -30.43
CA THR B 197 -41.94 22.06 -29.21
C THR B 197 -41.80 23.42 -28.57
N THR B 198 -42.43 24.45 -29.14
CA THR B 198 -42.55 25.73 -28.47
C THR B 198 -44.01 26.13 -28.49
N TYR B 199 -44.37 26.99 -27.54
CA TYR B 199 -45.75 27.47 -27.47
C TYR B 199 -46.12 28.22 -28.75
N GLU B 200 -45.22 29.05 -29.27
CA GLU B 200 -45.48 29.78 -30.51
C GLU B 200 -45.73 28.81 -31.66
N ASP B 201 -44.88 27.79 -31.78
CA ASP B 201 -45.06 26.81 -32.84
C ASP B 201 -46.36 26.06 -32.66
N ALA B 202 -46.81 25.88 -31.42
CA ALA B 202 -48.08 25.19 -31.21
C ALA B 202 -49.24 26.06 -31.69
N VAL B 203 -49.17 27.37 -31.47
CA VAL B 203 -50.20 28.27 -32.00
C VAL B 203 -50.18 28.27 -33.53
N LYS B 204 -48.99 28.35 -34.12
CA LYS B 204 -48.88 28.32 -35.58
C LYS B 204 -49.33 26.98 -36.16
N ARG B 205 -49.05 25.88 -35.45
CA ARG B 205 -49.40 24.56 -35.97
C ARG B 205 -50.89 24.44 -36.26
N LEU B 206 -51.72 25.02 -35.41
CA LEU B 206 -53.17 24.98 -35.56
C LEU B 206 -53.66 25.83 -36.72
N GLN B 207 -52.77 26.59 -37.37
CA GLN B 207 -53.13 27.45 -38.49
C GLN B 207 -52.58 26.92 -39.80
N GLU B 208 -52.05 25.70 -39.81
CA GLU B 208 -51.36 25.18 -40.99
C GLU B 208 -52.26 24.33 -41.89
N GLY B 209 -53.53 24.14 -41.53
CA GLY B 209 -54.46 23.45 -42.42
C GLY B 209 -54.53 21.95 -42.27
N TYR B 210 -53.88 21.38 -41.25
CA TYR B 210 -54.00 19.96 -40.98
C TYR B 210 -55.28 19.62 -40.24
N GLU B 211 -55.53 18.32 -40.14
CA GLU B 211 -56.57 17.72 -39.31
C GLU B 211 -55.98 17.54 -37.91
N CYS B 212 -56.25 18.47 -37.00
CA CYS B 212 -55.64 18.47 -35.68
C CYS B 212 -56.74 18.32 -34.64
N ALA B 213 -56.69 17.23 -33.88
CA ALA B 213 -57.61 17.12 -32.74
C ALA B 213 -57.18 18.06 -31.62
N ASP B 214 -55.90 18.38 -31.56
CA ASP B 214 -55.36 19.35 -30.62
C ASP B 214 -54.03 19.80 -31.18
N TRP B 215 -53.41 20.78 -30.51
CA TRP B 215 -52.18 21.37 -31.05
C TRP B 215 -51.11 20.32 -31.25
N TYR B 216 -51.12 19.27 -30.46
CA TYR B 216 -50.02 18.32 -30.49
C TYR B 216 -50.27 17.14 -31.41
N ILE B 217 -51.48 17.00 -31.93
CA ILE B 217 -51.80 15.80 -32.70
C ILE B 217 -52.49 16.23 -33.99
N CYS B 218 -51.70 16.33 -35.05
CA CYS B 218 -52.13 16.71 -36.39
C CYS B 218 -51.78 15.58 -37.36
N LYS B 219 -52.72 15.23 -38.22
CA LYS B 219 -52.55 14.13 -39.18
C LYS B 219 -52.63 14.64 -40.61
N LYS B 220 -51.99 13.89 -41.52
CA LYS B 220 -52.11 14.14 -42.95
C LYS B 220 -51.86 12.83 -43.67
N LYS B 221 -52.02 12.85 -44.99
CA LYS B 221 -51.65 11.69 -45.79
C LYS B 221 -50.39 11.98 -46.59
N VAL B 222 -49.69 10.92 -46.96
CA VAL B 222 -48.49 11.03 -47.75
C VAL B 222 -48.81 10.77 -49.22
N ALA B 223 -48.53 11.76 -50.06
CA ALA B 223 -48.85 11.72 -51.49
C ALA B 223 -48.24 10.52 -52.22
N SER C 5 1.73 -28.47 -20.27
CA SER C 5 0.65 -27.96 -21.12
C SER C 5 0.58 -28.76 -22.40
N LEU C 6 -0.60 -28.79 -23.00
CA LEU C 6 -0.81 -29.52 -24.25
C LEU C 6 -0.22 -28.71 -25.42
N PRO C 7 0.76 -29.24 -26.14
CA PRO C 7 1.20 -28.57 -27.37
C PRO C 7 0.03 -28.38 -28.31
N ARG C 8 0.07 -27.29 -29.08
CA ARG C 8 -1.11 -26.86 -29.83
C ARG C 8 -1.01 -27.34 -31.27
N LEU C 9 -2.01 -28.09 -31.73
CA LEU C 9 -2.06 -28.50 -33.14
C LEU C 9 -2.23 -27.27 -34.03
N GLY C 10 -1.50 -27.25 -35.14
CA GLY C 10 -1.57 -26.15 -36.07
C GLY C 10 -0.65 -24.99 -35.75
N GLU C 11 0.09 -25.06 -34.66
CA GLU C 11 1.04 -24.03 -34.29
C GLU C 11 2.47 -24.57 -34.41
N PRO C 12 3.46 -23.69 -34.53
CA PRO C 12 4.85 -24.17 -34.58
C PRO C 12 5.13 -25.11 -33.40
N ALA C 13 5.81 -26.21 -33.71
CA ALA C 13 6.20 -27.13 -32.66
C ALA C 13 7.17 -26.44 -31.70
N PRO C 14 7.04 -26.66 -30.40
CA PRO C 14 7.94 -26.00 -29.43
C PRO C 14 9.40 -26.15 -29.80
N ALA C 15 10.11 -25.03 -29.88
CA ALA C 15 11.49 -25.06 -30.29
C ALA C 15 12.39 -25.48 -29.14
N PHE C 16 13.51 -26.10 -29.47
CA PHE C 16 14.46 -26.52 -28.47
C PHE C 16 15.81 -26.80 -29.13
N GLU C 17 16.83 -26.85 -28.30
CA GLU C 17 18.15 -27.33 -28.68
C GLU C 17 18.48 -28.48 -27.75
N ALA C 18 19.07 -29.55 -28.29
CA ALA C 18 19.30 -30.72 -27.47
C ALA C 18 20.50 -31.50 -27.99
N GLN C 19 21.06 -32.32 -27.10
CA GLN C 19 22.07 -33.29 -27.47
C GLN C 19 21.41 -34.57 -27.93
N THR C 20 22.01 -35.24 -28.93
CA THR C 20 21.48 -36.50 -29.44
C THR C 20 22.61 -37.46 -29.76
N THR C 21 22.24 -38.71 -30.05
CA THR C 21 23.24 -39.71 -30.46
C THR C 21 23.89 -39.39 -31.80
N PHE C 22 23.35 -38.43 -32.56
CA PHE C 22 23.96 -38.01 -33.81
C PHE C 22 24.67 -36.66 -33.67
N GLY C 23 24.68 -36.10 -32.46
CA GLY C 23 25.21 -34.77 -32.24
C GLY C 23 24.11 -33.79 -31.92
N PRO C 24 24.48 -32.53 -31.68
CA PRO C 24 23.49 -31.53 -31.27
C PRO C 24 22.50 -31.21 -32.37
N VAL C 25 21.27 -30.90 -31.98
CA VAL C 25 20.22 -30.54 -32.92
C VAL C 25 19.55 -29.24 -32.47
N LYS C 26 19.17 -28.42 -33.43
CA LYS C 26 18.35 -27.24 -33.21
C LYS C 26 17.01 -27.46 -33.89
N PHE C 27 15.95 -27.53 -33.09
CA PHE C 27 14.62 -27.87 -33.54
C PHE C 27 13.78 -26.61 -33.56
N PRO C 28 13.04 -26.34 -34.64
CA PRO C 28 12.99 -27.14 -35.86
C PRO C 28 13.94 -26.65 -36.95
N ASP C 29 14.81 -25.70 -36.63
CA ASP C 29 15.66 -25.06 -37.64
C ASP C 29 16.40 -26.08 -38.50
N ASP C 30 16.91 -27.13 -37.87
CA ASP C 30 17.71 -28.14 -38.58
C ASP C 30 16.87 -29.03 -39.49
N PHE C 31 15.55 -29.06 -39.31
CA PHE C 31 14.68 -29.97 -40.04
C PHE C 31 13.72 -29.28 -40.98
N LYS C 32 13.94 -27.99 -41.28
CA LYS C 32 13.12 -27.29 -42.26
C LYS C 32 13.18 -28.01 -43.61
N GLY C 33 12.02 -28.18 -44.23
CA GLY C 33 11.91 -28.91 -45.47
C GLY C 33 11.71 -30.40 -45.31
N GLN C 34 11.80 -30.92 -44.09
CA GLN C 34 11.53 -32.32 -43.79
C GLN C 34 10.39 -32.41 -42.80
N TRP C 35 9.60 -33.46 -42.95
CA TRP C 35 8.67 -33.85 -41.89
C TRP C 35 9.45 -34.50 -40.75
N VAL C 36 8.88 -34.41 -39.56
CA VAL C 36 9.53 -34.92 -38.35
C VAL C 36 8.54 -35.76 -37.58
N VAL C 37 8.94 -36.95 -37.18
CA VAL C 37 8.21 -37.71 -36.19
C VAL C 37 9.07 -37.71 -34.93
N LEU C 38 8.69 -36.88 -33.96
CA LEU C 38 9.38 -36.82 -32.68
C LEU C 38 8.62 -37.72 -31.71
N PHE C 39 9.31 -38.68 -31.11
CA PHE C 39 8.63 -39.53 -30.15
C PHE C 39 9.53 -39.72 -28.94
N SER C 40 8.90 -40.01 -27.81
CA SER C 40 9.60 -40.18 -26.56
C SER C 40 9.39 -41.60 -26.04
N HIS C 41 10.31 -42.03 -25.17
CA HIS C 41 10.18 -43.33 -24.55
C HIS C 41 10.66 -43.17 -23.11
N PRO C 42 10.05 -43.89 -22.16
CA PRO C 42 10.38 -43.65 -20.76
C PRO C 42 11.85 -43.88 -20.40
N ALA C 43 12.43 -45.00 -20.82
CA ALA C 43 13.77 -45.30 -20.31
C ALA C 43 14.51 -46.24 -21.24
N ASP C 44 15.78 -45.93 -21.51
CA ASP C 44 16.68 -46.89 -22.13
C ASP C 44 16.69 -48.17 -21.32
N PHE C 45 16.95 -49.29 -22.02
CA PHE C 45 17.04 -50.61 -21.39
C PHE C 45 15.73 -51.01 -20.74
N THR C 46 14.62 -50.67 -21.38
CA THR C 46 13.31 -51.18 -20.99
C THR C 46 12.63 -51.79 -22.20
N PRO C 47 11.77 -52.75 -21.99
CA PRO C 47 11.44 -53.70 -23.08
C PRO C 47 10.47 -53.19 -24.14
N VAL C 48 9.38 -52.54 -23.77
CA VAL C 48 8.44 -52.04 -24.79
C VAL C 48 9.21 -51.11 -25.71
N THR C 50 12.34 -51.00 -26.44
CA THR C 50 13.20 -51.72 -27.35
C THR C 50 12.40 -52.25 -28.54
N THR C 51 11.23 -52.86 -28.30
CA THR C 51 10.44 -53.36 -29.42
C THR C 51 10.00 -52.22 -30.34
N GLU C 52 9.69 -51.06 -29.76
CA GLU C 52 9.33 -49.91 -30.57
C GLU C 52 10.51 -49.42 -31.38
N PHE C 53 11.70 -49.33 -30.77
CA PHE C 53 12.87 -48.87 -31.51
C PHE C 53 13.22 -49.83 -32.65
N VAL C 54 13.14 -51.13 -32.43
CA VAL C 54 13.40 -52.06 -33.51
C VAL C 54 12.37 -51.90 -34.62
N ALA C 55 11.10 -51.69 -34.25
CA ALA C 55 10.06 -51.55 -35.27
C ALA C 55 10.26 -50.27 -36.09
N PHE C 56 10.59 -49.15 -35.42
CA PHE C 56 10.89 -47.92 -36.15
C PHE C 56 12.12 -48.09 -37.03
N ALA C 57 13.17 -48.73 -36.49
CA ALA C 57 14.37 -48.95 -37.27
C ALA C 57 14.09 -49.78 -38.52
N LYS C 58 13.32 -50.86 -38.38
CA LYS C 58 12.99 -51.70 -39.54
C LYS C 58 12.20 -50.92 -40.59
N ASN C 59 11.46 -49.91 -40.16
CA ASN C 59 10.65 -49.08 -41.05
C ASN C 59 11.32 -47.77 -41.43
N TYR C 60 12.64 -47.66 -41.17
CA TYR C 60 13.34 -46.40 -41.42
C TYR C 60 13.24 -45.97 -42.87
N GLU C 61 13.36 -46.91 -43.81
CA GLU C 61 13.27 -46.54 -45.22
C GLU C 61 11.87 -46.09 -45.59
N GLU C 62 10.85 -46.66 -44.95
CA GLU C 62 9.49 -46.20 -45.18
C GLU C 62 9.35 -44.73 -44.78
N PHE C 63 10.00 -44.33 -43.69
CA PHE C 63 9.93 -42.93 -43.31
C PHE C 63 10.80 -42.05 -44.19
N LYS C 64 12.00 -42.53 -44.53
CA LYS C 64 12.91 -41.73 -45.36
C LYS C 64 12.29 -41.43 -46.72
N LYS C 65 11.62 -42.40 -47.32
CA LYS C 65 11.02 -42.15 -48.64
C LYS C 65 9.85 -41.18 -48.56
N ARG C 66 9.30 -40.96 -47.37
CA ARG C 66 8.26 -39.96 -47.14
C ARG C 66 8.81 -38.63 -46.65
N ASN C 67 10.11 -38.42 -46.78
CA ASN C 67 10.76 -37.17 -46.35
C ASN C 67 10.52 -36.94 -44.85
N VAL C 68 10.57 -38.01 -44.07
CA VAL C 68 10.33 -37.96 -42.64
C VAL C 68 11.62 -38.28 -41.90
N GLN C 69 12.02 -37.37 -41.01
CA GLN C 69 13.11 -37.61 -40.07
C GLN C 69 12.55 -38.12 -38.76
N LEU C 70 12.93 -39.35 -38.38
CA LEU C 70 12.60 -39.89 -37.08
C LEU C 70 13.56 -39.34 -36.03
N ILE C 71 13.01 -39.00 -34.87
CA ILE C 71 13.89 -38.62 -33.77
C ILE C 71 13.27 -39.06 -32.45
N GLY C 72 14.00 -39.87 -31.69
CA GLY C 72 13.52 -40.31 -30.40
C GLY C 72 13.99 -39.39 -29.29
N LEU C 73 13.49 -39.66 -28.10
CA LEU C 73 13.80 -38.82 -26.94
C LEU C 73 13.53 -39.59 -25.67
N SER C 74 14.49 -39.55 -24.74
CA SER C 74 14.21 -39.94 -23.38
C SER C 74 15.05 -39.06 -22.47
N VAL C 75 14.84 -39.20 -21.17
CA VAL C 75 15.58 -38.39 -20.20
C VAL C 75 16.94 -38.99 -19.86
N ASP C 76 17.30 -40.08 -20.53
CA ASP C 76 18.58 -40.73 -20.34
C ASP C 76 19.71 -39.95 -21.01
N SER C 77 20.93 -40.21 -20.56
CA SER C 77 22.12 -39.61 -21.13
C SER C 77 22.43 -40.21 -22.50
N ASN C 78 23.25 -39.48 -23.27
CA ASN C 78 23.73 -40.02 -24.54
C ASN C 78 24.59 -41.26 -24.34
N PHE C 79 25.26 -41.37 -23.19
CA PHE C 79 26.06 -42.55 -22.96
C PHE C 79 25.20 -43.78 -22.73
N SER C 80 24.12 -43.64 -21.97
CA SER C 80 23.14 -44.72 -21.89
C SER C 80 22.53 -45.02 -23.25
N HIS C 81 22.19 -43.99 -24.02
CA HIS C 81 21.64 -44.18 -25.36
C HIS C 81 22.57 -45.01 -26.23
N ILE C 82 23.85 -44.63 -26.30
CA ILE C 82 24.80 -45.33 -27.14
C ILE C 82 24.94 -46.78 -26.69
N ALA C 83 25.06 -46.99 -25.37
CA ALA C 83 25.13 -48.35 -24.83
C ALA C 83 23.89 -49.15 -25.20
N TRP C 84 22.71 -48.51 -25.15
CA TRP C 84 21.47 -49.21 -25.48
C TRP C 84 21.43 -49.56 -26.96
N VAL C 85 21.88 -48.64 -27.82
CA VAL C 85 21.92 -48.92 -29.25
C VAL C 85 22.88 -50.06 -29.54
N MET C 86 24.04 -50.08 -28.86
CA MET C 86 24.96 -51.20 -28.96
C MET C 86 24.30 -52.50 -28.54
N ASN C 87 23.55 -52.47 -27.44
CA ASN C 87 22.87 -53.67 -26.95
C ASN C 87 21.84 -54.15 -27.97
N ILE C 88 21.06 -53.23 -28.54
CA ILE C 88 20.07 -53.60 -29.53
C ILE C 88 20.73 -54.21 -30.76
N LYS C 89 21.85 -53.65 -31.21
CA LYS C 89 22.54 -54.22 -32.36
C LYS C 89 22.99 -55.65 -32.10
N GLU C 90 23.52 -55.92 -30.90
CA GLU C 90 24.01 -57.26 -30.60
C GLU C 90 22.87 -58.26 -30.41
N LYS C 91 21.78 -57.84 -29.78
CA LYS C 91 20.70 -58.77 -29.46
C LYS C 91 19.70 -58.92 -30.59
N PHE C 92 19.53 -57.90 -31.43
CA PHE C 92 18.50 -57.92 -32.45
C PHE C 92 19.00 -57.73 -33.88
N GLY C 93 20.29 -57.45 -34.07
CA GLY C 93 20.84 -57.35 -35.41
C GLY C 93 20.44 -56.13 -36.18
N ILE C 94 19.95 -55.10 -35.51
CA ILE C 94 19.55 -53.87 -36.18
C ILE C 94 20.27 -52.71 -35.51
N GLU C 95 20.79 -51.81 -36.34
CA GLU C 95 21.48 -50.60 -35.88
C GLU C 95 20.46 -49.47 -35.95
N ILE C 96 20.18 -48.84 -34.80
CA ILE C 96 19.21 -47.74 -34.78
C ILE C 96 19.70 -46.66 -35.74
N PRO C 97 18.93 -46.33 -36.77
CA PRO C 97 19.41 -45.41 -37.81
C PRO C 97 18.98 -43.95 -37.66
N PHE C 98 18.42 -43.58 -36.52
CA PHE C 98 17.92 -42.24 -36.30
C PHE C 98 18.40 -41.73 -34.96
N PRO C 99 18.46 -40.41 -34.79
CA PRO C 99 19.00 -39.86 -33.55
C PRO C 99 18.04 -40.04 -32.39
N ILE C 100 18.62 -40.13 -31.19
CA ILE C 100 17.85 -40.15 -29.95
C ILE C 100 18.29 -38.95 -29.11
N ILE C 101 17.32 -38.13 -28.71
CA ILE C 101 17.65 -36.97 -27.88
C ILE C 101 17.94 -37.43 -26.45
N ALA C 102 18.97 -36.84 -25.85
CA ALA C 102 19.26 -36.99 -24.43
C ALA C 102 18.66 -35.76 -23.74
N ASP C 103 17.47 -35.92 -23.17
CA ASP C 103 16.76 -34.81 -22.54
C ASP C 103 16.99 -34.86 -21.03
N HIS C 104 18.25 -34.61 -20.65
CA HIS C 104 18.68 -34.93 -19.28
C HIS C 104 17.76 -34.27 -18.26
N ASN C 105 17.52 -32.97 -18.40
CA ASN C 105 16.80 -32.18 -17.41
C ASN C 105 15.31 -31.99 -17.75
N MET C 106 14.76 -32.85 -18.62
CA MET C 106 13.34 -32.85 -18.97
C MET C 106 12.87 -31.53 -19.59
N GLU C 107 13.79 -30.69 -20.07
CA GLU C 107 13.35 -29.39 -20.59
C GLU C 107 12.52 -29.55 -21.85
N VAL C 108 12.94 -30.44 -22.77
CA VAL C 108 12.14 -30.66 -23.97
C VAL C 108 10.85 -31.38 -23.61
N ALA C 109 10.93 -32.41 -22.77
CA ALA C 109 9.76 -33.19 -22.40
C ALA C 109 8.66 -32.30 -21.82
N LYS C 110 9.03 -31.34 -20.98
CA LYS C 110 8.03 -30.46 -20.38
C LYS C 110 7.38 -29.56 -21.42
N LYS C 111 8.14 -29.09 -22.41
CA LYS C 111 7.56 -28.29 -23.49
C LYS C 111 6.51 -29.07 -24.26
N TYR C 112 6.62 -30.39 -24.29
CA TYR C 112 5.74 -31.23 -25.10
C TYR C 112 4.73 -31.98 -24.26
N GLY C 113 4.60 -31.65 -22.97
CA GLY C 113 3.65 -32.35 -22.13
C GLY C 113 3.91 -33.83 -22.01
N MET C 114 5.18 -34.23 -22.05
CA MET C 114 5.51 -35.65 -22.04
C MET C 114 5.60 -36.23 -20.64
N ILE C 115 5.60 -35.39 -19.60
CA ILE C 115 5.70 -35.85 -18.22
C ILE C 115 4.31 -35.84 -17.60
N HIS C 116 3.83 -37.03 -17.25
CA HIS C 116 2.54 -37.23 -16.58
C HIS C 116 2.79 -37.84 -15.22
N PRO C 117 2.72 -37.06 -14.14
CA PRO C 117 3.29 -37.50 -12.85
C PRO C 117 2.69 -38.80 -12.31
N ALA C 118 1.40 -39.06 -12.56
CA ALA C 118 0.82 -40.31 -12.11
C ALA C 118 1.38 -41.51 -12.88
N GLN C 119 1.91 -41.27 -14.08
CA GLN C 119 2.64 -42.31 -14.78
C GLN C 119 4.07 -42.39 -14.26
N SER C 120 4.78 -41.27 -14.28
CA SER C 120 6.13 -41.20 -13.75
C SER C 120 6.47 -39.74 -13.55
N THR C 121 7.14 -39.44 -12.43
CA THR C 121 7.69 -38.10 -12.23
C THR C 121 9.08 -37.96 -12.82
N THR C 122 9.66 -39.05 -13.33
CA THR C 122 11.01 -39.02 -13.88
C THR C 122 11.10 -39.41 -15.34
N PHE C 123 10.18 -40.23 -15.85
CA PHE C 123 10.22 -40.74 -17.21
C PHE C 123 9.15 -40.05 -18.04
N THR C 124 9.42 -39.89 -19.34
CA THR C 124 8.35 -39.49 -20.25
C THR C 124 7.37 -40.65 -20.47
N VAL C 125 6.14 -40.30 -20.84
CA VAL C 125 5.22 -41.31 -21.34
C VAL C 125 5.57 -41.60 -22.80
N ARG C 126 4.72 -42.37 -23.49
CA ARG C 126 4.97 -42.69 -24.90
C ARG C 126 4.27 -41.66 -25.79
N ALA C 127 4.87 -40.48 -25.84
CA ALA C 127 4.32 -39.40 -26.65
C ALA C 127 4.90 -39.46 -28.07
N LEU C 128 4.10 -39.07 -29.04
CA LEU C 128 4.59 -39.00 -30.41
C LEU C 128 3.92 -37.81 -31.10
N PHE C 129 4.70 -37.10 -31.90
CA PHE C 129 4.32 -35.84 -32.52
C PHE C 129 4.70 -35.89 -33.98
N VAL C 130 3.74 -35.62 -34.87
CA VAL C 130 4.03 -35.48 -36.29
C VAL C 130 4.13 -34.00 -36.59
N ILE C 131 5.25 -33.59 -37.18
CA ILE C 131 5.56 -32.20 -37.44
C ILE C 131 5.86 -32.08 -38.92
N ASP C 132 5.30 -31.06 -39.57
CA ASP C 132 5.43 -31.03 -41.02
C ASP C 132 6.72 -30.32 -41.45
N ASP C 133 6.87 -30.15 -42.76
CA ASP C 133 8.09 -29.59 -43.31
C ASP C 133 8.24 -28.10 -43.01
N LYS C 134 7.19 -27.46 -42.48
CA LYS C 134 7.31 -26.08 -42.04
C LYS C 134 7.44 -25.96 -40.53
N GLY C 135 7.65 -27.06 -39.82
CA GLY C 135 7.78 -27.01 -38.38
C GLY C 135 6.50 -26.90 -37.61
N ILE C 136 5.35 -27.15 -38.25
CA ILE C 136 4.05 -27.03 -37.59
C ILE C 136 3.67 -28.39 -37.01
N LEU C 137 3.21 -28.40 -35.76
CA LEU C 137 2.68 -29.61 -35.14
C LEU C 137 1.36 -29.99 -35.79
N ARG C 138 1.27 -31.23 -36.28
CA ARG C 138 0.12 -31.66 -37.07
C ARG C 138 -0.76 -32.69 -36.36
N ALA C 139 -0.19 -33.52 -35.49
CA ALA C 139 -0.93 -34.59 -34.84
C ALA C 139 -0.09 -35.10 -33.68
N MET C 140 -0.75 -35.71 -32.70
CA MET C 140 0.01 -36.22 -31.56
C MET C 140 -0.78 -37.34 -30.88
N ILE C 141 -0.06 -38.22 -30.20
CA ILE C 141 -0.64 -39.31 -29.43
C ILE C 141 0.13 -39.44 -28.12
N TYR C 142 -0.58 -39.85 -27.07
CA TYR C 142 0.04 -40.11 -25.77
C TYR C 142 -0.39 -41.50 -25.30
N TYR C 143 0.53 -42.50 -25.45
CA TYR C 143 0.28 -43.83 -24.91
C TYR C 143 0.98 -44.01 -23.57
N PRO C 144 0.47 -44.85 -22.70
CA PRO C 144 1.06 -44.99 -21.36
C PRO C 144 2.26 -45.91 -21.40
N LEU C 145 2.91 -46.02 -20.23
CA LEU C 145 4.15 -46.79 -20.10
C LEU C 145 3.95 -48.26 -20.45
N THR C 146 2.74 -48.79 -20.21
CA THR C 146 2.46 -50.21 -20.46
C THR C 146 2.41 -50.58 -21.94
N THR C 147 2.15 -49.62 -22.83
CA THR C 147 1.50 -49.97 -24.09
C THR C 147 2.27 -49.46 -25.30
N GLY C 148 2.93 -50.39 -26.00
CA GLY C 148 3.66 -50.03 -27.19
C GLY C 148 2.75 -49.50 -28.29
N ARG C 149 3.34 -48.67 -29.14
CA ARG C 149 2.63 -47.97 -30.21
C ARG C 149 2.53 -48.85 -31.46
N ASN C 150 1.76 -48.36 -32.42
CA ASN C 150 1.49 -49.04 -33.69
C ASN C 150 2.28 -48.30 -34.76
N ILE C 151 3.38 -48.89 -35.22
CA ILE C 151 4.26 -48.13 -36.10
C ILE C 151 3.59 -47.92 -37.46
N ARG C 152 2.84 -48.90 -37.94
CA ARG C 152 2.19 -48.73 -39.24
C ARG C 152 1.15 -47.62 -39.21
N GLU C 153 0.50 -47.39 -38.06
CA GLU C 153 -0.43 -46.25 -37.96
C GLU C 153 0.30 -44.92 -38.01
N VAL C 154 1.54 -44.87 -37.49
CA VAL C 154 2.34 -43.67 -37.63
C VAL C 154 2.62 -43.39 -39.10
N ILE C 155 2.96 -44.44 -39.86
CA ILE C 155 3.19 -44.26 -41.29
C ILE C 155 1.92 -43.83 -41.98
N ARG C 156 0.80 -44.45 -41.64
CA ARG C 156 -0.49 -44.10 -42.26
C ARG C 156 -0.84 -42.65 -41.97
N LEU C 157 -0.62 -42.20 -40.73
CA LEU C 157 -0.91 -40.82 -40.35
C LEU C 157 -0.09 -39.84 -41.18
N VAL C 158 1.21 -40.13 -41.35
CA VAL C 158 2.06 -39.29 -42.20
C VAL C 158 1.54 -39.24 -43.63
N ASP C 159 1.22 -40.41 -44.21
CA ASP C 159 0.64 -40.45 -45.54
C ASP C 159 -0.63 -39.61 -45.63
N ALA C 160 -1.51 -39.77 -44.64
CA ALA C 160 -2.77 -39.02 -44.65
C ALA C 160 -2.52 -37.52 -44.59
N LEU C 161 -1.58 -37.09 -43.76
CA LEU C 161 -1.30 -35.67 -43.65
C LEU C 161 -0.65 -35.13 -44.92
N GLN C 162 0.30 -35.89 -45.49
CA GLN C 162 0.95 -35.44 -46.71
C GLN C 162 -0.01 -35.43 -47.89
N THR C 163 -0.90 -36.41 -47.95
CA THR C 163 -1.92 -36.41 -49.02
C THR C 163 -2.88 -35.24 -48.87
N ALA C 164 -3.30 -34.93 -47.64
CA ALA C 164 -4.17 -33.78 -47.42
C ALA C 164 -3.53 -32.50 -47.95
N ASP C 165 -2.26 -32.27 -47.61
CA ASP C 165 -1.56 -31.08 -48.05
C ASP C 165 -1.35 -31.08 -49.57
N ARG C 166 -0.97 -32.22 -50.13
CA ARG C 166 -0.64 -32.28 -51.54
C ARG C 166 -1.87 -32.11 -52.41
N GLU C 167 -2.99 -32.72 -52.01
CA GLU C 167 -4.19 -32.78 -52.83
C GLU C 167 -5.26 -31.79 -52.42
N GLY C 168 -5.10 -31.12 -51.29
CA GLY C 168 -6.19 -30.27 -50.82
C GLY C 168 -7.42 -31.08 -50.48
N VAL C 169 -7.23 -32.21 -49.80
CA VAL C 169 -8.33 -33.10 -49.49
C VAL C 169 -8.28 -33.43 -48.01
N ALA C 170 -9.33 -34.09 -47.53
CA ALA C 170 -9.33 -34.74 -46.24
C ALA C 170 -9.30 -36.25 -46.45
N THR C 171 -8.91 -36.97 -45.40
CA THR C 171 -8.88 -38.41 -45.54
C THR C 171 -9.85 -39.05 -44.56
N PRO C 172 -10.63 -40.03 -45.02
CA PRO C 172 -11.65 -40.62 -44.17
C PRO C 172 -11.06 -41.52 -43.11
N ALA C 173 -11.94 -41.99 -42.22
CA ALA C 173 -11.57 -43.05 -41.30
C ALA C 173 -10.91 -44.20 -42.05
N ASP C 174 -9.83 -44.73 -41.46
CA ASP C 174 -9.18 -45.94 -41.98
C ASP C 174 -8.62 -45.74 -43.39
N TRP C 175 -8.31 -44.49 -43.76
CA TRP C 175 -7.79 -44.23 -45.10
C TRP C 175 -6.37 -44.77 -45.27
N VAL C 176 -6.08 -45.32 -46.44
CA VAL C 176 -4.72 -45.65 -46.88
C VAL C 176 -4.54 -45.20 -48.32
N PRO C 177 -3.30 -44.93 -48.77
CA PRO C 177 -3.11 -44.47 -50.15
C PRO C 177 -3.30 -45.56 -51.20
N GLU C 178 -3.10 -46.83 -50.86
CA GLU C 178 -3.39 -47.89 -51.82
C GLU C 178 -3.86 -49.09 -51.03
N PRO C 179 -4.56 -50.03 -51.66
CA PRO C 179 -5.02 -51.22 -50.93
C PRO C 179 -3.83 -51.93 -50.33
N GLN C 180 -4.03 -52.46 -49.13
CA GLN C 180 -2.92 -53.06 -48.40
C GLN C 180 -3.47 -53.86 -47.24
N THR C 181 -2.59 -54.68 -46.68
CA THR C 181 -2.92 -55.61 -45.62
C THR C 181 -1.88 -55.46 -44.52
N TRP C 182 -2.32 -55.22 -43.28
CA TRP C 182 -1.42 -55.20 -42.14
C TRP C 182 -1.48 -56.56 -41.44
N GLU C 183 -0.42 -57.35 -41.60
CA GLU C 183 -0.34 -58.68 -41.03
C GLU C 183 0.22 -58.59 -39.61
N PHE C 184 -0.47 -59.23 -38.66
CA PHE C 184 0.05 -59.40 -37.31
C PHE C 184 0.18 -60.90 -37.08
N THR C 185 1.38 -61.33 -36.73
CA THR C 185 1.69 -62.74 -36.65
C THR C 185 1.75 -63.18 -35.19
N GLU C 186 2.07 -64.46 -35.02
CA GLU C 186 2.24 -65.04 -33.69
C GLU C 186 3.24 -64.25 -32.86
N GLU C 187 4.28 -63.74 -33.51
CA GLU C 187 5.28 -62.96 -32.80
C GLU C 187 4.68 -61.71 -32.17
N ASN C 188 3.68 -61.13 -32.81
CA ASN C 188 3.04 -59.92 -32.30
C ASN C 188 2.10 -60.18 -31.13
N THR C 189 1.88 -61.43 -30.73
CA THR C 189 0.99 -61.72 -29.62
C THR C 189 1.72 -61.86 -28.28
N LYS C 190 3.04 -61.95 -28.30
CA LYS C 190 3.79 -62.13 -27.06
C LYS C 190 3.71 -60.85 -26.24
N VAL C 191 3.48 -60.99 -24.94
CA VAL C 191 3.48 -59.85 -24.03
C VAL C 191 4.83 -59.75 -23.34
N ILE C 192 5.05 -58.65 -22.64
CA ILE C 192 6.34 -58.33 -22.05
C ILE C 192 6.21 -58.43 -20.54
N VAL C 193 7.15 -59.12 -19.90
CA VAL C 193 7.20 -59.13 -18.44
C VAL C 193 7.74 -57.79 -17.98
N PRO C 194 7.09 -57.09 -17.06
CA PRO C 194 7.61 -55.81 -16.58
C PRO C 194 9.06 -55.96 -16.13
N PRO C 195 9.92 -55.02 -16.50
CA PRO C 195 11.36 -55.24 -16.32
C PRO C 195 11.74 -55.29 -14.85
N PRO C 196 12.83 -55.99 -14.52
CA PRO C 196 13.29 -56.00 -13.13
C PRO C 196 13.69 -54.61 -12.67
N THR C 197 13.53 -54.38 -11.37
CA THR C 197 13.85 -53.07 -10.79
C THR C 197 14.98 -53.11 -9.78
N THR C 198 15.59 -54.28 -9.55
CA THR C 198 16.83 -54.40 -8.80
C THR C 198 17.80 -55.28 -9.58
N TYR C 199 19.09 -55.09 -9.31
CA TYR C 199 20.09 -55.92 -9.98
C TYR C 199 19.89 -57.40 -9.64
N GLU C 200 19.61 -57.70 -8.38
CA GLU C 200 19.35 -59.07 -7.96
C GLU C 200 18.17 -59.67 -8.72
N ASP C 201 17.08 -58.91 -8.85
CA ASP C 201 15.94 -59.41 -9.60
C ASP C 201 16.29 -59.59 -11.07
N ALA C 202 17.18 -58.75 -11.60
CA ALA C 202 17.57 -58.89 -13.00
C ALA C 202 18.35 -60.18 -13.22
N VAL C 203 19.20 -60.55 -12.26
CA VAL C 203 19.91 -61.81 -12.36
C VAL C 203 18.93 -62.98 -12.28
N LYS C 204 17.99 -62.94 -11.32
CA LYS C 204 17.00 -64.00 -11.24
C LYS C 204 16.10 -64.05 -12.47
N ARG C 205 15.78 -62.89 -13.05
CA ARG C 205 14.87 -62.85 -14.19
C ARG C 205 15.39 -63.72 -15.35
N LEU C 206 16.72 -63.70 -15.57
CA LEU C 206 17.26 -64.50 -16.67
C LEU C 206 17.22 -65.98 -16.40
N GLN C 207 16.83 -66.39 -15.19
CA GLN C 207 16.76 -67.80 -14.83
C GLN C 207 15.33 -68.31 -14.68
N GLU C 208 14.34 -67.50 -15.03
CA GLU C 208 12.96 -67.84 -14.74
C GLU C 208 12.27 -68.54 -15.90
N GLY C 209 12.96 -68.72 -17.03
CA GLY C 209 12.40 -69.49 -18.13
C GLY C 209 11.58 -68.72 -19.14
N TYR C 210 11.62 -67.39 -19.11
CA TYR C 210 10.93 -66.62 -20.14
C TYR C 210 11.77 -66.59 -21.42
N GLU C 211 11.20 -66.02 -22.46
CA GLU C 211 11.92 -65.80 -23.71
C GLU C 211 12.62 -64.44 -23.59
N CYS C 212 13.90 -64.46 -23.20
CA CYS C 212 14.64 -63.26 -22.84
C CYS C 212 15.81 -63.05 -23.79
N ALA C 213 15.80 -61.93 -24.51
CA ALA C 213 16.98 -61.51 -25.25
C ALA C 213 18.03 -60.91 -24.31
N ASP C 214 17.57 -60.34 -23.20
CA ASP C 214 18.45 -59.76 -22.17
C ASP C 214 17.63 -59.63 -20.89
N TRP C 215 18.29 -59.20 -19.80
CA TRP C 215 17.63 -59.18 -18.49
C TRP C 215 16.37 -58.32 -18.49
N TYR C 216 16.35 -57.28 -19.31
CA TYR C 216 15.27 -56.32 -19.24
C TYR C 216 14.14 -56.60 -20.22
N ILE C 217 14.30 -57.56 -21.13
CA ILE C 217 13.33 -57.80 -22.19
C ILE C 217 13.05 -59.30 -22.23
N CYS C 218 12.01 -59.73 -21.51
CA CYS C 218 11.56 -61.11 -21.45
C CYS C 218 10.10 -61.17 -21.90
N LYS C 219 9.79 -62.14 -22.76
CA LYS C 219 8.45 -62.25 -23.32
C LYS C 219 7.81 -63.57 -22.92
N LYS C 220 6.49 -63.58 -22.98
CA LYS C 220 5.73 -64.81 -22.80
C LYS C 220 4.43 -64.67 -23.57
N LYS C 221 3.67 -65.76 -23.61
CA LYS C 221 2.34 -65.64 -24.15
C LYS C 221 1.32 -65.75 -23.03
N VAL C 222 0.14 -65.23 -23.28
CA VAL C 222 -0.95 -65.29 -22.32
C VAL C 222 -1.72 -66.59 -22.42
N ALA C 223 -2.06 -67.14 -21.24
CA ALA C 223 -2.98 -68.26 -21.02
C ALA C 223 -3.23 -69.16 -22.23
N SER D 5 -5.42 -27.05 -21.25
CA SER D 5 -4.36 -27.81 -20.59
C SER D 5 -4.43 -29.28 -20.98
N LEU D 6 -3.33 -30.00 -20.75
CA LEU D 6 -3.24 -31.40 -21.17
C LEU D 6 -3.86 -32.30 -20.10
N PRO D 7 -4.94 -33.02 -20.41
CA PRO D 7 -5.43 -34.02 -19.45
C PRO D 7 -4.30 -34.98 -19.09
N ARG D 8 -4.33 -35.45 -17.85
CA ARG D 8 -3.18 -36.16 -17.30
C ARG D 8 -3.41 -37.67 -17.34
N LEU D 9 -2.50 -38.39 -17.99
CA LEU D 9 -2.54 -39.86 -17.97
C LEU D 9 -2.31 -40.38 -16.57
N GLY D 10 -3.09 -41.40 -16.20
CA GLY D 10 -2.96 -41.99 -14.88
C GLY D 10 -3.77 -41.31 -13.81
N GLU D 11 -4.51 -40.26 -14.14
CA GLU D 11 -5.33 -39.52 -13.20
C GLU D 11 -6.78 -39.65 -13.59
N PRO D 12 -7.72 -39.45 -12.66
CA PRO D 12 -9.14 -39.46 -13.02
C PRO D 12 -9.38 -38.56 -14.22
N ALA D 13 -10.19 -39.06 -15.15
CA ALA D 13 -10.57 -38.26 -16.31
C ALA D 13 -11.43 -37.08 -15.84
N PRO D 14 -11.25 -35.90 -16.44
CA PRO D 14 -12.02 -34.72 -15.99
C PRO D 14 -13.51 -35.01 -15.95
N ALA D 15 -14.11 -34.74 -14.80
CA ALA D 15 -15.52 -35.03 -14.60
C ALA D 15 -16.39 -33.95 -15.24
N PHE D 16 -17.58 -34.36 -15.67
CA PHE D 16 -18.51 -33.41 -16.27
C PHE D 16 -19.89 -34.02 -16.29
N GLU D 17 -20.88 -33.15 -16.46
CA GLU D 17 -22.25 -33.51 -16.75
C GLU D 17 -22.61 -32.88 -18.09
N ALA D 18 -23.34 -33.61 -18.94
CA ALA D 18 -23.62 -33.08 -20.25
C ALA D 18 -24.91 -33.70 -20.79
N GLN D 19 -25.50 -33.01 -21.76
CA GLN D 19 -26.62 -33.53 -22.55
C GLN D 19 -26.09 -34.35 -23.72
N THR D 20 -26.78 -35.46 -24.02
CA THR D 20 -26.40 -36.31 -25.14
C THR D 20 -27.63 -36.77 -25.90
N THR D 21 -27.39 -37.39 -27.05
CA THR D 21 -28.48 -37.94 -27.86
C THR D 21 -29.21 -39.09 -27.16
N PHE D 22 -28.66 -39.61 -26.05
CA PHE D 22 -29.30 -40.64 -25.26
C PHE D 22 -29.86 -40.10 -23.95
N GLY D 23 -29.76 -38.79 -23.72
CA GLY D 23 -30.15 -38.22 -22.45
C GLY D 23 -28.95 -37.72 -21.68
N PRO D 24 -29.16 -37.18 -20.48
CA PRO D 24 -28.06 -36.61 -19.71
C PRO D 24 -27.07 -37.68 -19.24
N VAL D 25 -25.81 -37.29 -19.13
CA VAL D 25 -24.74 -38.19 -18.68
C VAL D 25 -24.00 -37.50 -17.55
N LYS D 26 -23.59 -38.28 -16.55
CA LYS D 26 -22.67 -37.80 -15.53
C LYS D 26 -21.40 -38.63 -15.62
N PHE D 27 -20.31 -37.99 -15.95
CA PHE D 27 -19.04 -38.68 -16.11
C PHE D 27 -18.25 -38.42 -14.83
N PRO D 28 -17.65 -39.43 -14.19
CA PRO D 28 -17.66 -40.86 -14.51
C PRO D 28 -18.70 -41.68 -13.76
N ASP D 29 -19.58 -41.04 -12.99
CA ASP D 29 -20.50 -41.79 -12.13
C ASP D 29 -21.29 -42.83 -12.91
N ASP D 30 -21.76 -42.47 -14.09
CA ASP D 30 -22.61 -43.36 -14.86
C ASP D 30 -21.86 -44.54 -15.50
N PHE D 31 -20.54 -44.45 -15.61
CA PHE D 31 -19.77 -45.47 -16.32
C PHE D 31 -18.82 -46.25 -15.42
N LYS D 32 -19.02 -46.19 -14.11
CA LYS D 32 -18.20 -46.99 -13.21
C LYS D 32 -18.36 -48.47 -13.55
N GLY D 33 -17.24 -49.18 -13.62
CA GLY D 33 -17.25 -50.57 -14.03
C GLY D 33 -17.17 -50.80 -15.52
N GLN D 34 -17.21 -49.75 -16.32
CA GLN D 34 -17.05 -49.84 -17.76
C GLN D 34 -15.85 -49.03 -18.23
N TRP D 35 -15.19 -49.55 -19.26
CA TRP D 35 -14.25 -48.74 -20.02
C TRP D 35 -15.00 -47.74 -20.89
N VAL D 36 -14.36 -46.62 -21.16
CA VAL D 36 -14.98 -45.55 -21.93
C VAL D 36 -14.00 -45.11 -23.01
N VAL D 37 -14.47 -45.03 -24.24
CA VAL D 37 -13.75 -44.34 -25.29
C VAL D 37 -14.54 -43.07 -25.56
N LEU D 38 -14.03 -41.95 -25.07
CA LEU D 38 -14.60 -40.63 -25.31
C LEU D 38 -13.85 -40.03 -26.49
N PHE D 39 -14.58 -39.62 -27.52
CA PHE D 39 -13.92 -39.00 -28.66
C PHE D 39 -14.74 -37.81 -29.11
N SER D 40 -14.08 -36.89 -29.79
CA SER D 40 -14.73 -35.67 -30.26
C SER D 40 -14.63 -35.60 -31.77
N HIS D 41 -15.53 -34.81 -32.36
CA HIS D 41 -15.49 -34.58 -33.79
C HIS D 41 -15.85 -33.13 -34.00
N PRO D 42 -15.25 -32.46 -34.98
CA PRO D 42 -15.46 -31.01 -35.11
C PRO D 42 -16.92 -30.61 -35.35
N ALA D 43 -17.62 -31.28 -36.26
CA ALA D 43 -18.93 -30.78 -36.65
C ALA D 43 -19.82 -31.87 -37.24
N ASP D 44 -21.06 -31.93 -36.76
CA ASP D 44 -22.09 -32.68 -37.47
C ASP D 44 -22.15 -32.22 -38.91
N PHE D 45 -22.56 -33.15 -39.79
CA PHE D 45 -22.72 -32.90 -41.22
C PHE D 45 -21.40 -32.51 -41.88
N THR D 46 -20.31 -33.16 -41.45
CA THR D 46 -19.05 -33.02 -42.16
C THR D 46 -18.50 -34.40 -42.44
N PRO D 47 -17.72 -34.55 -43.52
CA PRO D 47 -17.54 -35.90 -44.13
C PRO D 47 -16.59 -36.85 -43.41
N VAL D 48 -15.42 -36.38 -42.99
CA VAL D 48 -14.49 -37.26 -42.30
C VAL D 48 -15.22 -37.83 -41.09
N THR D 50 -18.37 -38.18 -40.51
CA THR D 50 -19.34 -39.18 -40.92
C THR D 50 -18.68 -40.55 -41.14
N THR D 51 -17.56 -40.58 -41.87
CA THR D 51 -16.91 -41.88 -42.08
C THR D 51 -16.45 -42.49 -40.76
N GLU D 52 -16.03 -41.66 -39.81
CA GLU D 52 -15.61 -42.17 -38.51
C GLU D 52 -16.79 -42.71 -37.71
N PHE D 53 -17.92 -41.98 -37.69
CA PHE D 53 -19.08 -42.47 -36.96
C PHE D 53 -19.59 -43.79 -37.55
N VAL D 54 -19.59 -43.90 -38.87
CA VAL D 54 -20.01 -45.15 -39.49
C VAL D 54 -19.06 -46.28 -39.09
N ALA D 55 -17.76 -46.00 -39.07
CA ALA D 55 -16.80 -47.05 -38.72
C ALA D 55 -16.93 -47.48 -37.26
N PHE D 56 -17.10 -46.50 -36.35
CA PHE D 56 -17.35 -46.83 -34.96
C PHE D 56 -18.65 -47.61 -34.80
N ALA D 57 -19.71 -47.15 -35.48
CA ALA D 57 -20.98 -47.85 -35.39
C ALA D 57 -20.86 -49.30 -35.88
N LYS D 58 -20.18 -49.51 -37.01
CA LYS D 58 -20.00 -50.87 -37.52
C LYS D 58 -19.21 -51.75 -36.54
N ASN D 59 -18.35 -51.14 -35.73
CA ASN D 59 -17.54 -51.86 -34.75
C ASN D 59 -18.15 -51.83 -33.36
N TYR D 60 -19.43 -51.46 -33.25
CA TYR D 60 -20.01 -51.27 -31.92
C TYR D 60 -19.95 -52.55 -31.09
N GLU D 61 -20.23 -53.71 -31.70
CA GLU D 61 -20.19 -54.95 -30.93
C GLU D 61 -18.77 -55.29 -30.48
N GLU D 62 -17.76 -54.90 -31.27
CA GLU D 62 -16.38 -55.10 -30.84
C GLU D 62 -16.09 -54.33 -29.56
N PHE D 63 -16.63 -53.11 -29.44
CA PHE D 63 -16.40 -52.35 -28.21
C PHE D 63 -17.23 -52.92 -27.06
N LYS D 64 -18.48 -53.28 -27.34
CA LYS D 64 -19.37 -53.83 -26.33
C LYS D 64 -18.83 -55.12 -25.72
N LYS D 65 -18.28 -56.02 -26.54
CA LYS D 65 -17.75 -57.26 -25.96
C LYS D 65 -16.49 -57.02 -25.13
N ARG D 66 -15.85 -55.86 -25.29
CA ARG D 66 -14.72 -55.46 -24.46
C ARG D 66 -15.11 -54.58 -23.29
N ASN D 67 -16.40 -54.50 -22.96
CA ASN D 67 -16.90 -53.69 -21.86
C ASN D 67 -16.53 -52.22 -22.07
N VAL D 68 -16.62 -51.77 -23.32
CA VAL D 68 -16.27 -50.41 -23.69
C VAL D 68 -17.54 -49.68 -24.07
N GLN D 69 -17.78 -48.55 -23.41
CA GLN D 69 -18.84 -47.63 -23.79
C GLN D 69 -18.24 -46.53 -24.65
N LEU D 70 -18.68 -46.46 -25.90
CA LEU D 70 -18.31 -45.37 -26.78
C LEU D 70 -19.16 -44.15 -26.49
N ILE D 71 -18.53 -42.98 -26.51
CA ILE D 71 -19.31 -41.75 -26.40
C ILE D 71 -18.64 -40.67 -27.23
N GLY D 72 -19.41 -40.08 -28.16
CA GLY D 72 -18.89 -39.03 -29.00
C GLY D 72 -19.18 -37.67 -28.41
N LEU D 73 -18.66 -36.65 -29.06
CA LEU D 73 -18.83 -35.30 -28.56
C LEU D 73 -18.56 -34.30 -29.68
N SER D 74 -19.45 -33.32 -29.81
CA SER D 74 -19.11 -32.14 -30.58
C SER D 74 -19.78 -30.97 -29.92
N VAL D 75 -19.47 -29.77 -30.42
CA VAL D 75 -20.07 -28.56 -29.87
C VAL D 75 -21.44 -28.27 -30.47
N ASP D 76 -21.93 -29.17 -31.33
CA ASP D 76 -23.25 -29.01 -31.94
C ASP D 76 -24.34 -29.35 -30.94
N SER D 77 -25.56 -28.84 -31.20
CA SER D 77 -26.70 -29.15 -30.35
C SER D 77 -27.16 -30.60 -30.55
N ASN D 78 -27.96 -31.08 -29.59
CA ASN D 78 -28.58 -32.39 -29.72
C ASN D 78 -29.54 -32.47 -30.91
N PHE D 79 -30.14 -31.34 -31.31
CA PHE D 79 -31.05 -31.37 -32.44
C PHE D 79 -30.29 -31.57 -33.73
N SER D 80 -29.15 -30.89 -33.88
CA SER D 80 -28.26 -31.17 -34.99
C SER D 80 -27.74 -32.61 -34.94
N HIS D 81 -27.40 -33.10 -33.74
CA HIS D 81 -26.94 -34.48 -33.59
C HIS D 81 -27.98 -35.45 -34.12
N ILE D 82 -29.23 -35.30 -33.66
CA ILE D 82 -30.28 -36.22 -34.07
C ILE D 82 -30.50 -36.14 -35.58
N ALA D 83 -30.53 -34.91 -36.12
CA ALA D 83 -30.70 -34.75 -37.56
C ALA D 83 -29.59 -35.47 -38.33
N TRP D 84 -28.37 -35.36 -37.83
CA TRP D 84 -27.23 -36.00 -38.47
C TRP D 84 -27.33 -37.51 -38.37
N VAL D 85 -27.74 -38.04 -37.21
CA VAL D 85 -27.92 -39.48 -37.07
C VAL D 85 -29.00 -39.98 -38.02
N MET D 86 -30.10 -39.23 -38.11
CA MET D 86 -31.15 -39.59 -39.07
C MET D 86 -30.60 -39.64 -40.48
N ASN D 87 -29.78 -38.65 -40.84
CA ASN D 87 -29.18 -38.56 -42.16
C ASN D 87 -28.25 -39.73 -42.43
N ILE D 88 -27.42 -40.09 -41.44
CA ILE D 88 -26.51 -41.23 -41.60
C ILE D 88 -27.29 -42.52 -41.80
N LYS D 89 -28.38 -42.69 -41.04
CA LYS D 89 -29.21 -43.88 -41.22
C LYS D 89 -29.78 -43.96 -42.64
N GLU D 90 -30.23 -42.83 -43.20
CA GLU D 90 -30.82 -42.85 -44.54
C GLU D 90 -29.77 -43.08 -45.62
N LYS D 91 -28.59 -42.47 -45.49
CA LYS D 91 -27.62 -42.52 -46.57
C LYS D 91 -26.71 -43.74 -46.46
N PHE D 92 -26.50 -44.27 -45.25
CA PHE D 92 -25.55 -45.35 -45.05
C PHE D 92 -26.13 -46.60 -44.42
N GLY D 93 -27.39 -46.57 -43.99
CA GLY D 93 -28.02 -47.77 -43.48
C GLY D 93 -27.57 -48.24 -42.13
N ILE D 94 -26.94 -47.38 -41.35
CA ILE D 94 -26.49 -47.75 -40.01
C ILE D 94 -27.02 -46.70 -39.03
N GLU D 95 -27.54 -47.18 -37.90
CA GLU D 95 -28.07 -46.34 -36.83
C GLU D 95 -26.97 -46.19 -35.77
N ILE D 96 -26.56 -44.96 -35.50
CA ILE D 96 -25.49 -44.73 -34.51
C ILE D 96 -25.94 -45.32 -33.19
N PRO D 97 -25.22 -46.29 -32.63
CA PRO D 97 -25.68 -47.00 -31.42
C PRO D 97 -25.10 -46.47 -30.12
N PHE D 98 -24.43 -45.33 -30.13
CA PHE D 98 -23.80 -44.79 -28.94
C PHE D 98 -24.15 -43.32 -28.81
N PRO D 99 -24.08 -42.77 -27.60
CA PRO D 99 -24.51 -41.38 -27.39
C PRO D 99 -23.50 -40.39 -27.95
N ILE D 100 -24.01 -39.23 -28.34
CA ILE D 100 -23.17 -38.12 -28.76
C ILE D 100 -23.44 -36.95 -27.82
N ILE D 101 -22.39 -36.43 -27.21
CA ILE D 101 -22.54 -35.30 -26.31
C ILE D 101 -22.73 -34.02 -27.12
N ALA D 102 -23.67 -33.19 -26.67
CA ALA D 102 -23.86 -31.85 -27.21
C ALA D 102 -23.16 -30.90 -26.25
N ASP D 103 -21.93 -30.51 -26.59
CA ASP D 103 -21.09 -29.70 -25.72
C ASP D 103 -21.19 -28.24 -26.17
N HIS D 104 -22.39 -27.68 -26.02
CA HIS D 104 -22.72 -26.41 -26.68
C HIS D 104 -21.69 -25.32 -26.38
N ASN D 105 -21.36 -25.13 -25.10
CA ASN D 105 -20.52 -24.03 -24.65
C ASN D 105 -19.06 -24.45 -24.47
N MET D 106 -18.65 -25.55 -25.09
CA MET D 106 -17.26 -26.03 -25.11
C MET D 106 -16.69 -26.32 -23.72
N GLU D 107 -17.54 -26.49 -22.71
CA GLU D 107 -17.02 -26.69 -21.36
C GLU D 107 -16.31 -28.03 -21.22
N VAL D 108 -16.90 -29.11 -21.76
CA VAL D 108 -16.22 -30.40 -21.70
C VAL D 108 -14.97 -30.39 -22.59
N ALA D 109 -15.10 -29.82 -23.79
CA ALA D 109 -13.98 -29.78 -24.73
C ALA D 109 -12.77 -29.09 -24.11
N LYS D 110 -12.99 -28.00 -23.38
CA LYS D 110 -11.87 -27.31 -22.78
C LYS D 110 -11.25 -28.14 -21.65
N LYS D 111 -12.08 -28.87 -20.89
CA LYS D 111 -11.52 -29.74 -19.87
C LYS D 111 -10.60 -30.81 -20.45
N TYR D 112 -10.82 -31.18 -21.71
CA TYR D 112 -10.08 -32.25 -22.36
C TYR D 112 -9.06 -31.74 -23.37
N GLY D 113 -8.80 -30.44 -23.38
CA GLY D 113 -7.83 -29.91 -24.32
C GLY D 113 -8.21 -30.14 -25.77
N MET D 114 -9.51 -30.19 -26.06
CA MET D 114 -9.97 -30.51 -27.40
C MET D 114 -10.02 -29.29 -28.33
N ILE D 115 -9.86 -28.08 -27.81
CA ILE D 115 -9.89 -26.87 -28.63
C ILE D 115 -8.47 -26.42 -28.90
N HIS D 116 -8.09 -26.44 -30.17
CA HIS D 116 -6.78 -25.98 -30.63
C HIS D 116 -6.97 -24.82 -31.60
N PRO D 117 -6.74 -23.59 -31.17
CA PRO D 117 -7.24 -22.42 -31.93
C PRO D 117 -6.73 -22.32 -33.36
N ALA D 118 -5.50 -22.75 -33.63
CA ALA D 118 -5.01 -22.72 -35.01
C ALA D 118 -5.73 -23.70 -35.90
N GLN D 119 -6.33 -24.74 -35.32
CA GLN D 119 -7.21 -25.62 -36.07
C GLN D 119 -8.60 -24.99 -36.17
N SER D 120 -9.19 -24.63 -35.04
CA SER D 120 -10.48 -23.98 -35.01
C SER D 120 -10.69 -23.36 -33.63
N THR D 121 -11.25 -22.16 -33.60
CA THR D 121 -11.65 -21.57 -32.33
C THR D 121 -13.06 -21.98 -31.91
N THR D 122 -13.79 -22.69 -32.77
CA THR D 122 -15.18 -23.06 -32.51
C THR D 122 -15.44 -24.55 -32.50
N PHE D 123 -14.62 -25.37 -33.19
CA PHE D 123 -14.82 -26.81 -33.31
C PHE D 123 -13.75 -27.52 -32.50
N THR D 124 -14.08 -28.69 -31.96
CA THR D 124 -13.02 -29.54 -31.39
C THR D 124 -12.19 -30.16 -32.50
N VAL D 125 -10.96 -30.56 -32.15
CA VAL D 125 -10.18 -31.43 -33.04
C VAL D 125 -10.66 -32.88 -32.91
N ARG D 126 -9.92 -33.81 -33.52
CA ARG D 126 -10.25 -35.24 -33.46
C ARG D 126 -9.54 -35.87 -32.26
N ALA D 127 -10.05 -35.56 -31.09
CA ALA D 127 -9.47 -36.07 -29.86
C ALA D 127 -10.14 -37.36 -29.47
N LEU D 128 -9.37 -38.26 -28.86
CA LEU D 128 -9.92 -39.52 -28.37
C LEU D 128 -9.19 -39.93 -27.10
N PHE D 129 -9.94 -40.43 -26.13
CA PHE D 129 -9.46 -40.72 -24.79
C PHE D 129 -9.94 -42.11 -24.40
N VAL D 130 -9.03 -42.97 -23.97
CA VAL D 130 -9.41 -44.25 -23.41
C VAL D 130 -9.41 -44.11 -21.91
N ILE D 131 -10.52 -44.45 -21.29
CA ILE D 131 -10.71 -44.28 -19.85
C ILE D 131 -11.09 -45.64 -19.28
N ASP D 132 -10.46 -46.03 -18.17
CA ASP D 132 -10.67 -47.40 -17.71
C ASP D 132 -11.90 -47.48 -16.82
N ASP D 133 -12.13 -48.66 -16.25
CA ASP D 133 -13.32 -48.93 -15.45
C ASP D 133 -13.31 -48.23 -14.10
N LYS D 134 -12.19 -47.64 -13.70
CA LYS D 134 -12.15 -46.82 -12.50
C LYS D 134 -12.16 -45.34 -12.82
N GLY D 135 -12.44 -44.97 -14.07
CA GLY D 135 -12.49 -43.59 -14.47
C GLY D 135 -11.14 -42.95 -14.70
N ILE D 136 -10.09 -43.74 -14.78
CA ILE D 136 -8.73 -43.22 -14.93
C ILE D 136 -8.44 -43.07 -16.42
N LEU D 137 -7.89 -41.93 -16.79
CA LEU D 137 -7.46 -41.69 -18.16
C LEU D 137 -6.22 -42.52 -18.48
N ARG D 138 -6.30 -43.31 -19.54
CA ARG D 138 -5.25 -44.28 -19.81
C ARG D 138 -4.41 -43.98 -21.05
N ALA D 139 -4.98 -43.32 -22.04
CA ALA D 139 -4.30 -43.06 -23.31
C ALA D 139 -5.10 -41.99 -24.03
N MET D 140 -4.44 -41.26 -24.91
CA MET D 140 -5.14 -40.22 -25.67
C MET D 140 -4.45 -40.00 -27.00
N ILE D 141 -5.24 -39.53 -27.95
CA ILE D 141 -4.82 -39.25 -29.31
C ILE D 141 -5.44 -37.91 -29.70
N TYR D 142 -4.71 -37.09 -30.46
CA TYR D 142 -5.24 -35.83 -31.01
C TYR D 142 -4.89 -35.77 -32.49
N TYR D 143 -5.90 -36.04 -33.36
CA TYR D 143 -5.73 -35.92 -34.81
C TYR D 143 -6.34 -34.62 -35.30
N PRO D 144 -5.85 -34.07 -36.41
CA PRO D 144 -6.34 -32.77 -36.90
C PRO D 144 -7.62 -32.94 -37.73
N LEU D 145 -8.17 -31.79 -38.13
CA LEU D 145 -9.43 -31.76 -38.85
C LEU D 145 -9.36 -32.50 -40.18
N THR D 146 -8.19 -32.54 -40.81
CA THR D 146 -8.06 -33.17 -42.12
C THR D 146 -8.16 -34.70 -42.08
N THR D 147 -7.90 -35.34 -40.94
CA THR D 147 -7.36 -36.71 -40.95
C THR D 147 -8.20 -37.66 -40.11
N GLY D 148 -8.95 -38.55 -40.76
CA GLY D 148 -9.73 -39.52 -40.03
C GLY D 148 -8.85 -40.48 -39.24
N ARG D 149 -9.41 -40.99 -38.15
CA ARG D 149 -8.73 -41.86 -37.21
C ARG D 149 -8.75 -43.30 -37.70
N ASN D 150 -8.00 -44.16 -36.99
CA ASN D 150 -7.89 -45.60 -37.30
C ASN D 150 -8.68 -46.35 -36.24
N ILE D 151 -9.85 -46.86 -36.62
CA ILE D 151 -10.76 -47.44 -35.63
C ILE D 151 -10.19 -48.74 -35.07
N ARG D 152 -9.54 -49.54 -35.93
CA ARG D 152 -8.98 -50.79 -35.42
C ARG D 152 -7.85 -50.55 -34.43
N GLU D 153 -7.12 -49.44 -34.58
CA GLU D 153 -6.09 -49.12 -33.60
C GLU D 153 -6.70 -48.74 -32.27
N VAL D 154 -7.88 -48.12 -32.27
CA VAL D 154 -8.56 -47.85 -31.00
C VAL D 154 -8.90 -49.16 -30.31
N ILE D 155 -9.40 -50.14 -31.07
CA ILE D 155 -9.73 -51.43 -30.50
C ILE D 155 -8.47 -52.10 -29.98
N ARG D 156 -7.38 -52.02 -30.74
CA ARG D 156 -6.12 -52.65 -30.32
C ARG D 156 -5.62 -52.04 -29.03
N LEU D 157 -5.71 -50.72 -28.93
CA LEU D 157 -5.28 -49.99 -27.74
C LEU D 157 -6.03 -50.46 -26.50
N VAL D 158 -7.36 -50.58 -26.62
CA VAL D 158 -8.19 -51.09 -25.53
C VAL D 158 -7.75 -52.50 -25.15
N ASP D 159 -7.59 -53.39 -26.14
CA ASP D 159 -7.13 -54.74 -25.84
C ASP D 159 -5.81 -54.72 -25.07
N ALA D 160 -4.86 -53.92 -25.56
CA ALA D 160 -3.54 -53.85 -24.94
C ALA D 160 -3.62 -53.33 -23.50
N LEU D 161 -4.45 -52.30 -23.27
CA LEU D 161 -4.60 -51.76 -21.93
C LEU D 161 -5.28 -52.75 -21.01
N GLN D 162 -6.32 -53.41 -21.50
CA GLN D 162 -7.03 -54.39 -20.68
C GLN D 162 -6.16 -55.60 -20.39
N THR D 163 -5.36 -56.04 -21.38
CA THR D 163 -4.45 -57.15 -21.16
C THR D 163 -3.38 -56.79 -20.13
N ALA D 164 -2.84 -55.58 -20.22
CA ALA D 164 -1.86 -55.13 -19.25
C ALA D 164 -2.42 -55.22 -17.84
N ASP D 165 -3.65 -54.73 -17.65
CA ASP D 165 -4.29 -54.76 -16.34
C ASP D 165 -4.58 -56.19 -15.89
N ARG D 166 -5.16 -57.01 -16.77
CA ARG D 166 -5.58 -58.34 -16.36
C ARG D 166 -4.37 -59.24 -16.07
N GLU D 167 -3.32 -59.13 -16.89
CA GLU D 167 -2.19 -60.04 -16.81
C GLU D 167 -0.99 -59.47 -16.08
N GLY D 168 -0.98 -58.18 -15.76
CA GLY D 168 0.21 -57.60 -15.13
C GLY D 168 1.41 -57.63 -16.05
N VAL D 169 1.20 -57.26 -17.31
CA VAL D 169 2.23 -57.30 -18.34
C VAL D 169 2.24 -55.96 -19.05
N ALA D 170 3.24 -55.78 -19.90
CA ALA D 170 3.25 -54.71 -20.88
C ALA D 170 3.07 -55.32 -22.26
N THR D 171 2.70 -54.47 -23.23
CA THR D 171 2.53 -55.00 -24.58
C THR D 171 3.52 -54.33 -25.53
N PRO D 172 4.14 -55.10 -26.42
CA PRO D 172 5.17 -54.55 -27.29
C PRO D 172 4.58 -53.70 -28.40
N ALA D 173 5.49 -53.06 -29.15
CA ALA D 173 5.10 -52.41 -30.39
C ALA D 173 4.29 -53.39 -31.23
N ASP D 174 3.21 -52.90 -31.84
CA ASP D 174 2.43 -53.69 -32.82
C ASP D 174 1.80 -54.93 -32.20
N TRP D 175 1.57 -54.92 -30.89
CA TRP D 175 1.00 -56.09 -30.23
C TRP D 175 -0.47 -56.27 -30.59
N VAL D 176 -0.87 -57.54 -30.77
CA VAL D 176 -2.28 -57.90 -30.87
C VAL D 176 -2.50 -59.12 -29.99
N PRO D 177 -3.74 -59.35 -29.54
CA PRO D 177 -3.98 -60.51 -28.67
C PRO D 177 -3.93 -61.84 -29.43
N GLU D 178 -4.24 -61.86 -30.72
CA GLU D 178 -4.13 -63.09 -31.48
C GLU D 178 -3.76 -62.72 -32.90
N PRO D 179 -3.18 -63.66 -33.66
CA PRO D 179 -2.79 -63.34 -35.04
C PRO D 179 -4.00 -62.86 -35.82
N GLN D 180 -3.76 -61.85 -36.66
CA GLN D 180 -4.89 -61.23 -37.35
C GLN D 180 -4.35 -60.37 -38.47
N THR D 181 -5.27 -60.00 -39.35
CA THR D 181 -4.94 -59.25 -40.55
C THR D 181 -5.91 -58.10 -40.67
N TRP D 182 -5.39 -56.87 -40.78
CA TRP D 182 -6.23 -55.69 -41.03
C TRP D 182 -6.19 -55.39 -42.53
N GLU D 183 -7.29 -55.67 -43.22
CA GLU D 183 -7.38 -55.45 -44.65
C GLU D 183 -7.89 -54.04 -44.93
N PHE D 184 -7.21 -53.34 -45.83
CA PHE D 184 -7.65 -52.04 -46.34
C PHE D 184 -7.90 -52.20 -47.83
N THR D 185 -9.11 -51.86 -48.26
CA THR D 185 -9.52 -52.13 -49.62
C THR D 185 -9.48 -50.86 -50.48
N GLU D 186 -9.84 -51.03 -51.75
CA GLU D 186 -9.95 -49.90 -52.66
C GLU D 186 -10.85 -48.82 -52.08
N GLU D 187 -11.89 -49.22 -51.35
CA GLU D 187 -12.78 -48.27 -50.72
C GLU D 187 -12.05 -47.37 -49.75
N ASN D 188 -11.02 -47.91 -49.09
CA ASN D 188 -10.25 -47.16 -48.11
C ASN D 188 -9.27 -46.17 -48.72
N THR D 189 -9.12 -46.16 -50.04
CA THR D 189 -8.20 -45.22 -50.69
C THR D 189 -8.90 -43.94 -51.14
N LYS D 190 -10.23 -43.90 -51.11
CA LYS D 190 -10.93 -42.71 -51.57
C LYS D 190 -10.71 -41.56 -50.59
N VAL D 191 -10.40 -40.38 -51.12
CA VAL D 191 -10.24 -39.20 -50.29
C VAL D 191 -11.53 -38.38 -50.31
N ILE D 192 -11.59 -37.38 -49.45
CA ILE D 192 -12.79 -36.61 -49.22
C ILE D 192 -12.58 -35.20 -49.76
N VAL D 193 -13.54 -34.72 -50.56
CA VAL D 193 -13.50 -33.32 -50.97
C VAL D 193 -13.90 -32.46 -49.77
N PRO D 194 -13.13 -31.43 -49.41
CA PRO D 194 -13.51 -30.60 -48.26
C PRO D 194 -14.91 -30.06 -48.45
N PRO D 195 -15.74 -30.10 -47.40
CA PRO D 195 -17.16 -29.85 -47.59
C PRO D 195 -17.42 -28.40 -47.98
N PRO D 196 -18.50 -28.15 -48.70
CA PRO D 196 -18.84 -26.76 -49.04
C PRO D 196 -19.11 -25.94 -47.79
N THR D 197 -18.84 -24.65 -47.89
CA THR D 197 -19.02 -23.74 -46.77
C THR D 197 -20.07 -22.67 -47.04
N THR D 198 -20.73 -22.70 -48.21
CA THR D 198 -21.89 -21.88 -48.46
C THR D 198 -22.99 -22.77 -49.02
N TYR D 199 -24.24 -22.34 -48.85
CA TYR D 199 -25.35 -23.11 -49.38
C TYR D 199 -25.26 -23.22 -50.89
N GLU D 200 -24.91 -22.10 -51.55
CA GLU D 200 -24.78 -22.11 -53.00
C GLU D 200 -23.73 -23.13 -53.45
N ASP D 201 -22.58 -23.14 -52.78
CA ASP D 201 -21.56 -24.12 -53.13
C ASP D 201 -22.03 -25.54 -52.88
N ALA D 202 -22.86 -25.74 -51.84
CA ALA D 202 -23.34 -27.08 -51.54
C ALA D 202 -24.28 -27.59 -52.64
N VAL D 203 -25.13 -26.70 -53.16
CA VAL D 203 -25.98 -27.08 -54.29
C VAL D 203 -25.14 -27.43 -55.49
N LYS D 204 -24.13 -26.60 -55.79
CA LYS D 204 -23.24 -26.88 -56.91
C LYS D 204 -22.43 -28.15 -56.68
N ARG D 205 -22.03 -28.39 -55.43
CA ARG D 205 -21.21 -29.56 -55.12
C ARG D 205 -21.90 -30.84 -55.58
N LEU D 206 -23.23 -30.92 -55.42
CA LEU D 206 -23.94 -32.12 -55.83
C LEU D 206 -24.04 -32.27 -57.34
N GLN D 207 -23.58 -31.28 -58.10
CA GLN D 207 -23.63 -31.34 -59.56
C GLN D 207 -22.25 -31.47 -60.19
N GLU D 208 -21.21 -31.68 -59.38
CA GLU D 208 -19.85 -31.63 -59.89
C GLU D 208 -19.30 -32.99 -60.30
N GLY D 209 -20.05 -34.07 -60.11
CA GLY D 209 -19.62 -35.37 -60.59
C GLY D 209 -18.79 -36.20 -59.63
N TYR D 210 -18.69 -35.78 -58.37
CA TYR D 210 -18.01 -36.61 -57.39
C TYR D 210 -18.91 -37.76 -56.97
N GLU D 211 -18.37 -38.66 -56.17
CA GLU D 211 -19.16 -39.73 -55.55
C GLU D 211 -19.71 -39.16 -54.24
N CYS D 212 -20.97 -38.69 -54.27
CA CYS D 212 -21.55 -37.95 -53.15
C CYS D 212 -22.74 -38.72 -52.58
N ALA D 213 -22.65 -39.06 -51.30
CA ALA D 213 -23.83 -39.54 -50.60
C ALA D 213 -24.76 -38.40 -50.22
N ASP D 214 -24.21 -37.21 -50.01
CA ASP D 214 -24.96 -36.00 -49.70
C ASP D 214 -24.05 -34.81 -50.00
N TRP D 215 -24.60 -33.60 -49.87
CA TRP D 215 -23.86 -32.39 -50.24
C TRP D 215 -22.55 -32.28 -49.49
N TYR D 216 -22.51 -32.79 -48.27
CA TYR D 216 -21.34 -32.58 -47.41
C TYR D 216 -20.32 -33.71 -47.50
N ILE D 217 -20.61 -34.81 -48.16
CA ILE D 217 -19.71 -35.97 -48.17
C ILE D 217 -19.58 -36.45 -49.62
N CYS D 218 -18.54 -35.95 -50.30
CA CYS D 218 -18.21 -36.33 -51.67
C CYS D 218 -16.80 -36.91 -51.68
N LYS D 219 -16.62 -38.03 -52.39
CA LYS D 219 -15.33 -38.70 -52.44
C LYS D 219 -14.79 -38.74 -53.87
N LYS D 220 -13.48 -38.90 -53.96
CA LYS D 220 -12.79 -39.14 -55.22
C LYS D 220 -11.56 -39.96 -54.91
N LYS D 221 -10.86 -40.37 -55.96
CA LYS D 221 -9.58 -41.02 -55.77
C LYS D 221 -8.46 -40.10 -56.25
N VAL D 222 -7.27 -40.30 -55.70
CA VAL D 222 -6.12 -39.54 -56.14
C VAL D 222 -5.23 -40.40 -57.02
N SER E 5 -24.63 24.59 3.78
CA SER E 5 -25.66 23.84 3.06
C SER E 5 -26.99 24.59 3.12
N LEU E 6 -27.91 24.23 2.24
CA LEU E 6 -29.26 24.78 2.29
C LEU E 6 -30.08 24.02 3.33
N PRO E 7 -30.57 24.67 4.38
CA PRO E 7 -31.49 23.98 5.29
C PRO E 7 -32.66 23.41 4.50
N ARG E 8 -33.16 22.27 4.96
CA ARG E 8 -34.09 21.50 4.15
C ARG E 8 -35.52 21.69 4.64
N LEU E 9 -36.39 22.14 3.74
CA LEU E 9 -37.81 22.29 4.05
C LEU E 9 -38.43 20.95 4.37
N GLY E 10 -39.28 20.92 5.39
CA GLY E 10 -39.96 19.70 5.77
C GLY E 10 -39.16 18.79 6.68
N GLU E 11 -37.96 19.20 7.08
CA GLU E 11 -37.11 18.51 8.02
C GLU E 11 -36.98 19.32 9.30
N PRO E 12 -36.70 18.68 10.43
CA PRO E 12 -36.48 19.44 11.66
C PRO E 12 -35.47 20.56 11.44
N ALA E 13 -35.78 21.74 11.98
CA ALA E 13 -34.84 22.83 11.89
C ALA E 13 -33.56 22.46 12.65
N PRO E 14 -32.39 22.79 12.11
CA PRO E 14 -31.14 22.44 12.79
C PRO E 14 -31.14 22.87 14.25
N ALA E 15 -30.84 21.92 15.13
CA ALA E 15 -30.88 22.17 16.56
C ALA E 15 -29.62 22.90 16.99
N PHE E 16 -29.75 23.69 18.05
CA PHE E 16 -28.61 24.39 18.59
C PHE E 16 -28.94 24.87 19.99
N GLU E 17 -27.89 25.21 20.73
CA GLU E 17 -27.99 25.92 21.99
C GLU E 17 -27.24 27.22 21.81
N ALA E 18 -27.80 28.30 22.32
CA ALA E 18 -27.20 29.59 22.06
C ALA E 18 -27.46 30.53 23.22
N GLN E 19 -26.62 31.54 23.30
CA GLN E 19 -26.82 32.65 24.22
C GLN E 19 -27.70 33.71 23.55
N THR E 20 -28.60 34.34 24.33
CA THR E 20 -29.46 35.40 23.82
C THR E 20 -29.65 36.51 24.85
N THR E 21 -30.27 37.61 24.40
CA THR E 21 -30.59 38.74 25.27
C THR E 21 -31.61 38.39 26.35
N PHE E 22 -32.29 37.24 26.24
CA PHE E 22 -33.25 36.79 27.24
C PHE E 22 -32.71 35.65 28.07
N GLY E 23 -31.47 35.24 27.86
CA GLY E 23 -30.90 34.08 28.50
C GLY E 23 -30.66 32.97 27.50
N PRO E 24 -30.15 31.84 27.96
CA PRO E 24 -29.81 30.74 27.04
C PRO E 24 -31.05 30.08 26.46
N VAL E 25 -30.92 29.59 25.22
CA VAL E 25 -32.01 28.90 24.54
C VAL E 25 -31.50 27.56 24.04
N LYS E 26 -32.34 26.54 24.12
CA LYS E 26 -32.10 25.24 23.51
C LYS E 26 -33.13 25.12 22.40
N PHE E 27 -32.66 25.14 21.17
CA PHE E 27 -33.50 25.24 20.00
C PHE E 27 -33.58 23.90 19.28
N PRO E 28 -34.78 23.46 18.86
CA PRO E 28 -36.08 24.11 19.04
C PRO E 28 -36.83 23.57 20.26
N ASP E 29 -36.13 22.78 21.09
CA ASP E 29 -36.75 22.10 22.22
C ASP E 29 -37.55 23.06 23.11
N ASP E 30 -37.00 24.26 23.36
CA ASP E 30 -37.67 25.22 24.22
C ASP E 30 -38.95 25.78 23.60
N PHE E 31 -39.12 25.63 22.28
CA PHE E 31 -40.25 26.22 21.57
C PHE E 31 -41.24 25.20 21.04
N LYS E 32 -41.19 23.97 21.53
CA LYS E 32 -42.20 23.00 21.11
C LYS E 32 -43.58 23.48 21.51
N GLY E 33 -44.53 23.37 20.56
CA GLY E 33 -45.86 23.90 20.75
C GLY E 33 -46.02 25.34 20.32
N GLN E 34 -44.94 26.01 19.93
CA GLN E 34 -44.98 27.36 19.40
C GLN E 34 -44.40 27.36 18.00
N TRP E 35 -44.96 28.20 17.13
CA TRP E 35 -44.26 28.51 15.89
C TRP E 35 -43.11 29.47 16.18
N VAL E 36 -42.10 29.42 15.33
CA VAL E 36 -40.90 30.22 15.51
C VAL E 36 -40.57 30.92 14.20
N VAL E 37 -40.34 32.23 14.28
CA VAL E 37 -39.73 32.96 13.18
C VAL E 37 -38.32 33.32 13.63
N LEU E 38 -37.36 32.57 13.12
CA LEU E 38 -35.95 32.81 13.39
C LEU E 38 -35.42 33.66 12.25
N PHE E 39 -34.84 34.81 12.56
CA PHE E 39 -34.28 35.61 11.49
C PHE E 39 -32.93 36.14 11.94
N SER E 40 -32.10 36.47 10.97
CA SER E 40 -30.76 36.98 11.24
C SER E 40 -30.61 38.37 10.66
N HIS E 41 -29.63 39.10 11.21
CA HIS E 41 -29.30 40.41 10.70
C HIS E 41 -27.79 40.54 10.74
N PRO E 42 -27.20 41.23 9.76
CA PRO E 42 -25.74 41.27 9.68
C PRO E 42 -25.06 41.87 10.92
N ALA E 43 -25.53 43.01 11.41
CA ALA E 43 -24.75 43.68 12.46
C ALA E 43 -25.63 44.60 13.30
N ASP E 44 -25.46 44.50 14.61
CA ASP E 44 -25.99 45.53 15.51
C ASP E 44 -25.49 46.90 15.07
N PHE E 45 -26.31 47.92 15.32
CA PHE E 45 -25.95 49.31 15.00
C PHE E 45 -25.76 49.51 13.50
N THR E 46 -26.60 48.85 12.70
CA THR E 46 -26.68 49.16 11.29
C THR E 46 -28.13 49.46 10.91
N PRO E 47 -28.34 50.27 9.90
CA PRO E 47 -29.66 50.95 9.76
C PRO E 47 -30.81 50.10 9.24
N VAL E 48 -30.59 49.31 8.18
CA VAL E 48 -31.70 48.48 7.68
C VAL E 48 -32.17 47.60 8.83
N THR E 50 -32.03 47.99 12.06
CA THR E 50 -32.80 48.74 13.02
C THR E 50 -34.25 48.94 12.55
N THR E 51 -34.45 49.33 11.29
CA THR E 51 -35.82 49.50 10.81
C THR E 51 -36.58 48.18 10.85
N GLU E 52 -35.90 47.07 10.58
CA GLU E 52 -36.56 45.77 10.66
C GLU E 52 -36.91 45.41 12.10
N PHE E 53 -35.99 45.64 13.04
CA PHE E 53 -36.29 45.31 14.44
C PHE E 53 -37.46 46.12 14.97
N VAL E 54 -37.52 47.41 14.63
CA VAL E 54 -38.65 48.23 15.07
C VAL E 54 -39.94 47.69 14.46
N ALA E 55 -39.90 47.30 13.18
CA ALA E 55 -41.12 46.81 12.55
C ALA E 55 -41.57 45.50 13.19
N PHE E 56 -40.63 44.59 13.46
CA PHE E 56 -40.98 43.35 14.15
C PHE E 56 -41.53 43.65 15.54
N ALA E 57 -40.86 44.54 16.27
CA ALA E 57 -41.32 44.89 17.61
C ALA E 57 -42.72 45.50 17.58
N LYS E 58 -42.96 46.43 16.65
CA LYS E 58 -44.30 47.02 16.54
C LYS E 58 -45.34 45.96 16.21
N ASN E 59 -44.92 44.90 15.51
CA ASN E 59 -45.82 43.82 15.13
C ASN E 59 -45.76 42.66 16.10
N TYR E 60 -45.19 42.89 17.29
CA TYR E 60 -44.98 41.79 18.24
C TYR E 60 -46.29 41.13 18.63
N GLU E 61 -47.34 41.92 18.87
CA GLU E 61 -48.62 41.33 19.25
C GLU E 61 -49.24 40.54 18.10
N GLU E 62 -49.01 40.95 16.85
CA GLU E 62 -49.50 40.18 15.72
C GLU E 62 -48.92 38.78 15.70
N PHE E 63 -47.63 38.65 16.04
CA PHE E 63 -47.01 37.34 16.08
C PHE E 63 -47.44 36.55 17.31
N LYS E 64 -47.53 37.22 18.46
CA LYS E 64 -47.91 36.53 19.70
C LYS E 64 -49.29 35.90 19.59
N LYS E 65 -50.27 36.62 19.01
CA LYS E 65 -51.60 36.05 18.91
C LYS E 65 -51.65 34.89 17.92
N ARG E 66 -50.66 34.77 17.04
CA ARG E 66 -50.55 33.64 16.14
C ARG E 66 -49.65 32.55 16.69
N ASN E 67 -49.30 32.60 17.98
CA ASN E 67 -48.46 31.59 18.62
C ASN E 67 -47.09 31.51 17.94
N VAL E 68 -46.53 32.66 17.60
CA VAL E 68 -45.22 32.75 16.96
C VAL E 68 -44.25 33.40 17.93
N GLN E 69 -43.14 32.72 18.18
CA GLN E 69 -42.03 33.30 18.91
C GLN E 69 -41.03 33.88 17.91
N LEU E 70 -40.83 35.19 17.97
CA LEU E 70 -39.79 35.82 17.18
C LEU E 70 -38.45 35.61 17.88
N ILE E 71 -37.42 35.34 17.10
CA ILE E 71 -36.08 35.27 17.65
C ILE E 71 -35.11 35.79 16.61
N GLY E 72 -34.33 36.82 16.97
CA GLY E 72 -33.34 37.37 16.05
C GLY E 72 -31.98 36.73 16.28
N LEU E 73 -31.03 37.08 15.42
CA LEU E 73 -29.71 36.50 15.50
C LEU E 73 -28.72 37.36 14.75
N SER E 74 -27.58 37.64 15.37
CA SER E 74 -26.45 38.14 14.62
C SER E 74 -25.20 37.58 15.26
N VAL E 75 -24.06 37.83 14.62
CA VAL E 75 -22.80 37.35 15.17
C VAL E 75 -22.25 38.26 16.25
N ASP E 76 -22.99 39.31 16.62
CA ASP E 76 -22.56 40.21 17.68
C ASP E 76 -22.73 39.56 19.05
N SER E 77 -22.00 40.09 20.04
CA SER E 77 -22.13 39.64 21.43
C SER E 77 -23.44 40.13 22.03
N ASN E 78 -23.85 39.49 23.14
CA ASN E 78 -25.02 39.99 23.86
C ASN E 78 -24.81 41.38 24.40
N PHE E 79 -23.56 41.76 24.67
CA PHE E 79 -23.32 43.09 25.21
C PHE E 79 -23.61 44.16 24.17
N SER E 80 -23.13 43.95 22.94
CA SER E 80 -23.57 44.78 21.82
C SER E 80 -25.08 44.74 21.66
N HIS E 81 -25.68 43.55 21.72
CA HIS E 81 -27.13 43.42 21.56
C HIS E 81 -27.86 44.31 22.57
N ILE E 82 -27.49 44.22 23.84
CA ILE E 82 -28.16 44.99 24.88
C ILE E 82 -27.98 46.47 24.65
N ALA E 83 -26.76 46.90 24.32
CA ALA E 83 -26.50 48.31 24.01
C ALA E 83 -27.36 48.76 22.84
N TRP E 84 -27.50 47.91 21.83
CA TRP E 84 -28.30 48.26 20.65
C TRP E 84 -29.77 48.35 21.02
N VAL E 85 -30.25 47.43 21.85
CA VAL E 85 -31.63 47.48 22.31
C VAL E 85 -31.88 48.75 23.12
N MET E 86 -30.92 49.11 23.99
CA MET E 86 -31.02 50.38 24.71
C MET E 86 -31.08 51.56 23.74
N ASN E 87 -30.23 51.55 22.71
CA ASN E 87 -30.18 52.66 21.75
C ASN E 87 -31.50 52.82 21.01
N ILE E 88 -32.06 51.70 20.52
CA ILE E 88 -33.32 51.76 19.80
C ILE E 88 -34.41 52.29 20.71
N LYS E 89 -34.41 51.85 21.98
CA LYS E 89 -35.40 52.35 22.93
C LYS E 89 -35.32 53.88 23.09
N GLU E 90 -34.11 54.42 23.19
CA GLU E 90 -33.94 55.87 23.36
C GLU E 90 -34.28 56.63 22.08
N LYS E 91 -33.90 56.08 20.92
CA LYS E 91 -34.09 56.83 19.68
C LYS E 91 -35.46 56.61 19.07
N PHE E 92 -36.09 55.47 19.33
CA PHE E 92 -37.34 55.15 18.65
C PHE E 92 -38.51 54.85 19.58
N GLY E 93 -38.27 54.80 20.90
CA GLY E 93 -39.36 54.60 21.83
C GLY E 93 -39.96 53.22 21.85
N ILE E 94 -39.26 52.22 21.33
CA ILE E 94 -39.77 50.87 21.36
C ILE E 94 -38.73 49.97 22.01
N GLU E 95 -39.19 49.10 22.90
CA GLU E 95 -38.36 48.14 23.60
C GLU E 95 -38.46 46.80 22.87
N ILE E 96 -37.34 46.30 22.35
CA ILE E 96 -37.36 45.04 21.60
C ILE E 96 -37.92 43.97 22.53
N PRO E 97 -39.04 43.33 22.18
CA PRO E 97 -39.69 42.37 23.09
C PRO E 97 -39.38 40.90 22.80
N PHE E 98 -38.40 40.61 21.96
CA PHE E 98 -38.07 39.24 21.61
C PHE E 98 -36.57 39.05 21.75
N PRO E 99 -36.12 37.81 21.92
CA PRO E 99 -34.70 37.58 22.16
C PRO E 99 -33.88 37.71 20.88
N ILE E 100 -32.61 38.09 21.07
CA ILE E 100 -31.64 38.13 19.97
C ILE E 100 -30.49 37.19 20.34
N ILE E 101 -30.19 36.26 19.45
CA ILE E 101 -29.10 35.31 19.66
C ILE E 101 -27.78 36.02 19.42
N ALA E 102 -26.82 35.78 20.31
CA ALA E 102 -25.43 36.19 20.09
C ALA E 102 -24.71 34.96 19.56
N ASP E 103 -24.56 34.90 18.24
CA ASP E 103 -23.95 33.75 17.58
C ASP E 103 -22.48 34.07 17.28
N HIS E 104 -21.72 34.18 18.38
CA HIS E 104 -20.38 34.75 18.30
C HIS E 104 -19.53 34.07 17.23
N ASN E 105 -19.49 32.73 17.26
CA ASN E 105 -18.60 31.95 16.42
C ASN E 105 -19.28 31.45 15.14
N MET E 106 -20.40 32.06 14.75
CA MET E 106 -21.11 31.74 13.50
C MET E 106 -21.55 30.27 13.44
N GLU E 107 -21.58 29.57 14.57
CA GLU E 107 -21.94 28.15 14.52
C GLU E 107 -23.40 27.95 14.12
N VAL E 108 -24.32 28.75 14.69
CA VAL E 108 -25.70 28.63 14.28
C VAL E 108 -25.88 29.15 12.85
N ALA E 109 -25.25 30.28 12.52
CA ALA E 109 -25.37 30.84 11.17
C ALA E 109 -24.98 29.83 10.10
N LYS E 110 -23.91 29.07 10.33
CA LYS E 110 -23.50 28.11 9.31
C LYS E 110 -24.50 26.97 9.18
N LYS E 111 -25.11 26.54 10.28
CA LYS E 111 -26.14 25.51 10.20
C LYS E 111 -27.31 25.94 9.34
N TYR E 112 -27.56 27.24 9.22
CA TYR E 112 -28.71 27.75 8.50
C TYR E 112 -28.35 28.38 7.16
N GLY E 113 -27.11 28.21 6.72
CA GLY E 113 -26.70 28.81 5.45
C GLY E 113 -26.78 30.33 5.44
N MET E 114 -26.57 30.96 6.58
CA MET E 114 -26.75 32.40 6.66
C MET E 114 -25.52 33.18 6.24
N ILE E 115 -24.38 32.50 6.05
CA ILE E 115 -23.14 33.15 5.65
C ILE E 115 -22.92 32.95 4.16
N HIS E 116 -22.94 34.05 3.43
CA HIS E 116 -22.69 34.05 1.98
C HIS E 116 -21.48 34.91 1.71
N PRO E 117 -20.32 34.30 1.42
CA PRO E 117 -19.05 35.03 1.49
C PRO E 117 -18.95 36.25 0.59
N ALA E 118 -19.60 36.23 -0.59
CA ALA E 118 -19.56 37.42 -1.44
C ALA E 118 -20.37 38.58 -0.86
N GLN E 119 -21.33 38.29 0.00
CA GLN E 119 -22.00 39.34 0.75
C GLN E 119 -21.15 39.76 1.94
N SER E 120 -20.76 38.80 2.77
CA SER E 120 -19.90 39.04 3.91
C SER E 120 -19.34 37.71 4.40
N THR E 121 -18.06 37.69 4.75
CA THR E 121 -17.47 36.54 5.42
C THR E 121 -17.61 36.62 6.93
N THR E 122 -18.12 37.72 7.47
CA THR E 122 -18.23 37.91 8.91
C THR E 122 -19.65 38.11 9.42
N PHE E 123 -20.56 38.62 8.57
CA PHE E 123 -21.94 38.93 8.91
C PHE E 123 -22.87 37.92 8.25
N THR E 124 -24.00 37.65 8.91
CA THR E 124 -25.06 36.91 8.23
C THR E 124 -25.74 37.80 7.19
N VAL E 125 -26.36 37.18 6.20
CA VAL E 125 -27.26 37.91 5.33
C VAL E 125 -28.60 38.05 6.05
N ARG E 126 -29.62 38.55 5.36
CA ARG E 126 -30.95 38.72 5.95
C ARG E 126 -31.78 37.46 5.71
N ALA E 127 -31.45 36.43 6.46
CA ALA E 127 -32.14 35.15 6.33
C ALA E 127 -33.32 35.10 7.31
N LEU E 128 -34.37 34.40 6.91
CA LEU E 128 -35.51 34.24 7.79
C LEU E 128 -36.11 32.86 7.56
N PHE E 129 -36.49 32.22 8.66
CA PHE E 129 -36.94 30.83 8.68
C PHE E 129 -38.23 30.78 9.47
N VAL E 130 -39.27 30.22 8.87
CA VAL E 130 -40.52 29.95 9.58
C VAL E 130 -40.49 28.49 10.00
N ILE E 131 -40.64 28.24 11.30
CA ILE E 131 -40.53 26.91 11.88
C ILE E 131 -41.82 26.63 12.64
N ASP E 132 -42.38 25.43 12.44
CA ASP E 132 -43.69 25.19 13.02
C ASP E 132 -43.58 24.70 14.46
N ASP E 133 -44.72 24.42 15.06
CA ASP E 133 -44.80 24.03 16.47
C ASP E 133 -44.22 22.65 16.73
N LYS E 134 -43.88 21.91 15.67
CA LYS E 134 -43.19 20.62 15.78
C LYS E 134 -41.70 20.75 15.53
N GLY E 135 -41.19 21.97 15.38
CA GLY E 135 -39.79 22.18 15.09
C GLY E 135 -39.39 21.96 13.64
N ILE E 136 -40.36 21.87 12.73
CA ILE E 136 -40.08 21.58 11.32
C ILE E 136 -39.90 22.89 10.57
N LEU E 137 -38.84 22.97 9.77
CA LEU E 137 -38.63 24.13 8.91
C LEU E 137 -39.68 24.14 7.79
N ARG E 138 -40.40 25.25 7.66
CA ARG E 138 -41.54 25.31 6.75
C ARG E 138 -41.31 26.21 5.54
N ALA E 139 -40.48 27.24 5.68
CA ALA E 139 -40.28 28.22 4.63
C ALA E 139 -39.06 29.03 4.97
N MET E 140 -38.43 29.62 3.95
CA MET E 140 -37.27 30.43 4.24
C MET E 140 -37.08 31.47 3.16
N ILE E 141 -36.40 32.54 3.56
CA ILE E 141 -36.11 33.71 2.75
C ILE E 141 -34.66 34.09 2.97
N TYR E 142 -33.98 34.53 1.91
CA TYR E 142 -32.62 35.07 2.03
C TYR E 142 -32.57 36.39 1.27
N TYR E 143 -32.64 37.49 2.01
CA TYR E 143 -32.47 38.80 1.38
C TYR E 143 -31.05 39.30 1.61
N PRO E 144 -30.53 40.15 0.72
CA PRO E 144 -29.13 40.61 0.85
C PRO E 144 -29.02 41.78 1.83
N LEU E 145 -27.76 42.19 2.06
CA LEU E 145 -27.46 43.22 3.05
C LEU E 145 -28.15 44.55 2.72
N THR E 146 -28.35 44.84 1.44
CA THR E 146 -28.93 46.12 1.05
C THR E 146 -30.40 46.26 1.38
N THR E 147 -31.13 45.16 1.55
CA THR E 147 -32.56 45.15 1.25
C THR E 147 -33.41 44.68 2.43
N GLY E 148 -34.10 45.62 3.07
CA GLY E 148 -34.96 45.29 4.19
C GLY E 148 -36.12 44.40 3.78
N ARG E 149 -36.58 43.60 4.74
CA ARG E 149 -37.62 42.62 4.50
C ARG E 149 -39.00 43.25 4.62
N ASN E 150 -40.03 42.47 4.26
CA ASN E 150 -41.44 42.88 4.30
C ASN E 150 -42.08 42.14 5.47
N ILE E 151 -42.30 42.86 6.58
CA ILE E 151 -42.76 42.18 7.78
C ILE E 151 -44.19 41.67 7.60
N ARG E 152 -45.02 42.40 6.85
CA ARG E 152 -46.38 41.91 6.63
C ARG E 152 -46.40 40.64 5.81
N GLU E 153 -45.43 40.44 4.90
CA GLU E 153 -45.36 39.17 4.19
C GLU E 153 -44.96 38.02 5.12
N VAL E 154 -44.14 38.30 6.13
CA VAL E 154 -43.83 37.26 7.12
C VAL E 154 -45.09 36.84 7.86
N ILE E 155 -45.91 37.81 8.25
CA ILE E 155 -47.18 37.49 8.92
C ILE E 155 -48.10 36.73 7.99
N ARG E 156 -48.20 37.15 6.72
CA ARG E 156 -49.05 36.45 5.77
C ARG E 156 -48.60 35.01 5.57
N LEU E 157 -47.28 34.82 5.47
CA LEU E 157 -46.69 33.49 5.32
C LEU E 157 -47.04 32.59 6.49
N VAL E 158 -46.92 33.11 7.72
CA VAL E 158 -47.32 32.35 8.90
C VAL E 158 -48.80 31.98 8.81
N ASP E 159 -49.66 32.96 8.52
CA ASP E 159 -51.08 32.68 8.36
C ASP E 159 -51.34 31.61 7.31
N ALA E 160 -50.66 31.71 6.17
CA ALA E 160 -50.87 30.74 5.10
C ALA E 160 -50.45 29.34 5.56
N LEU E 161 -49.31 29.24 6.25
CA LEU E 161 -48.86 27.95 6.70
C LEU E 161 -49.76 27.40 7.81
N GLN E 162 -50.20 28.26 8.73
CA GLN E 162 -51.09 27.79 9.79
C GLN E 162 -52.45 27.40 9.22
N THR E 163 -52.96 28.17 8.26
CA THR E 163 -54.24 27.81 7.65
C THR E 163 -54.11 26.50 6.87
N ALA E 164 -53.01 26.33 6.12
CA ALA E 164 -52.80 25.09 5.38
C ALA E 164 -52.81 23.88 6.33
N ASP E 165 -52.08 23.98 7.44
CA ASP E 165 -52.05 22.89 8.41
C ASP E 165 -53.41 22.68 9.06
N ARG E 166 -54.07 23.77 9.46
CA ARG E 166 -55.32 23.66 10.20
C ARG E 166 -56.44 23.11 9.33
N GLU E 167 -56.54 23.57 8.08
CA GLU E 167 -57.68 23.26 7.25
C GLU E 167 -57.41 22.17 6.23
N GLY E 168 -56.16 21.71 6.11
CA GLY E 168 -55.85 20.74 5.08
C GLY E 168 -56.02 21.30 3.69
N VAL E 169 -55.55 22.54 3.48
CA VAL E 169 -55.72 23.22 2.21
C VAL E 169 -54.38 23.75 1.75
N ALA E 170 -54.35 24.27 0.54
CA ALA E 170 -53.26 25.09 0.03
C ALA E 170 -53.75 26.52 -0.09
N THR E 171 -52.82 27.46 -0.19
CA THR E 171 -53.22 28.85 -0.32
C THR E 171 -52.69 29.40 -1.64
N PRO E 172 -53.49 30.11 -2.40
CA PRO E 172 -53.06 30.57 -3.72
C PRO E 172 -52.09 31.74 -3.61
N ALA E 173 -51.56 32.12 -4.76
CA ALA E 173 -50.81 33.36 -4.88
C ALA E 173 -51.60 34.51 -4.24
N ASP E 174 -50.90 35.35 -3.48
CA ASP E 174 -51.46 36.57 -2.91
C ASP E 174 -52.58 36.29 -1.91
N TRP E 175 -52.59 35.11 -1.31
CA TRP E 175 -53.64 34.75 -0.38
C TRP E 175 -53.54 35.53 0.93
N VAL E 176 -54.69 35.93 1.46
CA VAL E 176 -54.81 36.48 2.82
C VAL E 176 -56.02 35.84 3.49
N PRO E 177 -56.03 35.79 4.82
CA PRO E 177 -57.18 35.16 5.51
C PRO E 177 -58.47 35.98 5.46
N GLU E 178 -58.40 37.30 5.37
CA GLU E 178 -59.58 38.13 5.19
C GLU E 178 -59.16 39.33 4.37
N PRO E 179 -60.11 39.99 3.69
CA PRO E 179 -59.74 41.16 2.89
C PRO E 179 -59.04 42.19 3.75
N GLN E 180 -58.06 42.85 3.15
CA GLN E 180 -57.23 43.77 3.90
C GLN E 180 -56.42 44.58 2.90
N THR E 181 -55.83 45.64 3.40
CA THR E 181 -55.09 46.58 2.60
C THR E 181 -53.76 46.88 3.30
N TRP E 182 -52.66 46.71 2.58
CA TRP E 182 -51.34 47.07 3.09
C TRP E 182 -50.96 48.45 2.58
N GLU E 183 -50.98 49.46 3.45
CA GLU E 183 -50.66 50.81 3.04
C GLU E 183 -49.18 51.11 3.21
N PHE E 184 -48.58 51.68 2.18
CA PHE E 184 -47.21 52.15 2.24
C PHE E 184 -47.23 53.65 2.02
N THR E 185 -46.67 54.39 2.97
CA THR E 185 -46.76 55.84 2.98
C THR E 185 -45.44 56.46 2.52
N GLU E 186 -45.44 57.80 2.50
CA GLU E 186 -44.22 58.54 2.17
C GLU E 186 -43.06 58.12 3.05
N GLU E 187 -43.34 57.82 4.32
CA GLU E 187 -42.31 57.35 5.23
C GLU E 187 -41.65 56.08 4.71
N ASN E 188 -42.42 55.22 4.05
CA ASN E 188 -41.86 53.99 3.52
C ASN E 188 -41.04 54.20 2.25
N THR E 189 -40.97 55.43 1.73
CA THR E 189 -40.18 55.69 0.53
C THR E 189 -38.77 56.16 0.83
N LYS E 190 -38.46 56.53 2.07
CA LYS E 190 -37.13 57.02 2.38
C LYS E 190 -36.13 55.88 2.27
N VAL E 191 -35.00 56.15 1.63
CA VAL E 191 -33.93 55.17 1.54
C VAL E 191 -32.92 55.47 2.63
N ILE E 192 -31.98 54.54 2.82
CA ILE E 192 -31.03 54.58 3.92
C ILE E 192 -29.66 54.85 3.34
N VAL E 193 -28.96 55.80 3.92
CA VAL E 193 -27.56 56.06 3.54
C VAL E 193 -26.71 54.94 4.12
N PRO E 194 -25.88 54.27 3.33
CA PRO E 194 -25.03 53.19 3.87
C PRO E 194 -24.24 53.69 5.07
N PRO E 195 -24.17 52.91 6.15
CA PRO E 195 -23.66 53.43 7.41
C PRO E 195 -22.19 53.77 7.33
N PRO E 196 -21.70 54.71 8.15
CA PRO E 196 -20.28 55.03 8.13
C PRO E 196 -19.47 53.83 8.58
N THR E 197 -18.25 53.74 8.04
CA THR E 197 -17.37 52.61 8.38
C THR E 197 -16.11 53.05 9.11
N THR E 198 -15.95 54.35 9.40
CA THR E 198 -14.94 54.83 10.32
C THR E 198 -15.58 55.77 11.34
N TYR E 199 -14.93 55.88 12.51
CA TYR E 199 -15.47 56.79 13.52
C TYR E 199 -15.49 58.21 13.00
N GLU E 200 -14.42 58.63 12.32
CA GLU E 200 -14.38 59.97 11.75
C GLU E 200 -15.54 60.17 10.77
N ASP E 201 -15.81 59.18 9.93
CA ASP E 201 -16.95 59.31 9.03
C ASP E 201 -18.27 59.34 9.80
N ALA E 202 -18.34 58.62 10.92
CA ALA E 202 -19.57 58.62 11.72
C ALA E 202 -19.83 59.99 12.34
N VAL E 203 -18.78 60.67 12.81
CA VAL E 203 -18.96 62.03 13.32
C VAL E 203 -19.41 62.97 12.21
N LYS E 204 -18.75 62.90 11.06
CA LYS E 204 -19.09 63.76 9.93
C LYS E 204 -20.49 63.45 9.41
N ARG E 205 -20.89 62.18 9.48
CA ARG E 205 -22.20 61.80 8.95
C ARG E 205 -23.33 62.58 9.63
N LEU E 206 -23.20 62.83 10.93
CA LEU E 206 -24.21 63.56 11.70
C LEU E 206 -24.24 65.04 11.35
N GLN E 207 -23.31 65.52 10.54
CA GLN E 207 -23.24 66.92 10.16
C GLN E 207 -23.61 67.16 8.70
N GLU E 208 -24.08 66.13 8.00
CA GLU E 208 -24.29 66.19 6.56
C GLU E 208 -25.72 66.55 6.16
N GLY E 209 -26.61 66.76 7.12
CA GLY E 209 -27.95 67.23 6.80
C GLY E 209 -28.97 66.16 6.46
N TYR E 210 -28.65 64.87 6.66
CA TYR E 210 -29.65 63.84 6.46
C TYR E 210 -30.60 63.78 7.64
N GLU E 211 -31.63 62.97 7.52
CA GLU E 211 -32.56 62.70 8.61
C GLU E 211 -31.97 61.54 9.42
N CYS E 212 -31.27 61.88 10.51
CA CYS E 212 -30.47 60.91 11.27
C CYS E 212 -31.00 60.79 12.70
N ALA E 213 -31.47 59.60 13.07
CA ALA E 213 -31.75 59.32 14.47
C ALA E 213 -30.47 59.07 15.25
N ASP E 214 -29.45 58.56 14.58
CA ASP E 214 -28.13 58.34 15.17
C ASP E 214 -27.14 58.23 14.02
N TRP E 215 -25.85 58.12 14.37
CA TRP E 215 -24.80 58.15 13.36
C TRP E 215 -24.96 57.05 12.33
N TYR E 216 -25.54 55.93 12.72
CA TYR E 216 -25.59 54.78 11.85
C TYR E 216 -26.87 54.68 11.05
N ILE E 217 -27.87 55.52 11.31
CA ILE E 217 -29.16 55.40 10.66
C ILE E 217 -29.58 56.80 10.19
N CYS E 218 -29.27 57.11 8.93
CA CYS E 218 -29.62 58.36 8.28
C CYS E 218 -30.44 58.05 7.03
N LYS E 219 -31.53 58.79 6.84
CA LYS E 219 -32.43 58.54 5.72
C LYS E 219 -32.48 59.75 4.79
N LYS E 220 -32.88 59.50 3.55
CA LYS E 220 -33.16 60.57 2.60
C LYS E 220 -34.19 60.06 1.61
N LYS E 221 -34.62 60.94 0.72
CA LYS E 221 -35.50 60.55 -0.38
C LYS E 221 -34.71 60.56 -1.68
N VAL E 222 -35.21 59.80 -2.64
CA VAL E 222 -34.60 59.79 -3.96
C VAL E 222 -35.24 60.91 -4.77
N ALA E 223 -34.45 61.55 -5.63
CA ALA E 223 -34.96 62.65 -6.45
C ALA E 223 -34.92 62.32 -7.93
N SER F 5 -27.58 21.93 -2.34
CA SER F 5 -26.77 22.94 -1.67
C SER F 5 -27.35 24.33 -1.90
N LEU F 6 -26.81 25.32 -1.19
CA LEU F 6 -27.35 26.68 -1.14
C LEU F 6 -26.74 27.53 -2.24
N PRO F 7 -27.50 28.00 -3.20
CA PRO F 7 -26.95 29.01 -4.12
C PRO F 7 -26.43 30.20 -3.31
N ARG F 8 -25.37 30.83 -3.80
CA ARG F 8 -24.62 31.81 -3.00
C ARG F 8 -25.06 33.21 -3.41
N LEU F 9 -25.57 33.98 -2.45
CA LEU F 9 -25.91 35.38 -2.75
C LEU F 9 -24.64 36.15 -3.08
N GLY F 10 -24.74 37.00 -4.12
CA GLY F 10 -23.62 37.81 -4.53
C GLY F 10 -22.64 37.14 -5.47
N GLU F 11 -22.84 35.87 -5.79
CA GLU F 11 -22.01 35.20 -6.76
C GLU F 11 -22.80 34.98 -8.05
N PRO F 12 -22.13 34.70 -9.17
CA PRO F 12 -22.86 34.38 -10.40
C PRO F 12 -23.89 33.28 -10.18
N ALA F 13 -25.07 33.50 -10.74
CA ALA F 13 -26.11 32.50 -10.65
C ALA F 13 -25.67 31.24 -11.39
N PRO F 14 -25.94 30.06 -10.84
CA PRO F 14 -25.50 28.82 -11.50
C PRO F 14 -25.92 28.79 -12.96
N ALA F 15 -24.94 28.56 -13.83
CA ALA F 15 -25.17 28.60 -15.26
C ALA F 15 -25.79 27.29 -15.74
N PHE F 16 -26.57 27.37 -16.82
CA PHE F 16 -27.17 26.17 -17.38
C PHE F 16 -27.68 26.47 -18.79
N GLU F 17 -27.94 25.39 -19.51
CA GLU F 17 -28.68 25.41 -20.76
C GLU F 17 -29.91 24.56 -20.58
N ALA F 18 -31.02 25.00 -21.14
CA ALA F 18 -32.25 24.26 -20.93
C ALA F 18 -33.20 24.50 -22.09
N GLN F 19 -34.12 23.57 -22.26
CA GLN F 19 -35.24 23.74 -23.16
C GLN F 19 -36.36 24.48 -22.44
N THR F 20 -37.07 25.35 -23.18
CA THR F 20 -38.19 26.08 -22.61
C THR F 20 -39.31 26.13 -23.62
N THR F 21 -40.47 26.63 -23.16
CA THR F 21 -41.61 26.84 -24.03
C THR F 21 -41.36 27.88 -25.11
N PHE F 22 -40.28 28.65 -25.00
CA PHE F 22 -39.92 29.64 -26.01
C PHE F 22 -38.71 29.21 -26.82
N GLY F 23 -38.20 28.00 -26.60
CA GLY F 23 -36.99 27.55 -27.25
C GLY F 23 -35.84 27.46 -26.27
N PRO F 24 -34.68 27.04 -26.76
CA PRO F 24 -33.54 26.82 -25.86
C PRO F 24 -33.02 28.14 -25.29
N VAL F 25 -32.50 28.07 -24.06
CA VAL F 25 -31.92 29.23 -23.39
C VAL F 25 -30.55 28.81 -22.87
N LYS F 26 -29.60 29.74 -22.90
CA LYS F 26 -28.31 29.58 -22.24
C LYS F 26 -28.30 30.59 -21.11
N PHE F 27 -28.30 30.10 -19.89
CA PHE F 27 -28.46 30.96 -18.73
C PHE F 27 -27.14 31.09 -17.99
N PRO F 28 -26.77 32.31 -17.58
CA PRO F 28 -27.50 33.55 -17.82
C PRO F 28 -27.02 34.31 -19.07
N ASP F 29 -26.19 33.67 -19.90
CA ASP F 29 -25.58 34.35 -21.04
C ASP F 29 -26.61 35.05 -21.91
N ASP F 30 -27.76 34.41 -22.15
CA ASP F 30 -28.79 34.99 -23.00
C ASP F 30 -29.46 36.21 -22.38
N PHE F 31 -29.30 36.43 -21.08
CA PHE F 31 -30.00 37.49 -20.38
C PHE F 31 -29.07 38.60 -19.89
N LYS F 32 -27.85 38.68 -20.40
CA LYS F 32 -26.96 39.77 -20.03
C LYS F 32 -27.61 41.11 -20.34
N GLY F 33 -27.55 42.03 -19.38
CA GLY F 33 -28.21 43.32 -19.49
C GLY F 33 -29.64 43.35 -19.02
N GLN F 34 -30.23 42.21 -18.67
CA GLN F 34 -31.58 42.17 -18.13
C GLN F 34 -31.53 41.57 -16.73
N TRP F 35 -32.39 42.07 -15.85
CA TRP F 35 -32.66 41.36 -14.62
C TRP F 35 -33.53 40.15 -14.91
N VAL F 36 -33.38 39.13 -14.08
CA VAL F 36 -34.06 37.86 -14.28
C VAL F 36 -34.70 37.46 -12.96
N VAL F 37 -35.98 37.12 -13.01
CA VAL F 37 -36.64 36.42 -11.92
C VAL F 37 -36.85 34.99 -12.38
N LEU F 38 -36.00 34.10 -11.89
CA LEU F 38 -36.12 32.68 -12.15
C LEU F 38 -36.90 32.06 -11.00
N PHE F 39 -37.98 31.36 -11.31
CA PHE F 39 -38.74 30.73 -10.23
C PHE F 39 -39.14 29.33 -10.66
N SER F 40 -39.41 28.50 -9.65
CA SER F 40 -39.77 27.12 -9.92
C SER F 40 -41.17 26.84 -9.40
N HIS F 41 -41.81 25.81 -9.97
CA HIS F 41 -43.11 25.38 -9.50
C HIS F 41 -43.12 23.87 -9.53
N PRO F 42 -43.77 23.22 -8.55
CA PRO F 42 -43.66 21.75 -8.47
C PRO F 42 -44.17 21.02 -9.70
N ALA F 43 -45.35 21.35 -10.20
CA ALA F 43 -45.93 20.51 -11.23
C ALA F 43 -46.95 21.28 -12.06
N ASP F 44 -46.84 21.15 -13.39
CA ASP F 44 -47.93 21.56 -14.27
C ASP F 44 -49.25 20.94 -13.84
N PHE F 45 -50.34 21.64 -14.12
CA PHE F 45 -51.68 21.17 -13.79
C PHE F 45 -51.88 20.97 -12.29
N THR F 46 -51.29 21.86 -11.49
CA THR F 46 -51.59 21.92 -10.06
C THR F 46 -52.00 23.34 -9.71
N PRO F 47 -52.85 23.51 -8.69
CA PRO F 47 -53.65 24.75 -8.58
C PRO F 47 -52.93 25.99 -8.05
N VAL F 48 -52.13 25.86 -6.99
CA VAL F 48 -51.41 27.03 -6.48
C VAL F 48 -50.56 27.57 -7.62
N THR F 50 -50.93 27.36 -10.85
CA THR F 50 -51.78 28.07 -11.80
C THR F 50 -52.12 29.49 -11.32
N THR F 51 -52.50 29.66 -10.05
CA THR F 51 -52.80 31.02 -9.58
C THR F 51 -51.56 31.89 -9.64
N GLU F 52 -50.37 31.32 -9.36
CA GLU F 52 -49.15 32.11 -9.44
C GLU F 52 -48.82 32.48 -10.88
N PHE F 53 -48.96 31.53 -11.82
CA PHE F 53 -48.68 31.86 -13.21
C PHE F 53 -49.62 32.94 -13.73
N VAL F 54 -50.90 32.87 -13.35
CA VAL F 54 -51.84 33.91 -13.76
C VAL F 54 -51.44 35.25 -13.15
N ALA F 55 -51.01 35.26 -11.89
CA ALA F 55 -50.64 36.52 -11.26
C ALA F 55 -49.38 37.10 -11.91
N PHE F 56 -48.39 36.26 -12.20
CA PHE F 56 -47.20 36.74 -12.89
C PHE F 56 -47.55 37.26 -14.27
N ALA F 57 -48.41 36.54 -14.99
CA ALA F 57 -48.82 36.96 -16.33
C ALA F 57 -49.53 38.30 -16.29
N LYS F 58 -50.46 38.48 -15.34
CA LYS F 58 -51.16 39.76 -15.24
C LYS F 58 -50.20 40.90 -14.93
N ASN F 59 -49.11 40.61 -14.25
CA ASN F 59 -48.11 41.61 -13.89
C ASN F 59 -46.93 41.65 -14.85
N TYR F 60 -47.07 41.03 -16.02
CA TYR F 60 -45.93 40.91 -16.92
C TYR F 60 -45.39 42.28 -17.32
N GLU F 61 -46.27 43.24 -17.55
CA GLU F 61 -45.85 44.59 -17.89
C GLU F 61 -45.14 45.28 -16.73
N GLU F 62 -45.52 44.96 -15.49
CA GLU F 62 -44.78 45.51 -14.35
C GLU F 62 -43.34 45.03 -14.37
N PHE F 63 -43.12 43.76 -14.74
CA PHE F 63 -41.76 43.25 -14.79
C PHE F 63 -41.00 43.76 -16.01
N LYS F 64 -41.67 43.82 -17.17
CA LYS F 64 -41.03 44.26 -18.40
C LYS F 64 -40.51 45.70 -18.28
N LYS F 65 -41.33 46.58 -17.71
CA LYS F 65 -40.93 47.98 -17.59
C LYS F 65 -39.77 48.14 -16.61
N ARG F 66 -39.51 47.14 -15.77
CA ARG F 66 -38.37 47.15 -14.88
C ARG F 66 -37.17 46.39 -15.45
N ASN F 67 -37.20 46.06 -16.74
CA ASN F 67 -36.11 45.32 -17.40
C ASN F 67 -35.90 43.95 -16.76
N VAL F 68 -37.01 43.30 -16.40
CA VAL F 68 -36.97 41.98 -15.77
C VAL F 68 -37.54 40.96 -16.74
N GLN F 69 -36.77 39.92 -17.00
CA GLN F 69 -37.24 38.76 -17.74
C GLN F 69 -37.72 37.73 -16.72
N LEU F 70 -39.01 37.39 -16.78
CA LEU F 70 -39.53 36.31 -15.96
C LEU F 70 -39.22 34.97 -16.59
N ILE F 71 -38.86 34.00 -15.75
CA ILE F 71 -38.70 32.67 -16.30
C ILE F 71 -39.09 31.63 -15.25
N GLY F 72 -40.02 30.76 -15.63
CA GLY F 72 -40.47 29.68 -14.77
C GLY F 72 -39.68 28.41 -15.00
N LEU F 73 -39.97 27.41 -14.16
CA LEU F 73 -39.24 26.14 -14.26
C LEU F 73 -40.01 25.07 -13.52
N SER F 74 -40.17 23.90 -14.14
CA SER F 74 -40.57 22.74 -13.38
C SER F 74 -39.90 21.52 -14.01
N VAL F 75 -40.08 20.36 -13.37
CA VAL F 75 -39.49 19.15 -13.91
C VAL F 75 -40.35 18.53 -15.00
N ASP F 76 -41.45 19.17 -15.38
CA ASP F 76 -42.31 18.64 -16.44
C ASP F 76 -41.67 18.84 -17.81
N SER F 77 -42.18 18.07 -18.78
CA SER F 77 -41.72 18.20 -20.15
C SER F 77 -42.25 19.47 -20.80
N ASN F 78 -41.62 19.86 -21.91
CA ASN F 78 -42.07 21.01 -22.67
C ASN F 78 -43.47 20.77 -23.27
N PHE F 79 -43.82 19.52 -23.56
CA PHE F 79 -45.15 19.23 -24.10
C PHE F 79 -46.22 19.41 -23.03
N SER F 80 -45.92 18.96 -21.81
CA SER F 80 -46.80 19.22 -20.69
C SER F 80 -46.93 20.73 -20.44
N HIS F 81 -45.81 21.45 -20.49
CA HIS F 81 -45.83 22.91 -20.34
C HIS F 81 -46.77 23.56 -21.34
N ILE F 82 -46.62 23.24 -22.62
CA ILE F 82 -47.45 23.85 -23.65
C ILE F 82 -48.91 23.50 -23.42
N ALA F 83 -49.20 22.24 -23.10
CA ALA F 83 -50.58 21.86 -22.80
C ALA F 83 -51.13 22.68 -21.64
N TRP F 84 -50.31 22.92 -20.62
CA TRP F 84 -50.76 23.67 -19.46
C TRP F 84 -50.99 25.13 -19.82
N VAL F 85 -50.10 25.73 -20.62
CA VAL F 85 -50.31 27.11 -21.05
C VAL F 85 -51.57 27.20 -21.90
N MET F 86 -51.79 26.23 -22.77
CA MET F 86 -53.03 26.18 -23.54
C MET F 86 -54.24 26.08 -22.61
N ASN F 87 -54.15 25.24 -21.58
CA ASN F 87 -55.25 25.09 -20.64
C ASN F 87 -55.53 26.39 -19.88
N ILE F 88 -54.47 27.08 -19.43
CA ILE F 88 -54.66 28.34 -18.72
C ILE F 88 -55.31 29.37 -19.63
N LYS F 89 -54.91 29.42 -20.90
CA LYS F 89 -55.55 30.36 -21.82
C LYS F 89 -57.04 30.04 -21.96
N GLU F 90 -57.38 28.74 -22.02
CA GLU F 90 -58.75 28.30 -22.20
C GLU F 90 -59.60 28.54 -20.95
N LYS F 91 -59.06 28.23 -19.77
CA LYS F 91 -59.87 28.30 -18.55
C LYS F 91 -59.85 29.67 -17.89
N PHE F 92 -58.82 30.46 -18.11
CA PHE F 92 -58.70 31.76 -17.45
C PHE F 92 -58.57 32.93 -18.42
N GLY F 93 -58.45 32.68 -19.71
CA GLY F 93 -58.38 33.75 -20.67
C GLY F 93 -57.09 34.54 -20.70
N ILE F 94 -56.01 34.01 -20.13
CA ILE F 94 -54.72 34.69 -20.10
C ILE F 94 -53.69 33.80 -20.77
N GLU F 95 -52.85 34.40 -21.61
CA GLU F 95 -51.77 33.71 -22.29
C GLU F 95 -50.48 33.96 -21.50
N ILE F 96 -49.85 32.90 -21.02
CA ILE F 96 -48.61 33.05 -20.26
C ILE F 96 -47.60 33.69 -21.18
N PRO F 97 -47.04 34.86 -20.84
CA PRO F 97 -46.15 35.58 -21.76
C PRO F 97 -44.67 35.38 -21.52
N PHE F 98 -44.28 34.43 -20.68
CA PHE F 98 -42.88 34.24 -20.33
C PHE F 98 -42.54 32.77 -20.47
N PRO F 99 -41.27 32.45 -20.67
CA PRO F 99 -40.89 31.06 -20.90
C PRO F 99 -40.93 30.22 -19.63
N ILE F 100 -41.16 28.92 -19.82
CA ILE F 100 -41.05 27.93 -18.74
C ILE F 100 -40.00 26.90 -19.14
N ILE F 101 -39.04 26.69 -18.28
CA ILE F 101 -37.99 25.71 -18.49
C ILE F 101 -38.56 24.33 -18.22
N ALA F 102 -38.23 23.38 -19.11
CA ALA F 102 -38.53 21.97 -18.89
C ALA F 102 -37.26 21.35 -18.34
N ASP F 103 -37.19 21.21 -17.02
CA ASP F 103 -36.01 20.69 -16.34
C ASP F 103 -36.21 19.21 -16.00
N HIS F 104 -36.39 18.38 -17.03
CA HIS F 104 -36.88 17.03 -16.79
C HIS F 104 -36.00 16.24 -15.81
N ASN F 105 -34.68 16.30 -15.99
CA ASN F 105 -33.78 15.47 -15.18
C ASN F 105 -33.26 16.21 -13.95
N MET F 106 -33.95 17.25 -13.52
CA MET F 106 -33.64 18.00 -12.30
C MET F 106 -32.25 18.60 -12.28
N GLU F 107 -31.59 18.75 -13.44
CA GLU F 107 -30.22 19.26 -13.40
C GLU F 107 -30.17 20.71 -12.93
N VAL F 108 -31.05 21.56 -13.45
CA VAL F 108 -31.08 22.94 -12.99
C VAL F 108 -31.61 23.02 -11.56
N ALA F 109 -32.67 22.25 -11.27
CA ALA F 109 -33.27 22.28 -9.93
C ALA F 109 -32.23 21.98 -8.85
N LYS F 110 -31.38 20.98 -9.08
CA LYS F 110 -30.37 20.67 -8.06
C LYS F 110 -29.31 21.77 -7.97
N LYS F 111 -28.95 22.39 -9.08
CA LYS F 111 -28.00 23.51 -9.04
C LYS F 111 -28.53 24.66 -8.18
N TYR F 112 -29.86 24.80 -8.08
CA TYR F 112 -30.48 25.91 -7.37
C TYR F 112 -31.07 25.49 -6.02
N GLY F 113 -30.79 24.28 -5.56
CA GLY F 113 -31.33 23.82 -4.30
C GLY F 113 -32.83 23.75 -4.27
N MET F 114 -33.45 23.45 -5.42
CA MET F 114 -34.90 23.49 -5.50
C MET F 114 -35.55 22.18 -5.05
N ILE F 115 -34.77 21.12 -4.86
CA ILE F 115 -35.32 19.82 -4.45
C ILE F 115 -35.11 19.67 -2.95
N HIS F 116 -36.21 19.61 -2.22
CA HIS F 116 -36.19 19.38 -0.77
C HIS F 116 -36.91 18.08 -0.51
N PRO F 117 -36.18 16.98 -0.31
CA PRO F 117 -36.80 15.64 -0.42
C PRO F 117 -37.96 15.42 0.53
N ALA F 118 -37.95 16.04 1.72
CA ALA F 118 -39.09 15.91 2.62
C ALA F 118 -40.33 16.62 2.09
N GLN F 119 -40.17 17.59 1.19
CA GLN F 119 -41.30 18.17 0.47
C GLN F 119 -41.70 17.27 -0.68
N SER F 120 -40.73 16.94 -1.53
CA SER F 120 -40.93 16.02 -2.65
C SER F 120 -39.56 15.60 -3.15
N THR F 121 -39.43 14.31 -3.45
CA THR F 121 -38.22 13.85 -4.13
C THR F 121 -38.34 13.98 -5.64
N THR F 122 -39.49 14.40 -6.15
CA THR F 122 -39.71 14.48 -7.59
C THR F 122 -40.03 15.87 -8.11
N PHE F 123 -40.58 16.76 -7.30
CA PHE F 123 -40.95 18.11 -7.73
C PHE F 123 -40.07 19.14 -7.03
N THR F 124 -39.85 20.28 -7.69
CA THR F 124 -39.24 21.41 -6.99
C THR F 124 -40.20 22.01 -5.97
N VAL F 125 -39.63 22.70 -4.97
CA VAL F 125 -40.43 23.56 -4.11
C VAL F 125 -40.70 24.87 -4.84
N ARG F 126 -41.27 25.85 -4.14
CA ARG F 126 -41.58 27.16 -4.74
C ARG F 126 -40.39 28.09 -4.51
N ALA F 127 -39.34 27.87 -5.27
CA ALA F 127 -38.14 28.68 -5.16
C ALA F 127 -38.24 29.86 -6.12
N LEU F 128 -37.65 30.98 -5.71
CA LEU F 128 -37.61 32.14 -6.57
C LEU F 128 -36.29 32.88 -6.33
N PHE F 129 -35.68 33.33 -7.42
CA PHE F 129 -34.34 33.89 -7.45
C PHE F 129 -34.37 35.20 -8.21
N VAL F 130 -33.85 36.27 -7.62
CA VAL F 130 -33.69 37.51 -8.34
C VAL F 130 -32.24 37.63 -8.78
N ILE F 131 -32.03 37.82 -10.08
CA ILE F 131 -30.72 37.84 -10.69
C ILE F 131 -30.57 39.15 -11.44
N ASP F 132 -29.43 39.84 -11.27
CA ASP F 132 -29.30 41.16 -11.86
C ASP F 132 -28.78 41.07 -13.29
N ASP F 133 -28.56 42.24 -13.90
CA ASP F 133 -28.17 42.34 -15.30
C ASP F 133 -26.75 41.84 -15.57
N LYS F 134 -25.96 41.58 -14.55
CA LYS F 134 -24.66 40.94 -14.74
C LYS F 134 -24.67 39.46 -14.38
N GLY F 135 -25.85 38.88 -14.17
CA GLY F 135 -25.95 37.47 -13.83
C GLY F 135 -25.68 37.10 -12.39
N ILE F 136 -25.66 38.08 -11.49
CA ILE F 136 -25.36 37.84 -10.08
C ILE F 136 -26.64 37.49 -9.34
N LEU F 137 -26.59 36.43 -8.53
CA LEU F 137 -27.73 36.11 -7.68
C LEU F 137 -27.85 37.16 -6.57
N ARG F 138 -29.03 37.77 -6.46
CA ARG F 138 -29.19 38.89 -5.53
C ARG F 138 -30.06 38.57 -4.34
N ALA F 139 -31.04 37.67 -4.48
CA ALA F 139 -31.97 37.38 -3.41
C ALA F 139 -32.66 36.08 -3.75
N MET F 140 -33.16 35.40 -2.74
CA MET F 140 -33.85 34.16 -3.03
C MET F 140 -34.87 33.84 -1.94
N ILE F 141 -35.88 33.09 -2.32
CA ILE F 141 -36.99 32.70 -1.46
C ILE F 141 -37.28 31.22 -1.71
N TYR F 142 -37.63 30.49 -0.64
CA TYR F 142 -38.06 29.09 -0.74
C TYR F 142 -39.36 28.92 0.02
N TYR F 143 -40.48 28.87 -0.71
CA TYR F 143 -41.76 28.55 -0.11
C TYR F 143 -42.12 27.09 -0.36
N PRO F 144 -42.91 26.49 0.53
CA PRO F 144 -43.25 25.07 0.41
C PRO F 144 -44.40 24.84 -0.58
N LEU F 145 -44.71 23.57 -0.80
CA LEU F 145 -45.71 23.21 -1.80
C LEU F 145 -47.09 23.79 -1.47
N THR F 146 -47.41 23.94 -0.19
CA THR F 146 -48.73 24.41 0.20
C THR F 146 -49.00 25.88 -0.12
N THR F 147 -47.97 26.71 -0.30
CA THR F 147 -48.11 28.14 0.00
C THR F 147 -47.71 29.02 -1.18
N GLY F 148 -48.71 29.60 -1.83
CA GLY F 148 -48.43 30.48 -2.95
C GLY F 148 -47.65 31.72 -2.53
N ARG F 149 -46.89 32.25 -3.48
CA ARG F 149 -46.01 33.39 -3.27
C ARG F 149 -46.79 34.70 -3.37
N ASN F 150 -46.11 35.78 -3.01
CA ASN F 150 -46.67 37.13 -3.00
C ASN F 150 -46.02 37.85 -4.18
N ILE F 151 -46.76 38.03 -5.27
CA ILE F 151 -46.14 38.56 -6.50
C ILE F 151 -45.74 40.02 -6.31
N ARG F 152 -46.55 40.79 -5.58
CA ARG F 152 -46.18 42.18 -5.37
C ARG F 152 -44.91 42.32 -4.55
N GLU F 153 -44.63 41.35 -3.66
CA GLU F 153 -43.35 41.41 -2.94
C GLU F 153 -42.18 41.12 -3.87
N VAL F 154 -42.38 40.26 -4.88
CA VAL F 154 -41.32 40.06 -5.87
C VAL F 154 -41.02 41.36 -6.62
N ILE F 155 -42.07 42.11 -7.00
CA ILE F 155 -41.86 43.38 -7.67
C ILE F 155 -41.15 44.36 -6.74
N ARG F 156 -41.60 44.42 -5.48
CA ARG F 156 -40.98 45.33 -4.51
C ARG F 156 -39.51 44.99 -4.30
N LEU F 157 -39.21 43.70 -4.22
CA LEU F 157 -37.83 43.25 -4.06
C LEU F 157 -36.98 43.72 -5.24
N VAL F 158 -37.50 43.56 -6.46
CA VAL F 158 -36.80 44.06 -7.64
C VAL F 158 -36.58 45.57 -7.55
N ASP F 159 -37.62 46.33 -7.20
CA ASP F 159 -37.47 47.77 -7.04
C ASP F 159 -36.41 48.10 -6.01
N ALA F 160 -36.44 47.44 -4.86
CA ALA F 160 -35.48 47.75 -3.80
C ALA F 160 -34.05 47.45 -4.25
N LEU F 161 -33.86 46.32 -4.93
CA LEU F 161 -32.53 45.96 -5.41
C LEU F 161 -32.07 46.90 -6.51
N GLN F 162 -32.97 47.27 -7.43
CA GLN F 162 -32.57 48.18 -8.49
C GLN F 162 -32.29 49.58 -7.95
N THR F 163 -33.09 50.04 -6.99
CA THR F 163 -32.84 51.34 -6.36
C THR F 163 -31.51 51.34 -5.61
N ALA F 164 -31.22 50.24 -4.91
CA ALA F 164 -29.95 50.14 -4.19
C ALA F 164 -28.77 50.31 -5.13
N ASP F 165 -28.79 49.60 -6.26
CA ASP F 165 -27.71 49.69 -7.25
C ASP F 165 -27.65 51.08 -7.87
N ARG F 166 -28.81 51.61 -8.26
CA ARG F 166 -28.82 52.88 -8.99
C ARG F 166 -28.40 54.04 -8.11
N GLU F 167 -28.87 54.07 -6.86
CA GLU F 167 -28.66 55.22 -6.00
C GLU F 167 -27.54 55.01 -4.98
N GLY F 168 -27.00 53.81 -4.88
CA GLY F 168 -25.99 53.58 -3.85
C GLY F 168 -26.55 53.70 -2.46
N VAL F 169 -27.74 53.16 -2.22
CA VAL F 169 -28.44 53.26 -0.94
C VAL F 169 -28.85 51.86 -0.52
N ALA F 170 -29.34 51.78 0.72
CA ALA F 170 -30.01 50.59 1.21
C ALA F 170 -31.49 50.93 1.40
N THR F 171 -32.30 49.89 1.50
CA THR F 171 -33.73 50.15 1.64
C THR F 171 -34.23 49.58 2.97
N PRO F 172 -35.02 50.32 3.72
CA PRO F 172 -35.46 49.84 5.03
C PRO F 172 -36.52 48.76 4.90
N ALA F 173 -36.86 48.20 6.06
CA ALA F 173 -38.03 47.34 6.15
C ALA F 173 -39.23 48.03 5.50
N ASP F 174 -39.99 47.25 4.73
CA ASP F 174 -41.26 47.72 4.17
C ASP F 174 -41.09 48.88 3.18
N TRP F 175 -39.91 49.01 2.56
CA TRP F 175 -39.67 50.09 1.62
C TRP F 175 -40.42 49.91 0.30
N VAL F 176 -40.92 51.01 -0.24
CA VAL F 176 -41.42 51.10 -1.61
C VAL F 176 -40.92 52.39 -2.25
N PRO F 177 -40.85 52.43 -3.58
CA PRO F 177 -40.35 53.65 -4.24
C PRO F 177 -41.31 54.84 -4.18
N GLU F 178 -42.62 54.60 -4.08
CA GLU F 178 -43.57 55.69 -3.90
C GLU F 178 -44.74 55.16 -3.08
N PRO F 179 -45.48 56.04 -2.42
CA PRO F 179 -46.61 55.58 -1.62
C PRO F 179 -47.56 54.77 -2.49
N GLN F 180 -48.13 53.74 -1.88
CA GLN F 180 -48.94 52.81 -2.65
C GLN F 180 -49.74 51.95 -1.68
N THR F 181 -50.70 51.25 -2.25
CA THR F 181 -51.68 50.45 -1.53
C THR F 181 -51.74 49.08 -2.18
N TRP F 182 -51.49 48.03 -1.41
CA TRP F 182 -51.69 46.66 -1.91
C TRP F 182 -53.02 46.19 -1.37
N GLU F 183 -54.02 46.12 -2.24
CA GLU F 183 -55.35 45.70 -1.84
C GLU F 183 -55.46 44.20 -1.97
N PHE F 184 -56.00 43.54 -0.94
CA PHE F 184 -56.32 42.13 -0.99
C PHE F 184 -57.83 41.99 -0.82
N THR F 185 -58.49 41.33 -1.78
CA THR F 185 -59.93 41.30 -1.83
C THR F 185 -60.47 39.98 -1.28
N GLU F 186 -61.80 39.88 -1.25
CA GLU F 186 -62.45 38.64 -0.85
C GLU F 186 -61.98 37.47 -1.71
N GLU F 187 -61.74 37.73 -2.99
CA GLU F 187 -61.24 36.68 -3.88
C GLU F 187 -59.89 36.17 -3.42
N ASN F 188 -59.08 37.02 -2.81
CA ASN F 188 -57.78 36.58 -2.33
C ASN F 188 -57.89 35.75 -1.05
N THR F 189 -59.07 35.58 -0.49
CA THR F 189 -59.24 34.79 0.73
C THR F 189 -59.61 33.34 0.45
N LYS F 190 -59.95 33.02 -0.79
CA LYS F 190 -60.34 31.65 -1.10
C LYS F 190 -59.11 30.75 -1.03
N VAL F 191 -59.27 29.59 -0.39
CA VAL F 191 -58.20 28.63 -0.29
C VAL F 191 -58.38 27.59 -1.38
N ILE F 192 -57.36 26.75 -1.55
CA ILE F 192 -57.31 25.79 -2.64
C ILE F 192 -57.43 24.39 -2.06
N VAL F 193 -58.29 23.58 -2.67
CA VAL F 193 -58.41 22.16 -2.32
C VAL F 193 -57.22 21.41 -2.91
N PRO F 194 -56.50 20.60 -2.12
CA PRO F 194 -55.37 19.84 -2.67
C PRO F 194 -55.82 19.02 -3.86
N PRO F 195 -55.03 19.02 -4.94
CA PRO F 195 -55.51 18.48 -6.20
C PRO F 195 -55.70 16.98 -6.11
N PRO F 196 -56.60 16.42 -6.90
CA PRO F 196 -56.78 14.96 -6.92
C PRO F 196 -55.53 14.27 -7.43
N THR F 197 -55.31 13.04 -6.96
CA THR F 197 -54.14 12.30 -7.38
C THR F 197 -54.48 11.01 -8.11
N THR F 198 -55.77 10.75 -8.33
CA THR F 198 -56.19 9.68 -9.23
C THR F 198 -57.19 10.24 -10.23
N TYR F 199 -57.29 9.58 -11.38
CA TYR F 199 -58.24 10.03 -12.38
C TYR F 199 -59.67 9.95 -11.84
N GLU F 200 -60.00 8.87 -11.12
CA GLU F 200 -61.33 8.73 -10.54
C GLU F 200 -61.63 9.88 -9.58
N ASP F 201 -60.67 10.21 -8.73
CA ASP F 201 -60.88 11.32 -7.81
C ASP F 201 -61.00 12.64 -8.55
N ALA F 202 -60.30 12.80 -9.68
CA ALA F 202 -60.39 14.04 -10.44
C ALA F 202 -61.79 14.21 -11.04
N VAL F 203 -62.38 13.11 -11.51
CA VAL F 203 -63.75 13.16 -12.01
C VAL F 203 -64.73 13.48 -10.88
N LYS F 204 -64.56 12.80 -9.74
CA LYS F 204 -65.43 13.07 -8.60
C LYS F 204 -65.25 14.49 -8.09
N ARG F 205 -64.03 15.02 -8.18
CA ARG F 205 -63.75 16.36 -7.64
C ARG F 205 -64.64 17.41 -8.27
N LEU F 206 -64.94 17.28 -9.57
CA LEU F 206 -65.76 18.29 -10.23
C LEU F 206 -67.22 18.25 -9.79
N GLN F 207 -67.61 17.26 -9.00
CA GLN F 207 -68.98 17.13 -8.51
C GLN F 207 -69.11 17.39 -7.01
N GLU F 208 -68.07 17.90 -6.36
CA GLU F 208 -68.07 18.05 -4.91
C GLU F 208 -68.55 19.41 -4.42
N GLY F 209 -68.97 20.30 -5.32
CA GLY F 209 -69.55 21.57 -4.93
C GLY F 209 -68.57 22.68 -4.71
N TYR F 210 -67.30 22.47 -5.06
CA TYR F 210 -66.35 23.55 -4.97
C TYR F 210 -66.47 24.46 -6.21
N GLU F 211 -65.74 25.55 -6.15
CA GLU F 211 -65.58 26.49 -7.27
C GLU F 211 -64.36 26.03 -8.07
N CYS F 212 -64.60 25.29 -9.16
CA CYS F 212 -63.53 24.63 -9.92
C CYS F 212 -63.46 25.18 -11.33
N ALA F 213 -62.31 25.78 -11.68
CA ALA F 213 -62.04 26.14 -13.06
C ALA F 213 -61.68 24.92 -13.90
N ASP F 214 -61.14 23.89 -13.27
CA ASP F 214 -60.82 22.61 -13.90
C ASP F 214 -60.67 21.60 -12.77
N TRP F 215 -60.47 20.33 -13.16
CA TRP F 215 -60.41 19.25 -12.16
C TRP F 215 -59.35 19.51 -11.11
N TYR F 216 -58.26 20.18 -11.48
CA TYR F 216 -57.12 20.31 -10.58
C TYR F 216 -57.11 21.60 -9.78
N ILE F 217 -58.01 22.53 -10.04
CA ILE F 217 -57.99 23.85 -9.40
C ILE F 217 -59.40 24.14 -8.90
N CYS F 218 -59.65 23.81 -7.64
CA CYS F 218 -60.92 24.04 -6.96
C CYS F 218 -60.69 24.91 -5.74
N LYS F 219 -61.53 25.92 -5.55
CA LYS F 219 -61.39 26.86 -4.46
C LYS F 219 -62.61 26.80 -3.53
N LYS F 220 -62.40 27.21 -2.29
CA LYS F 220 -63.47 27.37 -1.32
C LYS F 220 -63.05 28.46 -0.33
N LYS F 221 -63.95 28.78 0.60
CA LYS F 221 -63.63 29.66 1.70
C LYS F 221 -63.54 28.84 2.98
N VAL F 222 -62.81 29.36 3.96
CA VAL F 222 -62.67 28.68 5.24
C VAL F 222 -63.57 29.32 6.29
N SER G 5 4.12 27.76 22.12
CA SER G 5 3.56 26.80 23.07
C SER G 5 2.87 27.51 24.24
N LEU G 6 1.96 28.42 23.92
CA LEU G 6 1.39 29.33 24.91
C LEU G 6 0.63 28.59 26.01
N PRO G 7 1.06 28.69 27.27
CA PRO G 7 0.24 28.17 28.36
C PRO G 7 -1.14 28.81 28.36
N ARG G 8 -2.13 28.07 28.81
CA ARG G 8 -3.53 28.47 28.65
C ARG G 8 -4.06 29.05 29.95
N LEU G 9 -4.52 30.30 29.89
CA LEU G 9 -5.13 30.93 31.05
C LEU G 9 -6.40 30.20 31.45
N GLY G 10 -6.59 30.03 32.75
CA GLY G 10 -7.77 29.39 33.28
C GLY G 10 -7.68 27.89 33.35
N GLU G 11 -6.57 27.31 32.94
CA GLU G 11 -6.38 25.87 33.03
C GLU G 11 -5.28 25.57 34.03
N PRO G 12 -5.23 24.34 34.56
CA PRO G 12 -4.14 23.98 35.47
C PRO G 12 -2.79 24.34 34.89
N ALA G 13 -1.92 24.91 35.71
CA ALA G 13 -0.57 25.22 35.26
C ALA G 13 0.16 23.92 34.92
N PRO G 14 0.95 23.90 33.86
CA PRO G 14 1.68 22.68 33.48
C PRO G 14 2.44 22.10 34.66
N ALA G 15 2.18 20.81 34.94
CA ALA G 15 2.79 20.18 36.09
C ALA G 15 4.21 19.74 35.76
N PHE G 16 5.06 19.72 36.78
CA PHE G 16 6.43 19.28 36.63
C PHE G 16 7.01 18.96 38.00
N GLU G 17 8.09 18.20 37.98
CA GLU G 17 8.93 17.96 39.16
C GLU G 17 10.33 18.43 38.84
N ALA G 18 10.97 19.09 39.80
CA ALA G 18 12.26 19.71 39.52
C ALA G 18 13.10 19.83 40.78
N GLN G 19 14.39 19.99 40.57
CA GLN G 19 15.33 20.34 41.63
C GLN G 19 15.31 21.85 41.83
N THR G 20 15.45 22.29 43.09
CA THR G 20 15.52 23.72 43.38
C THR G 20 16.56 23.97 44.46
N THR G 21 16.85 25.25 44.67
CA THR G 21 17.77 25.61 45.74
C THR G 21 17.22 25.29 47.12
N PHE G 22 15.94 24.95 47.23
CA PHE G 22 15.35 24.55 48.49
C PHE G 22 15.10 23.05 48.56
N GLY G 23 15.49 22.30 47.54
CA GLY G 23 15.19 20.89 47.50
C GLY G 23 14.19 20.59 46.41
N PRO G 24 13.79 19.33 46.29
CA PRO G 24 12.88 18.94 45.21
C PRO G 24 11.49 19.53 45.39
N VAL G 25 10.84 19.85 44.27
CA VAL G 25 9.49 20.39 44.30
C VAL G 25 8.65 19.56 43.32
N LYS G 26 7.41 19.35 43.69
CA LYS G 26 6.39 18.78 42.81
C LYS G 26 5.40 19.92 42.56
N PHE G 27 5.37 20.42 41.33
CA PHE G 27 4.65 21.62 40.96
C PHE G 27 3.42 21.30 40.15
N PRO G 28 2.27 21.92 40.44
CA PRO G 28 2.07 22.86 41.55
C PRO G 28 1.52 22.15 42.80
N ASP G 29 1.53 20.82 42.76
CA ASP G 29 0.98 20.01 43.84
C ASP G 29 1.54 20.41 45.21
N ASP G 30 2.85 20.70 45.27
CA ASP G 30 3.44 21.08 46.56
C ASP G 30 2.90 22.41 47.06
N PHE G 31 2.26 23.19 46.20
CA PHE G 31 1.80 24.53 46.57
C PHE G 31 0.28 24.62 46.64
N LYS G 32 -0.41 23.49 46.76
CA LYS G 32 -1.86 23.50 46.94
C LYS G 32 -2.23 24.34 48.15
N GLY G 33 -3.22 25.22 47.97
CA GLY G 33 -3.63 26.15 49.00
C GLY G 33 -2.86 27.45 49.02
N GLN G 34 -1.81 27.58 48.20
CA GLN G 34 -1.05 28.82 48.08
C GLN G 34 -1.11 29.34 46.66
N TRP G 35 -1.12 30.66 46.52
CA TRP G 35 -0.83 31.26 45.23
C TRP G 35 0.66 31.14 44.94
N VAL G 36 1.00 31.09 43.67
CA VAL G 36 2.37 30.91 43.23
C VAL G 36 2.68 31.96 42.18
N VAL G 37 3.79 32.64 42.33
CA VAL G 37 4.35 33.46 41.27
C VAL G 37 5.58 32.72 40.78
N LEU G 38 5.45 32.04 39.64
CA LEU G 38 6.55 31.36 38.99
C LEU G 38 7.14 32.29 37.95
N PHE G 39 8.45 32.52 38.02
CA PHE G 39 9.06 33.37 37.03
C PHE G 39 10.39 32.78 36.63
N SER G 40 10.86 33.17 35.46
CA SER G 40 12.10 32.67 34.90
C SER G 40 13.08 33.80 34.68
N HIS G 41 14.37 33.44 34.63
CA HIS G 41 15.37 34.44 34.34
C HIS G 41 16.39 33.76 33.43
N PRO G 42 16.96 34.48 32.47
CA PRO G 42 17.84 33.82 31.49
C PRO G 42 19.05 33.12 32.10
N ALA G 43 19.80 33.79 32.98
CA ALA G 43 21.07 33.21 33.40
C ALA G 43 21.51 33.75 34.74
N ASP G 44 21.91 32.84 35.63
CA ASP G 44 22.62 33.24 36.83
C ASP G 44 23.82 34.11 36.47
N PHE G 45 24.17 35.00 37.39
CA PHE G 45 25.33 35.89 37.22
C PHE G 45 25.14 36.80 36.01
N THR G 46 23.91 37.27 35.83
CA THR G 46 23.68 38.32 34.85
C THR G 46 22.92 39.45 35.54
N PRO G 47 23.08 40.67 35.08
CA PRO G 47 22.76 41.84 35.91
C PRO G 47 21.28 42.20 36.08
N VAL G 48 20.48 42.22 35.02
CA VAL G 48 19.06 42.57 35.20
C VAL G 48 18.46 41.58 36.18
N THR G 50 19.85 39.89 38.57
CA THR G 50 20.26 40.19 39.93
C THR G 50 19.37 41.29 40.52
N THR G 51 19.13 42.36 39.76
CA THR G 51 18.30 43.45 40.30
C THR G 51 16.87 42.96 40.56
N GLU G 52 16.36 42.05 39.71
CA GLU G 52 15.02 41.51 39.92
C GLU G 52 14.96 40.61 41.15
N PHE G 53 15.96 39.73 41.32
CA PHE G 53 15.99 38.88 42.50
C PHE G 53 16.11 39.69 43.77
N VAL G 54 16.93 40.74 43.75
CA VAL G 54 17.01 41.60 44.93
C VAL G 54 15.67 42.27 45.19
N ALA G 55 14.99 42.71 44.13
CA ALA G 55 13.71 43.41 44.34
C ALA G 55 12.64 42.46 44.87
N PHE G 56 12.58 41.24 44.33
CA PHE G 56 11.67 40.24 44.87
C PHE G 56 12.00 39.90 46.31
N ALA G 57 13.30 39.71 46.61
CA ALA G 57 13.71 39.40 47.97
C ALA G 57 13.28 40.49 48.93
N LYS G 58 13.51 41.76 48.55
CA LYS G 58 13.11 42.86 49.40
C LYS G 58 11.61 42.89 49.62
N ASN G 59 10.84 42.40 48.64
CA ASN G 59 9.39 42.37 48.73
C ASN G 59 8.87 41.02 49.20
N TYR G 60 9.75 40.18 49.79
CA TYR G 60 9.34 38.84 50.15
C TYR G 60 8.16 38.84 51.12
N GLU G 61 8.19 39.75 52.10
CA GLU G 61 7.10 39.80 53.06
C GLU G 61 5.79 40.26 52.43
N GLU G 62 5.86 41.13 51.42
CA GLU G 62 4.65 41.54 50.72
C GLU G 62 3.97 40.35 50.05
N PHE G 63 4.76 39.46 49.44
CA PHE G 63 4.17 38.28 48.81
C PHE G 63 3.72 37.29 49.87
N LYS G 64 4.54 37.12 50.91
CA LYS G 64 4.19 36.18 51.98
C LYS G 64 2.87 36.56 52.64
N LYS G 65 2.64 37.86 52.88
CA LYS G 65 1.39 38.27 53.51
C LYS G 65 0.20 38.07 52.60
N ARG G 66 0.42 37.92 51.30
CA ARG G 66 -0.63 37.61 50.35
C ARG G 66 -0.73 36.12 50.04
N ASN G 67 -0.10 35.27 50.85
CA ASN G 67 -0.17 33.81 50.63
C ASN G 67 0.39 33.46 49.26
N VAL G 68 1.47 34.12 48.87
CA VAL G 68 2.10 33.89 47.57
C VAL G 68 3.46 33.25 47.81
N GLN G 69 3.69 32.10 47.19
CA GLN G 69 5.01 31.50 47.13
C GLN G 69 5.70 31.96 45.84
N LEU G 70 6.81 32.66 46.00
CA LEU G 70 7.66 33.00 44.85
C LEU G 70 8.54 31.81 44.51
N ILE G 71 8.70 31.56 43.21
CA ILE G 71 9.66 30.54 42.78
C ILE G 71 10.25 30.94 41.43
N GLY G 72 11.57 31.04 41.38
CA GLY G 72 12.26 31.39 40.16
C GLY G 72 12.68 30.15 39.39
N LEU G 73 13.26 30.38 38.21
CA LEU G 73 13.64 29.28 37.34
C LEU G 73 14.65 29.78 36.32
N SER G 74 15.72 29.03 36.12
CA SER G 74 16.52 29.23 34.93
C SER G 74 17.08 27.88 34.52
N VAL G 75 17.75 27.86 33.37
CA VAL G 75 18.36 26.63 32.87
C VAL G 75 19.71 26.35 33.50
N ASP G 76 20.15 27.15 34.46
CA ASP G 76 21.42 26.89 35.13
C ASP G 76 21.30 25.73 36.10
N SER G 77 22.45 25.13 36.44
CA SER G 77 22.44 24.05 37.44
C SER G 77 22.14 24.61 38.83
N ASN G 78 21.72 23.71 39.71
CA ASN G 78 21.48 24.10 41.10
C ASN G 78 22.77 24.55 41.80
N PHE G 79 23.93 24.05 41.35
CA PHE G 79 25.18 24.53 41.94
C PHE G 79 25.48 25.97 41.52
N SER G 80 25.21 26.31 40.26
CA SER G 80 25.29 27.72 39.86
C SER G 80 24.31 28.58 40.64
N HIS G 81 23.08 28.10 40.83
CA HIS G 81 22.08 28.86 41.60
C HIS G 81 22.59 29.18 43.00
N ILE G 82 23.07 28.15 43.71
CA ILE G 82 23.57 28.36 45.07
C ILE G 82 24.74 29.32 45.04
N ALA G 83 25.65 29.16 44.08
CA ALA G 83 26.79 30.08 43.98
C ALA G 83 26.31 31.51 43.77
N TRP G 84 25.30 31.68 42.92
CA TRP G 84 24.80 33.02 42.62
C TRP G 84 24.10 33.63 43.83
N VAL G 85 23.33 32.84 44.57
CA VAL G 85 22.71 33.35 45.79
C VAL G 85 23.76 33.74 46.81
N MET G 86 24.82 32.92 46.96
CA MET G 86 25.93 33.29 47.82
C MET G 86 26.57 34.60 47.37
N ASN G 87 26.74 34.77 46.06
CA ASN G 87 27.32 35.98 45.52
C ASN G 87 26.46 37.20 45.81
N ILE G 88 25.14 37.06 45.65
CA ILE G 88 24.24 38.17 45.93
C ILE G 88 24.31 38.55 47.41
N LYS G 89 24.36 37.55 48.29
CA LYS G 89 24.52 37.84 49.70
C LYS G 89 25.85 38.55 49.96
N GLU G 90 26.92 38.11 49.30
CA GLU G 90 28.23 38.72 49.54
C GLU G 90 28.30 40.15 49.01
N LYS G 91 27.75 40.39 47.82
CA LYS G 91 27.89 41.70 47.19
C LYS G 91 26.81 42.69 47.59
N PHE G 92 25.62 42.20 47.98
CA PHE G 92 24.54 43.11 48.30
C PHE G 92 23.97 42.97 49.71
N GLY G 93 24.41 41.95 50.45
CA GLY G 93 23.92 41.78 51.81
C GLY G 93 22.50 41.29 51.89
N ILE G 94 21.98 40.74 50.80
CA ILE G 94 20.61 40.28 50.71
C ILE G 94 20.64 38.78 50.46
N GLU G 95 19.86 38.03 51.23
CA GLU G 95 19.74 36.59 51.10
C GLU G 95 18.45 36.24 50.38
N ILE G 96 18.55 35.57 49.22
CA ILE G 96 17.36 35.21 48.46
C ILE G 96 16.51 34.30 49.33
N PRO G 97 15.27 34.66 49.63
CA PRO G 97 14.44 33.86 50.55
C PRO G 97 13.45 32.91 49.87
N PHE G 98 13.58 32.70 48.57
CA PHE G 98 12.64 31.86 47.85
C PHE G 98 13.42 30.90 46.94
N PRO G 99 12.83 29.77 46.59
CA PRO G 99 13.56 28.76 45.81
C PRO G 99 13.73 29.14 44.34
N ILE G 100 14.80 28.62 43.74
CA ILE G 100 15.06 28.75 42.31
C ILE G 100 15.13 27.35 41.70
N ILE G 101 14.32 27.13 40.69
CA ILE G 101 14.30 25.86 39.97
C ILE G 101 15.51 25.79 39.05
N ALA G 102 16.18 24.63 39.05
CA ALA G 102 17.23 24.36 38.08
C ALA G 102 16.60 23.52 36.98
N ASP G 103 16.26 24.19 35.87
CA ASP G 103 15.61 23.54 34.73
C ASP G 103 16.66 23.23 33.67
N HIS G 104 17.53 22.28 34.02
CA HIS G 104 18.75 22.04 33.25
C HIS G 104 18.44 21.81 31.78
N ASN G 105 17.50 20.90 31.50
CA ASN G 105 17.23 20.46 30.13
C ASN G 105 16.05 21.18 29.50
N MET G 106 15.68 22.35 30.02
CA MET G 106 14.61 23.18 29.47
C MET G 106 13.26 22.50 29.44
N GLU G 107 13.06 21.41 30.18
CA GLU G 107 11.77 20.71 30.09
C GLU G 107 10.64 21.56 30.64
N VAL G 108 10.85 22.18 31.80
CA VAL G 108 9.82 23.07 32.34
C VAL G 108 9.69 24.31 31.47
N ALA G 109 10.82 24.87 31.04
CA ALA G 109 10.81 26.07 30.22
C ALA G 109 9.95 25.87 28.97
N LYS G 110 10.07 24.71 28.34
CA LYS G 110 9.29 24.49 27.13
C LYS G 110 7.81 24.35 27.45
N LYS G 111 7.46 23.73 28.58
CA LYS G 111 6.05 23.62 28.97
C LYS G 111 5.40 24.99 29.14
N TYR G 112 6.19 26.00 29.50
CA TYR G 112 5.68 27.34 29.81
C TYR G 112 5.97 28.34 28.70
N GLY G 113 6.40 27.87 27.53
CA GLY G 113 6.70 28.79 26.44
C GLY G 113 7.78 29.78 26.77
N MET G 114 8.75 29.39 27.59
CA MET G 114 9.73 30.35 28.04
C MET G 114 10.91 30.51 27.09
N ILE G 115 11.03 29.63 26.08
CA ILE G 115 12.14 29.67 25.14
C ILE G 115 11.68 30.33 23.85
N HIS G 116 12.24 31.50 23.54
CA HIS G 116 11.94 32.22 22.31
C HIS G 116 13.23 32.31 21.50
N PRO G 117 13.40 31.49 20.45
CA PRO G 117 14.75 31.30 19.86
C PRO G 117 15.41 32.56 19.34
N ALA G 118 14.64 33.52 18.82
CA ALA G 118 15.24 34.78 18.36
C ALA G 118 15.77 35.61 19.52
N GLN G 119 15.25 35.39 20.72
CA GLN G 119 15.84 35.96 21.93
C GLN G 119 17.03 35.13 22.38
N SER G 120 16.83 33.83 22.55
CA SER G 120 17.90 32.93 22.92
C SER G 120 17.42 31.51 22.66
N THR G 121 18.30 30.69 22.09
CA THR G 121 18.03 29.27 21.98
C THR G 121 18.48 28.50 23.22
N THR G 122 19.11 29.16 24.17
CA THR G 122 19.64 28.50 25.35
C THR G 122 19.06 28.98 26.68
N PHE G 123 18.62 30.23 26.79
CA PHE G 123 18.12 30.81 28.02
C PHE G 123 16.62 31.10 27.90
N THR G 124 15.91 31.09 29.04
CA THR G 124 14.54 31.59 29.07
C THR G 124 14.51 33.11 28.92
N VAL G 125 13.37 33.61 28.43
CA VAL G 125 13.08 35.04 28.49
C VAL G 125 12.62 35.35 29.90
N ARG G 126 12.15 36.58 30.13
CA ARG G 126 11.70 36.98 31.47
C ARG G 126 10.21 36.70 31.53
N ALA G 127 9.88 35.43 31.68
CA ALA G 127 8.48 35.02 31.76
C ALA G 127 8.03 35.05 33.20
N LEU G 128 6.75 35.36 33.41
CA LEU G 128 6.23 35.30 34.77
C LEU G 128 4.78 34.86 34.73
N PHE G 129 4.43 33.98 35.67
CA PHE G 129 3.14 33.33 35.68
C PHE G 129 2.54 33.47 37.06
N VAL G 130 1.30 33.95 37.13
CA VAL G 130 0.58 33.98 38.39
C VAL G 130 -0.36 32.79 38.41
N ILE G 131 -0.23 31.97 39.45
CA ILE G 131 -0.97 30.72 39.59
C ILE G 131 -1.71 30.78 40.92
N ASP G 132 -2.99 30.41 40.92
CA ASP G 132 -3.78 30.59 42.13
C ASP G 132 -3.65 29.38 43.05
N ASP G 133 -4.40 29.40 44.15
CA ASP G 133 -4.33 28.37 45.19
C ASP G 133 -4.90 27.03 44.72
N LYS G 134 -5.53 26.99 43.55
CA LYS G 134 -5.99 25.75 42.95
C LYS G 134 -5.05 25.24 41.85
N GLY G 135 -3.89 25.87 41.67
CA GLY G 135 -3.00 25.46 40.62
C GLY G 135 -3.41 25.92 39.24
N ILE G 136 -4.34 26.84 39.14
CA ILE G 136 -4.84 27.34 37.85
C ILE G 136 -4.00 28.54 37.43
N LEU G 137 -3.55 28.54 36.17
CA LEU G 137 -2.84 29.70 35.63
C LEU G 137 -3.78 30.88 35.45
N ARG G 138 -3.43 32.02 36.02
CA ARG G 138 -4.33 33.17 36.05
C ARG G 138 -3.90 34.33 35.15
N ALA G 139 -2.61 34.52 34.94
CA ALA G 139 -2.10 35.66 34.18
C ALA G 139 -0.65 35.39 33.88
N MET G 140 -0.15 36.04 32.83
CA MET G 140 1.25 35.81 32.52
C MET G 140 1.82 37.00 31.74
N ILE G 141 3.13 37.17 31.86
CA ILE G 141 3.85 38.21 31.13
C ILE G 141 5.14 37.60 30.59
N TYR G 142 5.56 38.09 29.43
CA TYR G 142 6.82 37.69 28.81
C TYR G 142 7.57 38.96 28.45
N TYR G 143 8.62 39.33 29.28
CA TYR G 143 9.49 40.44 28.94
C TYR G 143 10.77 39.93 28.30
N PRO G 144 11.42 40.71 27.45
CA PRO G 144 12.63 40.23 26.76
C PRO G 144 13.86 40.33 27.67
N LEU G 145 14.97 39.81 27.15
CA LEU G 145 16.20 39.75 27.94
C LEU G 145 16.65 41.13 28.38
N THR G 146 16.38 42.16 27.59
CA THR G 146 16.87 43.50 27.92
C THR G 146 16.17 44.11 29.13
N THR G 147 14.99 43.65 29.51
CA THR G 147 14.04 44.55 30.19
C THR G 147 13.57 43.99 31.52
N GLY G 148 14.06 44.57 32.61
CA GLY G 148 13.63 44.11 33.92
C GLY G 148 12.14 44.36 34.15
N ARG G 149 11.57 43.51 35.00
CA ARG G 149 10.15 43.55 35.29
C ARG G 149 9.83 44.58 36.39
N ASN G 150 8.52 44.81 36.58
CA ASN G 150 8.00 45.77 37.55
C ASN G 150 7.43 44.96 38.71
N ILE G 151 8.15 44.93 39.84
CA ILE G 151 7.77 44.02 40.92
C ILE G 151 6.45 44.48 41.57
N ARG G 152 6.26 45.80 41.70
CA ARG G 152 5.02 46.28 42.28
C ARG G 152 3.82 45.97 41.41
N GLU G 153 3.99 45.89 40.09
CA GLU G 153 2.88 45.47 39.24
C GLU G 153 2.54 44.01 39.44
N VAL G 154 3.55 43.17 39.75
CA VAL G 154 3.26 41.78 40.08
C VAL G 154 2.40 41.72 41.34
N ILE G 155 2.74 42.53 42.35
CA ILE G 155 1.96 42.56 43.58
C ILE G 155 0.55 43.09 43.29
N ARG G 156 0.44 44.16 42.50
CA ARG G 156 -0.88 44.70 42.18
C ARG G 156 -1.72 43.67 41.43
N LEU G 157 -1.09 42.95 40.52
CA LEU G 157 -1.78 41.89 39.78
C LEU G 157 -2.31 40.81 40.72
N VAL G 158 -1.47 40.39 41.67
CA VAL G 158 -1.92 39.39 42.65
C VAL G 158 -3.09 39.94 43.47
N ASP G 159 -2.98 41.19 43.94
CA ASP G 159 -4.08 41.82 44.67
C ASP G 159 -5.36 41.86 43.83
N ALA G 160 -5.24 42.23 42.55
CA ALA G 160 -6.41 42.30 41.69
C ALA G 160 -7.05 40.94 41.50
N LEU G 161 -6.23 39.90 41.29
CA LEU G 161 -6.78 38.56 41.10
C LEU G 161 -7.41 38.03 42.38
N GLN G 162 -6.76 38.26 43.51
CA GLN G 162 -7.32 37.79 44.78
C GLN G 162 -8.59 38.53 45.13
N THR G 163 -8.65 39.82 44.84
CA THR G 163 -9.88 40.58 45.06
C THR G 163 -10.99 40.11 44.14
N ALA G 164 -10.67 39.84 42.86
CA ALA G 164 -11.68 39.32 41.94
C ALA G 164 -12.28 38.02 42.49
N ASP G 165 -11.41 37.10 42.94
CA ASP G 165 -11.89 35.82 43.47
C ASP G 165 -12.70 36.02 44.75
N ARG G 166 -12.18 36.84 45.67
CA ARG G 166 -12.84 37.00 46.97
C ARG G 166 -14.15 37.76 46.85
N GLU G 167 -14.21 38.79 46.01
CA GLU G 167 -15.37 39.68 45.97
C GLU G 167 -16.33 39.36 44.84
N GLY G 168 -15.96 38.52 43.88
CA GLY G 168 -16.82 38.33 42.73
C GLY G 168 -16.98 39.61 41.92
N VAL G 169 -15.87 40.32 41.71
CA VAL G 169 -15.85 41.60 41.02
C VAL G 169 -14.77 41.56 39.96
N ALA G 170 -14.76 42.57 39.11
CA ALA G 170 -13.62 42.82 38.24
C ALA G 170 -12.91 44.08 38.72
N THR G 171 -11.68 44.27 38.26
CA THR G 171 -10.91 45.43 38.65
C THR G 171 -10.58 46.27 37.44
N PRO G 172 -10.75 47.59 37.51
CA PRO G 172 -10.52 48.43 36.34
C PRO G 172 -9.06 48.60 36.02
N ALA G 173 -8.77 49.27 34.90
CA ALA G 173 -7.42 49.72 34.62
C ALA G 173 -6.86 50.44 35.85
N ASP G 174 -5.60 50.16 36.16
CA ASP G 174 -4.86 50.89 37.19
C ASP G 174 -5.47 50.72 38.59
N TRP G 175 -6.21 49.64 38.82
CA TRP G 175 -6.83 49.41 40.12
C TRP G 175 -5.80 49.08 41.19
N VAL G 176 -6.02 49.62 42.39
CA VAL G 176 -5.29 49.23 43.59
C VAL G 176 -6.27 49.08 44.74
N PRO G 177 -5.90 48.28 45.77
CA PRO G 177 -6.85 48.07 46.88
C PRO G 177 -7.02 49.28 47.77
N GLU G 178 -6.01 50.14 47.86
CA GLU G 178 -6.14 51.37 48.65
C GLU G 178 -5.32 52.44 47.96
N PRO G 179 -5.62 53.72 48.21
CA PRO G 179 -4.81 54.78 47.61
C PRO G 179 -3.36 54.59 48.00
N GLN G 180 -2.48 54.88 47.04
CA GLN G 180 -1.07 54.62 47.28
C GLN G 180 -0.26 55.32 46.20
N THR G 181 1.03 55.35 46.43
CA THR G 181 1.99 56.02 45.57
C THR G 181 3.17 55.09 45.33
N TRP G 182 3.49 54.83 44.06
CA TRP G 182 4.68 54.07 43.72
C TRP G 182 5.79 55.07 43.39
N GLU G 183 6.77 55.16 44.29
CA GLU G 183 7.88 56.08 44.11
C GLU G 183 9.00 55.38 43.35
N PHE G 184 9.49 56.05 42.31
CA PHE G 184 10.67 55.63 41.58
C PHE G 184 11.72 56.72 41.78
N THR G 185 12.88 56.33 42.28
CA THR G 185 13.88 57.29 42.70
C THR G 185 14.97 57.44 41.64
N GLU G 186 15.90 58.36 41.92
CA GLU G 186 17.06 58.52 41.05
C GLU G 186 17.79 57.20 40.85
N GLU G 187 17.85 56.38 41.91
CA GLU G 187 18.46 55.06 41.80
C GLU G 187 17.77 54.19 40.76
N ASN G 188 16.45 54.35 40.59
CA ASN G 188 15.72 53.56 39.61
C ASN G 188 15.98 53.99 38.18
N THR G 189 16.76 55.03 37.94
CA THR G 189 17.04 55.47 36.58
C THR G 189 18.34 54.90 36.02
N LYS G 190 19.16 54.28 36.85
CA LYS G 190 20.41 53.72 36.35
C LYS G 190 20.13 52.55 35.44
N VAL G 191 20.82 52.52 34.30
CA VAL G 191 20.72 51.41 33.37
C VAL G 191 21.87 50.45 33.59
N ILE G 192 21.81 49.30 32.91
CA ILE G 192 22.72 48.19 33.10
C ILE G 192 23.55 48.02 31.83
N VAL G 193 24.86 47.89 31.99
CA VAL G 193 25.75 47.56 30.87
C VAL G 193 25.59 46.07 30.56
N PRO G 194 25.34 45.68 29.32
CA PRO G 194 25.22 44.25 29.00
C PRO G 194 26.45 43.50 29.49
N PRO G 195 26.27 42.35 30.14
CA PRO G 195 27.39 41.74 30.86
C PRO G 195 28.45 41.23 29.92
N PRO G 196 29.71 41.14 30.36
CA PRO G 196 30.77 40.56 29.54
C PRO G 196 30.50 39.10 29.28
N THR G 197 30.98 38.62 28.13
CA THR G 197 30.79 37.23 27.74
C THR G 197 32.10 36.47 27.57
N THR G 198 33.25 37.09 27.85
CA THR G 198 34.51 36.39 27.94
C THR G 198 35.14 36.75 29.27
N TYR G 199 36.01 35.87 29.76
CA TYR G 199 36.71 36.16 31.01
C TYR G 199 37.56 37.42 30.89
N GLU G 200 38.25 37.57 29.76
CA GLU G 200 39.07 38.77 29.54
C GLU G 200 38.22 40.03 29.57
N ASP G 201 37.06 40.00 28.92
CA ASP G 201 36.17 41.16 28.94
C ASP G 201 35.64 41.45 30.34
N ALA G 202 35.45 40.40 31.15
CA ALA G 202 34.98 40.55 32.52
C ALA G 202 36.03 41.23 33.39
N VAL G 203 37.30 40.87 33.20
CA VAL G 203 38.39 41.53 33.91
C VAL G 203 38.50 42.99 33.46
N LYS G 204 38.42 43.25 32.16
CA LYS G 204 38.47 44.63 31.68
C LYS G 204 37.27 45.46 32.13
N ARG G 205 36.09 44.83 32.22
CA ARG G 205 34.86 45.55 32.57
C ARG G 205 34.99 46.29 33.90
N LEU G 206 35.72 45.70 34.84
CA LEU G 206 35.89 46.27 36.17
C LEU G 206 36.74 47.52 36.13
N GLN G 207 37.35 47.83 34.99
CA GLN G 207 38.22 49.00 34.82
C GLN G 207 37.63 50.06 33.90
N GLU G 208 36.35 49.94 33.55
CA GLU G 208 35.74 50.79 32.55
C GLU G 208 34.98 52.00 33.11
N GLY G 209 34.99 52.21 34.42
CA GLY G 209 34.43 53.41 35.02
C GLY G 209 32.96 53.33 35.35
N TYR G 210 32.34 52.15 35.27
CA TYR G 210 30.98 52.00 35.70
C TYR G 210 30.90 51.80 37.22
N GLU G 211 29.68 51.84 37.74
CA GLU G 211 29.39 51.48 39.13
C GLU G 211 29.10 49.98 39.16
N CYS G 212 30.10 49.18 39.57
CA CYS G 212 30.01 47.71 39.46
C CYS G 212 30.06 47.06 40.84
N ALA G 213 28.99 46.34 41.20
CA ALA G 213 29.05 45.50 42.39
C ALA G 213 29.85 44.23 42.14
N ASP G 214 29.92 43.78 40.88
CA ASP G 214 30.71 42.63 40.48
C ASP G 214 30.91 42.75 38.97
N TRP G 215 31.73 41.84 38.42
CA TRP G 215 32.10 41.94 37.01
C TRP G 215 30.86 41.93 36.11
N TYR G 216 29.81 41.25 36.53
CA TYR G 216 28.65 41.07 35.66
C TYR G 216 27.57 42.10 35.86
N ILE G 217 27.66 42.97 36.86
CA ILE G 217 26.58 43.90 37.17
C ILE G 217 27.18 45.29 37.32
N CYS G 218 27.16 46.06 36.25
CA CYS G 218 27.67 47.41 36.18
C CYS G 218 26.54 48.35 35.74
N LYS G 219 26.41 49.48 36.43
CA LYS G 219 25.36 50.45 36.17
C LYS G 219 25.96 51.78 35.74
N LYS G 220 25.15 52.56 35.03
CA LYS G 220 25.49 53.94 34.69
C LYS G 220 24.18 54.68 34.49
N LYS G 221 24.29 55.98 34.26
CA LYS G 221 23.12 56.74 33.87
C LYS G 221 23.25 57.13 32.41
N VAL G 222 22.11 57.34 31.75
CA VAL G 222 22.13 57.76 30.36
C VAL G 222 21.78 59.23 30.29
N SER H 5 -1.18 29.31 19.71
CA SER H 5 0.23 29.12 19.95
C SER H 5 0.81 30.40 20.54
N LEU H 6 2.11 30.39 20.75
CA LEU H 6 2.79 31.46 21.46
C LEU H 6 3.46 32.39 20.44
N PRO H 7 3.05 33.64 20.31
CA PRO H 7 3.82 34.56 19.47
C PRO H 7 5.25 34.62 19.99
N ARG H 8 6.19 34.75 19.06
CA ARG H 8 7.61 34.60 19.41
C ARG H 8 8.27 35.97 19.56
N LEU H 9 8.86 36.21 20.73
CA LEU H 9 9.61 37.44 20.97
C LEU H 9 10.84 37.50 20.07
N GLY H 10 11.11 38.68 19.51
CA GLY H 10 12.26 38.89 18.66
C GLY H 10 12.06 38.55 17.19
N GLU H 11 10.87 38.11 16.81
CA GLU H 11 10.49 37.78 15.44
C GLU H 11 9.43 38.74 14.95
N PRO H 12 9.28 38.90 13.63
CA PRO H 12 8.24 39.80 13.12
C PRO H 12 6.89 39.48 13.72
N ALA H 13 6.16 40.52 14.08
CA ALA H 13 4.83 40.32 14.61
C ALA H 13 3.94 39.69 13.53
N PRO H 14 3.08 38.75 13.90
CA PRO H 14 2.22 38.09 12.90
C PRO H 14 1.46 39.10 12.04
N ALA H 15 1.59 38.95 10.72
CA ALA H 15 0.99 39.90 9.79
C ALA H 15 -0.49 39.64 9.59
N PHE H 16 -1.23 40.71 9.32
CA PHE H 16 -2.65 40.59 9.04
C PHE H 16 -3.15 41.87 8.39
N GLU H 17 -4.31 41.74 7.75
CA GLU H 17 -5.09 42.85 7.24
C GLU H 17 -6.48 42.78 7.87
N ALA H 18 -6.99 43.94 8.28
CA ALA H 18 -8.24 43.98 9.01
C ALA H 18 -8.89 45.34 8.85
N GLN H 19 -10.19 45.40 9.14
CA GLN H 19 -10.91 46.66 9.26
C GLN H 19 -10.72 47.22 10.66
N THR H 20 -10.66 48.55 10.74
CA THR H 20 -10.55 49.24 12.01
C THR H 20 -11.46 50.45 12.00
N THR H 21 -11.64 51.03 13.17
CA THR H 21 -12.44 52.24 13.26
C THR H 21 -11.80 53.41 12.52
N PHE H 22 -10.56 53.27 12.08
CA PHE H 22 -9.88 54.28 11.28
C PHE H 22 -9.79 53.88 9.82
N GLY H 23 -10.38 52.75 9.44
CA GLY H 23 -10.27 52.26 8.09
C GLY H 23 -9.42 51.00 8.05
N PRO H 24 -9.18 50.48 6.85
CA PRO H 24 -8.42 49.24 6.73
C PRO H 24 -6.98 49.45 7.14
N VAL H 25 -6.39 48.39 7.71
CA VAL H 25 -5.00 48.42 8.14
C VAL H 25 -4.29 47.21 7.56
N LYS H 26 -3.03 47.41 7.17
CA LYS H 26 -2.10 46.34 6.83
C LYS H 26 -1.07 46.31 7.94
N PHE H 27 -1.12 45.25 8.75
CA PHE H 27 -0.34 45.19 9.98
C PHE H 27 0.78 44.18 9.85
N PRO H 28 1.99 44.52 10.34
CA PRO H 28 2.36 45.80 10.94
C PRO H 28 2.95 46.77 9.91
N ASP H 29 2.86 46.37 8.64
CA ASP H 29 3.46 47.12 7.55
C ASP H 29 3.00 48.58 7.52
N ASP H 30 1.72 48.85 7.81
CA ASP H 30 1.24 50.23 7.79
C ASP H 30 1.89 51.08 8.88
N PHE H 31 2.52 50.45 9.87
CA PHE H 31 3.11 51.18 10.98
C PHE H 31 4.63 51.09 10.99
N LYS H 32 5.25 50.75 9.87
CA LYS H 32 6.71 50.74 9.79
C LYS H 32 7.28 52.12 10.15
N GLY H 33 8.31 52.13 10.99
CA GLY H 33 8.86 53.36 11.51
C GLY H 33 8.21 53.85 12.78
N GLN H 34 7.14 53.21 13.23
CA GLN H 34 6.48 53.54 14.48
C GLN H 34 6.49 52.32 15.39
N TRP H 35 6.65 52.56 16.69
CA TRP H 35 6.35 51.52 17.65
C TRP H 35 4.85 51.36 17.74
N VAL H 36 4.43 50.15 18.08
CA VAL H 36 3.01 49.80 18.11
C VAL H 36 2.74 49.10 19.43
N VAL H 37 1.70 49.54 20.13
CA VAL H 37 1.14 48.79 21.24
C VAL H 37 -0.18 48.25 20.72
N LEU H 38 -0.17 46.96 20.36
CA LEU H 38 -1.38 46.27 19.93
C LEU H 38 -1.96 45.58 21.15
N PHE H 39 -3.22 45.86 21.46
CA PHE H 39 -3.82 45.18 22.59
C PHE H 39 -5.23 44.74 22.21
N SER H 40 -5.74 43.77 22.95
CA SER H 40 -7.05 43.20 22.71
C SER H 40 -7.92 43.41 23.94
N HIS H 41 -9.24 43.40 23.72
CA HIS H 41 -10.17 43.50 24.82
C HIS H 41 -11.30 42.53 24.50
N PRO H 42 -11.88 41.89 25.50
CA PRO H 42 -12.89 40.85 25.22
C PRO H 42 -14.10 41.36 24.46
N ALA H 43 -14.71 42.47 24.86
CA ALA H 43 -15.99 42.82 24.25
C ALA H 43 -16.29 44.31 24.39
N ASP H 44 -16.72 44.93 23.29
CA ASP H 44 -17.31 46.26 23.38
C ASP H 44 -18.43 46.27 24.41
N PHE H 45 -18.63 47.42 25.04
CA PHE H 45 -19.70 47.61 26.00
C PHE H 45 -19.56 46.68 27.21
N THR H 46 -18.33 46.48 27.66
CA THR H 46 -18.05 45.83 28.94
C THR H 46 -17.13 46.72 29.77
N PRO H 47 -17.23 46.64 31.10
CA PRO H 47 -16.74 47.75 31.95
C PRO H 47 -15.24 47.89 32.13
N VAL H 48 -14.51 46.81 32.40
CA VAL H 48 -13.07 46.94 32.56
C VAL H 48 -12.49 47.53 31.29
N THR H 50 -13.82 49.51 29.09
CA THR H 50 -14.08 50.94 29.02
C THR H 50 -13.05 51.70 29.86
N THR H 51 -12.76 51.24 31.10
CA THR H 51 -11.79 51.96 31.92
C THR H 51 -10.40 51.92 31.27
N GLU H 52 -10.06 50.81 30.64
CA GLU H 52 -8.77 50.72 29.96
C GLU H 52 -8.71 51.63 28.74
N PHE H 53 -9.78 51.64 27.92
CA PHE H 53 -9.79 52.53 26.76
C PHE H 53 -9.72 53.99 27.18
N VAL H 54 -10.46 54.37 28.23
CA VAL H 54 -10.39 55.76 28.72
C VAL H 54 -8.98 56.08 29.20
N ALA H 55 -8.36 55.15 29.92
CA ALA H 55 -7.02 55.41 30.43
C ALA H 55 -6.02 55.53 29.28
N PHE H 56 -6.14 54.65 28.27
CA PHE H 56 -5.29 54.78 27.10
C PHE H 56 -5.54 56.11 26.39
N ALA H 57 -6.81 56.48 26.24
CA ALA H 57 -7.15 57.76 25.60
C ALA H 57 -6.54 58.93 26.35
N LYS H 58 -6.66 58.92 27.68
CA LYS H 58 -6.10 60.01 28.48
C LYS H 58 -4.59 60.11 28.34
N ASN H 59 -3.94 58.98 28.05
CA ASN H 59 -2.49 58.92 27.90
C ASN H 59 -2.04 58.96 26.44
N TYR H 60 -2.93 59.34 25.52
CA TYR H 60 -2.60 59.26 24.10
C TYR H 60 -1.37 60.10 23.74
N GLU H 61 -1.25 61.30 24.30
CA GLU H 61 -0.08 62.11 24.01
C GLU H 61 1.19 61.50 24.61
N GLU H 62 1.08 60.78 25.73
CA GLU H 62 2.25 60.08 26.27
C GLU H 62 2.77 59.05 25.27
N PHE H 63 1.85 58.34 24.60
CA PHE H 63 2.29 57.39 23.59
C PHE H 63 2.74 58.10 22.31
N LYS H 64 2.03 59.15 21.91
CA LYS H 64 2.36 59.86 20.68
C LYS H 64 3.77 60.45 20.71
N LYS H 65 4.15 61.06 21.82
CA LYS H 65 5.51 61.62 21.89
C LYS H 65 6.58 60.54 21.96
N ARG H 66 6.20 59.30 22.28
CA ARG H 66 7.11 58.18 22.21
C ARG H 66 7.04 57.45 20.88
N ASN H 67 6.39 58.06 19.87
CA ASN H 67 6.28 57.47 18.55
C ASN H 67 5.57 56.12 18.63
N VAL H 68 4.54 56.04 19.46
CA VAL H 68 3.81 54.80 19.67
C VAL H 68 2.43 54.95 19.08
N GLN H 69 2.07 54.04 18.18
CA GLN H 69 0.71 53.92 17.68
C GLN H 69 -0.02 52.90 18.53
N LEU H 70 -1.06 53.33 19.24
CA LEU H 70 -1.92 52.40 19.94
C LEU H 70 -2.94 51.81 18.97
N ILE H 71 -3.22 50.53 19.11
CA ILE H 71 -4.29 49.93 18.31
C ILE H 71 -4.93 48.81 19.12
N GLY H 72 -6.24 48.91 19.33
CA GLY H 72 -6.97 47.91 20.07
C GLY H 72 -7.53 46.87 19.13
N LEU H 73 -8.17 45.86 19.71
CA LEU H 73 -8.70 44.75 18.93
C LEU H 73 -9.74 44.01 19.76
N SER H 74 -10.88 43.72 19.16
CA SER H 74 -11.77 42.73 19.75
C SER H 74 -12.45 41.98 18.61
N VAL H 75 -13.21 40.95 18.98
CA VAL H 75 -13.93 40.17 17.97
C VAL H 75 -15.24 40.84 17.58
N ASP H 76 -15.52 42.02 18.10
CA ASP H 76 -16.73 42.77 17.77
C ASP H 76 -16.66 43.36 16.37
N SER H 77 -17.84 43.68 15.83
CA SER H 77 -17.88 44.30 14.52
C SER H 77 -17.39 45.75 14.57
N ASN H 78 -17.01 46.26 13.40
CA ASN H 78 -16.62 47.66 13.31
C ASN H 78 -17.77 48.60 13.64
N PHE H 79 -19.00 48.18 13.36
CA PHE H 79 -20.15 49.01 13.71
C PHE H 79 -20.36 49.02 15.22
N SER H 80 -20.19 47.89 15.88
CA SER H 80 -20.22 47.89 17.34
C SER H 80 -19.09 48.73 17.91
N HIS H 81 -17.90 48.69 17.30
CA HIS H 81 -16.80 49.54 17.75
C HIS H 81 -17.17 51.02 17.72
N ILE H 82 -17.68 51.48 16.59
CA ILE H 82 -18.03 52.89 16.45
C ILE H 82 -19.10 53.27 17.46
N ALA H 83 -20.12 52.41 17.62
CA ALA H 83 -21.16 52.66 18.61
C ALA H 83 -20.58 52.78 20.01
N TRP H 84 -19.63 51.90 20.35
CA TRP H 84 -19.02 51.94 21.67
C TRP H 84 -18.20 53.19 21.86
N VAL H 85 -17.45 53.59 20.82
CA VAL H 85 -16.67 54.82 20.92
C VAL H 85 -17.60 56.02 21.07
N MET H 86 -18.72 56.02 20.33
CA MET H 86 -19.73 57.05 20.50
C MET H 86 -20.28 57.06 21.93
N ASN H 87 -20.56 55.87 22.48
CA ASN H 87 -21.08 55.76 23.85
C ASN H 87 -20.06 56.30 24.85
N ILE H 88 -18.78 55.94 24.68
CA ILE H 88 -17.77 56.45 25.61
C ILE H 88 -17.71 57.97 25.55
N LYS H 89 -17.83 58.53 24.34
CA LYS H 89 -17.85 60.00 24.23
C LYS H 89 -19.06 60.59 24.95
N GLU H 90 -20.22 59.96 24.81
CA GLU H 90 -21.44 60.48 25.43
C GLU H 90 -21.41 60.37 26.95
N LYS H 91 -20.94 59.25 27.48
CA LYS H 91 -21.03 59.01 28.91
C LYS H 91 -19.85 59.55 29.69
N PHE H 92 -18.69 59.71 29.05
CA PHE H 92 -17.48 60.13 29.76
C PHE H 92 -16.83 61.38 29.19
N GLY H 93 -17.30 61.88 28.05
CA GLY H 93 -16.73 63.06 27.46
C GLY H 93 -15.36 62.85 26.85
N ILE H 94 -14.96 61.60 26.61
CA ILE H 94 -13.64 61.26 26.09
C ILE H 94 -13.83 60.62 24.72
N GLU H 95 -13.06 61.10 23.74
CA GLU H 95 -13.07 60.58 22.38
C GLU H 95 -11.86 59.67 22.19
N ILE H 96 -12.11 58.39 21.89
CA ILE H 96 -11.03 57.44 21.68
C ILE H 96 -10.19 57.90 20.49
N PRO H 97 -8.90 58.18 20.66
CA PRO H 97 -8.09 58.75 19.57
C PRO H 97 -7.23 57.73 18.81
N PHE H 98 -7.47 56.44 18.97
CA PHE H 98 -6.67 55.42 18.32
C PHE H 98 -7.59 54.39 17.70
N PRO H 99 -7.13 53.65 16.70
CA PRO H 99 -8.00 52.70 16.00
C PRO H 99 -8.27 51.44 16.80
N ILE H 100 -9.43 50.83 16.52
CA ILE H 100 -9.77 49.52 17.06
C ILE H 100 -10.01 48.54 15.92
N ILE H 101 -9.31 47.42 15.96
CA ILE H 101 -9.46 46.38 14.94
C ILE H 101 -10.74 45.60 15.19
N ALA H 102 -11.50 45.36 14.12
CA ALA H 102 -12.65 44.47 14.14
C ALA H 102 -12.18 43.09 13.67
N ASP H 103 -11.95 42.19 14.63
CA ASP H 103 -11.45 40.84 14.35
C ASP H 103 -12.55 39.78 14.44
N HIS H 104 -13.50 39.86 13.50
CA HIS H 104 -14.72 39.03 13.61
C HIS H 104 -14.43 37.55 13.65
N ASN H 105 -13.63 37.07 12.73
CA ASN H 105 -13.46 35.64 12.59
C ASN H 105 -12.29 35.12 13.38
N MET H 106 -11.81 35.89 14.36
CA MET H 106 -10.73 35.53 15.25
C MET H 106 -9.44 35.20 14.53
N GLU H 107 -9.30 35.59 13.26
CA GLU H 107 -8.09 35.19 12.55
C GLU H 107 -6.86 35.88 13.14
N VAL H 108 -6.96 37.17 13.47
CA VAL H 108 -5.85 37.85 14.12
C VAL H 108 -5.67 37.34 15.54
N ALA H 109 -6.78 37.18 16.28
CA ALA H 109 -6.70 36.74 17.67
C ALA H 109 -5.95 35.42 17.78
N LYS H 110 -6.20 34.49 16.87
CA LYS H 110 -5.55 33.19 16.91
C LYS H 110 -4.06 33.32 16.60
N LYS H 111 -3.69 34.21 15.68
CA LYS H 111 -2.28 34.41 15.39
C LYS H 111 -1.51 34.91 16.59
N TYR H 112 -2.18 35.58 17.52
CA TYR H 112 -1.54 36.19 18.67
C TYR H 112 -1.80 35.44 19.97
N GLY H 113 -2.39 34.24 19.88
CA GLY H 113 -2.67 33.46 21.07
C GLY H 113 -3.63 34.12 22.02
N MET H 114 -4.56 34.92 21.50
CA MET H 114 -5.41 35.73 22.37
C MET H 114 -6.65 34.99 22.84
N ILE H 115 -6.95 33.82 22.30
CA ILE H 115 -8.13 33.05 22.68
C ILE H 115 -7.68 31.95 23.62
N HIS H 116 -8.14 32.03 24.87
CA HIS H 116 -7.85 31.03 25.88
C HIS H 116 -9.18 30.42 26.29
N PRO H 117 -9.50 29.21 25.81
CA PRO H 117 -10.89 28.72 25.89
C PRO H 117 -11.46 28.63 27.29
N ALA H 118 -10.63 28.38 28.31
CA ALA H 118 -11.12 28.34 29.68
C ALA H 118 -11.53 29.71 30.17
N GLN H 119 -10.96 30.76 29.57
CA GLN H 119 -11.42 32.11 29.79
C GLN H 119 -12.67 32.37 28.96
N SER H 120 -12.57 32.17 27.66
CA SER H 120 -13.71 32.36 26.78
C SER H 120 -13.41 31.70 25.45
N THR H 121 -14.41 31.03 24.87
CA THR H 121 -14.26 30.52 23.53
C THR H 121 -14.64 31.55 22.47
N THR H 122 -15.13 32.72 22.87
CA THR H 122 -15.60 33.70 21.90
C THR H 122 -14.87 35.04 21.98
N PHE H 123 -14.36 35.43 23.13
CA PHE H 123 -13.70 36.73 23.33
C PHE H 123 -12.21 36.53 23.53
N THR H 124 -11.43 37.55 23.12
CA THR H 124 -10.02 37.58 23.47
C THR H 124 -9.85 37.84 24.96
N VAL H 125 -8.71 37.41 25.48
CA VAL H 125 -8.29 37.83 26.82
C VAL H 125 -7.70 39.22 26.70
N ARG H 126 -7.13 39.74 27.79
CA ARG H 126 -6.51 41.07 27.77
C ARG H 126 -5.04 40.94 27.40
N ALA H 127 -4.81 40.70 26.11
CA ALA H 127 -3.46 40.54 25.60
C ALA H 127 -2.91 41.90 25.20
N LEU H 128 -1.61 42.07 25.35
CA LEU H 128 -0.98 43.29 24.89
C LEU H 128 0.41 42.96 24.38
N PHE H 129 0.75 43.59 23.26
CA PHE H 129 1.98 43.31 22.52
C PHE H 129 2.68 44.62 22.25
N VAL H 130 3.96 44.71 22.60
CA VAL H 130 4.76 45.86 22.22
C VAL H 130 5.58 45.46 21.00
N ILE H 131 5.44 46.22 19.92
CA ILE H 131 6.07 45.94 18.64
C ILE H 131 6.88 47.16 18.27
N ASP H 132 8.11 46.94 17.80
CA ASP H 132 9.00 48.05 17.57
C ASP H 132 8.81 48.61 16.17
N ASP H 133 9.63 49.59 15.82
CA ASP H 133 9.51 50.32 14.58
C ASP H 133 9.90 49.50 13.36
N LYS H 134 10.45 48.31 13.56
CA LYS H 134 10.74 47.37 12.48
C LYS H 134 9.74 46.23 12.41
N GLY H 135 8.64 46.31 13.17
CA GLY H 135 7.64 45.26 13.17
C GLY H 135 7.98 44.05 14.01
N ILE H 136 8.99 44.14 14.87
CA ILE H 136 9.43 43.00 15.67
C ILE H 136 8.68 42.97 16.99
N LEU H 137 8.16 41.80 17.36
CA LEU H 137 7.50 41.63 18.64
C LEU H 137 8.55 41.72 19.74
N ARG H 138 8.35 42.61 20.71
CA ARG H 138 9.37 42.87 21.72
C ARG H 138 8.99 42.38 23.10
N ALA H 139 7.71 42.37 23.43
CA ALA H 139 7.25 42.04 24.77
C ALA H 139 5.76 41.77 24.69
N MET H 140 5.25 41.02 25.66
CA MET H 140 3.83 40.74 25.63
C MET H 140 3.31 40.43 27.03
N ILE H 141 2.02 40.68 27.19
CA ILE H 141 1.29 40.54 28.45
C ILE H 141 0.00 39.80 28.13
N TYR H 142 -0.43 38.92 29.03
CA TYR H 142 -1.73 38.27 28.91
C TYR H 142 -2.43 38.36 30.28
N TYR H 143 -3.35 39.28 30.40
CA TYR H 143 -4.11 39.37 31.63
C TYR H 143 -5.49 38.74 31.43
N PRO H 144 -6.13 38.25 32.49
CA PRO H 144 -7.42 37.58 32.34
C PRO H 144 -8.56 38.59 32.21
N LEU H 145 -9.76 38.05 31.97
CA LEU H 145 -10.93 38.89 31.75
C LEU H 145 -11.26 39.76 32.95
N THR H 146 -10.93 39.30 34.16
CA THR H 146 -11.28 40.03 35.38
C THR H 146 -10.47 41.31 35.59
N THR H 147 -9.29 41.43 34.99
CA THR H 147 -8.23 42.24 35.59
C THR H 147 -7.71 43.29 34.62
N GLY H 148 -8.06 44.56 34.87
CA GLY H 148 -7.56 45.62 34.02
C GLY H 148 -6.06 45.78 34.11
N ARG H 149 -5.48 46.27 33.01
CA ARG H 149 -4.04 46.42 32.85
C ARG H 149 -3.56 47.72 33.50
N ASN H 150 -2.24 47.85 33.58
CA ASN H 150 -1.58 48.99 34.21
C ASN H 150 -1.01 49.83 33.07
N ILE H 151 -1.67 50.95 32.76
CA ILE H 151 -1.28 51.69 31.56
C ILE H 151 0.11 52.31 31.74
N ARG H 152 0.43 52.78 32.95
CA ARG H 152 1.76 53.34 33.16
C ARG H 152 2.86 52.30 33.00
N GLU H 153 2.56 51.03 33.32
CA GLU H 153 3.58 49.99 33.07
C GLU H 153 3.79 49.77 31.58
N VAL H 154 2.74 49.94 30.78
CA VAL H 154 2.91 49.88 29.33
C VAL H 154 3.84 50.99 28.85
N ILE H 155 3.65 52.21 29.38
CA ILE H 155 4.53 53.32 29.02
C ILE H 155 5.96 53.03 29.47
N ARG H 156 6.13 52.54 30.69
CA ARG H 156 7.46 52.24 31.20
C ARG H 156 8.14 51.17 30.36
N LEU H 157 7.39 50.15 29.97
CA LEU H 157 7.94 49.10 29.11
C LEU H 157 8.40 49.67 27.77
N VAL H 158 7.58 50.53 27.16
CA VAL H 158 8.00 51.20 25.93
C VAL H 158 9.27 52.01 26.16
N ASP H 159 9.29 52.81 27.23
CA ASP H 159 10.50 53.57 27.57
C ASP H 159 11.70 52.65 27.75
N ALA H 160 11.52 51.54 28.47
CA ALA H 160 12.62 50.62 28.71
C ALA H 160 13.14 50.01 27.41
N LEU H 161 12.24 49.61 26.52
CA LEU H 161 12.68 49.03 25.26
C LEU H 161 13.34 50.07 24.36
N GLN H 162 12.79 51.28 24.30
CA GLN H 162 13.40 52.29 23.43
C GLN H 162 14.76 52.71 23.97
N THR H 163 14.89 52.83 25.29
CA THR H 163 16.19 53.15 25.86
C THR H 163 17.21 52.04 25.60
N ALA H 164 16.78 50.79 25.76
CA ALA H 164 17.67 49.66 25.46
C ALA H 164 18.18 49.73 24.03
N ASP H 165 17.26 49.98 23.07
CA ASP H 165 17.66 50.06 21.66
C ASP H 165 18.55 51.26 21.40
N ARG H 166 18.20 52.42 21.95
CA ARG H 166 18.93 53.65 21.65
C ARG H 166 20.33 53.63 22.25
N GLU H 167 20.45 53.17 23.49
CA GLU H 167 21.70 53.27 24.23
C GLU H 167 22.51 51.99 24.27
N GLY H 168 21.98 50.87 23.79
CA GLY H 168 22.71 49.62 23.90
C GLY H 168 22.87 49.16 25.34
N VAL H 169 21.82 49.27 26.14
CA VAL H 169 21.86 48.93 27.55
C VAL H 169 20.70 47.99 27.84
N ALA H 170 20.70 47.46 29.05
CA ALA H 170 19.55 46.76 29.60
C ALA H 170 18.97 47.61 30.71
N THR H 171 17.74 47.32 31.10
CA THR H 171 17.17 48.11 32.17
C THR H 171 16.85 47.21 33.36
N PRO H 172 17.17 47.65 34.57
CA PRO H 172 16.98 46.81 35.75
C PRO H 172 15.52 46.72 36.14
N ALA H 173 15.25 45.86 37.12
CA ALA H 173 13.95 45.85 37.77
C ALA H 173 13.53 47.26 38.13
N ASP H 174 12.26 47.60 37.87
CA ASP H 174 11.65 48.85 38.33
C ASP H 174 12.31 50.09 37.73
N TRP H 175 12.94 49.94 36.57
CA TRP H 175 13.62 51.05 35.93
C TRP H 175 12.64 52.08 35.39
N VAL H 176 13.00 53.35 35.55
CA VAL H 176 12.30 54.44 34.89
C VAL H 176 13.33 55.41 34.33
N PRO H 177 12.96 56.17 33.28
CA PRO H 177 13.94 57.08 32.70
C PRO H 177 14.26 58.27 33.57
N GLU H 178 13.35 58.70 34.43
CA GLU H 178 13.61 59.80 35.35
C GLU H 178 12.81 59.54 36.62
N PRO H 179 13.21 60.14 37.75
CA PRO H 179 12.46 59.94 38.99
C PRO H 179 11.01 60.34 38.79
N GLN H 180 10.11 59.61 39.42
CA GLN H 180 8.70 59.85 39.19
C GLN H 180 7.88 59.12 40.24
N THR H 181 6.62 59.51 40.31
CA THR H 181 5.68 59.02 41.29
C THR H 181 4.42 58.60 40.55
N TRP H 182 4.00 57.35 40.73
CA TRP H 182 2.72 56.90 40.17
C TRP H 182 1.69 56.98 41.27
N GLU H 183 0.78 57.95 41.16
CA GLU H 183 -0.26 58.16 42.15
C GLU H 183 -1.45 57.30 41.78
N PHE H 184 -1.96 56.55 42.75
CA PHE H 184 -3.23 55.84 42.60
C PHE H 184 -4.16 56.42 43.65
N THR H 185 -5.31 56.91 43.22
CA THR H 185 -6.22 57.67 44.05
C THR H 185 -7.38 56.80 44.51
N GLU H 186 -8.28 57.41 45.29
CA GLU H 186 -9.49 56.73 45.73
C GLU H 186 -10.27 56.17 44.55
N GLU H 187 -10.31 56.92 43.45
CA GLU H 187 -11.02 56.44 42.26
C GLU H 187 -10.41 55.14 41.74
N ASN H 188 -9.09 54.97 41.90
CA ASN H 188 -8.45 53.75 41.45
C ASN H 188 -8.75 52.57 42.34
N THR H 189 -9.47 52.74 43.45
CA THR H 189 -9.79 51.62 44.32
C THR H 189 -11.16 51.02 44.05
N LYS H 190 -11.99 51.69 43.25
CA LYS H 190 -13.32 51.18 42.99
C LYS H 190 -13.27 49.91 42.16
N VAL H 191 -14.04 48.91 42.55
CA VAL H 191 -14.13 47.67 41.81
C VAL H 191 -15.33 47.72 40.88
N ILE H 192 -15.41 46.77 39.98
CA ILE H 192 -16.38 46.75 38.90
C ILE H 192 -17.34 45.59 39.13
N VAL H 193 -18.63 45.87 39.02
CA VAL H 193 -19.64 44.82 39.06
C VAL H 193 -19.65 44.12 37.71
N PRO H 194 -19.56 42.78 37.67
CA PRO H 194 -19.62 42.08 36.37
C PRO H 194 -20.87 42.48 35.61
N PRO H 195 -20.75 42.76 34.31
CA PRO H 195 -21.86 43.39 33.58
C PRO H 195 -23.04 42.43 33.40
N PRO H 196 -24.25 42.97 33.29
CA PRO H 196 -25.41 42.11 33.02
C PRO H 196 -25.31 41.43 31.66
N THR H 197 -25.92 40.27 31.56
CA THR H 197 -25.90 39.50 30.33
C THR H 197 -27.28 39.31 29.73
N THR H 198 -28.33 39.87 30.31
CA THR H 198 -29.64 39.92 29.69
C THR H 198 -30.15 41.36 29.72
N TYR H 199 -31.04 41.67 28.79
CA TYR H 199 -31.59 43.03 28.74
C TYR H 199 -32.35 43.34 30.02
N GLU H 200 -33.15 42.39 30.51
CA GLU H 200 -33.89 42.59 31.74
C GLU H 200 -32.95 42.88 32.90
N ASP H 201 -31.86 42.11 33.01
CA ASP H 201 -30.87 42.38 34.05
C ASP H 201 -30.18 43.72 33.87
N ALA H 202 -29.96 44.14 32.62
CA ALA H 202 -29.31 45.42 32.39
C ALA H 202 -30.20 46.56 32.86
N VAL H 203 -31.50 46.44 32.66
CA VAL H 203 -32.44 47.44 33.18
C VAL H 203 -32.45 47.41 34.70
N LYS H 204 -32.51 46.22 35.30
CA LYS H 204 -32.48 46.13 36.75
C LYS H 204 -31.19 46.66 37.33
N ARG H 205 -30.08 46.46 36.62
CA ARG H 205 -28.77 46.89 37.12
C ARG H 205 -28.74 48.38 37.41
N LEU H 206 -29.41 49.19 36.59
CA LEU H 206 -29.37 50.62 36.82
C LEU H 206 -30.14 51.05 38.07
N GLN H 207 -30.86 50.13 38.71
CA GLN H 207 -31.62 50.43 39.92
C GLN H 207 -31.03 49.79 41.17
N GLU H 208 -29.83 49.22 41.10
CA GLU H 208 -29.28 48.48 42.22
C GLU H 208 -28.40 49.35 43.13
N GLY H 209 -28.28 50.64 42.85
CA GLY H 209 -27.60 51.57 43.73
C GLY H 209 -26.11 51.71 43.51
N TYR H 210 -25.58 51.13 42.45
CA TYR H 210 -24.17 51.29 42.13
C TYR H 210 -23.91 52.64 41.47
N GLU H 211 -22.63 52.94 41.29
CA GLU H 211 -22.18 54.12 40.55
C GLU H 211 -22.02 53.69 39.09
N CYS H 212 -23.04 53.98 38.27
CA CYS H 212 -23.13 53.47 36.90
C CYS H 212 -23.10 54.62 35.91
N ALA H 213 -22.08 54.66 35.05
CA ALA H 213 -22.10 55.59 33.93
C ALA H 213 -23.04 55.11 32.83
N ASP H 214 -23.25 53.81 32.75
CA ASP H 214 -24.18 53.18 31.80
C ASP H 214 -24.48 51.80 32.37
N TRP H 215 -25.40 51.09 31.70
CA TRP H 215 -25.88 49.82 32.24
C TRP H 215 -24.75 48.81 32.42
N TYR H 216 -23.71 48.90 31.61
CA TYR H 216 -22.66 47.89 31.59
C TYR H 216 -21.46 48.25 32.44
N ILE H 217 -21.40 49.45 33.00
CA ILE H 217 -20.22 49.91 33.74
C ILE H 217 -20.72 50.50 35.06
N CYS H 218 -20.72 49.67 36.10
CA CYS H 218 -21.12 50.06 37.44
C CYS H 218 -19.96 49.79 38.39
N LYS H 219 -19.65 50.77 39.24
CA LYS H 219 -18.55 50.66 40.18
C LYS H 219 -19.08 50.72 41.60
N LYS H 220 -18.24 50.22 42.51
CA LYS H 220 -18.44 50.35 43.93
C LYS H 220 -17.04 50.31 44.56
N LYS H 221 -16.97 50.49 45.86
CA LYS H 221 -15.69 50.31 46.53
C LYS H 221 -15.72 49.05 47.38
N VAL H 222 -14.52 48.51 47.61
CA VAL H 222 -14.35 47.33 48.45
C VAL H 222 -13.82 47.74 49.82
N SER I 5 26.87 8.13 20.76
CA SER I 5 27.69 7.03 20.28
C SER I 5 29.08 7.10 20.90
N LEU I 6 29.94 6.14 20.55
CA LEU I 6 31.32 6.19 20.98
C LEU I 6 32.13 6.93 19.94
N PRO I 7 32.79 8.04 20.28
CA PRO I 7 33.71 8.65 19.33
C PRO I 7 34.78 7.65 18.89
N ARG I 8 35.21 7.78 17.65
CA ARG I 8 36.01 6.76 16.99
C ARG I 8 37.49 7.16 16.97
N LEU I 9 38.33 6.33 17.59
CA LEU I 9 39.77 6.56 17.56
C LEU I 9 40.28 6.46 16.14
N GLY I 10 41.20 7.36 15.78
CA GLY I 10 41.79 7.36 14.46
C GLY I 10 41.00 8.13 13.43
N GLU I 11 39.82 8.62 13.76
CA GLU I 11 38.99 9.39 12.85
C GLU I 11 38.96 10.85 13.29
N PRO I 12 38.60 11.76 12.40
CA PRO I 12 38.50 13.17 12.79
C PRO I 12 37.60 13.34 14.00
N ALA I 13 38.03 14.18 14.94
CA ALA I 13 37.22 14.45 16.11
C ALA I 13 35.91 15.11 15.69
N PRO I 14 34.79 14.75 16.30
CA PRO I 14 33.51 15.36 15.92
C PRO I 14 33.62 16.88 15.91
N ALA I 15 33.25 17.49 14.79
CA ALA I 15 33.38 18.92 14.61
C ALA I 15 32.23 19.65 15.28
N PHE I 16 32.50 20.87 15.73
CA PHE I 16 31.45 21.69 16.33
C PHE I 16 31.91 23.14 16.38
N GLU I 17 30.95 24.02 16.57
CA GLU I 17 31.18 25.42 16.88
C GLU I 17 30.54 25.68 18.24
N ALA I 18 31.21 26.46 19.08
CA ALA I 18 30.72 26.64 20.43
C ALA I 18 31.17 27.99 20.97
N GLN I 19 30.45 28.45 21.99
CA GLN I 19 30.85 29.60 22.78
C GLN I 19 31.76 29.14 23.91
N THR I 20 32.77 29.95 24.23
CA THR I 20 33.69 29.64 25.32
C THR I 20 34.02 30.91 26.10
N THR I 21 34.71 30.70 27.22
CA THR I 21 35.18 31.86 27.99
C THR I 21 36.22 32.69 27.25
N PHE I 22 36.75 32.19 26.14
CA PHE I 22 37.71 32.94 25.34
C PHE I 22 37.12 33.45 24.03
N GLY I 23 35.81 33.29 23.85
CA GLY I 23 35.18 33.65 22.60
C GLY I 23 34.76 32.42 21.84
N PRO I 24 34.16 32.61 20.66
CA PRO I 24 33.68 31.45 19.89
C PRO I 24 34.82 30.61 19.35
N VAL I 25 34.57 29.29 19.23
CA VAL I 25 35.57 28.38 18.71
C VAL I 25 34.92 27.57 17.60
N LYS I 26 35.71 27.28 16.56
CA LYS I 26 35.34 26.34 15.50
C LYS I 26 36.28 25.15 15.65
N PHE I 27 35.73 24.02 16.03
CA PHE I 27 36.52 22.86 16.43
C PHE I 27 36.46 21.75 15.39
N PRO I 28 37.60 21.12 15.05
CA PRO I 28 38.96 21.40 15.50
C PRO I 28 39.68 22.35 14.54
N ASP I 29 38.93 22.95 13.62
CA ASP I 29 39.48 23.81 12.59
C ASP I 29 40.38 24.91 13.17
N ASP I 30 39.95 25.52 14.27
CA ASP I 30 40.74 26.61 14.86
C ASP I 30 42.04 26.11 15.51
N PHE I 31 42.17 24.81 15.76
CA PHE I 31 43.33 24.25 16.45
C PHE I 31 44.19 23.38 15.53
N LYS I 32 44.04 23.54 14.21
CA LYS I 32 44.92 22.87 13.27
C LYS I 32 46.38 23.19 13.58
N GLY I 33 47.22 22.16 13.59
CA GLY I 33 48.61 22.35 13.94
C GLY I 33 48.91 22.27 15.40
N GLN I 34 47.89 22.17 16.25
CA GLN I 34 48.06 21.98 17.69
C GLN I 34 47.41 20.67 18.12
N TRP I 35 48.03 20.03 19.10
CA TRP I 35 47.34 18.98 19.82
C TRP I 35 46.31 19.61 20.74
N VAL I 36 45.24 18.88 21.02
CA VAL I 36 44.16 19.40 21.83
C VAL I 36 43.81 18.37 22.89
N VAL I 37 43.69 18.83 24.13
CA VAL I 37 43.09 18.02 25.17
C VAL I 37 41.74 18.65 25.48
N LEU I 38 40.69 18.02 24.98
CA LEU I 38 39.32 18.43 25.26
C LEU I 38 38.82 17.59 26.42
N PHE I 39 38.33 18.24 27.46
CA PHE I 39 37.81 17.49 28.58
C PHE I 39 36.54 18.15 29.08
N SER I 40 35.72 17.38 29.77
CA SER I 40 34.45 17.88 30.26
C SER I 40 34.41 17.79 31.77
N HIS I 41 33.56 18.60 32.39
CA HIS I 41 33.35 18.54 33.81
C HIS I 41 31.86 18.72 34.05
N PRO I 42 31.30 18.02 35.04
CA PRO I 42 29.85 18.07 35.22
C PRO I 42 29.30 19.47 35.49
N ALA I 43 29.89 20.22 36.40
CA ALA I 43 29.24 21.47 36.80
C ALA I 43 30.25 22.45 37.37
N ASP I 44 30.16 23.71 36.93
CA ASP I 44 30.84 24.79 37.63
C ASP I 44 30.44 24.76 39.09
N PHE I 45 31.34 25.23 39.96
CA PHE I 45 31.09 25.35 41.40
C PHE I 45 30.84 23.98 42.03
N THR I 46 31.57 22.97 41.57
CA THR I 46 31.58 21.68 42.25
C THR I 46 33.02 21.29 42.54
N PRO I 47 33.24 20.51 43.57
CA PRO I 47 34.59 20.46 44.16
C PRO I 47 35.64 19.63 43.41
N VAL I 48 35.31 18.43 42.94
CA VAL I 48 36.35 17.67 42.22
C VAL I 48 36.79 18.49 41.01
N THR I 50 36.84 21.66 40.54
CA THR I 50 37.72 22.73 40.95
C THR I 50 39.15 22.21 41.11
N THR I 51 39.34 21.07 41.78
CA THR I 51 40.70 20.57 41.96
C THR I 51 41.33 20.19 40.62
N GLU I 52 40.51 19.67 39.68
CA GLU I 52 41.04 19.35 38.37
C GLU I 52 41.42 20.61 37.59
N PHE I 53 40.57 21.63 37.61
CA PHE I 53 40.90 22.87 36.91
C PHE I 53 42.16 23.51 37.47
N VAL I 54 42.30 23.50 38.80
CA VAL I 54 43.52 24.04 39.40
C VAL I 54 44.73 23.24 38.95
N ALA I 55 44.60 21.92 38.90
CA ALA I 55 45.73 21.09 38.50
C ALA I 55 46.07 21.30 37.02
N PHE I 56 45.06 21.38 36.16
CA PHE I 56 45.34 21.68 34.76
C PHE I 56 45.98 23.04 34.61
N ALA I 57 45.44 24.05 35.31
CA ALA I 57 46.01 25.39 35.24
C ALA I 57 47.46 25.40 35.72
N LYS I 58 47.75 24.70 36.82
CA LYS I 58 49.13 24.66 37.32
C LYS I 58 50.07 23.99 36.31
N ASN I 59 49.55 23.06 35.51
CA ASN I 59 50.32 22.36 34.50
C ASN I 59 50.16 22.96 33.11
N TYR I 60 49.64 24.19 33.02
CA TYR I 60 49.38 24.79 31.72
C TYR I 60 50.66 24.91 30.90
N GLU I 61 51.77 25.27 31.53
CA GLU I 61 53.03 25.39 30.79
C GLU I 61 53.52 24.02 30.32
N GLU I 62 53.25 22.97 31.09
CA GLU I 62 53.60 21.63 30.64
C GLU I 62 52.87 21.27 29.35
N PHE I 63 51.60 21.68 29.23
CA PHE I 63 50.86 21.40 28.00
C PHE I 63 51.29 22.32 26.86
N LYS I 64 51.47 23.61 27.18
CA LYS I 64 51.89 24.58 26.19
C LYS I 64 53.21 24.19 25.53
N LYS I 65 54.19 23.74 26.31
CA LYS I 65 55.46 23.38 25.71
C LYS I 65 55.37 22.12 24.86
N ARG I 66 54.29 21.34 25.02
CA ARG I 66 54.03 20.18 24.18
C ARG I 66 53.09 20.51 23.02
N ASN I 67 52.86 21.79 22.75
CA ASN I 67 51.98 22.21 21.64
C ASN I 67 50.57 21.67 21.87
N VAL I 68 50.11 21.70 23.11
CA VAL I 68 48.79 21.19 23.47
C VAL I 68 47.92 22.35 23.89
N GLN I 69 46.76 22.50 23.26
CA GLN I 69 45.73 23.42 23.70
C GLN I 69 44.75 22.68 24.60
N LEU I 70 44.64 23.11 25.85
CA LEU I 70 43.61 22.59 26.73
C LEU I 70 42.30 23.31 26.44
N ILE I 71 41.21 22.55 26.47
CA ILE I 71 39.91 23.20 26.38
C ILE I 71 38.91 22.38 27.19
N GLY I 72 38.26 23.04 28.16
CA GLY I 72 37.28 22.40 28.99
C GLY I 72 35.89 22.57 28.44
N LEU I 73 34.94 21.92 29.12
CA LEU I 73 33.56 21.94 28.65
C LEU I 73 32.64 21.55 29.80
N SER I 74 31.57 22.32 29.99
CA SER I 74 30.45 21.84 30.77
C SER I 74 29.20 22.39 30.14
N VAL I 75 28.05 21.98 30.69
CA VAL I 75 26.77 22.47 30.19
C VAL I 75 26.39 23.82 30.79
N ASP I 76 27.25 24.41 31.61
CA ASP I 76 26.96 25.71 32.21
C ASP I 76 27.15 26.83 31.20
N SER I 77 26.52 27.97 31.46
CA SER I 77 26.68 29.15 30.63
C SER I 77 28.07 29.75 30.80
N ASN I 78 28.44 30.63 29.85
CA ASN I 78 29.70 31.36 30.00
C ASN I 78 29.67 32.28 31.21
N PHE I 79 28.48 32.74 31.62
CA PHE I 79 28.43 33.63 32.78
C PHE I 79 28.78 32.87 34.05
N SER I 80 28.25 31.65 34.20
CA SER I 80 28.66 30.80 35.31
C SER I 80 30.15 30.48 35.23
N HIS I 81 30.64 30.15 34.03
CA HIS I 81 32.06 29.88 33.84
C HIS I 81 32.93 31.02 34.37
N ILE I 82 32.62 32.25 33.96
CA ILE I 82 33.41 33.41 34.37
C ILE I 82 33.33 33.59 35.88
N ALA I 83 32.14 33.48 36.45
CA ALA I 83 32.02 33.60 37.91
C ALA I 83 32.87 32.55 38.60
N TRP I 84 32.85 31.32 38.08
CA TRP I 84 33.62 30.24 38.70
C TRP I 84 35.12 30.49 38.55
N VAL I 85 35.54 30.99 37.38
CA VAL I 85 36.95 31.31 37.20
C VAL I 85 37.36 32.44 38.15
N MET I 86 36.50 33.45 38.31
CA MET I 86 36.78 34.50 39.28
C MET I 86 36.90 33.93 40.69
N ASN I 87 36.00 33.02 41.06
CA ASN I 87 36.02 32.42 42.38
C ASN I 87 37.30 31.62 42.59
N ILE I 88 37.70 30.83 41.61
CA ILE I 88 38.94 30.04 41.73
C ILE I 88 40.14 30.96 41.90
N LYS I 89 40.14 32.10 41.19
CA LYS I 89 41.23 33.06 41.33
C LYS I 89 41.31 33.59 42.76
N GLU I 90 40.15 33.93 43.36
CA GLU I 90 40.15 34.50 44.71
C GLU I 90 40.49 33.45 45.76
N LYS I 91 40.02 32.21 45.60
CA LYS I 91 40.20 31.21 46.65
C LYS I 91 41.50 30.44 46.51
N PHE I 92 42.03 30.29 45.29
CA PHE I 92 43.22 29.47 45.08
C PHE I 92 44.38 30.21 44.42
N GLY I 93 44.18 31.45 44.01
CA GLY I 93 45.27 32.25 43.47
C GLY I 93 45.76 31.86 42.10
N ILE I 94 44.96 31.13 41.33
CA ILE I 94 45.34 30.76 39.97
C ILE I 94 44.23 31.20 39.02
N GLU I 95 44.62 31.77 37.89
CA GLU I 95 43.70 32.23 36.86
C GLU I 95 43.64 31.17 35.77
N ILE I 96 42.46 30.63 35.52
CA ILE I 96 42.33 29.56 34.51
C ILE I 96 42.82 30.13 33.18
N PRO I 97 43.86 29.54 32.58
CA PRO I 97 44.47 30.10 31.36
C PRO I 97 44.01 29.45 30.06
N PHE I 98 42.95 28.66 30.09
CA PHE I 98 42.48 27.98 28.89
C PHE I 98 40.97 28.16 28.78
N PRO I 99 40.43 28.06 27.57
CA PRO I 99 38.99 28.32 27.39
C PRO I 99 38.15 27.18 27.95
N ILE I 100 36.94 27.53 28.37
CA ILE I 100 35.93 26.56 28.79
C ILE I 100 34.72 26.72 27.88
N ILE I 101 34.32 25.63 27.23
CA ILE I 101 33.15 25.67 26.37
C ILE I 101 31.89 25.74 27.20
N ALA I 102 30.95 26.56 26.78
CA ALA I 102 29.60 26.60 27.36
C ALA I 102 28.71 25.81 26.44
N ASP I 103 28.46 24.55 26.80
CA ASP I 103 27.70 23.63 25.94
C ASP I 103 26.26 23.56 26.46
N HIS I 104 25.58 24.70 26.35
CA HIS I 104 24.32 24.90 27.07
C HIS I 104 23.33 23.77 26.80
N ASN I 105 23.12 23.43 25.53
CA ASN I 105 22.10 22.47 25.12
C ASN I 105 22.65 21.07 24.91
N MET I 106 23.81 20.76 25.46
CA MET I 106 24.42 19.43 25.42
C MET I 106 24.73 18.94 23.99
N GLU I 107 24.78 19.83 23.00
CA GLU I 107 25.00 19.37 21.63
C GLU I 107 26.41 18.79 21.45
N VAL I 108 27.44 19.48 21.95
CA VAL I 108 28.79 18.94 21.86
C VAL I 108 28.92 17.71 22.73
N ALA I 109 28.38 17.76 23.96
CA ALA I 109 28.49 16.62 24.87
C ALA I 109 27.99 15.34 24.22
N LYS I 110 26.87 15.42 23.50
CA LYS I 110 26.31 14.22 22.88
C LYS I 110 27.17 13.72 21.74
N LYS I 111 27.80 14.63 20.97
CA LYS I 111 28.72 14.21 19.92
C LYS I 111 29.90 13.42 20.47
N TYR I 112 30.26 13.65 21.73
CA TYR I 112 31.42 13.03 22.34
C TYR I 112 31.05 11.93 23.34
N GLY I 113 29.78 11.54 23.38
CA GLY I 113 29.36 10.51 24.32
C GLY I 113 29.56 10.89 25.76
N MET I 114 29.44 12.20 26.07
CA MET I 114 29.76 12.65 27.42
C MET I 114 28.59 12.53 28.38
N ILE I 115 27.38 12.27 27.89
CA ILE I 115 26.20 12.17 28.73
C ILE I 115 25.90 10.71 28.99
N HIS I 116 26.01 10.30 30.25
CA HIS I 116 25.69 8.92 30.66
C HIS I 116 24.55 9.00 31.65
N PRO I 117 23.32 8.71 31.23
CA PRO I 117 22.14 9.08 32.04
C PRO I 117 22.12 8.54 33.44
N ALA I 118 22.71 7.35 33.69
CA ALA I 118 22.76 6.81 35.04
C ALA I 118 23.70 7.61 35.93
N GLN I 119 24.67 8.30 35.33
CA GLN I 119 25.47 9.26 36.06
C GLN I 119 24.72 10.56 36.25
N SER I 120 24.25 11.13 35.14
CA SER I 120 23.46 12.36 35.17
C SER I 120 22.80 12.50 33.81
N THR I 121 21.53 12.92 33.80
CA THR I 121 20.87 13.29 32.55
C THR I 121 21.08 14.75 32.20
N THR I 122 21.75 15.51 33.06
CA THR I 122 21.95 16.94 32.85
C THR I 122 23.40 17.36 32.77
N PHE I 123 24.32 16.63 33.41
CA PHE I 123 25.73 16.97 33.46
C PHE I 123 26.54 15.97 32.64
N THR I 124 27.64 16.44 32.06
CA THR I 124 28.60 15.51 31.47
C THR I 124 29.31 14.73 32.56
N VAL I 125 29.83 13.55 32.19
CA VAL I 125 30.78 12.85 33.06
C VAL I 125 32.16 13.50 32.89
N ARG I 126 33.19 12.87 33.46
CA ARG I 126 34.56 13.40 33.36
C ARG I 126 35.25 12.78 32.15
N ALA I 127 34.85 13.24 30.99
CA ALA I 127 35.39 12.72 29.74
C ALA I 127 36.62 13.53 29.35
N LEU I 128 37.57 12.87 28.71
CA LEU I 128 38.76 13.57 28.24
C LEU I 128 39.21 12.92 26.95
N PHE I 129 39.62 13.77 26.00
CA PHE I 129 39.93 13.35 24.63
C PHE I 129 41.24 13.99 24.23
N VAL I 130 42.18 13.19 23.73
CA VAL I 130 43.40 13.71 23.15
C VAL I 130 43.28 13.70 21.64
N ILE I 131 43.48 14.85 21.03
CA ILE I 131 43.29 15.07 19.60
C ILE I 131 44.59 15.63 19.05
N ASP I 132 45.04 15.12 17.90
CA ASP I 132 46.36 15.52 17.43
C ASP I 132 46.27 16.77 16.57
N ASP I 133 47.42 17.17 16.02
CA ASP I 133 47.54 18.42 15.25
C ASP I 133 46.83 18.37 13.91
N LYS I 134 46.38 17.19 13.47
CA LYS I 134 45.55 17.07 12.28
C LYS I 134 44.08 16.85 12.60
N GLY I 135 43.68 17.06 13.87
CA GLY I 135 42.30 16.95 14.29
C GLY I 135 41.79 15.54 14.50
N ILE I 136 42.68 14.55 14.59
CA ILE I 136 42.31 13.15 14.72
C ILE I 136 42.20 12.77 16.19
N LEU I 137 41.11 12.10 16.56
CA LEU I 137 40.96 11.61 17.92
C LEU I 137 41.94 10.46 18.16
N ARG I 138 42.75 10.58 19.21
CA ARG I 138 43.85 9.63 19.45
C ARG I 138 43.66 8.74 20.66
N ALA I 139 42.97 9.23 21.70
CA ALA I 139 42.79 8.51 22.95
C ALA I 139 41.68 9.19 23.73
N MET I 140 41.04 8.43 24.61
CA MET I 140 39.98 9.04 25.40
C MET I 140 39.78 8.27 26.70
N ILE I 141 39.26 8.98 27.70
CA ILE I 141 38.97 8.41 29.02
C ILE I 141 37.61 8.94 29.47
N TYR I 142 36.88 8.11 30.20
CA TYR I 142 35.61 8.50 30.79
C TYR I 142 35.66 8.11 32.26
N TYR I 143 35.85 9.09 33.15
CA TYR I 143 35.79 8.88 34.59
C TYR I 143 34.43 9.32 35.13
N PRO I 144 33.96 8.73 36.22
CA PRO I 144 32.64 9.07 36.74
C PRO I 144 32.67 10.34 37.60
N LEU I 145 31.49 10.77 38.00
CA LEU I 145 31.36 12.04 38.71
C LEU I 145 32.16 12.05 40.02
N THR I 146 32.32 10.90 40.67
CA THR I 146 33.00 10.84 41.96
C THR I 146 34.49 11.09 41.87
N THR I 147 35.12 10.89 40.71
CA THR I 147 36.51 10.48 40.67
C THR I 147 37.37 11.42 39.84
N GLY I 148 38.17 12.25 40.51
CA GLY I 148 39.05 13.15 39.80
C GLY I 148 40.07 12.41 38.96
N ARG I 149 40.50 13.07 37.89
CA ARG I 149 41.43 12.48 36.93
C ARG I 149 42.88 12.64 37.39
N ASN I 150 43.80 11.99 36.65
CA ASN I 150 45.23 12.02 36.96
C ASN I 150 45.88 12.91 35.91
N ILE I 151 46.23 14.14 36.29
CA ILE I 151 46.69 15.09 35.28
C ILE I 151 48.04 14.65 34.71
N ARG I 152 48.93 14.10 35.56
CA ARG I 152 50.21 13.67 35.03
C ARG I 152 50.04 12.51 34.05
N GLU I 153 49.02 11.67 34.21
CA GLU I 153 48.80 10.63 33.21
C GLU I 153 48.33 11.23 31.88
N VAL I 154 47.60 12.34 31.92
CA VAL I 154 47.24 13.00 30.67
C VAL I 154 48.50 13.50 29.96
N ILE I 155 49.44 14.07 30.71
CA ILE I 155 50.69 14.56 30.13
C ILE I 155 51.48 13.38 29.55
N ARG I 156 51.57 12.29 30.30
CA ARG I 156 52.32 11.11 29.84
C ARG I 156 51.71 10.57 28.55
N LEU I 157 50.38 10.52 28.50
CA LEU I 157 49.67 10.05 27.31
C LEU I 157 50.01 10.92 26.11
N VAL I 158 49.99 12.25 26.28
CA VAL I 158 50.39 13.15 25.21
C VAL I 158 51.83 12.86 24.78
N ASP I 159 52.76 12.77 25.75
CA ASP I 159 54.14 12.43 25.41
C ASP I 159 54.23 11.13 24.63
N ALA I 160 53.50 10.11 25.07
CA ALA I 160 53.56 8.82 24.40
C ALA I 160 53.04 8.90 22.97
N LEU I 161 51.95 9.64 22.76
CA LEU I 161 51.40 9.75 21.41
C LEU I 161 52.30 10.56 20.50
N GLN I 162 52.86 11.67 21.02
CA GLN I 162 53.76 12.49 20.22
C GLN I 162 55.06 11.76 19.91
N THR I 163 55.55 10.95 20.85
CA THR I 163 56.74 10.15 20.60
C THR I 163 56.47 9.09 19.54
N ALA I 164 55.31 8.41 19.63
CA ALA I 164 54.93 7.44 18.62
C ALA I 164 54.93 8.06 17.22
N ASP I 165 54.32 9.23 17.08
CA ASP I 165 54.26 9.89 15.78
C ASP I 165 55.66 10.33 15.32
N ARG I 166 56.43 10.94 16.21
CA ARG I 166 57.74 11.48 15.82
C ARG I 166 58.73 10.37 15.50
N GLU I 167 58.74 9.29 16.27
CA GLU I 167 59.78 8.27 16.16
C GLU I 167 59.35 7.02 15.40
N GLY I 168 58.07 6.88 15.07
CA GLY I 168 57.63 5.65 14.45
C GLY I 168 57.79 4.46 15.37
N VAL I 169 57.42 4.63 16.64
CA VAL I 169 57.59 3.61 17.66
C VAL I 169 56.27 3.43 18.39
N ALA I 170 56.23 2.40 19.22
CA ALA I 170 55.17 2.22 20.19
C ALA I 170 55.77 2.48 21.57
N THR I 171 54.92 2.69 22.57
CA THR I 171 55.43 2.89 23.90
C THR I 171 54.90 1.81 24.84
N PRO I 172 55.75 1.25 25.69
CA PRO I 172 55.31 0.15 26.55
C PRO I 172 54.42 0.63 27.68
N ALA I 173 53.89 -0.35 28.41
CA ALA I 173 53.23 -0.07 29.68
C ALA I 173 54.13 0.83 30.53
N ASP I 174 53.53 1.83 31.17
CA ASP I 174 54.21 2.67 32.15
C ASP I 174 55.37 3.47 31.55
N TRP I 175 55.33 3.71 30.24
CA TRP I 175 56.42 4.42 29.57
C TRP I 175 56.44 5.91 29.94
N VAL I 176 57.65 6.45 30.09
CA VAL I 176 57.88 7.88 30.19
C VAL I 176 59.09 8.25 29.34
N PRO I 177 59.18 9.51 28.91
CA PRO I 177 60.31 9.91 28.04
C PRO I 177 61.65 9.94 28.75
N GLU I 178 61.67 10.22 30.05
CA GLU I 178 62.90 10.20 30.85
C GLU I 178 62.56 9.72 32.25
N PRO I 179 63.54 9.18 32.99
CA PRO I 179 63.25 8.71 34.35
C PRO I 179 62.68 9.84 35.18
N GLN I 180 61.74 9.50 36.05
CA GLN I 180 61.05 10.53 36.82
C GLN I 180 60.28 9.87 37.94
N THR I 181 59.84 10.70 38.87
CA THR I 181 59.13 10.30 40.07
C THR I 181 57.89 11.18 40.18
N TRP I 182 56.73 10.55 40.29
CA TRP I 182 55.47 11.25 40.55
C TRP I 182 55.20 11.19 42.05
N GLU I 183 55.35 12.33 42.72
CA GLU I 183 55.15 12.40 44.15
C GLU I 183 53.69 12.71 44.47
N PHE I 184 53.12 11.92 45.39
CA PHE I 184 51.80 12.21 45.95
C PHE I 184 51.97 12.41 47.45
N THR I 185 51.56 13.57 47.95
CA THR I 185 51.81 13.96 49.34
C THR I 185 50.53 13.81 50.16
N GLU I 186 50.64 14.20 51.44
CA GLU I 186 49.48 14.22 52.34
C GLU I 186 48.33 15.01 51.73
N GLU I 187 48.64 16.13 51.06
CA GLU I 187 47.60 16.94 50.45
C GLU I 187 46.80 16.17 49.42
N ASN I 188 47.46 15.25 48.72
CA ASN I 188 46.78 14.44 47.71
C ASN I 188 45.92 13.35 48.31
N THR I 189 45.94 13.17 49.63
CA THR I 189 45.12 12.15 50.27
C THR I 189 43.79 12.67 50.79
N LYS I 190 43.59 13.99 50.82
CA LYS I 190 42.34 14.51 51.34
C LYS I 190 41.20 14.18 50.39
N VAL I 191 40.09 13.71 50.94
CA VAL I 191 38.92 13.44 50.16
C VAL I 191 37.99 14.65 50.21
N ILE I 192 36.96 14.62 49.37
CA ILE I 192 36.07 15.74 49.14
C ILE I 192 34.70 15.39 49.68
N VAL I 193 34.13 16.28 50.48
CA VAL I 193 32.75 16.14 50.93
C VAL I 193 31.82 16.46 49.76
N PRO I 194 30.88 15.60 49.41
CA PRO I 194 29.97 15.90 48.31
C PRO I 194 29.30 17.25 48.51
N PRO I 195 29.22 18.08 47.46
CA PRO I 195 28.81 19.47 47.67
C PRO I 195 27.37 19.57 48.10
N PRO I 196 27.00 20.64 48.82
CA PRO I 196 25.60 20.85 49.22
C PRO I 196 24.73 21.04 47.99
N THR I 197 23.47 20.62 48.13
CA THR I 197 22.50 20.70 47.05
C THR I 197 21.33 21.61 47.38
N THR I 198 21.32 22.25 48.54
CA THR I 198 20.38 23.33 48.84
C THR I 198 21.16 24.51 49.39
N TYR I 199 20.57 25.71 49.26
CA TYR I 199 21.23 26.89 49.80
C TYR I 199 21.37 26.79 51.31
N GLU I 200 20.33 26.31 51.99
CA GLU I 200 20.40 26.15 53.44
C GLU I 200 21.54 25.22 53.83
N ASP I 201 21.66 24.11 53.12
CA ASP I 201 22.74 23.18 53.39
C ASP I 201 24.10 23.79 53.11
N ALA I 202 24.19 24.65 52.09
CA ALA I 202 25.46 25.31 51.79
C ALA I 202 25.86 26.27 52.89
N VAL I 203 24.90 26.99 53.45
CA VAL I 203 25.21 27.87 54.59
C VAL I 203 25.70 27.04 55.77
N LYS I 204 24.99 25.95 56.08
CA LYS I 204 25.39 25.08 57.17
C LYS I 204 26.73 24.40 56.89
N ARG I 205 26.99 24.04 55.63
CA ARG I 205 28.23 23.33 55.29
C ARG I 205 29.45 24.12 55.73
N LEU I 206 29.40 25.46 55.59
CA LEU I 206 30.53 26.29 55.99
C LEU I 206 30.71 26.38 57.49
N GLN I 207 29.79 25.82 58.27
CA GLN I 207 29.87 25.86 59.73
C GLN I 207 30.16 24.50 60.35
N GLU I 208 30.45 23.49 59.54
CA GLU I 208 30.59 22.11 60.00
C GLU I 208 32.02 21.71 60.35
N GLY I 209 32.98 22.60 60.18
CA GLY I 209 34.32 22.30 60.64
C GLY I 209 35.21 21.57 59.67
N TYR I 210 34.81 21.43 58.41
CA TYR I 210 35.68 20.87 57.39
C TYR I 210 36.69 21.91 56.92
N GLU I 211 37.63 21.46 56.09
CA GLU I 211 38.58 22.37 55.45
C GLU I 211 37.94 22.87 54.17
N CYS I 212 37.35 24.08 54.23
CA CYS I 212 36.52 24.61 53.13
C CYS I 212 37.12 25.89 52.58
N ALA I 213 37.47 25.87 51.30
CA ALA I 213 37.81 27.12 50.64
C ALA I 213 36.56 27.91 50.31
N ASP I 214 35.44 27.23 50.10
CA ASP I 214 34.14 27.85 49.84
C ASP I 214 33.08 26.79 50.13
N TRP I 215 31.80 27.20 50.03
CA TRP I 215 30.70 26.32 50.42
C TRP I 215 30.71 25.02 49.63
N TYR I 216 31.20 25.04 48.40
CA TYR I 216 31.10 23.88 47.53
C TYR I 216 32.31 23.00 47.56
N ILE I 217 33.40 23.40 48.22
CA ILE I 217 34.64 22.65 48.19
C ILE I 217 35.16 22.53 49.63
N CYS I 218 34.81 21.43 50.28
CA CYS I 218 35.24 21.09 51.63
C CYS I 218 35.95 19.75 51.60
N LYS I 219 37.08 19.67 52.29
CA LYS I 219 37.89 18.46 52.30
C LYS I 219 38.01 17.88 53.70
N LYS I 220 38.33 16.60 53.75
CA LYS I 220 38.68 15.94 55.00
C LYS I 220 39.62 14.79 54.68
N LYS I 221 40.10 14.12 55.72
CA LYS I 221 40.87 12.89 55.54
C LYS I 221 40.02 11.70 55.97
N VAL I 222 40.36 10.53 55.45
CA VAL I 222 39.67 9.30 55.84
C VAL I 222 40.51 8.54 56.84
N LEU J 6 30.49 4.13 23.95
CA LEU J 6 29.10 3.70 24.01
C LEU J 6 28.69 2.88 25.26
N PRO J 7 29.56 2.08 25.87
CA PRO J 7 29.14 1.45 27.14
C PRO J 7 28.77 2.56 28.12
N ARG J 8 27.75 2.30 28.93
CA ARG J 8 27.14 3.36 29.72
C ARG J 8 27.65 3.30 31.16
N LEU J 9 28.28 4.38 31.62
CA LEU J 9 28.72 4.45 33.01
C LEU J 9 27.51 4.45 33.94
N GLY J 10 27.62 3.70 35.04
CA GLY J 10 26.56 3.63 36.03
C GLY J 10 25.49 2.62 35.74
N GLU J 11 25.58 1.93 34.61
CA GLU J 11 24.66 0.87 34.26
C GLU J 11 25.38 -0.47 34.31
N PRO J 12 24.63 -1.59 34.36
CA PRO J 12 25.29 -2.89 34.36
C PRO J 12 26.22 -3.05 33.17
N ALA J 13 27.40 -3.61 33.42
CA ALA J 13 28.34 -3.87 32.34
C ALA J 13 27.73 -4.87 31.36
N PRO J 14 27.94 -4.69 30.07
CA PRO J 14 27.36 -5.60 29.08
C PRO J 14 27.66 -7.05 29.41
N ALA J 15 26.60 -7.87 29.46
CA ALA J 15 26.75 -9.26 29.84
C ALA J 15 27.21 -10.09 28.65
N PHE J 16 27.95 -11.15 28.94
CA PHE J 16 28.40 -12.06 27.90
C PHE J 16 28.86 -13.38 28.52
N GLU J 17 28.96 -14.39 27.66
CA GLU J 17 29.62 -15.64 27.99
C GLU J 17 30.76 -15.87 27.01
N ALA J 18 31.90 -16.32 27.53
CA ALA J 18 33.08 -16.41 26.68
C ALA J 18 34.00 -17.51 27.17
N GLN J 19 34.86 -17.96 26.25
CA GLN J 19 35.95 -18.86 26.56
C GLN J 19 37.16 -18.06 27.02
N THR J 20 37.89 -18.61 27.98
CA THR J 20 39.09 -17.96 28.50
C THR J 20 40.18 -19.00 28.76
N THR J 21 41.37 -18.50 29.06
CA THR J 21 42.48 -19.36 29.44
C THR J 21 42.26 -20.05 30.78
N PHE J 22 41.26 -19.64 31.55
CA PHE J 22 40.90 -20.30 32.79
C PHE J 22 39.62 -21.13 32.66
N GLY J 23 39.04 -21.22 31.47
CA GLY J 23 37.79 -21.91 31.29
C GLY J 23 36.69 -20.93 30.97
N PRO J 24 35.47 -21.42 30.81
CA PRO J 24 34.36 -20.54 30.43
C PRO J 24 34.01 -19.57 31.56
N VAL J 25 33.57 -18.38 31.18
CA VAL J 25 33.14 -17.38 32.14
C VAL J 25 31.76 -16.90 31.71
N LYS J 26 30.90 -16.61 32.68
CA LYS J 26 29.66 -15.90 32.45
C LYS J 26 29.81 -14.56 33.14
N PHE J 27 29.86 -13.51 32.36
CA PHE J 27 30.21 -12.18 32.82
C PHE J 27 28.98 -11.29 32.87
N PRO J 28 28.80 -10.50 33.94
CA PRO J 28 29.65 -10.44 35.14
C PRO J 28 29.17 -11.35 36.27
N ASP J 29 28.23 -12.24 35.96
CA ASP J 29 27.61 -13.10 36.99
C ASP J 29 28.64 -13.89 37.79
N ASP J 30 29.67 -14.41 37.14
CA ASP J 30 30.69 -15.21 37.84
C ASP J 30 31.51 -14.36 38.80
N PHE J 31 31.46 -13.04 38.66
CA PHE J 31 32.28 -12.14 39.43
C PHE J 31 31.47 -11.30 40.42
N LYS J 32 30.24 -11.70 40.71
CA LYS J 32 29.45 -10.97 41.71
C LYS J 32 30.18 -10.96 43.04
N GLY J 33 30.23 -9.78 43.68
CA GLY J 33 30.97 -9.63 44.90
C GLY J 33 32.43 -9.28 44.73
N GLN J 34 32.92 -9.25 43.50
CA GLN J 34 34.29 -8.84 43.22
C GLN J 34 34.27 -7.63 42.30
N TRP J 35 35.21 -6.72 42.49
CA TRP J 35 35.47 -5.76 41.45
C TRP J 35 36.20 -6.45 40.30
N VAL J 36 36.00 -5.92 39.10
CA VAL J 36 36.54 -6.51 37.89
C VAL J 36 37.21 -5.40 37.10
N VAL J 37 38.44 -5.64 36.66
CA VAL J 37 39.08 -4.81 35.65
C VAL J 37 39.15 -5.63 34.37
N LEU J 38 38.26 -5.31 33.43
CA LEU J 38 38.25 -5.96 32.13
C LEU J 38 39.02 -5.09 31.16
N PHE J 39 40.00 -5.67 30.48
CA PHE J 39 40.76 -4.89 29.51
C PHE J 39 40.99 -5.73 28.27
N SER J 40 41.25 -5.07 27.16
CA SER J 40 41.47 -5.71 25.88
C SER J 40 42.86 -5.36 25.38
N HIS J 41 43.37 -6.21 24.50
CA HIS J 41 44.64 -5.95 23.84
C HIS J 41 44.48 -6.40 22.40
N PRO J 42 45.11 -5.70 21.45
CA PRO J 42 44.87 -6.05 20.03
C PRO J 42 45.25 -7.47 19.66
N ALA J 43 46.44 -7.94 20.03
CA ALA J 43 46.88 -9.22 19.48
C ALA J 43 47.92 -9.88 20.38
N ASP J 44 47.72 -11.17 20.66
CA ASP J 44 48.78 -11.96 21.24
C ASP J 44 50.06 -11.84 20.40
N PHE J 45 51.21 -11.97 21.06
CA PHE J 45 52.51 -11.92 20.40
C PHE J 45 52.75 -10.56 19.76
N THR J 46 52.32 -9.50 20.43
CA THR J 46 52.70 -8.16 20.03
C THR J 46 53.26 -7.45 21.25
N PRO J 47 54.18 -6.49 21.04
CA PRO J 47 55.09 -6.10 22.13
C PRO J 47 54.50 -5.22 23.23
N VAL J 48 53.72 -4.20 22.90
CA VAL J 48 53.16 -3.37 23.96
C VAL J 48 52.33 -4.22 24.90
N THR J 50 52.51 -7.38 25.57
CA THR J 50 53.36 -8.17 26.44
C THR J 50 53.81 -7.36 27.66
N THR J 51 54.25 -6.11 27.45
CA THR J 51 54.69 -5.32 28.60
C THR J 51 53.53 -5.04 29.54
N GLU J 52 52.32 -4.85 28.99
CA GLU J 52 51.17 -4.61 29.85
C GLU J 52 50.81 -5.85 30.65
N PHE J 53 50.81 -7.02 29.99
CA PHE J 53 50.50 -8.25 30.72
C PHE J 53 51.53 -8.54 31.81
N VAL J 54 52.80 -8.32 31.52
CA VAL J 54 53.81 -8.50 32.57
C VAL J 54 53.58 -7.52 33.71
N ALA J 55 53.21 -6.27 33.39
CA ALA J 55 52.98 -5.29 34.46
C ALA J 55 51.75 -5.66 35.28
N PHE J 56 50.67 -6.09 34.61
CA PHE J 56 49.50 -6.53 35.37
C PHE J 56 49.83 -7.74 36.22
N ALA J 57 50.56 -8.70 35.65
CA ALA J 57 50.95 -9.89 36.41
C ALA J 57 51.78 -9.52 37.64
N LYS J 58 52.76 -8.63 37.48
CA LYS J 58 53.57 -8.22 38.62
C LYS J 58 52.75 -7.55 39.71
N ASN J 59 51.67 -6.88 39.32
CA ASN J 59 50.77 -6.19 40.25
C ASN J 59 49.56 -7.03 40.62
N TYR J 60 49.59 -8.33 40.35
CA TYR J 60 48.44 -9.17 40.61
C TYR J 60 48.04 -9.13 42.07
N GLU J 61 49.02 -9.18 42.97
CA GLU J 61 48.70 -9.14 44.39
C GLU J 61 48.12 -7.77 44.79
N GLU J 62 48.55 -6.69 44.13
CA GLU J 62 47.96 -5.39 44.40
C GLU J 62 46.47 -5.39 44.05
N PHE J 63 46.11 -6.04 42.95
CA PHE J 63 44.70 -6.09 42.60
C PHE J 63 43.94 -7.06 43.50
N LYS J 64 44.54 -8.21 43.80
CA LYS J 64 43.84 -9.20 44.61
C LYS J 64 43.51 -8.66 46.01
N LYS J 65 44.44 -7.92 46.63
CA LYS J 65 44.15 -7.40 47.96
C LYS J 65 43.05 -6.35 47.93
N ARG J 66 42.75 -5.80 46.76
CA ARG J 66 41.65 -4.87 46.58
C ARG J 66 40.38 -5.55 46.09
N ASN J 67 40.31 -6.88 46.18
CA ASN J 67 39.13 -7.63 45.74
C ASN J 67 38.87 -7.40 44.25
N VAL J 68 39.93 -7.29 43.46
CA VAL J 68 39.80 -7.02 42.03
C VAL J 68 40.22 -8.26 41.25
N GLN J 69 39.33 -8.74 40.39
CA GLN J 69 39.64 -9.79 39.42
C GLN J 69 40.05 -9.14 38.10
N LEU J 70 41.29 -9.38 37.67
CA LEU J 70 41.72 -8.96 36.34
C LEU J 70 41.23 -9.95 35.30
N ILE J 71 40.81 -9.43 34.15
CA ILE J 71 40.50 -10.32 33.03
C ILE J 71 40.80 -9.59 31.72
N GLY J 72 41.66 -10.20 30.90
CA GLY J 72 42.04 -9.64 29.63
C GLY J 72 41.16 -10.16 28.51
N LEU J 73 41.38 -9.62 27.31
CA LEU J 73 40.56 -10.01 26.16
C LEU J 73 41.26 -9.63 24.87
N SER J 74 41.28 -10.56 23.91
CA SER J 74 41.59 -10.20 22.54
C SER J 74 40.79 -11.10 21.61
N VAL J 75 40.90 -10.82 20.30
CA VAL J 75 40.23 -11.64 19.30
C VAL J 75 41.01 -12.88 18.93
N ASP J 76 42.14 -13.14 19.59
CA ASP J 76 42.89 -14.35 19.32
C ASP J 76 42.20 -15.57 19.91
N SER J 77 42.55 -16.74 19.38
CA SER J 77 42.00 -17.97 19.90
C SER J 77 42.60 -18.28 21.27
N ASN J 78 41.91 -19.14 22.01
CA ASN J 78 42.42 -19.58 23.30
C ASN J 78 43.73 -20.38 23.15
N PHE J 79 43.94 -21.04 22.02
CA PHE J 79 45.22 -21.76 21.84
C PHE J 79 46.36 -20.77 21.65
N SER J 80 46.13 -19.72 20.87
CA SER J 80 47.11 -18.66 20.77
C SER J 80 47.39 -18.02 22.13
N HIS J 81 46.34 -17.78 22.93
CA HIS J 81 46.52 -17.24 24.28
C HIS J 81 47.46 -18.09 25.11
N ILE J 82 47.20 -19.39 25.17
CA ILE J 82 48.02 -20.29 25.98
C ILE J 82 49.46 -20.29 25.47
N ALA J 83 49.63 -20.34 24.15
CA ALA J 83 50.97 -20.28 23.57
C ALA J 83 51.68 -19.00 23.96
N TRP J 84 50.94 -17.90 23.97
CA TRP J 84 51.51 -16.60 24.35
C TRP J 84 51.83 -16.57 25.84
N VAL J 85 50.94 -17.14 26.67
CA VAL J 85 51.27 -17.17 28.10
C VAL J 85 52.49 -18.05 28.35
N MET J 86 52.58 -19.19 27.66
CA MET J 86 53.76 -20.03 27.73
C MET J 86 55.00 -19.26 27.28
N ASN J 87 54.87 -18.47 26.20
CA ASN J 87 56.00 -17.70 25.71
C ASN J 87 56.46 -16.66 26.74
N ILE J 88 55.50 -15.97 27.36
CA ILE J 88 55.85 -14.96 28.36
C ILE J 88 56.55 -15.62 29.55
N LYS J 89 56.07 -16.80 29.95
CA LYS J 89 56.72 -17.53 31.04
C LYS J 89 58.16 -17.89 30.68
N GLU J 90 58.38 -18.33 29.43
CA GLU J 90 59.72 -18.73 28.99
C GLU J 90 60.65 -17.53 28.84
N LYS J 91 60.16 -16.42 28.28
CA LYS J 91 61.05 -15.30 27.95
C LYS J 91 61.21 -14.30 29.08
N PHE J 92 60.22 -14.19 29.98
CA PHE J 92 60.25 -13.19 31.04
C PHE J 92 60.18 -13.79 32.44
N GLY J 93 59.97 -15.11 32.56
CA GLY J 93 59.94 -15.75 33.84
C GLY J 93 58.73 -15.44 34.69
N ILE J 94 57.66 -14.91 34.10
CA ILE J 94 56.46 -14.58 34.84
C ILE J 94 55.28 -15.33 34.22
N GLU J 95 54.46 -15.90 35.09
CA GLU J 95 53.26 -16.65 34.73
C GLU J 95 52.04 -15.77 34.87
N ILE J 96 51.33 -15.54 33.76
CA ILE J 96 50.13 -14.69 33.78
C ILE J 96 49.13 -15.35 34.74
N PRO J 97 48.72 -14.65 35.80
CA PRO J 97 47.87 -15.27 36.84
C PRO J 97 46.39 -14.96 36.70
N PHE J 98 45.94 -14.40 35.60
CA PHE J 98 44.55 -14.04 35.41
C PHE J 98 44.07 -14.52 34.04
N PRO J 99 42.77 -14.70 33.87
CA PRO J 99 42.26 -15.24 32.61
C PRO J 99 42.30 -14.22 31.48
N ILE J 100 42.42 -14.74 30.26
CA ILE J 100 42.32 -13.96 29.03
C ILE J 100 41.16 -14.54 28.22
N ILE J 101 40.22 -13.67 27.84
CA ILE J 101 39.09 -14.06 27.02
C ILE J 101 39.53 -14.23 25.58
N ALA J 102 39.05 -15.30 24.95
CA ALA J 102 39.22 -15.51 23.51
C ALA J 102 37.93 -15.02 22.85
N ASP J 103 37.96 -13.81 22.30
CA ASP J 103 36.77 -13.21 21.70
C ASP J 103 36.85 -13.36 20.18
N HIS J 104 36.76 -14.62 19.73
CA HIS J 104 37.12 -14.95 18.36
C HIS J 104 36.35 -14.11 17.35
N ASN J 105 35.02 -14.04 17.48
CA ASN J 105 34.15 -13.39 16.51
C ASN J 105 33.81 -11.95 16.88
N MET J 106 34.61 -11.33 17.76
CA MET J 106 34.48 -9.93 18.16
C MET J 106 33.13 -9.60 18.80
N GLU J 107 32.42 -10.60 19.32
CA GLU J 107 31.09 -10.34 19.88
C GLU J 107 31.16 -9.52 21.17
N VAL J 108 32.07 -9.87 22.08
CA VAL J 108 32.23 -9.07 23.30
C VAL J 108 32.82 -7.72 22.97
N ALA J 109 33.82 -7.70 22.07
CA ALA J 109 34.49 -6.46 21.70
C ALA J 109 33.50 -5.41 21.22
N LYS J 110 32.51 -5.82 20.42
CA LYS J 110 31.53 -4.86 19.91
C LYS J 110 30.62 -4.35 21.01
N LYS J 111 30.25 -5.22 21.97
CA LYS J 111 29.45 -4.80 23.12
C LYS J 111 30.13 -3.71 23.93
N TYR J 112 31.46 -3.67 23.90
CA TYR J 112 32.22 -2.73 24.70
C TYR J 112 32.84 -1.64 23.84
N GLY J 113 32.46 -1.56 22.58
CA GLY J 113 33.02 -0.53 21.72
C GLY J 113 34.51 -0.63 21.56
N MET J 114 35.05 -1.86 21.56
CA MET J 114 36.48 -2.02 21.52
C MET J 114 37.02 -1.99 20.10
N ILE J 115 36.16 -2.04 19.09
CA ILE J 115 36.57 -2.04 17.70
C ILE J 115 36.43 -0.63 17.12
N HIS J 116 37.56 -0.04 16.77
CA HIS J 116 37.63 1.26 16.13
C HIS J 116 38.27 1.09 14.76
N PRO J 117 37.48 1.09 13.68
CA PRO J 117 37.98 0.62 12.39
C PRO J 117 39.17 1.37 11.86
N ALA J 118 39.28 2.67 12.15
CA ALA J 118 40.46 3.42 11.70
C ALA J 118 41.71 2.96 12.44
N GLN J 119 41.54 2.38 13.63
CA GLN J 119 42.64 1.75 14.33
C GLN J 119 42.92 0.36 13.77
N SER J 120 41.89 -0.48 13.75
CA SER J 120 41.97 -1.81 13.17
C SER J 120 40.55 -2.31 12.97
N THR J 121 40.31 -2.96 11.82
CA THR J 121 39.04 -3.65 11.60
C THR J 121 39.05 -5.07 12.15
N THR J 122 40.20 -5.55 12.64
CA THR J 122 40.34 -6.93 13.12
C THR J 122 40.72 -7.05 14.59
N PHE J 123 41.41 -6.06 15.18
CA PHE J 123 41.90 -6.09 16.55
C PHE J 123 41.14 -5.10 17.43
N THR J 124 41.01 -5.42 18.71
CA THR J 124 40.54 -4.42 19.65
C THR J 124 41.59 -3.33 19.87
N VAL J 125 41.13 -2.15 20.29
CA VAL J 125 42.07 -1.15 20.80
C VAL J 125 42.43 -1.52 22.24
N ARG J 126 43.12 -0.61 22.93
CA ARG J 126 43.50 -0.84 24.34
C ARG J 126 42.42 -0.28 25.26
N ALA J 127 41.32 -1.02 25.34
CA ALA J 127 40.19 -0.63 26.17
C ALA J 127 40.34 -1.20 27.57
N LEU J 128 39.86 -0.46 28.56
CA LEU J 128 39.87 -0.95 29.93
C LEU J 128 38.64 -0.42 30.66
N PHE J 129 38.03 -1.29 31.45
CA PHE J 129 36.75 -1.03 32.11
C PHE J 129 36.88 -1.43 33.57
N VAL J 130 36.52 -0.52 34.48
CA VAL J 130 36.45 -0.87 35.89
C VAL J 130 35.00 -1.13 36.23
N ILE J 131 34.75 -2.29 36.81
CA ILE J 131 33.41 -2.77 37.11
C ILE J 131 33.35 -3.12 38.58
N ASP J 132 32.29 -2.70 39.26
CA ASP J 132 32.28 -2.91 40.70
C ASP J 132 31.70 -4.27 41.06
N ASP J 133 31.58 -4.53 42.37
CA ASP J 133 31.14 -5.81 42.88
C ASP J 133 29.67 -6.08 42.62
N LYS J 134 28.93 -5.09 42.13
CA LYS J 134 27.53 -5.24 41.74
C LYS J 134 27.35 -5.39 40.25
N GLY J 135 28.45 -5.49 39.50
CA GLY J 135 28.41 -5.59 38.06
C GLY J 135 28.20 -4.29 37.31
N ILE J 136 28.31 -3.13 37.98
CA ILE J 136 28.05 -1.83 37.36
C ILE J 136 29.34 -1.27 36.75
N LEU J 137 29.25 -0.80 35.51
CA LEU J 137 30.40 -0.15 34.88
C LEU J 137 30.68 1.19 35.55
N ARG J 138 31.92 1.40 36.00
CA ARG J 138 32.26 2.58 36.80
C ARG J 138 33.16 3.58 36.09
N ALA J 139 34.01 3.14 35.18
CA ALA J 139 34.98 4.02 34.54
C ALA J 139 35.55 3.28 33.36
N MET J 140 36.07 4.03 32.39
CA MET J 140 36.65 3.33 31.24
C MET J 140 37.66 4.22 30.54
N ILE J 141 38.59 3.57 29.86
CA ILE J 141 39.62 4.22 29.07
C ILE J 141 39.78 3.48 27.75
N TYR J 142 40.08 4.25 26.70
CA TYR J 142 40.38 3.71 25.38
C TYR J 142 41.70 4.30 24.90
N TYR J 143 42.75 3.49 24.97
CA TYR J 143 44.03 3.92 24.44
C TYR J 143 44.25 3.31 23.07
N PRO J 144 45.05 3.95 22.21
CA PRO J 144 45.25 3.44 20.86
C PRO J 144 46.28 2.31 20.83
N LEU J 145 46.43 1.73 19.63
CA LEU J 145 47.33 0.58 19.49
C LEU J 145 48.78 0.91 19.84
N THR J 146 49.20 2.17 19.63
CA THR J 146 50.58 2.56 19.87
C THR J 146 50.97 2.61 21.34
N THR J 147 50.02 2.77 22.27
CA THR J 147 50.31 3.41 23.55
C THR J 147 49.91 2.55 24.73
N GLY J 148 50.91 1.96 25.40
CA GLY J 148 50.62 1.16 26.56
C GLY J 148 50.00 1.95 27.69
N ARG J 149 49.23 1.24 28.53
CA ARG J 149 48.50 1.86 29.62
C ARG J 149 49.38 2.07 30.85
N ASN J 150 48.83 2.79 31.82
CA ASN J 150 49.50 3.13 33.07
C ASN J 150 48.86 2.26 34.15
N ILE J 151 49.58 1.22 34.58
CA ILE J 151 48.97 0.23 35.45
C ILE J 151 48.71 0.82 36.84
N ARG J 152 49.64 1.67 37.32
CA ARG J 152 49.41 2.28 38.63
C ARG J 152 48.21 3.20 38.61
N GLU J 153 47.91 3.81 37.46
CA GLU J 153 46.70 4.63 37.40
C GLU J 153 45.44 3.77 37.48
N VAL J 154 45.48 2.55 36.94
CA VAL J 154 44.37 1.63 37.10
C VAL J 154 44.15 1.29 38.57
N ILE J 155 45.24 1.04 39.31
CA ILE J 155 45.11 0.75 40.73
C ILE J 155 44.56 1.98 41.48
N ARG J 156 45.07 3.18 41.14
CA ARG J 156 44.58 4.40 41.78
C ARG J 156 43.10 4.62 41.52
N LEU J 157 42.68 4.37 40.27
CA LEU J 157 41.27 4.48 39.94
C LEU J 157 40.43 3.53 40.78
N VAL J 158 40.87 2.28 40.93
CA VAL J 158 40.13 1.34 41.78
C VAL J 158 40.05 1.85 43.21
N ASP J 159 41.20 2.27 43.78
CA ASP J 159 41.19 2.82 45.13
C ASP J 159 40.24 4.01 45.24
N ALA J 160 40.27 4.90 44.25
CA ALA J 160 39.40 6.08 44.30
C ALA J 160 37.93 5.68 44.26
N LEU J 161 37.59 4.70 43.41
CA LEU J 161 36.19 4.28 43.34
C LEU J 161 35.77 3.54 44.61
N GLN J 162 36.64 2.67 45.13
CA GLN J 162 36.30 1.95 46.34
C GLN J 162 36.20 2.89 47.54
N THR J 163 37.06 3.90 47.60
CA THR J 163 36.97 4.87 48.69
C THR J 163 35.69 5.69 48.59
N ALA J 164 35.33 6.10 47.37
CA ALA J 164 34.10 6.85 47.16
C ALA J 164 32.90 6.06 47.69
N ASP J 165 32.82 4.77 47.33
CA ASP J 165 31.73 3.92 47.79
C ASP J 165 31.77 3.72 49.30
N ARG J 166 32.96 3.43 49.84
CA ARG J 166 33.08 3.11 51.25
C ARG J 166 32.81 4.32 52.14
N GLU J 167 33.31 5.49 51.76
CA GLU J 167 33.26 6.66 52.64
C GLU J 167 32.16 7.65 52.28
N GLY J 168 31.49 7.47 51.15
CA GLY J 168 30.53 8.45 50.70
C GLY J 168 31.16 9.78 50.36
N VAL J 169 32.31 9.74 49.68
CA VAL J 169 33.07 10.95 49.37
C VAL J 169 33.40 10.93 47.88
N ALA J 170 33.93 12.05 47.42
CA ALA J 170 34.54 12.15 46.11
C ALA J 170 36.04 12.29 46.29
N THR J 171 36.78 12.02 45.21
CA THR J 171 38.21 12.13 45.29
C THR J 171 38.69 13.20 44.33
N PRO J 172 39.59 14.08 44.75
CA PRO J 172 40.05 15.16 43.89
C PRO J 172 40.99 14.66 42.81
N ALA J 173 41.34 15.60 41.94
CA ALA J 173 42.42 15.36 40.99
C ALA J 173 43.63 14.81 41.72
N ASP J 174 44.25 13.79 41.13
CA ASP J 174 45.53 13.28 41.62
C ASP J 174 45.42 12.68 43.03
N TRP J 175 44.24 12.23 43.42
CA TRP J 175 44.06 11.66 44.76
C TRP J 175 44.72 10.30 44.90
N VAL J 176 45.33 10.05 46.06
CA VAL J 176 45.81 8.71 46.44
C VAL J 176 45.38 8.43 47.88
N PRO J 177 45.27 7.15 48.26
CA PRO J 177 44.83 6.85 49.63
C PRO J 177 45.87 7.16 50.70
N GLU J 178 47.16 7.10 50.39
CA GLU J 178 48.22 7.49 51.33
C GLU J 178 49.34 8.11 50.52
N PRO J 179 50.21 8.90 51.15
CA PRO J 179 51.35 9.45 50.43
C PRO J 179 52.15 8.32 49.80
N GLN J 180 52.66 8.57 48.62
CA GLN J 180 53.34 7.52 47.87
C GLN J 180 54.08 8.17 46.72
N THR J 181 54.98 7.40 46.13
CA THR J 181 55.82 7.84 45.05
C THR J 181 55.75 6.81 43.93
N TRP J 182 55.41 7.25 42.73
CA TRP J 182 55.44 6.39 41.55
C TRP J 182 56.76 6.62 40.84
N GLU J 183 57.66 5.66 40.93
CA GLU J 183 58.96 5.74 40.31
C GLU J 183 58.94 5.20 38.89
N PHE J 184 59.51 5.96 37.95
CA PHE J 184 59.71 5.50 36.59
C PHE J 184 61.20 5.49 36.32
N THR J 185 61.72 4.35 35.92
CA THR J 185 63.15 4.14 35.81
C THR J 185 63.59 4.27 34.35
N GLU J 186 64.90 4.15 34.14
CA GLU J 186 65.45 4.16 32.79
C GLU J 186 64.80 3.09 31.93
N GLU J 187 64.49 1.94 32.53
CA GLU J 187 63.83 0.88 31.80
C GLU J 187 62.47 1.32 31.28
N ASN J 188 61.78 2.19 32.03
CA ASN J 188 60.48 2.67 31.60
C ASN J 188 60.56 3.66 30.46
N THR J 189 61.76 4.06 30.04
CA THR J 189 61.91 5.01 28.95
C THR J 189 62.14 4.33 27.60
N LYS J 190 62.39 3.03 27.59
CA LYS J 190 62.66 2.36 26.32
C LYS J 190 61.39 2.29 25.49
N VAL J 191 61.52 2.62 24.21
CA VAL J 191 60.38 2.53 23.31
C VAL J 191 60.42 1.18 22.60
N ILE J 192 59.34 0.87 21.91
CA ILE J 192 59.11 -0.44 21.30
C ILE J 192 59.14 -0.27 19.80
N VAL J 193 59.90 -1.14 19.14
CA VAL J 193 59.93 -1.18 17.67
C VAL J 193 58.66 -1.89 17.18
N PRO J 194 57.92 -1.30 16.26
CA PRO J 194 56.71 -1.96 15.74
C PRO J 194 57.02 -3.36 15.26
N PRO J 195 56.18 -4.34 15.62
CA PRO J 195 56.57 -5.74 15.41
C PRO J 195 56.62 -6.09 13.95
N PRO J 196 57.43 -7.09 13.57
CA PRO J 196 57.46 -7.54 12.18
C PRO J 196 56.12 -8.12 11.76
N THR J 197 55.81 -7.98 10.48
CA THR J 197 54.56 -8.49 9.93
C THR J 197 54.75 -9.58 8.89
N THR J 198 55.99 -9.99 8.62
CA THR J 198 56.25 -11.17 7.82
C THR J 198 57.25 -12.04 8.56
N TYR J 199 57.25 -13.33 8.25
CA TYR J 199 58.21 -14.23 8.86
C TYR J 199 59.64 -13.84 8.50
N GLU J 200 59.87 -13.47 7.23
CA GLU J 200 61.20 -13.04 6.81
C GLU J 200 61.69 -11.86 7.64
N ASP J 201 60.82 -10.85 7.83
CA ASP J 201 61.17 -9.69 8.64
C ASP J 201 61.37 -10.06 10.11
N ALA J 202 60.64 -11.06 10.60
CA ALA J 202 60.80 -11.47 11.99
C ALA J 202 62.18 -12.10 12.22
N VAL J 203 62.65 -12.90 11.25
CA VAL J 203 64.00 -13.46 11.34
C VAL J 203 65.04 -12.35 11.26
N LYS J 204 64.87 -11.42 10.32
CA LYS J 204 65.81 -10.31 10.18
C LYS J 204 65.79 -9.41 11.40
N ARG J 205 64.61 -9.24 12.02
CA ARG J 205 64.48 -8.34 13.17
C ARG J 205 65.41 -8.75 14.32
N LEU J 206 65.59 -10.05 14.55
CA LEU J 206 66.45 -10.47 15.65
C LEU J 206 67.92 -10.18 15.40
N GLN J 207 68.26 -9.71 14.20
CA GLN J 207 69.63 -9.36 13.84
C GLN J 207 69.82 -7.86 13.69
N GLU J 208 68.85 -7.06 14.11
CA GLU J 208 68.92 -5.63 13.88
C GLU J 208 69.56 -4.88 15.03
N GLY J 209 70.00 -5.58 16.08
CA GLY J 209 70.74 -4.96 17.16
C GLY J 209 69.88 -4.37 18.27
N TYR J 210 68.59 -4.62 18.26
CA TYR J 210 67.73 -4.15 19.34
C TYR J 210 67.86 -5.07 20.55
N GLU J 211 67.21 -4.67 21.64
CA GLU J 211 67.09 -5.51 22.83
C GLU J 211 65.81 -6.30 22.69
N CYS J 212 65.90 -7.55 22.25
CA CYS J 212 64.75 -8.37 21.89
C CYS J 212 64.64 -9.57 22.81
N ALA J 213 63.54 -9.65 23.57
CA ALA J 213 63.26 -10.88 24.29
C ALA J 213 62.77 -11.97 23.34
N ASP J 214 62.19 -11.57 22.22
CA ASP J 214 61.73 -12.46 21.17
C ASP J 214 61.56 -11.62 19.91
N TRP J 215 61.25 -12.28 18.80
CA TRP J 215 61.16 -11.60 17.51
C TRP J 215 60.16 -10.44 17.52
N TYR J 216 59.11 -10.54 18.34
CA TYR J 216 58.05 -9.56 18.29
C TYR J 216 58.20 -8.43 19.30
N ILE J 217 59.16 -8.50 20.22
CA ILE J 217 59.28 -7.51 21.29
C ILE J 217 60.73 -7.07 21.34
N CYS J 218 61.01 -5.96 20.66
CA CYS J 218 62.33 -5.36 20.63
C CYS J 218 62.20 -3.94 21.14
N LYS J 219 63.11 -3.55 22.02
CA LYS J 219 63.10 -2.22 22.62
C LYS J 219 64.36 -1.46 22.22
N LYS J 220 64.25 -0.14 22.28
CA LYS J 220 65.37 0.77 22.10
C LYS J 220 65.06 2.04 22.89
N LYS J 221 66.01 2.98 22.88
CA LYS J 221 65.82 4.29 23.48
C LYS J 221 65.68 5.36 22.41
N VAL J 222 65.02 6.45 22.78
CA VAL J 222 64.86 7.59 21.89
C VAL J 222 65.83 8.70 22.29
N SER K 5 27.81 -21.51 1.29
CA SER K 5 27.60 -21.87 -0.12
C SER K 5 28.83 -22.53 -0.57
N LEU K 6 28.64 -23.47 -1.44
CA LEU K 6 29.71 -24.28 -2.00
C LEU K 6 30.44 -23.54 -3.11
N PRO K 7 31.76 -23.40 -3.01
CA PRO K 7 32.53 -22.89 -4.16
C PRO K 7 32.31 -23.78 -5.37
N ARG K 8 32.36 -23.17 -6.55
CA ARG K 8 31.91 -23.80 -7.78
C ARG K 8 33.09 -24.32 -8.59
N LEU K 9 33.13 -25.64 -8.82
CA LEU K 9 34.16 -26.23 -9.66
C LEU K 9 34.02 -25.74 -11.10
N GLY K 10 35.16 -25.46 -11.73
CA GLY K 10 35.18 -25.02 -13.11
C GLY K 10 34.99 -23.53 -13.29
N GLU K 11 34.89 -22.78 -12.20
CA GLU K 11 34.73 -21.35 -12.26
C GLU K 11 35.92 -20.68 -11.59
N PRO K 12 36.15 -19.40 -11.87
CA PRO K 12 37.19 -18.66 -11.14
C PRO K 12 37.03 -18.85 -9.64
N ALA K 13 38.15 -19.10 -8.97
CA ALA K 13 38.11 -19.22 -7.52
C ALA K 13 37.74 -17.87 -6.90
N PRO K 14 36.91 -17.87 -5.84
CA PRO K 14 36.51 -16.60 -5.23
C PRO K 14 37.70 -15.70 -4.95
N ALA K 15 37.67 -14.48 -5.47
CA ALA K 15 38.80 -13.58 -5.36
C ALA K 15 38.83 -12.90 -4.00
N PHE K 16 40.04 -12.56 -3.55
CA PHE K 16 40.18 -11.86 -2.29
C PHE K 16 41.55 -11.23 -2.23
N GLU K 17 41.68 -10.27 -1.32
CA GLU K 17 42.96 -9.68 -0.94
C GLU K 17 43.15 -9.92 0.54
N ALA K 18 44.36 -10.30 0.94
CA ALA K 18 44.56 -10.69 2.32
C ALA K 18 46.00 -10.45 2.74
N GLN K 19 46.20 -10.37 4.04
CA GLN K 19 47.53 -10.32 4.63
C GLN K 19 48.02 -11.75 4.87
N THR K 20 49.31 -11.99 4.65
CA THR K 20 49.89 -13.31 4.86
C THR K 20 51.25 -13.19 5.55
N THR K 21 51.78 -14.33 5.97
CA THR K 21 53.10 -14.35 6.56
C THR K 21 54.19 -13.95 5.59
N PHE K 22 53.89 -13.87 4.30
CA PHE K 22 54.81 -13.40 3.27
C PHE K 22 54.49 -12.01 2.78
N GLY K 23 53.48 -11.36 3.35
CA GLY K 23 53.04 -10.06 2.89
C GLY K 23 51.66 -10.16 2.23
N PRO K 24 51.14 -9.04 1.74
CA PRO K 24 49.80 -9.04 1.17
C PRO K 24 49.74 -9.84 -0.13
N VAL K 25 48.58 -10.44 -0.38
CA VAL K 25 48.37 -11.22 -1.58
C VAL K 25 47.10 -10.72 -2.25
N LYS K 26 47.10 -10.72 -3.58
CA LYS K 26 45.91 -10.50 -4.39
C LYS K 26 45.59 -11.83 -5.05
N PHE K 27 44.50 -12.45 -4.61
CA PHE K 27 44.16 -13.83 -4.94
C PHE K 27 43.00 -13.90 -5.92
N PRO K 28 43.09 -14.74 -6.96
CA PRO K 28 44.25 -15.56 -7.30
C PRO K 28 45.17 -14.85 -8.30
N ASP K 29 44.92 -13.56 -8.51
CA ASP K 29 45.64 -12.76 -9.50
C ASP K 29 47.15 -12.86 -9.33
N ASP K 30 47.63 -12.84 -8.08
CA ASP K 30 49.07 -12.89 -7.83
C ASP K 30 49.68 -14.22 -8.24
N PHE K 31 48.87 -15.25 -8.50
CA PHE K 31 49.35 -16.58 -8.84
C PHE K 31 49.05 -16.97 -10.29
N LYS K 32 48.74 -15.98 -11.13
CA LYS K 32 48.48 -16.23 -12.55
C LYS K 32 49.66 -16.95 -13.18
N GLY K 33 49.35 -18.03 -13.92
CA GLY K 33 50.38 -18.87 -14.50
C GLY K 33 50.89 -19.95 -13.57
N GLN K 34 50.45 -19.98 -12.32
CA GLN K 34 50.81 -21.00 -11.35
C GLN K 34 49.57 -21.73 -10.87
N TRP K 35 49.71 -23.03 -10.62
CA TRP K 35 48.69 -23.73 -9.87
C TRP K 35 48.77 -23.37 -8.39
N VAL K 36 47.64 -23.44 -7.70
CA VAL K 36 47.55 -23.05 -6.30
C VAL K 36 46.86 -24.17 -5.54
N VAL K 37 47.45 -24.56 -4.41
CA VAL K 37 46.77 -25.40 -3.44
C VAL K 37 46.50 -24.49 -2.25
N LEU K 38 45.26 -24.05 -2.11
CA LEU K 38 44.83 -23.22 -1.00
C LEU K 38 44.21 -24.12 0.06
N PHE K 39 44.70 -24.05 1.29
CA PHE K 39 44.12 -24.90 2.33
C PHE K 39 43.97 -24.09 3.60
N SER K 40 43.05 -24.55 4.45
CA SER K 40 42.77 -23.88 5.71
C SER K 40 43.08 -24.81 6.87
N HIS K 41 43.33 -24.23 8.03
CA HIS K 41 43.53 -25.04 9.22
C HIS K 41 42.83 -24.30 10.35
N PRO K 42 42.22 -25.02 11.30
CA PRO K 42 41.41 -24.33 12.31
C PRO K 42 42.17 -23.33 13.16
N ALA K 43 43.35 -23.68 13.68
CA ALA K 43 43.97 -22.79 14.65
C ALA K 43 45.47 -23.01 14.75
N ASP K 44 46.23 -21.92 14.72
CA ASP K 44 47.64 -21.97 15.09
C ASP K 44 47.80 -22.60 16.47
N PHE K 45 48.94 -23.26 16.68
CA PHE K 45 49.26 -23.90 17.94
C PHE K 45 48.26 -25.00 18.28
N THR K 46 47.83 -25.76 17.26
CA THR K 46 47.05 -26.97 17.49
C THR K 46 47.73 -28.11 16.74
N PRO K 47 47.55 -29.35 17.21
CA PRO K 47 48.52 -30.41 16.86
C PRO K 47 48.37 -31.05 15.47
N VAL K 48 47.16 -31.40 15.05
CA VAL K 48 47.02 -32.01 13.71
C VAL K 48 47.59 -31.04 12.69
N THR K 50 49.84 -28.71 12.96
CA THR K 50 51.29 -28.73 12.98
C THR K 50 51.83 -29.90 12.15
N THR K 51 51.27 -31.10 12.35
CA THR K 51 51.75 -32.23 11.55
C THR K 51 51.49 -32.00 10.07
N GLU K 52 50.36 -31.36 9.73
CA GLU K 52 50.08 -31.09 8.34
C GLU K 52 51.04 -30.06 7.77
N PHE K 53 51.33 -29.00 8.53
CA PHE K 53 52.27 -27.99 8.04
C PHE K 53 53.66 -28.57 7.87
N VAL K 54 54.10 -29.42 8.79
CA VAL K 54 55.40 -30.06 8.62
C VAL K 54 55.40 -30.94 7.38
N ALA K 55 54.29 -31.67 7.16
CA ALA K 55 54.25 -32.58 6.02
C ALA K 55 54.26 -31.81 4.71
N PHE K 56 53.49 -30.72 4.62
CA PHE K 56 53.54 -29.86 3.43
C PHE K 56 54.93 -29.27 3.24
N ALA K 57 55.55 -28.77 4.33
CA ALA K 57 56.89 -28.20 4.23
C ALA K 57 57.90 -29.22 3.70
N LYS K 58 57.86 -30.44 4.24
CA LYS K 58 58.79 -31.47 3.78
C LYS K 58 58.57 -31.80 2.30
N ASN K 59 57.34 -31.63 1.80
CA ASN K 59 56.99 -31.91 0.42
C ASN K 59 56.97 -30.65 -0.43
N TYR K 60 57.54 -29.55 0.07
CA TYR K 60 57.47 -28.27 -0.64
C TYR K 60 58.10 -28.37 -2.03
N GLU K 61 59.23 -29.08 -2.15
CA GLU K 61 59.87 -29.22 -3.45
C GLU K 61 59.03 -30.05 -4.41
N GLU K 62 58.28 -31.03 -3.90
CA GLU K 62 57.35 -31.77 -4.75
C GLU K 62 56.33 -30.84 -5.38
N PHE K 63 55.86 -29.84 -4.62
CA PHE K 63 54.91 -28.89 -5.18
C PHE K 63 55.59 -27.91 -6.13
N LYS K 64 56.77 -27.43 -5.75
CA LYS K 64 57.50 -26.47 -6.58
C LYS K 64 57.79 -27.03 -7.97
N LYS K 65 58.20 -28.30 -8.05
CA LYS K 65 58.48 -28.90 -9.34
C LYS K 65 57.22 -29.11 -10.17
N ARG K 66 56.05 -29.05 -9.55
CA ARG K 66 54.78 -29.10 -10.27
C ARG K 66 54.18 -27.72 -10.50
N ASN K 67 54.94 -26.63 -10.30
CA ASN K 67 54.43 -25.28 -10.54
C ASN K 67 53.22 -24.98 -9.65
N VAL K 68 53.26 -25.45 -8.41
CA VAL K 68 52.17 -25.27 -7.46
C VAL K 68 52.63 -24.37 -6.33
N GLN K 69 51.88 -23.30 -6.09
CA GLN K 69 52.08 -22.44 -4.94
C GLN K 69 51.16 -22.90 -3.81
N LEU K 70 51.76 -23.33 -2.70
CA LEU K 70 50.99 -23.65 -1.51
C LEU K 70 50.64 -22.36 -0.77
N ILE K 71 49.42 -22.29 -0.25
CA ILE K 71 49.08 -21.16 0.61
C ILE K 71 48.08 -21.62 1.66
N GLY K 72 48.44 -21.44 2.92
CA GLY K 72 47.57 -21.82 4.03
C GLY K 72 46.72 -20.66 4.47
N LEU K 73 45.81 -20.95 5.41
CA LEU K 73 44.88 -19.94 5.89
C LEU K 73 44.30 -20.38 7.22
N SER K 74 44.25 -19.46 8.18
CA SER K 74 43.39 -19.66 9.33
C SER K 74 42.85 -18.30 9.76
N VAL K 75 41.94 -18.33 10.74
CA VAL K 75 41.39 -17.08 11.24
C VAL K 75 42.30 -16.42 12.26
N ASP K 76 43.47 -16.99 12.53
CA ASP K 76 44.40 -16.39 13.48
C ASP K 76 45.12 -15.20 12.86
N SER K 77 45.65 -14.34 13.72
CA SER K 77 46.39 -13.19 13.25
C SER K 77 47.74 -13.58 12.66
N ASN K 78 48.29 -12.66 11.86
CA ASN K 78 49.62 -12.85 11.29
C ASN K 78 50.72 -12.90 12.35
N PHE K 79 50.52 -12.22 13.47
CA PHE K 79 51.51 -12.29 14.55
C PHE K 79 51.47 -13.66 15.22
N SER K 80 50.28 -14.22 15.41
CA SER K 80 50.18 -15.59 15.89
C SER K 80 50.72 -16.57 14.84
N HIS K 81 50.49 -16.29 13.55
CA HIS K 81 51.07 -17.13 12.49
C HIS K 81 52.59 -17.16 12.60
N ILE K 82 53.22 -15.99 12.65
CA ILE K 82 54.67 -15.90 12.73
C ILE K 82 55.18 -16.59 13.98
N ALA K 83 54.51 -16.36 15.12
CA ALA K 83 54.90 -17.05 16.36
C ALA K 83 54.84 -18.56 16.20
N TRP K 84 53.79 -19.05 15.54
CA TRP K 84 53.63 -20.50 15.36
C TRP K 84 54.70 -21.06 14.44
N VAL K 85 55.05 -20.33 13.37
CA VAL K 85 56.11 -20.79 12.48
C VAL K 85 57.44 -20.83 13.23
N MET K 86 57.70 -19.82 14.06
CA MET K 86 58.89 -19.85 14.92
C MET K 86 58.87 -21.06 15.83
N ASN K 87 57.70 -21.35 16.42
CA ASN K 87 57.58 -22.51 17.30
C ASN K 87 57.85 -23.81 16.54
N ILE K 88 57.31 -23.93 15.32
CA ILE K 88 57.54 -25.12 14.51
C ILE K 88 59.01 -25.30 14.17
N LYS K 89 59.70 -24.20 13.84
CA LYS K 89 61.12 -24.28 13.55
C LYS K 89 61.92 -24.72 14.76
N GLU K 90 61.57 -24.20 15.94
CA GLU K 90 62.30 -24.53 17.15
C GLU K 90 62.04 -25.97 17.59
N LYS K 91 60.79 -26.43 17.51
CA LYS K 91 60.45 -27.75 18.03
C LYS K 91 60.65 -28.87 17.02
N PHE K 92 60.62 -28.57 15.73
CA PHE K 92 60.72 -29.60 14.70
C PHE K 92 61.85 -29.39 13.71
N GLY K 93 62.56 -28.27 13.78
CA GLY K 93 63.66 -28.07 12.86
C GLY K 93 63.25 -27.83 11.43
N ILE K 94 61.99 -27.44 11.20
CA ILE K 94 61.44 -27.22 9.86
C ILE K 94 60.98 -25.77 9.75
N GLU K 95 61.37 -25.12 8.66
CA GLU K 95 60.96 -23.74 8.38
C GLU K 95 59.84 -23.75 7.35
N ILE K 96 58.67 -23.26 7.73
CA ILE K 96 57.53 -23.25 6.80
C ILE K 96 57.89 -22.39 5.58
N PRO K 97 57.89 -22.96 4.38
CA PRO K 97 58.34 -22.21 3.18
C PRO K 97 57.23 -21.62 2.33
N PHE K 98 55.99 -21.59 2.80
CA PHE K 98 54.87 -21.07 2.03
C PHE K 98 54.07 -20.13 2.91
N PRO K 99 53.32 -19.20 2.32
CA PRO K 99 52.60 -18.21 3.12
C PRO K 99 51.37 -18.79 3.81
N ILE K 100 50.99 -18.15 4.92
CA ILE K 100 49.75 -18.42 5.62
C ILE K 100 48.92 -17.15 5.66
N ILE K 101 47.70 -17.24 5.17
CA ILE K 101 46.78 -16.10 5.17
C ILE K 101 46.25 -15.91 6.59
N ALA K 102 46.23 -14.66 7.04
CA ALA K 102 45.57 -14.29 8.29
C ALA K 102 44.18 -13.78 7.93
N ASP K 103 43.16 -14.64 8.08
CA ASP K 103 41.79 -14.33 7.71
C ASP K 103 40.99 -14.00 8.96
N HIS K 104 41.37 -12.88 9.58
CA HIS K 104 40.88 -12.55 10.92
C HIS K 104 39.36 -12.53 10.99
N ASN K 105 38.70 -11.84 10.03
CA ASN K 105 37.26 -11.67 10.10
C ASN K 105 36.50 -12.71 9.28
N MET K 106 37.14 -13.85 8.99
CA MET K 106 36.52 -14.98 8.29
C MET K 106 35.98 -14.63 6.91
N GLU K 107 36.40 -13.51 6.32
CA GLU K 107 35.83 -13.13 5.03
C GLU K 107 36.19 -14.13 3.92
N VAL K 108 37.45 -14.53 3.86
CA VAL K 108 37.84 -15.54 2.87
C VAL K 108 37.24 -16.88 3.23
N ALA K 109 37.27 -17.24 4.52
CA ALA K 109 36.72 -18.53 4.96
C ALA K 109 35.28 -18.70 4.51
N LYS K 110 34.48 -17.63 4.63
CA LYS K 110 33.07 -17.71 4.23
C LYS K 110 32.92 -17.83 2.72
N LYS K 111 33.78 -17.16 1.94
CA LYS K 111 33.73 -17.28 0.48
C LYS K 111 33.98 -18.70 -0.01
N TYR K 112 34.75 -19.47 0.76
CA TYR K 112 35.17 -20.82 0.37
C TYR K 112 34.44 -21.88 1.16
N GLY K 113 33.39 -21.51 1.89
CA GLY K 113 32.62 -22.49 2.64
C GLY K 113 33.42 -23.19 3.71
N MET K 114 34.38 -22.49 4.31
CA MET K 114 35.28 -23.13 5.26
C MET K 114 34.75 -23.15 6.68
N ILE K 115 33.67 -22.41 6.98
CA ILE K 115 33.11 -22.35 8.33
C ILE K 115 31.90 -23.27 8.40
N HIS K 116 32.02 -24.32 9.20
CA HIS K 116 30.94 -25.28 9.43
C HIS K 116 30.54 -25.23 10.89
N PRO K 117 29.44 -24.56 11.22
CA PRO K 117 29.19 -24.17 12.62
C PRO K 117 29.13 -25.33 13.59
N ALA K 118 28.65 -26.51 13.17
CA ALA K 118 28.67 -27.66 14.07
C ALA K 118 30.08 -28.14 14.35
N GLN K 119 31.04 -27.83 13.45
CA GLN K 119 32.45 -28.08 13.72
C GLN K 119 33.03 -26.97 14.58
N SER K 120 32.89 -25.73 14.13
CA SER K 120 33.35 -24.57 14.86
C SER K 120 32.68 -23.35 14.27
N THR K 121 32.19 -22.46 15.14
CA THR K 121 31.71 -21.17 14.67
C THR K 121 32.82 -20.13 14.58
N THR K 122 34.04 -20.48 14.99
CA THR K 122 35.15 -19.55 14.98
C THR K 122 36.34 -20.01 14.13
N PHE K 123 36.53 -21.31 13.93
CA PHE K 123 37.67 -21.83 13.19
C PHE K 123 37.20 -22.39 11.86
N THR K 124 38.08 -22.36 10.86
CA THR K 124 37.81 -23.11 9.64
C THR K 124 37.95 -24.61 9.88
N VAL K 125 37.29 -25.40 9.03
CA VAL K 125 37.57 -26.83 8.98
C VAL K 125 38.85 -27.04 8.17
N ARG K 126 39.17 -28.30 7.84
CA ARG K 126 40.35 -28.62 7.05
C ARG K 126 39.97 -28.65 5.58
N ALA K 127 39.77 -27.47 5.01
CA ALA K 127 39.38 -27.35 3.61
C ALA K 127 40.64 -27.25 2.74
N LEU K 128 40.54 -27.77 1.53
CA LEU K 128 41.66 -27.65 0.61
C LEU K 128 41.12 -27.52 -0.80
N PHE K 129 41.74 -26.65 -1.57
CA PHE K 129 41.24 -26.26 -2.88
C PHE K 129 42.41 -26.31 -3.86
N VAL K 130 42.21 -27.00 -4.97
CA VAL K 130 43.20 -26.98 -6.05
C VAL K 130 42.71 -26.02 -7.11
N ILE K 131 43.56 -25.05 -7.45
CA ILE K 131 43.22 -23.99 -8.38
C ILE K 131 44.27 -24.00 -9.47
N ASP K 132 43.83 -23.89 -10.72
CA ASP K 132 44.77 -24.06 -11.81
C ASP K 132 45.45 -22.74 -12.15
N ASP K 133 46.28 -22.78 -13.20
CA ASP K 133 47.07 -21.62 -13.58
C ASP K 133 46.22 -20.50 -14.16
N LYS K 134 44.93 -20.75 -14.40
CA LYS K 134 44.02 -19.71 -14.83
C LYS K 134 43.14 -19.21 -13.70
N GLY K 135 43.41 -19.63 -12.47
CA GLY K 135 42.58 -19.21 -11.36
C GLY K 135 41.27 -19.95 -11.25
N ILE K 136 41.09 -21.04 -11.99
CA ILE K 136 39.85 -21.79 -11.98
C ILE K 136 39.91 -22.83 -10.87
N LEU K 137 38.85 -22.91 -10.07
CA LEU K 137 38.77 -23.95 -9.06
C LEU K 137 38.56 -25.30 -9.72
N ARG K 138 39.42 -26.27 -9.38
CA ARG K 138 39.42 -27.56 -10.06
C ARG K 138 38.94 -28.72 -9.18
N ALA K 139 39.16 -28.66 -7.88
CA ALA K 139 38.85 -29.76 -6.97
C ALA K 139 38.91 -29.22 -5.55
N MET K 140 38.21 -29.90 -4.63
CA MET K 140 38.24 -29.45 -3.25
C MET K 140 37.90 -30.59 -2.31
N ILE K 141 38.38 -30.46 -1.06
CA ILE K 141 38.09 -31.43 -0.02
C ILE K 141 37.81 -30.69 1.27
N TYR K 142 36.96 -31.28 2.10
CA TYR K 142 36.64 -30.72 3.42
C TYR K 142 36.76 -31.84 4.45
N TYR K 143 37.88 -31.84 5.21
CA TYR K 143 38.04 -32.79 6.29
C TYR K 143 37.72 -32.13 7.62
N PRO K 144 37.31 -32.89 8.63
CA PRO K 144 36.92 -32.30 9.91
C PRO K 144 38.12 -32.00 10.81
N LEU K 145 37.82 -31.36 11.95
CA LEU K 145 38.88 -30.92 12.86
C LEU K 145 39.72 -32.10 13.37
N THR K 146 39.11 -33.27 13.51
CA THR K 146 39.81 -34.42 14.07
C THR K 146 40.89 -35.00 13.15
N THR K 147 40.81 -34.78 11.84
CA THR K 147 41.39 -35.75 10.89
C THR K 147 42.37 -35.08 9.93
N GLY K 148 43.65 -35.36 10.13
CA GLY K 148 44.65 -34.80 9.23
C GLY K 148 44.49 -35.31 7.81
N ARG K 149 44.93 -34.48 6.87
CA ARG K 149 44.80 -34.75 5.44
C ARG K 149 45.95 -35.65 4.97
N ASN K 150 45.85 -36.10 3.72
CA ASN K 150 46.82 -36.99 3.09
C ASN K 150 47.60 -36.17 2.06
N ILE K 151 48.85 -35.83 2.38
CA ILE K 151 49.59 -34.89 1.55
C ILE K 151 49.94 -35.51 0.18
N ARG K 152 50.25 -36.80 0.15
CA ARG K 152 50.56 -37.42 -1.14
C ARG K 152 49.34 -37.45 -2.06
N GLU K 153 48.14 -37.58 -1.50
CA GLU K 153 46.96 -37.53 -2.35
C GLU K 153 46.76 -36.14 -2.95
N VAL K 154 47.15 -35.09 -2.23
CA VAL K 154 47.10 -33.75 -2.80
C VAL K 154 48.03 -33.65 -4.00
N ILE K 155 49.24 -34.21 -3.88
CA ILE K 155 50.19 -34.23 -4.99
C ILE K 155 49.63 -35.08 -6.14
N ARG K 156 49.05 -36.23 -5.82
CA ARG K 156 48.50 -37.09 -6.86
C ARG K 156 47.37 -36.38 -7.60
N LEU K 157 46.53 -35.67 -6.85
CA LEU K 157 45.43 -34.92 -7.44
C LEU K 157 45.95 -33.87 -8.41
N VAL K 158 46.98 -33.13 -8.01
CA VAL K 158 47.60 -32.13 -8.89
C VAL K 158 48.14 -32.79 -10.15
N ASP K 159 48.88 -33.88 -9.99
CA ASP K 159 49.39 -34.62 -11.14
C ASP K 159 48.26 -35.04 -12.06
N ALA K 160 47.18 -35.58 -11.49
CA ALA K 160 46.08 -36.05 -12.31
C ALA K 160 45.42 -34.90 -13.05
N LEU K 161 45.24 -33.76 -12.39
CA LEU K 161 44.61 -32.62 -13.04
C LEU K 161 45.51 -32.04 -14.12
N GLN K 162 46.82 -31.93 -13.84
CA GLN K 162 47.73 -31.38 -14.84
C GLN K 162 47.86 -32.30 -16.05
N THR K 163 47.88 -33.61 -15.84
CA THR K 163 47.93 -34.55 -16.95
C THR K 163 46.68 -34.47 -17.80
N ALA K 164 45.52 -34.37 -17.17
CA ALA K 164 44.27 -34.22 -17.90
C ALA K 164 44.33 -33.03 -18.84
N ASP K 165 44.81 -31.88 -18.33
CA ASP K 165 44.93 -30.68 -19.15
C ASP K 165 45.98 -30.87 -20.24
N ARG K 166 47.14 -31.41 -19.87
CA ARG K 166 48.24 -31.54 -20.83
C ARG K 166 47.92 -32.55 -21.92
N GLU K 167 47.31 -33.67 -21.56
CA GLU K 167 47.12 -34.78 -22.49
C GLU K 167 45.73 -34.82 -23.11
N GLY K 168 44.79 -34.04 -22.58
CA GLY K 168 43.42 -34.16 -23.06
C GLY K 168 42.86 -35.53 -22.74
N VAL K 169 43.12 -36.04 -21.54
CA VAL K 169 42.71 -37.36 -21.11
C VAL K 169 42.02 -37.23 -19.77
N ALA K 170 41.43 -38.33 -19.33
CA ALA K 170 40.96 -38.46 -17.95
C ALA K 170 41.85 -39.47 -17.24
N THR K 171 41.81 -39.46 -15.91
CA THR K 171 42.61 -40.38 -15.14
C THR K 171 41.71 -41.30 -14.32
N PRO K 172 41.99 -42.60 -14.31
CA PRO K 172 41.12 -43.55 -13.60
C PRO K 172 41.29 -43.46 -12.10
N ALA K 173 40.45 -44.22 -11.41
CA ALA K 173 40.65 -44.45 -9.99
C ALA K 173 42.09 -44.84 -9.71
N ASP K 174 42.67 -44.26 -8.65
CA ASP K 174 43.98 -44.65 -8.14
C ASP K 174 45.10 -44.38 -9.14
N TRP K 175 44.91 -43.43 -10.06
CA TRP K 175 45.91 -43.16 -11.08
C TRP K 175 47.15 -42.50 -10.49
N VAL K 176 48.30 -42.89 -11.00
CA VAL K 176 49.57 -42.20 -10.77
C VAL K 176 50.31 -42.09 -12.09
N PRO K 177 51.19 -41.09 -12.22
CA PRO K 177 51.94 -40.95 -13.48
C PRO K 177 53.01 -42.02 -13.69
N GLU K 178 53.52 -42.63 -12.63
CA GLU K 178 54.52 -43.69 -12.71
C GLU K 178 54.27 -44.66 -11.57
N PRO K 179 54.68 -45.92 -11.72
CA PRO K 179 54.52 -46.87 -10.61
C PRO K 179 55.23 -46.37 -9.37
N GLN K 180 54.62 -46.62 -8.22
CA GLN K 180 55.18 -46.08 -6.98
C GLN K 180 54.51 -46.76 -5.80
N THR K 181 55.11 -46.54 -4.64
CA THR K 181 54.70 -47.13 -3.38
C THR K 181 54.68 -46.01 -2.35
N TRP K 182 53.54 -45.84 -1.68
CA TRP K 182 53.42 -44.87 -0.58
C TRP K 182 53.60 -45.63 0.72
N GLU K 183 54.73 -45.43 1.38
CA GLU K 183 55.04 -46.11 2.63
C GLU K 183 54.49 -45.32 3.81
N PHE K 184 53.81 -46.01 4.70
CA PHE K 184 53.38 -45.47 5.98
C PHE K 184 54.05 -46.29 7.07
N THR K 185 54.77 -45.61 7.95
CA THR K 185 55.61 -46.30 8.92
C THR K 185 54.92 -46.31 10.28
N GLU K 186 55.59 -46.93 11.24
CA GLU K 186 55.12 -46.94 12.62
C GLU K 186 54.88 -45.54 13.13
N GLU K 187 55.71 -44.58 12.70
CA GLU K 187 55.53 -43.20 13.11
C GLU K 187 54.18 -42.65 12.65
N ASN K 188 53.69 -43.13 11.51
CA ASN K 188 52.40 -42.67 11.00
C ASN K 188 51.21 -43.23 11.77
N THR K 189 51.43 -44.12 12.74
CA THR K 189 50.34 -44.69 13.51
C THR K 189 50.09 -43.96 14.82
N LYS K 190 50.98 -43.08 15.24
CA LYS K 190 50.75 -42.39 16.49
C LYS K 190 49.59 -41.43 16.34
N VAL K 191 48.69 -41.44 17.30
CA VAL K 191 47.56 -40.53 17.31
C VAL K 191 47.91 -39.32 18.17
N ILE K 192 47.03 -38.32 18.12
CA ILE K 192 47.26 -37.02 18.76
C ILE K 192 46.28 -36.87 19.90
N VAL K 193 46.80 -36.46 21.06
CA VAL K 193 45.92 -36.13 22.20
C VAL K 193 45.25 -34.79 21.92
N PRO K 194 43.93 -34.69 22.05
CA PRO K 194 43.27 -33.39 21.82
C PRO K 194 43.90 -32.31 22.68
N PRO K 195 44.21 -31.14 22.11
CA PRO K 195 45.05 -30.18 22.83
C PRO K 195 44.33 -29.60 24.03
N PRO K 196 45.07 -29.17 25.05
CA PRO K 196 44.45 -28.54 26.22
C PRO K 196 43.80 -27.21 25.85
N THR K 197 42.76 -26.85 26.60
CA THR K 197 42.04 -25.62 26.34
C THR K 197 42.09 -24.63 27.48
N THR K 198 42.80 -24.94 28.56
CA THR K 198 43.09 -23.94 29.59
C THR K 198 44.58 -23.94 29.85
N TYR K 199 45.07 -22.82 30.38
CA TYR K 199 46.49 -22.76 30.70
C TYR K 199 46.85 -23.81 31.74
N GLU K 200 46.01 -23.99 32.76
CA GLU K 200 46.25 -24.99 33.78
C GLU K 200 46.36 -26.39 33.17
N ASP K 201 45.43 -26.72 32.27
CA ASP K 201 45.45 -28.02 31.60
C ASP K 201 46.68 -28.17 30.73
N ALA K 202 47.17 -27.08 30.14
CA ALA K 202 48.37 -27.16 29.32
C ALA K 202 49.59 -27.50 30.17
N VAL K 203 49.69 -26.92 31.37
CA VAL K 203 50.78 -27.26 32.28
C VAL K 203 50.65 -28.71 32.74
N LYS K 204 49.45 -29.12 33.12
CA LYS K 204 49.24 -30.51 33.54
C LYS K 204 49.46 -31.50 32.41
N ARG K 205 49.13 -31.11 31.17
CA ARG K 205 49.31 -32.02 30.03
C ARG K 205 50.77 -32.46 29.91
N LEU K 206 51.70 -31.54 30.17
CA LEU K 206 53.12 -31.83 30.05
C LEU K 206 53.62 -32.77 31.14
N GLN K 207 52.77 -33.12 32.10
CA GLN K 207 53.13 -34.02 33.19
C GLN K 207 52.43 -35.37 33.09
N GLU K 208 51.77 -35.66 31.98
CA GLU K 208 50.97 -36.88 31.85
C GLU K 208 51.74 -38.04 31.24
N GLY K 209 53.01 -37.85 30.90
CA GLY K 209 53.84 -38.95 30.44
C GLY K 209 53.80 -39.23 28.95
N TYR K 210 53.16 -38.38 28.16
CA TYR K 210 53.14 -38.54 26.71
C TYR K 210 54.44 -38.02 26.07
N GLU K 211 54.54 -38.28 24.77
CA GLU K 211 55.57 -37.73 23.89
C GLU K 211 55.06 -36.40 23.34
N CYS K 212 55.50 -35.28 23.93
CA CYS K 212 54.99 -33.96 23.60
C CYS K 212 56.12 -33.10 23.05
N ALA K 213 56.00 -32.68 21.79
CA ALA K 213 56.95 -31.70 21.28
C ALA K 213 56.71 -30.33 21.91
N ASP K 214 55.47 -30.06 22.31
CA ASP K 214 55.11 -28.86 23.07
C ASP K 214 53.76 -29.15 23.73
N TRP K 215 53.28 -28.19 24.53
CA TRP K 215 52.08 -28.40 25.34
C TRP K 215 50.89 -28.78 24.48
N TYR K 216 50.86 -28.32 23.24
CA TYR K 216 49.68 -28.51 22.43
C TYR K 216 49.76 -29.74 21.53
N ILE K 217 50.91 -30.40 21.44
CA ILE K 217 51.09 -31.48 20.48
C ILE K 217 51.73 -32.65 21.22
N CYS K 218 50.89 -33.57 21.68
CA CYS K 218 51.29 -34.78 22.38
C CYS K 218 50.79 -35.98 21.60
N LYS K 219 51.64 -36.98 21.40
CA LYS K 219 51.30 -38.16 20.64
C LYS K 219 51.34 -39.39 21.53
N LYS K 220 50.60 -40.42 21.11
CA LYS K 220 50.65 -41.72 21.75
C LYS K 220 50.27 -42.77 20.71
N LYS K 221 50.36 -44.03 21.11
CA LYS K 221 49.82 -45.09 20.27
C LYS K 221 48.57 -45.68 20.91
N VAL K 222 47.67 -46.19 20.07
CA VAL K 222 46.48 -46.85 20.60
C VAL K 222 46.41 -48.31 20.16
N ALA K 223 45.85 -49.15 21.02
CA ALA K 223 45.63 -50.57 20.70
C ALA K 223 44.38 -50.72 19.83
N VAL L 3 21.61 -21.13 -2.74
CA VAL L 3 21.81 -22.45 -3.34
C VAL L 3 22.61 -22.31 -4.64
N VAL L 4 23.37 -23.34 -5.02
CA VAL L 4 23.49 -24.60 -4.29
C VAL L 4 24.25 -24.41 -2.98
N SER L 5 23.99 -25.29 -2.02
CA SER L 5 24.55 -25.17 -0.70
C SER L 5 25.71 -26.13 -0.54
N LEU L 6 26.63 -25.77 0.35
CA LEU L 6 27.60 -26.73 0.85
C LEU L 6 26.95 -27.58 1.95
N PRO L 7 26.90 -28.91 1.80
CA PRO L 7 26.47 -29.72 2.95
C PRO L 7 27.38 -29.40 4.12
N ARG L 8 26.81 -29.44 5.32
CA ARG L 8 27.50 -28.92 6.50
C ARG L 8 28.09 -30.06 7.32
N LEU L 9 29.41 -30.00 7.53
CA LEU L 9 30.08 -30.99 8.37
C LEU L 9 29.57 -30.90 9.80
N GLY L 10 29.37 -32.06 10.41
CA GLY L 10 28.90 -32.15 11.77
C GLY L 10 27.41 -32.11 11.97
N GLU L 11 26.62 -31.94 10.90
CA GLU L 11 25.17 -31.92 10.99
CA GLU L 11 25.16 -31.93 11.02
C GLU L 11 24.60 -33.16 10.32
N PRO L 12 23.36 -33.54 10.66
CA PRO L 12 22.77 -34.72 10.00
C PRO L 12 22.90 -34.61 8.49
N ALA L 13 23.25 -35.73 7.86
CA ALA L 13 23.34 -35.77 6.41
C ALA L 13 21.96 -35.50 5.82
N PRO L 14 21.88 -34.72 4.74
CA PRO L 14 20.57 -34.42 4.14
C PRO L 14 19.78 -35.69 3.86
N ALA L 15 18.54 -35.72 4.36
CA ALA L 15 17.69 -36.90 4.23
C ALA L 15 17.01 -36.95 2.87
N PHE L 16 16.76 -38.17 2.40
CA PHE L 16 16.06 -38.37 1.14
C PHE L 16 15.57 -39.81 1.06
N GLU L 17 14.62 -40.03 0.17
CA GLU L 17 14.19 -41.35 -0.23
C GLU L 17 14.40 -41.49 -1.73
N ALA L 18 14.92 -42.63 -2.14
CA ALA L 18 15.27 -42.79 -3.55
C ALA L 18 15.22 -44.26 -3.92
N GLN L 19 15.11 -44.49 -5.23
CA GLN L 19 15.24 -45.81 -5.78
C GLN L 19 16.73 -46.14 -5.99
N THR L 20 17.10 -47.40 -5.76
CA THR L 20 18.45 -47.86 -5.99
C THR L 20 18.42 -49.23 -6.64
N THR L 21 19.60 -49.69 -7.08
CA THR L 21 19.72 -51.02 -7.65
C THR L 21 19.44 -52.12 -6.65
N PHE L 22 19.34 -51.78 -5.36
CA PHE L 22 18.99 -52.77 -4.35
C PHE L 22 17.57 -52.60 -3.84
N GLY L 23 16.79 -51.67 -4.42
CA GLY L 23 15.47 -51.37 -3.94
C GLY L 23 15.41 -49.99 -3.30
N PRO L 24 14.26 -49.62 -2.76
CA PRO L 24 14.12 -48.28 -2.17
C PRO L 24 14.94 -48.13 -0.91
N VAL L 25 15.45 -46.92 -0.68
CA VAL L 25 16.20 -46.62 0.54
C VAL L 25 15.61 -45.36 1.14
N LYS L 26 15.60 -45.29 2.46
CA LYS L 26 15.30 -44.06 3.18
C LYS L 26 16.62 -43.67 3.83
N PHE L 27 17.21 -42.57 3.37
CA PHE L 27 18.58 -42.18 3.67
C PHE L 27 18.62 -40.99 4.63
N PRO L 28 19.51 -41.00 5.63
CA PRO L 28 20.47 -42.07 5.98
C PRO L 28 19.84 -43.05 6.96
N ASP L 29 18.52 -42.87 7.12
CA ASP L 29 17.74 -43.60 8.10
C ASP L 29 17.93 -45.11 8.01
N ASP L 30 17.96 -45.66 6.80
CA ASP L 30 18.10 -47.11 6.65
C ASP L 30 19.47 -47.61 7.08
N PHE L 31 20.44 -46.72 7.24
CA PHE L 31 21.80 -47.09 7.56
C PHE L 31 22.21 -46.68 8.97
N LYS L 32 21.25 -46.33 9.82
CA LYS L 32 21.55 -46.00 11.21
C LYS L 32 22.25 -47.17 11.89
N GLY L 33 23.32 -46.87 12.62
CA GLY L 33 24.17 -47.88 13.20
C GLY L 33 25.27 -48.37 12.29
N GLN L 34 25.29 -47.90 11.05
CA GLN L 34 26.33 -48.18 10.08
C GLN L 34 26.96 -46.86 9.63
N TRP L 35 28.26 -46.89 9.35
CA TRP L 35 28.86 -45.81 8.60
C TRP L 35 28.46 -45.94 7.13
N VAL L 36 28.44 -44.80 6.44
CA VAL L 36 28.00 -44.73 5.05
C VAL L 36 29.04 -43.94 4.26
N VAL L 37 29.46 -44.49 3.13
CA VAL L 37 30.20 -43.73 2.14
C VAL L 37 29.25 -43.54 0.96
N LEU L 38 28.69 -42.34 0.87
CA LEU L 38 27.82 -41.94 -0.23
C LEU L 38 28.68 -41.24 -1.26
N PHE L 39 28.68 -41.73 -2.50
CA PHE L 39 29.45 -41.04 -3.51
C PHE L 39 28.63 -40.97 -4.78
N SER L 40 28.98 -40.00 -5.62
CA SER L 40 28.26 -39.79 -6.86
C SER L 40 29.22 -39.96 -8.03
N HIS L 41 28.65 -40.27 -9.19
CA HIS L 41 29.43 -40.37 -10.40
C HIS L 41 28.62 -39.72 -11.52
N PRO L 42 29.27 -39.07 -12.47
CA PRO L 42 28.51 -38.31 -13.47
C PRO L 42 27.57 -39.18 -14.29
N ALA L 43 28.03 -40.31 -14.82
CA ALA L 43 27.15 -40.99 -15.76
C ALA L 43 27.49 -42.46 -15.90
N ASP L 44 26.47 -43.31 -15.85
CA ASP L 44 26.64 -44.71 -16.26
C ASP L 44 27.28 -44.78 -17.65
N PHE L 45 28.02 -45.86 -17.88
CA PHE L 45 28.67 -46.11 -19.17
C PHE L 45 29.68 -45.01 -19.50
N THR L 46 30.40 -44.53 -18.49
CA THR L 46 31.54 -43.66 -18.72
C THR L 46 32.74 -44.23 -17.99
N PRO L 47 33.95 -43.99 -18.49
CA PRO L 47 35.10 -44.84 -18.12
C PRO L 47 35.72 -44.61 -16.74
N VAL L 48 35.97 -43.37 -16.32
CA VAL L 48 36.56 -43.15 -15.02
C VAL L 48 35.67 -43.79 -13.97
N THR L 50 33.65 -46.30 -14.27
CA THR L 50 33.79 -47.75 -14.27
C THR L 50 34.99 -48.18 -13.45
N THR L 51 36.14 -47.54 -13.64
CA THR L 51 37.32 -47.92 -12.86
C THR L 51 37.08 -47.68 -11.37
N GLU L 52 36.34 -46.62 -11.04
CA GLU L 52 36.06 -46.37 -9.62
C GLU L 52 35.12 -47.43 -9.07
N PHE L 53 34.08 -47.79 -9.81
CA PHE L 53 33.17 -48.82 -9.32
C PHE L 53 33.89 -50.16 -9.16
N VAL L 54 34.77 -50.51 -10.09
CA VAL L 54 35.54 -51.75 -9.97
C VAL L 54 36.45 -51.70 -8.74
N ALA L 55 37.07 -50.54 -8.52
CA ALA L 55 37.98 -50.42 -7.38
C ALA L 55 37.21 -50.51 -6.06
N PHE L 56 36.06 -49.83 -5.98
CA PHE L 56 35.21 -49.96 -4.79
C PHE L 56 34.74 -51.40 -4.60
N ALA L 57 34.31 -52.05 -5.69
CA ALA L 57 33.86 -53.43 -5.59
C ALA L 57 34.97 -54.34 -5.08
N LYS L 58 36.18 -54.18 -5.61
CA LYS L 58 37.30 -54.99 -5.17
C LYS L 58 37.61 -54.76 -3.69
N ASN L 59 37.30 -53.57 -3.16
CA ASN L 59 37.54 -53.24 -1.76
C ASN L 59 36.28 -53.36 -0.92
N TYR L 60 35.25 -54.03 -1.43
CA TYR L 60 33.98 -54.09 -0.70
C TYR L 60 34.16 -54.71 0.68
N GLU L 61 34.98 -55.74 0.79
CA GLU L 61 35.19 -56.39 2.08
C GLU L 61 35.93 -55.50 3.07
N GLU L 62 36.85 -54.65 2.59
CA GLU L 62 37.50 -53.70 3.48
C GLU L 62 36.49 -52.75 4.10
N PHE L 63 35.50 -52.31 3.32
CA PHE L 63 34.46 -51.44 3.87
C PHE L 63 33.51 -52.21 4.76
N LYS L 64 33.17 -53.44 4.36
CA LYS L 64 32.25 -54.27 5.15
C LYS L 64 32.80 -54.54 6.55
N LYS L 65 34.09 -54.84 6.65
CA LYS L 65 34.65 -55.15 7.95
C LYS L 65 34.77 -53.91 8.82
N ARG L 66 34.70 -52.72 8.23
CA ARG L 66 34.68 -51.47 8.98
C ARG L 66 33.27 -50.97 9.22
N ASN L 67 32.26 -51.81 9.00
CA ASN L 67 30.86 -51.43 9.23
C ASN L 67 30.46 -50.24 8.34
N VAL L 68 30.94 -50.23 7.10
CA VAL L 68 30.66 -49.16 6.16
C VAL L 68 29.78 -49.69 5.03
N GLN L 69 28.66 -49.01 4.80
CA GLN L 69 27.82 -49.27 3.64
C GLN L 69 28.22 -48.32 2.52
N LEU L 70 28.71 -48.88 1.41
CA LEU L 70 28.98 -48.08 0.22
C LEU L 70 27.69 -47.86 -0.54
N ILE L 71 27.50 -46.65 -1.05
CA ILE L 71 26.34 -46.41 -1.90
C ILE L 71 26.68 -45.33 -2.93
N GLY L 72 26.46 -45.67 -4.20
CA GLY L 72 26.69 -44.75 -5.29
C GLY L 72 25.44 -43.98 -5.65
N LEU L 73 25.59 -43.05 -6.58
CA LEU L 73 24.47 -42.20 -6.99
C LEU L 73 24.82 -41.55 -8.32
N SER L 74 23.88 -41.58 -9.26
CA SER L 74 24.00 -40.71 -10.41
C SER L 74 22.60 -40.29 -10.83
N VAL L 75 22.55 -39.38 -11.82
CA VAL L 75 21.25 -38.94 -12.32
C VAL L 75 20.67 -39.90 -13.34
N ASP L 76 21.33 -41.04 -13.58
CA ASP L 76 20.80 -42.03 -14.51
C ASP L 76 19.63 -42.79 -13.89
N SER L 77 18.82 -43.40 -14.77
CA SER L 77 17.72 -44.22 -14.32
C SER L 77 18.23 -45.52 -13.70
N ASN L 78 17.37 -46.16 -12.91
CA ASN L 78 17.71 -47.44 -12.32
C ASN L 78 17.90 -48.52 -13.38
N PHE L 79 17.19 -48.39 -14.52
CA PHE L 79 17.37 -49.38 -15.59
C PHE L 79 18.73 -49.20 -16.26
N SER L 80 19.18 -47.96 -16.45
CA SER L 80 20.55 -47.76 -16.89
C SER L 80 21.55 -48.31 -15.88
N HIS L 81 21.27 -48.11 -14.58
CA HIS L 81 22.16 -48.63 -13.54
C HIS L 81 22.33 -50.13 -13.66
N ILE L 82 21.20 -50.85 -13.73
CA ILE L 82 21.26 -52.31 -13.82
C ILE L 82 21.98 -52.72 -15.10
N ALA L 83 21.66 -52.08 -16.23
CA ALA L 83 22.37 -52.39 -17.48
C ALA L 83 23.86 -52.16 -17.34
N TRP L 84 24.24 -51.07 -16.65
CA TRP L 84 25.66 -50.78 -16.52
C TRP L 84 26.36 -51.81 -15.64
N VAL L 85 25.72 -52.22 -14.54
CA VAL L 85 26.32 -53.25 -13.69
C VAL L 85 26.43 -54.56 -14.44
N MET L 86 25.40 -54.91 -15.22
CA MET L 86 25.50 -56.08 -16.08
C MET L 86 26.68 -55.97 -17.04
N ASN L 87 26.86 -54.78 -17.62
CA ASN L 87 27.97 -54.56 -18.54
C ASN L 87 29.30 -54.73 -17.83
N ILE L 88 29.43 -54.20 -16.62
CA ILE L 88 30.69 -54.36 -15.88
C ILE L 88 30.95 -55.83 -15.58
N LYS L 89 29.90 -56.58 -15.19
CA LYS L 89 30.07 -58.00 -14.95
C LYS L 89 30.50 -58.74 -16.22
N GLU L 90 29.91 -58.37 -17.36
CA GLU L 90 30.25 -59.04 -18.61
C GLU L 90 31.66 -58.69 -19.06
N LYS L 91 32.05 -57.42 -18.94
CA LYS L 91 33.32 -57.00 -19.51
C LYS L 91 34.49 -57.17 -18.54
N PHE L 92 34.24 -57.17 -17.24
CA PHE L 92 35.32 -57.25 -16.26
C PHE L 92 35.23 -58.40 -15.29
N GLY L 93 34.14 -59.15 -15.29
CA GLY L 93 33.99 -60.26 -14.38
C GLY L 93 33.77 -59.85 -12.96
N ILE L 94 33.37 -58.60 -12.72
CA ILE L 94 33.19 -58.05 -11.38
C ILE L 94 31.72 -57.70 -11.21
N GLU L 95 31.13 -58.15 -10.11
CA GLU L 95 29.75 -57.86 -9.79
C GLU L 95 29.72 -56.75 -8.76
N ILE L 96 29.11 -55.61 -9.10
CA ILE L 96 29.05 -54.51 -8.14
C ILE L 96 28.26 -54.97 -6.92
N PRO L 97 28.84 -54.94 -5.72
CA PRO L 97 28.14 -55.49 -4.55
C PRO L 97 27.43 -54.45 -3.68
N PHE L 98 27.28 -53.22 -4.13
CA PHE L 98 26.68 -52.17 -3.33
C PHE L 98 25.65 -51.44 -4.17
N PRO L 99 24.69 -50.78 -3.52
CA PRO L 99 23.60 -50.13 -4.27
C PRO L 99 24.06 -48.85 -4.98
N ILE L 100 23.35 -48.52 -6.07
CA ILE L 100 23.51 -47.25 -6.78
C ILE L 100 22.15 -46.54 -6.79
N ILE L 101 22.13 -45.32 -6.29
CA ILE L 101 20.92 -44.51 -6.25
C ILE L 101 20.63 -43.99 -7.65
N ALA L 102 19.36 -44.04 -8.05
CA ALA L 102 18.88 -43.41 -9.28
C ALA L 102 18.25 -42.07 -8.89
N ASP L 103 19.01 -41.00 -9.04
CA ASP L 103 18.57 -39.65 -8.68
C ASP L 103 18.20 -38.87 -9.95
N HIS L 104 17.19 -39.34 -10.68
CA HIS L 104 16.99 -38.77 -12.00
C HIS L 104 16.71 -37.27 -11.94
N ASN L 105 15.89 -36.82 -10.99
CA ASN L 105 15.44 -35.44 -10.97
C ASN L 105 16.39 -34.53 -10.18
N MET L 106 17.61 -35.00 -9.93
CA MET L 106 18.66 -34.25 -9.24
C MET L 106 18.26 -33.77 -7.86
N GLU L 107 17.22 -34.34 -7.28
CA GLU L 107 16.78 -33.84 -5.98
C GLU L 107 17.83 -34.12 -4.90
N VAL L 108 18.36 -35.33 -4.88
CA VAL L 108 19.42 -35.64 -3.92
C VAL L 108 20.70 -34.90 -4.26
N ALA L 109 21.05 -34.86 -5.55
CA ALA L 109 22.27 -34.18 -5.99
C ALA L 109 22.30 -32.74 -5.52
N LYS L 110 21.16 -32.05 -5.60
CA LYS L 110 21.13 -30.65 -5.19
C LYS L 110 21.34 -30.51 -3.69
N LYS L 111 20.74 -31.40 -2.90
CA LYS L 111 20.91 -31.35 -1.45
C LYS L 111 22.36 -31.51 -1.03
N TYR L 112 23.16 -32.18 -1.84
CA TYR L 112 24.55 -32.50 -1.52
C TYR L 112 25.53 -31.65 -2.31
N GLY L 113 25.05 -30.61 -3.00
CA GLY L 113 25.96 -29.75 -3.73
C GLY L 113 26.72 -30.47 -4.81
N MET L 114 26.12 -31.48 -5.42
CA MET L 114 26.83 -32.31 -6.37
C MET L 114 26.79 -31.77 -7.79
N ILE L 115 25.96 -30.77 -8.07
CA ILE L 115 25.83 -30.22 -9.41
C ILE L 115 26.62 -28.93 -9.48
N HIS L 116 27.66 -28.92 -10.32
CA HIS L 116 28.49 -27.73 -10.55
C HIS L 116 28.37 -27.33 -12.00
N PRO L 117 27.57 -26.31 -12.31
CA PRO L 117 27.14 -26.09 -13.71
C PRO L 117 28.29 -25.90 -14.69
N ALA L 118 29.41 -25.32 -14.25
CA ALA L 118 30.56 -25.20 -15.15
C ALA L 118 31.21 -26.55 -15.44
N GLN L 119 31.02 -27.53 -14.56
CA GLN L 119 31.41 -28.90 -14.89
C GLN L 119 30.35 -29.56 -15.77
N SER L 120 29.12 -29.55 -15.28
CA SER L 120 28.01 -30.11 -16.04
C SER L 120 26.74 -29.57 -15.43
N THR L 121 25.79 -29.17 -16.28
CA THR L 121 24.47 -28.84 -15.78
C THR L 121 23.56 -30.06 -15.68
N THR L 122 24.03 -31.21 -16.14
CA THR L 122 23.21 -32.41 -16.14
C THR L 122 23.75 -33.55 -15.30
N PHE L 123 25.07 -33.64 -15.09
CA PHE L 123 25.69 -34.75 -14.37
C PHE L 123 26.25 -34.26 -13.05
N THR L 124 26.30 -35.15 -12.05
CA THR L 124 27.02 -34.83 -10.83
C THR L 124 28.53 -34.82 -11.08
N VAL L 125 29.24 -34.10 -10.21
CA VAL L 125 30.69 -34.24 -10.15
C VAL L 125 31.01 -35.48 -9.34
N ARG L 126 32.30 -35.66 -9.03
CA ARG L 126 32.75 -36.82 -8.26
C ARG L 126 32.77 -36.47 -6.77
N ALA L 127 31.59 -36.40 -6.20
CA ALA L 127 31.45 -36.07 -4.79
C ALA L 127 31.46 -37.35 -3.97
N LEU L 128 31.99 -37.25 -2.75
CA LEU L 128 31.98 -38.38 -1.83
C LEU L 128 31.81 -37.86 -0.42
N PHE L 129 31.00 -38.56 0.36
CA PHE L 129 30.61 -38.12 1.70
C PHE L 129 30.78 -39.27 2.68
N VAL L 130 31.49 -39.02 3.79
CA VAL L 130 31.55 -40.00 4.86
C VAL L 130 30.57 -39.61 5.94
N ILE L 131 29.68 -40.54 6.27
CA ILE L 131 28.59 -40.31 7.21
C ILE L 131 28.68 -41.38 8.28
N ASP L 132 28.57 -40.97 9.54
CA ASP L 132 28.83 -41.91 10.61
C ASP L 132 27.57 -42.70 10.97
N ASP L 133 27.68 -43.53 12.00
CA ASP L 133 26.61 -44.42 12.41
C ASP L 133 25.44 -43.68 13.04
N LYS L 134 25.59 -42.40 13.33
CA LYS L 134 24.49 -41.57 13.81
C LYS L 134 23.88 -40.72 12.72
N GLY L 135 24.26 -40.95 11.46
CA GLY L 135 23.74 -40.17 10.35
C GLY L 135 24.35 -38.79 10.21
N ILE L 136 25.47 -38.53 10.90
CA ILE L 136 26.11 -37.22 10.86
C ILE L 136 27.13 -37.20 9.74
N LEU L 137 27.11 -36.14 8.95
CA LEU L 137 28.12 -35.91 7.93
C LEU L 137 29.47 -35.58 8.57
N ARG L 138 30.51 -36.32 8.19
CA ARG L 138 31.81 -36.20 8.83
C ARG L 138 32.90 -35.61 7.96
N ALA L 139 32.86 -35.82 6.65
CA ALA L 139 33.92 -35.41 5.74
C ALA L 139 33.37 -35.48 4.31
N MET L 140 33.99 -34.73 3.40
CA MET L 140 33.52 -34.77 2.02
C MET L 140 34.62 -34.33 1.08
N ILE L 141 34.54 -34.80 -0.16
CA ILE L 141 35.47 -34.40 -1.23
C ILE L 141 34.68 -34.19 -2.51
N TYR L 142 35.15 -33.27 -3.33
CA TYR L 142 34.56 -33.00 -4.64
C TYR L 142 35.68 -33.01 -5.69
N TYR L 143 35.77 -34.10 -6.45
CA TYR L 143 36.72 -34.16 -7.56
C TYR L 143 36.00 -33.87 -8.88
N PRO L 144 36.71 -33.37 -9.89
CA PRO L 144 36.04 -33.01 -11.16
C PRO L 144 35.81 -34.25 -12.03
N LEU L 145 35.14 -34.01 -13.16
CA LEU L 145 34.78 -35.10 -14.06
C LEU L 145 36.01 -35.82 -14.60
N THR L 146 37.14 -35.11 -14.74
CA THR L 146 38.35 -35.69 -15.31
C THR L 146 39.03 -36.71 -14.42
N THR L 147 38.82 -36.68 -13.10
CA THR L 147 39.82 -37.15 -12.17
C THR L 147 39.27 -38.19 -11.20
N GLY L 148 39.63 -39.46 -11.42
CA GLY L 148 39.18 -40.51 -10.53
C GLY L 148 39.71 -40.34 -9.11
N ARG L 149 38.97 -40.91 -8.17
CA ARG L 149 39.27 -40.81 -6.76
C ARG L 149 40.30 -41.87 -6.33
N ASN L 150 40.75 -41.72 -5.09
CA ASN L 150 41.74 -42.58 -4.45
C ASN L 150 41.01 -43.43 -3.42
N ILE L 151 40.78 -44.70 -3.75
CA ILE L 151 39.91 -45.53 -2.91
C ILE L 151 40.57 -45.81 -1.56
N ARG L 152 41.89 -45.99 -1.54
CA ARG L 152 42.56 -46.23 -0.27
C ARG L 152 42.50 -45.01 0.64
N GLU L 153 42.45 -43.81 0.08
CA GLU L 153 42.30 -42.63 0.94
C GLU L 153 40.91 -42.59 1.59
N VAL L 154 39.90 -43.08 0.88
CA VAL L 154 38.57 -43.21 1.49
C VAL L 154 38.62 -44.17 2.66
N ILE L 155 39.32 -45.29 2.50
CA ILE L 155 39.43 -46.25 3.59
C ILE L 155 40.19 -45.64 4.76
N ARG L 156 41.29 -44.96 4.47
CA ARG L 156 42.08 -44.32 5.53
C ARG L 156 41.25 -43.27 6.26
N LEU L 157 40.46 -42.49 5.52
CA LEU L 157 39.60 -41.48 6.15
C LEU L 157 38.61 -42.13 7.10
N VAL L 158 38.00 -43.25 6.68
CA VAL L 158 37.08 -43.98 7.55
C VAL L 158 37.79 -44.48 8.81
N ASP L 159 38.97 -45.09 8.64
CA ASP L 159 39.74 -45.54 9.79
C ASP L 159 40.00 -44.38 10.73
N ALA L 160 40.41 -43.24 10.17
CA ALA L 160 40.77 -42.10 11.00
C ALA L 160 39.58 -41.60 11.80
N LEU L 161 38.41 -41.51 11.16
CA LEU L 161 37.23 -41.01 11.85
C LEU L 161 36.75 -42.00 12.91
N GLN L 162 36.78 -43.28 12.59
CA GLN L 162 36.37 -44.29 13.56
C GLN L 162 37.36 -44.34 14.72
N THR L 163 38.65 -44.16 14.44
CA THR L 163 39.64 -44.13 15.52
C THR L 163 39.42 -42.92 16.41
N ALA L 164 39.18 -41.75 15.80
CA ALA L 164 38.92 -40.54 16.57
C ALA L 164 37.74 -40.74 17.52
N ASP L 165 36.64 -41.30 17.02
CA ASP L 165 35.46 -41.52 17.87
C ASP L 165 35.75 -42.55 18.95
N ARG L 166 36.39 -43.66 18.59
CA ARG L 166 36.57 -44.76 19.54
C ARG L 166 37.53 -44.39 20.66
N GLU L 167 38.63 -43.74 20.34
CA GLU L 167 39.70 -43.49 21.29
C GLU L 167 39.70 -42.07 21.84
N GLY L 168 38.87 -41.19 21.31
CA GLY L 168 38.86 -39.80 21.72
C GLY L 168 40.14 -39.07 21.37
N VAL L 169 40.63 -39.25 20.16
CA VAL L 169 41.90 -38.69 19.74
C VAL L 169 41.70 -38.00 18.39
N ALA L 170 42.73 -37.30 17.96
CA ALA L 170 42.80 -36.80 16.59
C ALA L 170 43.89 -37.55 15.84
N THR L 171 43.82 -37.48 14.51
CA THR L 171 44.85 -38.18 13.78
C THR L 171 45.68 -37.22 12.96
N PRO L 172 46.99 -37.38 12.95
CA PRO L 172 47.88 -36.43 12.26
C PRO L 172 47.79 -36.60 10.75
N ALA L 173 48.48 -35.69 10.06
CA ALA L 173 48.69 -35.83 8.63
C ALA L 173 49.21 -37.23 8.34
N ASP L 174 48.68 -37.84 7.27
CA ASP L 174 49.22 -39.09 6.75
C ASP L 174 49.09 -40.24 7.75
N TRP L 175 48.14 -40.16 8.68
CA TRP L 175 47.97 -41.20 9.69
C TRP L 175 47.38 -42.48 9.11
N VAL L 176 47.89 -43.62 9.59
CA VAL L 176 47.28 -44.92 9.32
C VAL L 176 47.23 -45.72 10.63
N PRO L 177 46.30 -46.68 10.73
CA PRO L 177 46.19 -47.44 11.99
C PRO L 177 47.33 -48.43 12.21
N GLU L 178 47.94 -48.95 11.16
CA GLU L 178 49.09 -49.82 11.32
C GLU L 178 50.02 -49.54 10.15
N PRO L 179 51.31 -49.85 10.28
CA PRO L 179 52.23 -49.62 9.16
C PRO L 179 51.73 -50.35 7.94
N GLN L 180 51.92 -49.73 6.78
CA GLN L 180 51.37 -50.30 5.56
C GLN L 180 51.98 -49.61 4.36
N THR L 181 51.76 -50.23 3.22
CA THR L 181 52.34 -49.84 1.95
C THR L 181 51.23 -49.82 0.92
N TRP L 182 51.03 -48.67 0.26
CA TRP L 182 50.09 -48.55 -0.85
C TRP L 182 50.88 -48.62 -2.15
N GLU L 183 50.80 -49.74 -2.84
CA GLU L 183 51.53 -49.90 -4.10
C GLU L 183 50.65 -49.47 -5.27
N PHE L 184 51.25 -48.71 -6.18
CA PHE L 184 50.63 -48.33 -7.44
C PHE L 184 51.42 -48.97 -8.57
N THR L 185 50.73 -49.71 -9.43
CA THR L 185 51.41 -50.54 -10.41
C THR L 185 51.41 -49.85 -11.77
N GLU L 186 52.05 -50.52 -12.73
CA GLU L 186 52.06 -50.04 -14.11
C GLU L 186 50.65 -49.84 -14.63
N GLU L 187 49.71 -50.73 -14.24
CA GLU L 187 48.33 -50.57 -14.68
C GLU L 187 47.74 -49.26 -14.19
N ASN L 188 48.17 -48.79 -13.01
CA ASN L 188 47.63 -47.54 -12.48
C ASN L 188 48.13 -46.32 -13.22
N THR L 189 49.03 -46.47 -14.19
CA THR L 189 49.54 -45.31 -14.93
C THR L 189 48.77 -45.08 -16.23
N LYS L 190 47.91 -46.00 -16.63
CA LYS L 190 47.17 -45.84 -17.88
C LYS L 190 46.13 -44.74 -17.73
N VAL L 191 46.07 -43.85 -18.71
CA VAL L 191 45.09 -42.79 -18.72
C VAL L 191 43.90 -43.21 -19.58
N ILE L 192 42.83 -42.44 -19.50
CA ILE L 192 41.54 -42.78 -20.09
C ILE L 192 41.23 -41.81 -21.23
N VAL L 193 40.83 -42.36 -22.38
CA VAL L 193 40.38 -41.53 -23.49
C VAL L 193 38.97 -41.02 -23.18
N PRO L 194 38.70 -39.72 -23.29
CA PRO L 194 37.34 -39.20 -23.04
C PRO L 194 36.33 -39.93 -23.91
N PRO L 195 35.19 -40.33 -23.34
CA PRO L 195 34.31 -41.26 -24.05
C PRO L 195 33.66 -40.63 -25.25
N PRO L 196 33.30 -41.43 -26.27
CA PRO L 196 32.55 -40.90 -27.41
C PRO L 196 31.18 -40.41 -26.99
N THR L 197 30.67 -39.42 -27.71
CA THR L 197 29.36 -38.87 -27.40
C THR L 197 28.36 -39.03 -28.55
N THR L 198 28.74 -39.68 -29.65
CA THR L 198 27.80 -40.09 -30.69
C THR L 198 27.99 -41.57 -30.95
N TYR L 199 26.93 -42.20 -31.46
CA TYR L 199 27.01 -43.62 -31.78
C TYR L 199 28.06 -43.89 -32.85
N GLU L 200 28.12 -43.04 -33.89
CA GLU L 200 29.11 -43.21 -34.94
C GLU L 200 30.52 -43.12 -34.36
N ASP L 201 30.77 -42.13 -33.50
CA ASP L 201 32.07 -42.02 -32.85
C ASP L 201 32.37 -43.21 -31.96
N ALA L 202 31.34 -43.79 -31.33
CA ALA L 202 31.54 -44.96 -30.50
C ALA L 202 31.97 -46.16 -31.34
N VAL L 203 31.39 -46.29 -32.54
CA VAL L 203 31.82 -47.34 -33.45
C VAL L 203 33.25 -47.09 -33.90
N LYS L 204 33.56 -45.85 -34.31
CA LYS L 204 34.90 -45.54 -34.77
C LYS L 204 35.93 -45.73 -33.66
N ARG L 205 35.55 -45.43 -32.41
CA ARG L 205 36.47 -45.50 -31.28
C ARG L 205 37.09 -46.88 -31.14
N LEU L 206 36.32 -47.93 -31.42
CA LEU L 206 36.83 -49.29 -31.25
C LEU L 206 37.90 -49.65 -32.28
N GLN L 207 38.15 -48.80 -33.27
CA GLN L 207 39.15 -49.05 -34.30
C GLN L 207 40.36 -48.13 -34.19
N GLU L 208 40.47 -47.39 -33.11
CA GLU L 208 41.51 -46.38 -32.96
C GLU L 208 42.75 -46.93 -32.28
N GLY L 209 42.80 -48.22 -31.96
CA GLY L 209 44.00 -48.85 -31.46
C GLY L 209 44.21 -48.78 -29.96
N TYR L 210 43.22 -48.32 -29.21
CA TYR L 210 43.33 -48.26 -27.76
C TYR L 210 43.08 -49.62 -27.13
N GLU L 211 43.30 -49.68 -25.82
CA GLU L 211 42.94 -50.81 -24.98
C GLU L 211 41.52 -50.56 -24.47
N CYS L 212 40.53 -51.17 -25.15
CA CYS L 212 39.13 -50.88 -24.88
C CYS L 212 38.45 -52.14 -24.37
N ALA L 213 37.94 -52.10 -23.13
CA ALA L 213 37.08 -53.18 -22.67
C ALA L 213 35.71 -53.07 -23.32
N ASP L 214 35.30 -51.86 -23.67
CA ASP L 214 34.04 -51.58 -24.36
C ASP L 214 34.19 -50.20 -24.99
N TRP L 215 33.16 -49.80 -25.77
CA TRP L 215 33.25 -48.56 -26.55
C TRP L 215 33.53 -47.35 -25.66
N TYR L 216 33.07 -47.36 -24.42
CA TYR L 216 33.15 -46.15 -23.59
C TYR L 216 34.37 -46.10 -22.70
N ILE L 217 35.14 -47.18 -22.62
CA ILE L 217 36.26 -47.28 -21.67
C ILE L 217 37.47 -47.79 -22.44
N CYS L 218 38.29 -46.85 -22.91
CA CYS L 218 39.52 -47.13 -23.63
C CYS L 218 40.68 -46.50 -22.87
N LYS L 219 41.75 -47.26 -22.68
CA LYS L 219 42.91 -46.81 -21.93
C LYS L 219 44.14 -46.74 -22.82
N LYS L 220 45.09 -45.90 -22.40
CA LYS L 220 46.42 -45.79 -22.98
C LYS L 220 47.36 -45.28 -21.90
N LYS L 221 48.64 -45.19 -22.22
CA LYS L 221 49.62 -44.60 -21.31
C LYS L 221 50.16 -43.26 -21.81
N VAL L 222 50.65 -42.46 -20.87
CA VAL L 222 51.25 -41.18 -21.20
C VAL L 222 52.78 -41.28 -21.14
#